data_2JQQ
#
_entry.id   2JQQ
#
_entity_poly.entity_id   1
_entity_poly.type   'polypeptide(L)'
_entity_poly.pdbx_seq_one_letter_code
;GSDSLIRDLSGLSQKMVQTLLEQIRSNYDDYLTFSNTYTDEENETLINLEKTQSDLQKFMTQLDHLIKDDISNTQEIIKD
VLEYLKKLDEIYGSLRNHSQLTEALSLGKRLSKSLHEMCGIEPLEEEICSGLIEQLYKLITASRRILESCADSNSPYIHH
LRNDYQDLLQEFQISLKILTEKCLENPSSLQNLSLTLVSIIKTA
;
_entity_poly.pdbx_strand_id   A
#
# COMPACT_ATOMS: atom_id res chain seq x y z
N LYS A 51 5.49 -7.23 -14.60
CA LYS A 51 4.44 -8.03 -13.91
C LYS A 51 3.77 -7.23 -12.81
N THR A 52 4.50 -6.27 -12.24
CA THR A 52 3.97 -5.43 -11.17
C THR A 52 2.92 -4.48 -11.71
N GLN A 53 3.21 -3.86 -12.86
CA GLN A 53 2.28 -2.92 -13.48
C GLN A 53 0.96 -3.59 -13.80
N SER A 54 1.03 -4.82 -14.32
CA SER A 54 -0.16 -5.58 -14.67
C SER A 54 -0.99 -5.89 -13.43
N ASP A 55 -0.31 -6.18 -12.32
CA ASP A 55 -0.98 -6.51 -11.07
C ASP A 55 -1.77 -5.31 -10.56
N LEU A 56 -1.20 -4.11 -10.73
CA LEU A 56 -1.85 -2.89 -10.29
C LEU A 56 -3.15 -2.65 -11.05
N GLN A 57 -3.09 -2.83 -12.36
CA GLN A 57 -4.26 -2.63 -13.22
C GLN A 57 -5.35 -3.65 -12.89
N LYS A 58 -4.95 -4.91 -12.78
CA LYS A 58 -5.89 -5.99 -12.47
C LYS A 58 -6.55 -5.76 -11.12
N PHE A 59 -5.83 -5.10 -10.21
CA PHE A 59 -6.36 -4.83 -8.88
C PHE A 59 -7.42 -3.72 -8.93
N MET A 60 -7.28 -2.82 -9.90
CA MET A 60 -8.25 -1.72 -10.05
C MET A 60 -9.63 -2.29 -10.34
N THR A 61 -9.73 -3.05 -11.42
CA THR A 61 -10.99 -3.68 -11.80
C THR A 61 -11.50 -4.57 -10.67
N GLN A 62 -10.58 -5.05 -9.85
CA GLN A 62 -10.93 -5.91 -8.72
C GLN A 62 -11.75 -5.14 -7.69
N LEU A 63 -11.43 -3.86 -7.53
CA LEU A 63 -12.14 -3.02 -6.56
C LEU A 63 -13.57 -2.78 -7.00
N ASP A 64 -13.72 -2.16 -8.18
CA ASP A 64 -15.05 -1.87 -8.72
C ASP A 64 -15.91 -3.12 -8.80
N HIS A 65 -15.26 -4.27 -8.96
CA HIS A 65 -15.98 -5.54 -9.06
C HIS A 65 -16.22 -6.15 -7.68
N LEU A 66 -15.19 -6.18 -6.85
CA LEU A 66 -15.30 -6.75 -5.51
C LEU A 66 -16.36 -6.02 -4.69
N ILE A 67 -16.35 -4.70 -4.74
CA ILE A 67 -17.32 -3.89 -4.00
C ILE A 67 -18.71 -3.99 -4.63
N LYS A 68 -18.78 -3.85 -5.95
CA LYS A 68 -20.05 -3.92 -6.67
C LYS A 68 -20.88 -5.12 -6.22
N ASP A 69 -20.19 -6.17 -5.78
CA ASP A 69 -20.87 -7.39 -5.33
C ASP A 69 -21.03 -7.39 -3.81
N ASP A 70 -20.21 -6.60 -3.13
CA ASP A 70 -20.27 -6.54 -1.66
C ASP A 70 -21.06 -5.31 -1.20
N ILE A 71 -20.41 -4.14 -1.24
CA ILE A 71 -21.04 -2.90 -0.82
C ILE A 71 -21.22 -1.95 -1.99
N SER A 72 -21.50 -0.68 -1.70
CA SER A 72 -21.71 0.33 -2.74
C SER A 72 -21.23 1.70 -2.26
N ASN A 73 -21.64 2.06 -1.04
CA ASN A 73 -21.27 3.34 -0.46
C ASN A 73 -19.75 3.52 -0.47
N THR A 74 -19.02 2.41 -0.35
CA THR A 74 -17.56 2.45 -0.35
C THR A 74 -17.02 2.69 -1.76
N GLN A 75 -17.89 2.67 -2.76
CA GLN A 75 -17.49 2.89 -4.14
C GLN A 75 -16.60 4.13 -4.27
N GLU A 76 -16.78 5.08 -3.38
CA GLU A 76 -15.99 6.31 -3.38
C GLU A 76 -14.59 6.04 -2.82
N ILE A 77 -14.52 5.21 -1.79
CA ILE A 77 -13.26 4.88 -1.16
C ILE A 77 -12.38 4.09 -2.13
N ILE A 78 -12.88 2.94 -2.56
CA ILE A 78 -12.14 2.10 -3.48
C ILE A 78 -11.77 2.90 -4.73
N LYS A 79 -12.61 3.88 -5.07
CA LYS A 79 -12.37 4.74 -6.22
C LYS A 79 -11.02 5.43 -6.10
N ASP A 80 -10.72 5.92 -4.91
CA ASP A 80 -9.44 6.59 -4.67
C ASP A 80 -8.29 5.59 -4.70
N VAL A 81 -8.58 4.37 -4.29
CA VAL A 81 -7.57 3.32 -4.29
C VAL A 81 -7.11 3.02 -5.71
N LEU A 82 -8.06 2.56 -6.53
CA LEU A 82 -7.76 2.25 -7.92
C LEU A 82 -7.03 3.40 -8.57
N GLU A 83 -7.55 4.60 -8.36
CA GLU A 83 -6.95 5.81 -8.92
C GLU A 83 -5.49 5.91 -8.51
N TYR A 84 -5.19 5.43 -7.30
CA TYR A 84 -3.82 5.45 -6.80
C TYR A 84 -3.00 4.36 -7.48
N LEU A 85 -3.61 3.21 -7.68
CA LEU A 85 -2.94 2.09 -8.33
C LEU A 85 -2.42 2.51 -9.70
N LYS A 86 -3.20 3.35 -10.38
CA LYS A 86 -2.82 3.84 -11.69
C LYS A 86 -1.62 4.76 -11.57
N LYS A 87 -1.63 5.58 -10.53
CA LYS A 87 -0.53 6.51 -10.28
C LYS A 87 0.73 5.72 -9.94
N LEU A 88 0.61 4.81 -8.98
CA LEU A 88 1.73 3.98 -8.58
C LEU A 88 2.17 3.09 -9.73
N ASP A 89 1.26 2.91 -10.70
CA ASP A 89 1.56 2.09 -11.87
C ASP A 89 2.68 2.71 -12.70
N GLU A 90 2.57 4.00 -12.96
CA GLU A 90 3.59 4.70 -13.74
C GLU A 90 4.91 4.78 -12.99
N ILE A 91 4.84 4.83 -11.67
CA ILE A 91 6.04 4.91 -10.84
C ILE A 91 6.90 3.66 -11.01
N TYR A 92 6.29 2.51 -10.78
CA TYR A 92 6.99 1.23 -10.89
C TYR A 92 7.79 1.16 -12.20
N GLY A 93 7.19 1.61 -13.28
CA GLY A 93 7.86 1.60 -14.57
C GLY A 93 8.79 2.77 -14.76
N SER A 94 8.50 3.88 -14.08
CA SER A 94 9.32 5.08 -14.18
C SER A 94 10.15 5.27 -12.91
N LEU A 95 10.56 4.16 -12.30
CA LEU A 95 11.36 4.20 -11.08
C LEU A 95 12.85 4.26 -11.42
N ARG A 96 13.68 4.39 -10.38
CA ARG A 96 15.13 4.46 -10.56
C ARG A 96 15.54 5.75 -11.27
N ASN A 97 14.61 6.68 -11.40
CA ASN A 97 14.89 7.96 -12.06
C ASN A 97 15.23 9.05 -11.04
N HIS A 98 15.30 8.67 -9.77
CA HIS A 98 15.61 9.62 -8.70
C HIS A 98 14.68 10.83 -8.76
N SER A 99 13.40 10.58 -8.98
CA SER A 99 12.41 11.66 -9.05
C SER A 99 10.99 11.11 -8.91
N GLN A 100 10.71 10.00 -9.59
CA GLN A 100 9.40 9.38 -9.55
C GLN A 100 9.22 8.56 -8.27
N LEU A 101 10.32 8.02 -7.76
CA LEU A 101 10.28 7.22 -6.54
C LEU A 101 9.73 8.02 -5.37
N THR A 102 10.08 9.31 -5.33
CA THR A 102 9.62 10.19 -4.26
C THR A 102 8.09 10.17 -4.16
N GLU A 103 7.44 10.32 -5.30
CA GLU A 103 5.98 10.32 -5.35
C GLU A 103 5.42 8.95 -4.95
N ALA A 104 6.22 7.91 -5.14
CA ALA A 104 5.82 6.55 -4.81
C ALA A 104 5.66 6.39 -3.31
N LEU A 105 6.44 7.15 -2.55
CA LEU A 105 6.37 7.10 -1.10
C LEU A 105 5.17 7.89 -0.59
N SER A 106 4.93 9.02 -1.23
CA SER A 106 3.81 9.87 -0.87
C SER A 106 2.49 9.11 -0.97
N LEU A 107 2.30 8.43 -2.10
CA LEU A 107 1.09 7.65 -2.33
C LEU A 107 0.92 6.60 -1.24
N GLY A 108 1.98 5.86 -0.95
CA GLY A 108 1.90 4.85 0.09
C GLY A 108 1.34 5.42 1.38
N LYS A 109 1.74 6.65 1.69
CA LYS A 109 1.28 7.33 2.90
C LYS A 109 -0.18 7.77 2.76
N ARG A 110 -0.43 8.64 1.77
CA ARG A 110 -1.78 9.14 1.55
C ARG A 110 -2.75 8.01 1.23
N LEU A 111 -2.24 7.00 0.54
CA LEU A 111 -3.06 5.84 0.18
C LEU A 111 -3.49 5.12 1.45
N SER A 112 -2.63 5.14 2.46
CA SER A 112 -2.92 4.51 3.73
C SER A 112 -4.12 5.16 4.39
N LYS A 113 -4.21 6.49 4.25
CA LYS A 113 -5.31 7.24 4.83
C LYS A 113 -6.64 6.71 4.30
N SER A 114 -6.73 6.58 2.98
CA SER A 114 -7.95 6.07 2.35
C SER A 114 -8.23 4.65 2.83
N LEU A 115 -7.16 3.89 3.02
CA LEU A 115 -7.28 2.52 3.50
C LEU A 115 -7.85 2.51 4.92
N HIS A 116 -7.23 3.28 5.80
CA HIS A 116 -7.68 3.38 7.19
C HIS A 116 -9.17 3.71 7.26
N GLU A 117 -9.65 4.45 6.26
CA GLU A 117 -11.06 4.82 6.21
C GLU A 117 -11.92 3.60 5.87
N MET A 118 -11.35 2.69 5.08
CA MET A 118 -12.06 1.47 4.69
C MET A 118 -12.52 0.70 5.91
N CYS A 119 -11.59 0.46 6.83
CA CYS A 119 -11.90 -0.29 8.05
C CYS A 119 -12.44 0.63 9.14
N GLY A 120 -12.12 1.93 9.04
CA GLY A 120 -12.57 2.88 10.03
C GLY A 120 -13.97 3.40 9.77
N ILE A 121 -14.72 2.71 8.92
CA ILE A 121 -16.08 3.11 8.60
C ILE A 121 -16.70 2.15 7.59
N GLU A 122 -17.95 1.78 7.83
CA GLU A 122 -18.67 0.86 6.95
C GLU A 122 -17.93 -0.48 6.86
N PRO A 123 -18.55 -1.48 6.21
CA PRO A 123 -17.94 -2.81 6.05
C PRO A 123 -16.51 -2.74 5.53
N LEU A 124 -15.73 -3.77 5.85
CA LEU A 124 -14.33 -3.83 5.41
C LEU A 124 -14.14 -4.97 4.42
N GLU A 125 -13.23 -4.76 3.47
CA GLU A 125 -12.94 -5.77 2.46
C GLU A 125 -11.56 -6.37 2.65
N GLU A 126 -11.50 -7.68 2.83
CA GLU A 126 -10.24 -8.38 3.02
C GLU A 126 -9.42 -8.40 1.75
N GLU A 127 -10.09 -8.57 0.61
CA GLU A 127 -9.40 -8.60 -0.67
C GLU A 127 -8.69 -7.29 -0.92
N ILE A 128 -9.43 -6.19 -0.85
CA ILE A 128 -8.87 -4.87 -1.05
C ILE A 128 -7.79 -4.58 -0.02
N CYS A 129 -8.07 -4.91 1.24
CA CYS A 129 -7.12 -4.69 2.31
C CYS A 129 -5.86 -5.52 2.08
N SER A 130 -6.01 -6.63 1.37
CA SER A 130 -4.88 -7.50 1.07
C SER A 130 -4.06 -6.94 -0.09
N GLY A 131 -4.73 -6.63 -1.19
CA GLY A 131 -4.05 -6.08 -2.34
C GLY A 131 -3.34 -4.79 -2.03
N LEU A 132 -3.99 -3.93 -1.24
CA LEU A 132 -3.40 -2.65 -0.86
C LEU A 132 -2.11 -2.87 -0.09
N ILE A 133 -2.13 -3.80 0.86
CA ILE A 133 -0.97 -4.11 1.67
C ILE A 133 0.14 -4.72 0.81
N GLU A 134 -0.26 -5.50 -0.18
CA GLU A 134 0.69 -6.14 -1.09
C GLU A 134 1.29 -5.12 -2.04
N GLN A 135 0.44 -4.31 -2.65
CA GLN A 135 0.88 -3.28 -3.59
C GLN A 135 1.85 -2.32 -2.91
N LEU A 136 1.55 -1.98 -1.66
CA LEU A 136 2.40 -1.08 -0.89
C LEU A 136 3.74 -1.74 -0.56
N TYR A 137 3.67 -3.01 -0.21
CA TYR A 137 4.88 -3.77 0.14
C TYR A 137 5.80 -3.90 -1.07
N LYS A 138 5.23 -3.74 -2.27
CA LYS A 138 6.01 -3.84 -3.49
C LYS A 138 6.76 -2.53 -3.74
N LEU A 139 6.12 -1.43 -3.35
CA LEU A 139 6.72 -0.11 -3.50
C LEU A 139 7.69 0.17 -2.36
N ILE A 140 7.38 -0.38 -1.19
CA ILE A 140 8.23 -0.19 -0.01
C ILE A 140 9.54 -0.95 -0.17
N THR A 141 9.48 -2.06 -0.90
CA THR A 141 10.67 -2.88 -1.14
C THR A 141 11.54 -2.25 -2.23
N ALA A 142 10.89 -1.71 -3.24
CA ALA A 142 11.61 -1.06 -4.35
C ALA A 142 12.23 0.25 -3.91
N SER A 143 11.41 1.11 -3.30
CA SER A 143 11.88 2.40 -2.82
C SER A 143 13.04 2.23 -1.84
N ARG A 144 12.94 1.24 -0.98
CA ARG A 144 13.98 0.97 0.01
C ARG A 144 15.31 0.67 -0.69
N ARG A 145 15.24 -0.08 -1.78
CA ARG A 145 16.43 -0.45 -2.53
C ARG A 145 17.10 0.79 -3.12
N ILE A 146 16.30 1.83 -3.36
CA ILE A 146 16.82 3.07 -3.92
C ILE A 146 17.61 3.86 -2.88
N LEU A 147 17.04 3.98 -1.69
CA LEU A 147 17.69 4.71 -0.60
C LEU A 147 19.06 4.09 -0.29
N GLU A 148 19.11 2.77 -0.27
CA GLU A 148 20.35 2.06 0.02
C GLU A 148 21.32 2.17 -1.15
N SER A 149 20.78 2.29 -2.35
CA SER A 149 21.60 2.41 -3.56
C SER A 149 22.55 3.59 -3.45
N CYS A 150 22.07 4.68 -2.84
CA CYS A 150 22.88 5.88 -2.66
C CYS A 150 23.75 5.77 -1.42
N ALA A 151 23.39 4.86 -0.52
CA ALA A 151 24.15 4.66 0.72
C ALA A 151 24.00 5.85 1.66
N ASP A 152 24.79 5.86 2.73
CA ASP A 152 24.74 6.95 3.70
C ASP A 152 25.05 8.29 3.04
N SER A 153 26.34 8.55 2.82
CA SER A 153 26.77 9.80 2.19
C SER A 153 26.17 11.00 2.90
N ASN A 154 26.39 12.19 2.34
CA ASN A 154 25.87 13.43 2.92
C ASN A 154 25.30 14.34 1.84
N SER A 155 23.98 14.49 1.84
CA SER A 155 23.31 15.33 0.86
C SER A 155 21.87 15.61 1.27
N PRO A 156 21.31 16.75 0.84
CA PRO A 156 19.93 17.13 1.17
C PRO A 156 18.91 16.25 0.46
N TYR A 157 19.30 15.69 -0.69
CA TYR A 157 18.41 14.83 -1.46
C TYR A 157 17.95 13.63 -0.63
N ILE A 158 18.90 13.01 0.07
CA ILE A 158 18.59 11.86 0.91
C ILE A 158 17.59 12.22 2.01
N HIS A 159 17.69 13.45 2.49
CA HIS A 159 16.78 13.93 3.54
C HIS A 159 15.33 13.89 3.07
N HIS A 160 15.09 14.38 1.86
CA HIS A 160 13.75 14.39 1.29
C HIS A 160 13.20 12.98 1.18
N LEU A 161 14.05 12.05 0.74
CA LEU A 161 13.65 10.66 0.60
C LEU A 161 13.33 10.04 1.95
N ARG A 162 14.21 10.29 2.93
CA ARG A 162 14.02 9.76 4.27
C ARG A 162 12.75 10.33 4.91
N ASN A 163 12.36 11.53 4.47
CA ASN A 163 11.16 12.17 4.99
C ASN A 163 9.91 11.50 4.43
N ASP A 164 9.83 11.42 3.11
CA ASP A 164 8.69 10.81 2.44
C ASP A 164 8.71 9.29 2.66
N TYR A 165 9.89 8.75 2.95
CA TYR A 165 10.04 7.32 3.18
C TYR A 165 9.59 6.95 4.59
N GLN A 166 9.94 7.79 5.55
CA GLN A 166 9.57 7.55 6.95
C GLN A 166 8.06 7.57 7.12
N ASP A 167 7.38 8.36 6.30
CA ASP A 167 5.93 8.46 6.35
C ASP A 167 5.28 7.26 5.67
N LEU A 168 5.92 6.77 4.61
CA LEU A 168 5.42 5.62 3.87
C LEU A 168 5.54 4.36 4.72
N LEU A 169 6.61 4.29 5.51
CA LEU A 169 6.85 3.14 6.37
C LEU A 169 5.95 3.16 7.59
N GLN A 170 5.87 4.31 8.25
CA GLN A 170 5.03 4.45 9.44
C GLN A 170 3.57 4.16 9.09
N GLU A 171 3.09 4.80 8.02
CA GLU A 171 1.71 4.61 7.57
C GLU A 171 1.46 3.15 7.25
N PHE A 172 2.46 2.50 6.65
CA PHE A 172 2.36 1.10 6.29
C PHE A 172 2.19 0.26 7.56
N GLN A 173 2.87 0.68 8.62
CA GLN A 173 2.79 -0.02 9.90
C GLN A 173 1.40 0.14 10.50
N ILE A 174 0.78 1.28 10.22
CA ILE A 174 -0.55 1.58 10.71
C ILE A 174 -1.56 0.55 10.20
N SER A 175 -1.51 0.27 8.91
CA SER A 175 -2.42 -0.69 8.29
C SER A 175 -2.27 -2.07 8.93
N LEU A 176 -1.03 -2.47 9.17
CA LEU A 176 -0.76 -3.77 9.78
C LEU A 176 -1.20 -3.79 11.24
N LYS A 177 -1.01 -2.68 11.94
CA LYS A 177 -1.38 -2.57 13.34
C LYS A 177 -2.88 -2.86 13.53
N ILE A 178 -3.71 -2.06 12.86
CA ILE A 178 -5.16 -2.22 12.96
C ILE A 178 -5.59 -3.58 12.41
N LEU A 179 -4.78 -4.15 11.52
CA LEU A 179 -5.10 -5.45 10.92
C LEU A 179 -4.95 -6.57 11.94
N THR A 180 -3.84 -6.55 12.68
CA THR A 180 -3.58 -7.57 13.68
C THR A 180 -4.63 -7.53 14.79
N GLU A 181 -5.15 -6.35 15.05
CA GLU A 181 -6.17 -6.18 16.09
C GLU A 181 -7.49 -6.82 15.66
N LYS A 182 -7.96 -6.44 14.48
CA LYS A 182 -9.21 -6.97 13.95
C LYS A 182 -9.07 -8.45 13.60
N CYS A 183 -7.85 -8.85 13.24
CA CYS A 183 -7.58 -10.24 12.89
C CYS A 183 -7.34 -11.09 14.14
N LEU A 184 -6.80 -10.45 15.17
CA LEU A 184 -6.50 -11.15 16.42
C LEU A 184 -7.77 -11.77 17.01
N GLU A 185 -8.91 -11.11 16.76
CA GLU A 185 -10.19 -11.59 17.26
C GLU A 185 -10.64 -12.84 16.52
N ASN A 186 -10.52 -12.80 15.20
CA ASN A 186 -10.90 -13.93 14.36
C ASN A 186 -9.85 -14.22 13.29
N PRO A 187 -8.74 -14.87 13.68
CA PRO A 187 -7.66 -15.20 12.75
C PRO A 187 -8.13 -16.08 11.61
N SER A 188 -8.86 -17.13 11.94
CA SER A 188 -9.37 -18.06 10.94
C SER A 188 -10.21 -17.34 9.88
N SER A 189 -11.09 -16.46 10.34
CA SER A 189 -11.95 -15.70 9.44
C SER A 189 -11.11 -14.86 8.47
N LEU A 190 -10.21 -14.05 9.04
CA LEU A 190 -9.34 -13.20 8.24
C LEU A 190 -7.98 -13.85 8.02
N GLN A 191 -7.98 -15.01 7.36
CA GLN A 191 -6.75 -15.74 7.09
C GLN A 191 -5.97 -15.09 5.95
N ASN A 192 -6.69 -14.56 4.98
CA ASN A 192 -6.06 -13.89 3.83
C ASN A 192 -5.18 -12.74 4.27
N LEU A 193 -5.71 -11.92 5.18
CA LEU A 193 -4.96 -10.77 5.69
C LEU A 193 -3.77 -11.24 6.53
N SER A 194 -4.02 -12.16 7.44
CA SER A 194 -2.97 -12.69 8.31
C SER A 194 -1.84 -13.30 7.49
N LEU A 195 -2.20 -14.16 6.54
CA LEU A 195 -1.22 -14.82 5.69
C LEU A 195 -0.38 -13.80 4.93
N THR A 196 -1.04 -12.79 4.38
CA THR A 196 -0.35 -11.74 3.63
C THR A 196 0.55 -10.94 4.56
N LEU A 197 0.13 -10.79 5.81
CA LEU A 197 0.90 -10.04 6.79
C LEU A 197 2.22 -10.76 7.10
N VAL A 198 2.14 -12.08 7.24
CA VAL A 198 3.32 -12.88 7.53
C VAL A 198 4.25 -12.97 6.32
N SER A 199 3.72 -12.65 5.14
CA SER A 199 4.50 -12.71 3.92
C SER A 199 5.35 -11.45 3.77
N ILE A 200 4.71 -10.29 3.83
CA ILE A 200 5.41 -9.02 3.72
C ILE A 200 6.50 -8.88 4.76
N ILE A 201 6.33 -9.56 5.90
CA ILE A 201 7.30 -9.52 6.98
C ILE A 201 8.27 -10.70 6.89
N LYS A 202 9.56 -10.41 6.96
CA LYS A 202 10.58 -11.45 6.89
C LYS A 202 11.79 -11.08 7.76
N THR A 203 12.63 -12.08 8.02
CA THR A 203 13.82 -11.87 8.84
C THR A 203 15.01 -12.64 8.28
N ALA A 204 15.43 -12.28 7.08
CA ALA A 204 16.55 -12.95 6.43
C ALA A 204 17.74 -12.01 6.30
N LYS A 51 5.00 -8.78 -12.35
CA LYS A 51 4.01 -9.14 -11.30
C LYS A 51 3.58 -7.90 -10.50
N THR A 52 4.48 -6.94 -10.40
CA THR A 52 4.20 -5.71 -9.66
C THR A 52 3.26 -4.80 -10.45
N GLN A 53 3.63 -4.49 -11.68
CA GLN A 53 2.82 -3.64 -12.54
C GLN A 53 1.47 -4.30 -12.85
N SER A 54 1.52 -5.59 -13.18
CA SER A 54 0.30 -6.34 -13.50
C SER A 54 -0.66 -6.32 -12.33
N ASP A 55 -0.14 -6.56 -11.12
CA ASP A 55 -0.97 -6.59 -9.92
C ASP A 55 -1.68 -5.25 -9.72
N LEU A 56 -1.02 -4.16 -10.11
CA LEU A 56 -1.60 -2.83 -9.97
C LEU A 56 -2.86 -2.69 -10.82
N GLN A 57 -2.72 -2.95 -12.12
CA GLN A 57 -3.84 -2.85 -13.04
C GLN A 57 -4.93 -3.86 -12.71
N LYS A 58 -4.52 -5.10 -12.44
CA LYS A 58 -5.46 -6.16 -12.11
C LYS A 58 -6.21 -5.87 -10.80
N PHE A 59 -5.51 -5.25 -9.86
CA PHE A 59 -6.12 -4.93 -8.57
C PHE A 59 -7.20 -3.86 -8.71
N MET A 60 -7.03 -2.97 -9.68
CA MET A 60 -8.00 -1.91 -9.92
C MET A 60 -9.35 -2.50 -10.34
N THR A 61 -9.33 -3.27 -11.41
CA THR A 61 -10.54 -3.92 -11.91
C THR A 61 -11.15 -4.81 -10.84
N GLN A 62 -10.32 -5.22 -9.87
CA GLN A 62 -10.78 -6.08 -8.79
C GLN A 62 -11.69 -5.32 -7.84
N LEU A 63 -11.39 -4.03 -7.64
CA LEU A 63 -12.19 -3.19 -6.76
C LEU A 63 -13.58 -2.96 -7.34
N ASP A 64 -13.63 -2.40 -8.54
CA ASP A 64 -14.90 -2.12 -9.21
C ASP A 64 -15.76 -3.38 -9.31
N HIS A 65 -15.11 -4.54 -9.37
CA HIS A 65 -15.83 -5.80 -9.48
C HIS A 65 -16.19 -6.36 -8.11
N LEU A 66 -15.22 -6.37 -7.21
CA LEU A 66 -15.43 -6.89 -5.85
C LEU A 66 -16.50 -6.10 -5.11
N ILE A 67 -16.44 -4.77 -5.23
CA ILE A 67 -17.38 -3.89 -4.56
C ILE A 67 -18.76 -3.94 -5.23
N LYS A 68 -18.79 -3.72 -6.54
CA LYS A 68 -20.04 -3.73 -7.29
C LYS A 68 -20.89 -4.95 -6.94
N ASP A 69 -20.22 -6.04 -6.54
CA ASP A 69 -20.92 -7.26 -6.19
C ASP A 69 -21.16 -7.36 -4.68
N ASP A 70 -20.42 -6.58 -3.90
CA ASP A 70 -20.57 -6.60 -2.45
C ASP A 70 -21.30 -5.36 -1.95
N ILE A 71 -20.60 -4.24 -1.86
CA ILE A 71 -21.18 -2.99 -1.39
C ILE A 71 -21.29 -1.96 -2.51
N SER A 72 -21.60 -0.72 -2.14
CA SER A 72 -21.73 0.35 -3.12
C SER A 72 -21.32 1.70 -2.53
N ASN A 73 -21.75 1.96 -1.30
CA ASN A 73 -21.44 3.21 -0.62
C ASN A 73 -19.93 3.47 -0.64
N THR A 74 -19.14 2.40 -0.61
CA THR A 74 -17.70 2.52 -0.61
C THR A 74 -17.16 2.81 -2.00
N GLN A 75 -18.05 2.82 -2.99
CA GLN A 75 -17.66 3.09 -4.39
C GLN A 75 -16.75 4.30 -4.47
N GLU A 76 -16.91 5.23 -3.55
CA GLU A 76 -16.08 6.44 -3.53
C GLU A 76 -14.70 6.12 -2.97
N ILE A 77 -14.66 5.27 -1.96
CA ILE A 77 -13.40 4.88 -1.34
C ILE A 77 -12.56 4.06 -2.30
N ILE A 78 -13.09 2.91 -2.71
CA ILE A 78 -12.40 2.05 -3.64
C ILE A 78 -12.03 2.80 -4.91
N LYS A 79 -12.79 3.85 -5.20
CA LYS A 79 -12.56 4.67 -6.37
C LYS A 79 -11.19 5.34 -6.29
N ASP A 80 -10.85 5.84 -5.11
CA ASP A 80 -9.57 6.49 -4.90
C ASP A 80 -8.44 5.47 -4.91
N VAL A 81 -8.75 4.26 -4.44
CA VAL A 81 -7.76 3.19 -4.41
C VAL A 81 -7.32 2.85 -5.83
N LEU A 82 -8.26 2.39 -6.64
CA LEU A 82 -7.98 2.05 -8.03
C LEU A 82 -7.26 3.20 -8.72
N GLU A 83 -7.83 4.38 -8.56
CA GLU A 83 -7.25 5.59 -9.15
C GLU A 83 -5.80 5.76 -8.75
N TYR A 84 -5.51 5.46 -7.48
CA TYR A 84 -4.15 5.56 -6.97
C TYR A 84 -3.29 4.44 -7.55
N LEU A 85 -3.88 3.27 -7.72
CA LEU A 85 -3.16 2.14 -8.28
C LEU A 85 -2.65 2.47 -9.68
N LYS A 86 -3.46 3.22 -10.42
CA LYS A 86 -3.09 3.62 -11.77
C LYS A 86 -1.94 4.62 -11.72
N LYS A 87 -2.03 5.55 -10.78
CA LYS A 87 -0.99 6.55 -10.60
C LYS A 87 0.31 5.87 -10.20
N LEU A 88 0.22 5.00 -9.21
CA LEU A 88 1.38 4.24 -8.75
C LEU A 88 1.88 3.33 -9.86
N ASP A 89 0.99 3.01 -10.80
CA ASP A 89 1.33 2.15 -11.92
C ASP A 89 2.42 2.80 -12.77
N GLU A 90 2.29 4.10 -12.97
CA GLU A 90 3.26 4.86 -13.77
C GLU A 90 4.57 5.02 -13.01
N ILE A 91 4.48 5.12 -11.69
CA ILE A 91 5.67 5.27 -10.84
C ILE A 91 6.51 4.01 -10.86
N TYR A 92 5.87 2.87 -10.62
CA TYR A 92 6.57 1.58 -10.60
C TYR A 92 7.42 1.41 -11.85
N GLY A 93 7.01 2.04 -12.95
CA GLY A 93 7.75 1.94 -14.18
C GLY A 93 8.87 2.96 -14.27
N SER A 94 8.66 4.11 -13.63
CA SER A 94 9.66 5.18 -13.63
C SER A 94 10.25 5.37 -12.24
N LEU A 95 10.30 4.29 -11.46
CA LEU A 95 10.84 4.34 -10.11
C LEU A 95 12.36 4.57 -10.14
N ARG A 96 13.03 3.89 -11.04
CA ARG A 96 14.49 4.02 -11.18
C ARG A 96 14.90 5.48 -11.29
N ASN A 97 14.00 6.30 -11.84
CA ASN A 97 14.28 7.72 -12.01
C ASN A 97 14.17 8.45 -10.67
N HIS A 98 15.16 9.30 -10.39
CA HIS A 98 15.18 10.06 -9.15
C HIS A 98 14.25 11.26 -9.22
N SER A 99 12.95 11.02 -9.06
CA SER A 99 11.96 12.09 -9.11
C SER A 99 10.54 11.53 -8.99
N GLN A 100 10.32 10.35 -9.55
CA GLN A 100 9.01 9.71 -9.50
C GLN A 100 8.83 8.90 -8.22
N LEU A 101 9.90 8.28 -7.76
CA LEU A 101 9.85 7.47 -6.54
C LEU A 101 9.32 8.28 -5.36
N THR A 102 9.57 9.58 -5.37
CA THR A 102 9.10 10.46 -4.30
C THR A 102 7.59 10.42 -4.18
N GLU A 103 6.90 10.56 -5.32
CA GLU A 103 5.45 10.53 -5.35
C GLU A 103 4.91 9.20 -4.85
N ALA A 104 5.71 8.15 -4.99
CA ALA A 104 5.32 6.82 -4.56
C ALA A 104 5.23 6.75 -3.03
N LEU A 105 6.11 7.49 -2.38
CA LEU A 105 6.15 7.54 -0.92
C LEU A 105 4.96 8.33 -0.39
N SER A 106 4.65 9.43 -1.08
CA SER A 106 3.53 10.28 -0.69
C SER A 106 2.23 9.48 -0.68
N LEU A 107 1.97 8.78 -1.77
CA LEU A 107 0.76 7.97 -1.88
C LEU A 107 0.70 6.93 -0.77
N GLY A 108 1.87 6.45 -0.35
CA GLY A 108 1.92 5.47 0.71
C GLY A 108 1.23 5.94 1.98
N LYS A 109 1.56 7.16 2.40
CA LYS A 109 0.96 7.74 3.60
C LYS A 109 -0.49 8.17 3.34
N ARG A 110 -0.71 8.87 2.24
CA ARG A 110 -2.06 9.35 1.89
C ARG A 110 -2.98 8.17 1.61
N LEU A 111 -2.61 7.36 0.63
CA LEU A 111 -3.41 6.20 0.26
C LEU A 111 -3.67 5.32 1.49
N SER A 112 -2.70 5.26 2.38
CA SER A 112 -2.82 4.46 3.60
C SER A 112 -4.02 4.93 4.42
N LYS A 113 -4.25 6.24 4.43
CA LYS A 113 -5.37 6.81 5.17
C LYS A 113 -6.68 6.32 4.59
N SER A 114 -6.75 6.25 3.26
CA SER A 114 -7.96 5.79 2.58
C SER A 114 -8.28 4.35 2.98
N LEU A 115 -7.24 3.56 3.20
CA LEU A 115 -7.41 2.16 3.59
C LEU A 115 -8.02 2.05 4.98
N HIS A 116 -7.52 2.88 5.91
CA HIS A 116 -8.02 2.88 7.27
C HIS A 116 -9.50 3.25 7.32
N GLU A 117 -9.91 4.13 6.40
CA GLU A 117 -11.29 4.55 6.31
C GLU A 117 -12.18 3.43 5.79
N MET A 118 -11.60 2.54 5.01
CA MET A 118 -12.34 1.42 4.44
C MET A 118 -12.88 0.53 5.55
N CYS A 119 -11.98 0.05 6.41
CA CYS A 119 -12.36 -0.82 7.52
C CYS A 119 -12.78 0.00 8.74
N GLY A 120 -12.18 1.18 8.87
CA GLY A 120 -12.48 2.05 10.00
C GLY A 120 -13.98 2.32 10.15
N ILE A 121 -14.64 2.59 9.04
CA ILE A 121 -16.07 2.87 9.05
C ILE A 121 -16.79 2.13 7.92
N GLU A 122 -16.21 2.18 6.72
CA GLU A 122 -16.79 1.51 5.56
C GLU A 122 -16.82 0.00 5.76
N PRO A 123 -17.54 -0.73 4.89
CA PRO A 123 -17.65 -2.18 4.98
C PRO A 123 -16.29 -2.86 5.09
N LEU A 124 -16.28 -4.08 5.63
CA LEU A 124 -15.04 -4.83 5.80
C LEU A 124 -14.61 -5.48 4.49
N GLU A 125 -13.54 -4.95 3.89
CA GLU A 125 -13.02 -5.47 2.65
C GLU A 125 -11.69 -6.18 2.86
N GLU A 126 -11.68 -7.50 2.64
CA GLU A 126 -10.46 -8.28 2.82
C GLU A 126 -9.60 -8.27 1.56
N GLU A 127 -10.22 -8.49 0.40
CA GLU A 127 -9.49 -8.49 -0.85
C GLU A 127 -8.76 -7.17 -1.05
N ILE A 128 -9.48 -6.08 -0.86
CA ILE A 128 -8.89 -4.75 -1.00
C ILE A 128 -7.81 -4.55 0.06
N CYS A 129 -8.15 -4.83 1.32
CA CYS A 129 -7.20 -4.68 2.41
C CYS A 129 -5.97 -5.56 2.17
N SER A 130 -6.19 -6.68 1.48
CA SER A 130 -5.10 -7.61 1.17
C SER A 130 -4.29 -7.11 -0.01
N GLY A 131 -4.97 -6.43 -0.94
CA GLY A 131 -4.30 -5.91 -2.11
C GLY A 131 -3.45 -4.70 -1.81
N LEU A 132 -4.05 -3.69 -1.18
CA LEU A 132 -3.34 -2.47 -0.83
C LEU A 132 -2.10 -2.79 0.02
N ILE A 133 -2.27 -3.69 0.98
CA ILE A 133 -1.18 -4.08 1.86
C ILE A 133 -0.06 -4.73 1.05
N GLU A 134 -0.45 -5.44 -0.01
CA GLU A 134 0.52 -6.12 -0.87
C GLU A 134 1.19 -5.13 -1.81
N GLN A 135 0.41 -4.20 -2.36
CA GLN A 135 0.94 -3.20 -3.27
C GLN A 135 2.00 -2.35 -2.58
N LEU A 136 1.72 -1.98 -1.33
CA LEU A 136 2.65 -1.17 -0.55
C LEU A 136 3.94 -1.93 -0.28
N TYR A 137 3.82 -3.23 -0.04
CA TYR A 137 4.98 -4.08 0.23
C TYR A 137 5.90 -4.12 -0.98
N LYS A 138 5.33 -4.00 -2.17
CA LYS A 138 6.11 -4.01 -3.41
C LYS A 138 6.82 -2.68 -3.59
N LEU A 139 6.16 -1.60 -3.19
CA LEU A 139 6.73 -0.27 -3.31
C LEU A 139 7.78 -0.04 -2.22
N ILE A 140 7.50 -0.56 -1.03
CA ILE A 140 8.41 -0.43 0.10
C ILE A 140 9.74 -1.10 -0.21
N THR A 141 9.69 -2.18 -1.01
CA THR A 141 10.89 -2.92 -1.38
C THR A 141 11.59 -2.24 -2.57
N ALA A 142 10.79 -1.68 -3.47
CA ALA A 142 11.32 -1.01 -4.64
C ALA A 142 11.94 0.34 -4.26
N SER A 143 11.13 1.19 -3.63
CA SER A 143 11.59 2.51 -3.21
C SER A 143 12.82 2.40 -2.31
N ARG A 144 12.78 1.43 -1.39
CA ARG A 144 13.90 1.22 -0.46
C ARG A 144 15.17 0.88 -1.23
N ARG A 145 15.02 0.16 -2.34
CA ARG A 145 16.15 -0.23 -3.16
C ARG A 145 16.77 0.99 -3.85
N ILE A 146 15.95 2.01 -4.08
CA ILE A 146 16.42 3.22 -4.73
C ILE A 146 17.29 4.05 -3.79
N LEU A 147 16.82 4.24 -2.57
CA LEU A 147 17.55 5.02 -1.57
C LEU A 147 18.92 4.40 -1.32
N GLU A 148 18.96 3.08 -1.12
CA GLU A 148 20.21 2.38 -0.88
C GLU A 148 21.12 2.45 -2.09
N SER A 149 20.52 2.53 -3.28
CA SER A 149 21.29 2.61 -4.52
C SER A 149 22.12 3.89 -4.57
N CYS A 150 21.44 5.03 -4.42
CA CYS A 150 22.12 6.32 -4.44
C CYS A 150 22.86 6.58 -3.13
N ALA A 151 22.32 6.04 -2.05
CA ALA A 151 22.93 6.22 -0.72
C ALA A 151 24.35 5.69 -0.70
N ASP A 152 25.00 5.80 0.45
CA ASP A 152 26.37 5.33 0.61
C ASP A 152 26.79 5.34 2.08
N SER A 153 26.43 6.42 2.79
CA SER A 153 26.76 6.54 4.19
C SER A 153 26.00 7.71 4.83
N ASN A 154 25.95 8.83 4.12
CA ASN A 154 25.25 10.02 4.61
C ASN A 154 25.26 11.12 3.56
N SER A 155 24.33 11.03 2.61
CA SER A 155 24.23 12.02 1.54
C SER A 155 23.09 13.00 1.82
N PRO A 156 23.28 14.29 1.49
CA PRO A 156 22.25 15.31 1.71
C PRO A 156 20.93 14.98 1.01
N TYR A 157 21.02 14.57 -0.25
CA TYR A 157 19.84 14.21 -1.03
C TYR A 157 19.08 13.07 -0.38
N ILE A 158 19.81 12.10 0.15
CA ILE A 158 19.20 10.95 0.81
C ILE A 158 18.34 11.39 1.98
N HIS A 159 18.72 12.50 2.61
CA HIS A 159 17.98 13.02 3.76
C HIS A 159 16.53 13.32 3.38
N HIS A 160 16.33 14.01 2.27
CA HIS A 160 15.00 14.35 1.78
C HIS A 160 14.20 13.09 1.49
N LEU A 161 14.83 12.13 0.81
CA LEU A 161 14.17 10.88 0.47
C LEU A 161 13.82 10.09 1.73
N ARG A 162 14.64 10.23 2.75
CA ARG A 162 14.42 9.53 4.02
C ARG A 162 13.24 10.14 4.77
N ASN A 163 12.92 11.39 4.46
CA ASN A 163 11.80 12.07 5.11
C ASN A 163 10.48 11.50 4.63
N ASP A 164 10.23 11.59 3.33
CA ASP A 164 9.00 11.07 2.76
C ASP A 164 8.95 9.55 2.87
N TYR A 165 10.12 8.93 3.03
CA TYR A 165 10.20 7.49 3.15
C TYR A 165 9.88 7.03 4.57
N GLN A 166 10.42 7.75 5.56
CA GLN A 166 10.19 7.42 6.96
C GLN A 166 8.70 7.48 7.29
N ASP A 167 7.97 8.34 6.58
CA ASP A 167 6.53 8.48 6.80
C ASP A 167 5.78 7.34 6.14
N LEU A 168 6.21 6.96 4.95
CA LEU A 168 5.57 5.87 4.20
C LEU A 168 5.61 4.58 5.02
N LEU A 169 6.80 4.23 5.51
CA LEU A 169 6.97 3.03 6.30
C LEU A 169 6.14 3.08 7.57
N GLN A 170 6.09 4.25 8.21
CA GLN A 170 5.33 4.43 9.43
C GLN A 170 3.84 4.21 9.16
N GLU A 171 3.30 4.95 8.19
CA GLU A 171 1.90 4.83 7.84
C GLU A 171 1.56 3.39 7.45
N PHE A 172 2.56 2.69 6.89
CA PHE A 172 2.38 1.31 6.49
C PHE A 172 2.07 0.43 7.70
N GLN A 173 2.87 0.58 8.75
CA GLN A 173 2.67 -0.19 9.97
C GLN A 173 1.30 0.09 10.57
N ILE A 174 0.82 1.32 10.39
CA ILE A 174 -0.47 1.72 10.91
C ILE A 174 -1.58 0.84 10.36
N SER A 175 -1.51 0.55 9.07
CA SER A 175 -2.51 -0.30 8.42
C SER A 175 -2.46 -1.72 8.96
N LEU A 176 -1.26 -2.19 9.28
CA LEU A 176 -1.07 -3.53 9.81
C LEU A 176 -1.48 -3.60 11.28
N LYS A 177 -1.26 -2.51 12.01
CA LYS A 177 -1.60 -2.45 13.42
C LYS A 177 -3.10 -2.60 13.62
N ILE A 178 -3.88 -1.97 12.75
CA ILE A 178 -5.33 -2.03 12.83
C ILE A 178 -5.85 -3.35 12.26
N LEU A 179 -5.13 -3.90 11.28
CA LEU A 179 -5.53 -5.15 10.65
C LEU A 179 -5.17 -6.33 11.53
N THR A 180 -3.95 -6.34 12.05
CA THR A 180 -3.49 -7.43 12.92
C THR A 180 -4.38 -7.57 14.15
N GLU A 181 -4.79 -6.43 14.71
CA GLU A 181 -5.65 -6.43 15.89
C GLU A 181 -7.01 -7.04 15.57
N LYS A 182 -7.61 -6.57 14.48
CA LYS A 182 -8.92 -7.07 14.06
C LYS A 182 -8.84 -8.53 13.65
N CYS A 183 -7.70 -8.93 13.09
CA CYS A 183 -7.50 -10.31 12.66
C CYS A 183 -7.09 -11.20 13.83
N LEU A 184 -6.40 -10.61 14.80
CA LEU A 184 -5.94 -11.35 15.98
C LEU A 184 -7.13 -11.94 16.73
N GLU A 185 -8.28 -11.29 16.63
CA GLU A 185 -9.48 -11.75 17.31
C GLU A 185 -10.19 -12.81 16.48
N ASN A 186 -10.20 -12.62 15.16
CA ASN A 186 -10.85 -13.57 14.26
C ASN A 186 -9.93 -13.92 13.09
N PRO A 187 -8.79 -14.58 13.38
CA PRO A 187 -7.82 -14.97 12.35
C PRO A 187 -8.34 -16.10 11.46
N SER A 188 -9.15 -16.98 12.06
CA SER A 188 -9.72 -18.11 11.32
C SER A 188 -10.67 -17.62 10.24
N SER A 189 -11.44 -16.58 10.55
CA SER A 189 -12.40 -16.02 9.61
C SER A 189 -11.68 -15.40 8.41
N LEU A 190 -10.64 -14.61 8.69
CA LEU A 190 -9.88 -13.96 7.63
C LEU A 190 -8.41 -14.38 7.70
N GLN A 191 -8.07 -15.42 6.95
CA GLN A 191 -6.70 -15.93 6.91
C GLN A 191 -5.89 -15.21 5.84
N ASN A 192 -6.55 -14.81 4.76
CA ASN A 192 -5.89 -14.12 3.66
C ASN A 192 -5.23 -12.83 4.14
N LEU A 193 -5.90 -12.15 5.07
CA LEU A 193 -5.37 -10.90 5.62
C LEU A 193 -4.14 -11.15 6.48
N SER A 194 -4.33 -11.93 7.54
CA SER A 194 -3.23 -12.26 8.45
C SER A 194 -2.05 -12.85 7.70
N LEU A 195 -2.33 -13.72 6.74
CA LEU A 195 -1.29 -14.37 5.95
C LEU A 195 -0.42 -13.33 5.24
N THR A 196 -1.07 -12.35 4.62
CA THR A 196 -0.37 -11.29 3.90
C THR A 196 0.52 -10.49 4.86
N LEU A 197 0.08 -10.36 6.10
CA LEU A 197 0.82 -9.62 7.11
C LEU A 197 2.12 -10.35 7.47
N VAL A 198 2.01 -11.65 7.72
CA VAL A 198 3.17 -12.47 8.08
C VAL A 198 4.17 -12.54 6.92
N SER A 199 3.70 -12.24 5.70
CA SER A 199 4.56 -12.28 4.53
C SER A 199 5.33 -10.97 4.37
N ILE A 200 4.60 -9.86 4.33
CA ILE A 200 5.21 -8.54 4.19
C ILE A 200 6.21 -8.27 5.30
N ILE A 201 5.83 -8.60 6.53
CA ILE A 201 6.70 -8.38 7.69
C ILE A 201 6.98 -9.69 8.41
N LYS A 202 7.76 -9.62 9.48
CA LYS A 202 8.10 -10.81 10.27
C LYS A 202 8.83 -10.42 11.55
N THR A 203 8.43 -9.29 12.13
CA THR A 203 9.04 -8.81 13.37
C THR A 203 7.98 -8.56 14.43
N ALA A 204 7.40 -9.64 14.95
CA ALA A 204 6.37 -9.53 15.98
C ALA A 204 6.99 -9.50 17.38
N LYS A 51 6.26 -7.35 -12.62
CA LYS A 51 5.03 -8.05 -12.18
C LYS A 51 4.11 -7.11 -11.40
N THR A 52 4.70 -6.12 -10.74
CA THR A 52 3.95 -5.15 -9.96
C THR A 52 2.95 -4.40 -10.84
N GLN A 53 3.42 -3.92 -11.98
CA GLN A 53 2.59 -3.17 -12.92
C GLN A 53 1.36 -3.99 -13.31
N SER A 54 1.57 -5.29 -13.54
CA SER A 54 0.48 -6.18 -13.94
C SER A 54 -0.49 -6.39 -12.78
N ASP A 55 0.03 -6.33 -11.56
CA ASP A 55 -0.79 -6.52 -10.36
C ASP A 55 -1.60 -5.26 -10.06
N LEU A 56 -0.98 -4.10 -10.23
CA LEU A 56 -1.64 -2.82 -9.97
C LEU A 56 -2.88 -2.67 -10.84
N GLN A 57 -2.70 -2.77 -12.15
CA GLN A 57 -3.80 -2.63 -13.10
C GLN A 57 -4.90 -3.66 -12.82
N LYS A 58 -4.50 -4.91 -12.65
CA LYS A 58 -5.46 -5.98 -12.38
C LYS A 58 -6.20 -5.76 -11.07
N PHE A 59 -5.50 -5.27 -10.07
CA PHE A 59 -6.11 -5.02 -8.76
C PHE A 59 -7.17 -3.93 -8.85
N MET A 60 -6.96 -2.96 -9.75
CA MET A 60 -7.91 -1.88 -9.93
C MET A 60 -9.28 -2.44 -10.33
N THR A 61 -9.28 -3.20 -11.41
CA THR A 61 -10.51 -3.82 -11.90
C THR A 61 -11.08 -4.78 -10.86
N GLN A 62 -10.23 -5.18 -9.91
CA GLN A 62 -10.67 -6.10 -8.86
C GLN A 62 -11.52 -5.36 -7.82
N LEU A 63 -11.19 -4.08 -7.60
CA LEU A 63 -11.93 -3.28 -6.64
C LEU A 63 -13.35 -3.02 -7.13
N ASP A 64 -13.47 -2.39 -8.29
CA ASP A 64 -14.77 -2.08 -8.87
C ASP A 64 -15.63 -3.34 -9.02
N HIS A 65 -14.98 -4.48 -9.21
CA HIS A 65 -15.69 -5.74 -9.37
C HIS A 65 -15.98 -6.40 -8.02
N LEU A 66 -14.97 -6.43 -7.16
CA LEU A 66 -15.11 -7.04 -5.84
C LEU A 66 -16.24 -6.40 -5.04
N ILE A 67 -16.31 -5.07 -5.09
CA ILE A 67 -17.32 -4.34 -4.35
C ILE A 67 -18.68 -4.41 -5.06
N LYS A 68 -18.69 -4.09 -6.35
CA LYS A 68 -19.93 -4.12 -7.14
C LYS A 68 -20.72 -5.40 -6.88
N ASP A 69 -20.02 -6.47 -6.55
CA ASP A 69 -20.66 -7.75 -6.28
C ASP A 69 -20.93 -7.94 -4.78
N ASP A 70 -20.17 -7.23 -3.95
CA ASP A 70 -20.32 -7.32 -2.51
C ASP A 70 -21.07 -6.11 -1.94
N ILE A 71 -20.40 -4.95 -1.95
CA ILE A 71 -21.01 -3.73 -1.42
C ILE A 71 -21.29 -2.73 -2.53
N SER A 72 -21.54 -1.47 -2.16
CA SER A 72 -21.82 -0.42 -3.14
C SER A 72 -21.40 0.94 -2.60
N ASN A 73 -21.76 1.22 -1.35
CA ASN A 73 -21.42 2.49 -0.71
C ASN A 73 -19.90 2.71 -0.72
N THR A 74 -19.15 1.63 -0.63
CA THR A 74 -17.69 1.70 -0.62
C THR A 74 -17.15 2.08 -2.00
N GLN A 75 -18.02 2.09 -3.01
CA GLN A 75 -17.62 2.44 -4.37
C GLN A 75 -16.77 3.72 -4.39
N GLU A 76 -17.00 4.59 -3.43
CA GLU A 76 -16.24 5.83 -3.34
C GLU A 76 -14.85 5.58 -2.77
N ILE A 77 -14.76 4.68 -1.80
CA ILE A 77 -13.49 4.36 -1.18
C ILE A 77 -12.58 3.61 -2.15
N ILE A 78 -13.03 2.46 -2.63
CA ILE A 78 -12.25 1.68 -3.56
C ILE A 78 -11.90 2.50 -4.79
N LYS A 79 -12.78 3.43 -5.13
CA LYS A 79 -12.57 4.31 -6.28
C LYS A 79 -11.26 5.07 -6.12
N ASP A 80 -11.00 5.56 -4.90
CA ASP A 80 -9.77 6.29 -4.63
C ASP A 80 -8.58 5.36 -4.64
N VAL A 81 -8.79 4.11 -4.24
CA VAL A 81 -7.74 3.12 -4.23
C VAL A 81 -7.24 2.86 -5.63
N LEU A 82 -8.14 2.35 -6.48
CA LEU A 82 -7.80 2.07 -7.88
C LEU A 82 -7.13 3.29 -8.50
N GLU A 83 -7.74 4.45 -8.29
CA GLU A 83 -7.22 5.69 -8.83
C GLU A 83 -5.75 5.86 -8.45
N TYR A 84 -5.41 5.46 -7.23
CA TYR A 84 -4.04 5.56 -6.74
C TYR A 84 -3.17 4.49 -7.40
N LEU A 85 -3.73 3.30 -7.56
CA LEU A 85 -3.01 2.19 -8.19
C LEU A 85 -2.54 2.59 -9.58
N LYS A 86 -3.38 3.34 -10.28
CA LYS A 86 -3.04 3.81 -11.62
C LYS A 86 -1.91 4.83 -11.56
N LYS A 87 -1.96 5.69 -10.55
CA LYS A 87 -0.92 6.70 -10.37
C LYS A 87 0.39 6.01 -10.03
N LEU A 88 0.34 5.11 -9.06
CA LEU A 88 1.52 4.35 -8.66
C LEU A 88 1.98 3.45 -9.79
N ASP A 89 1.04 3.12 -10.69
CA ASP A 89 1.35 2.26 -11.83
C ASP A 89 2.28 2.98 -12.81
N GLU A 90 2.17 4.31 -12.86
CA GLU A 90 3.00 5.10 -13.75
C GLU A 90 4.37 5.36 -13.14
N ILE A 91 4.43 5.39 -11.81
CA ILE A 91 5.70 5.62 -11.11
C ILE A 91 6.65 4.45 -11.29
N TYR A 92 6.15 3.24 -11.01
CA TYR A 92 6.94 2.03 -11.14
C TYR A 92 7.70 2.01 -12.47
N GLY A 93 7.12 2.64 -13.49
CA GLY A 93 7.76 2.68 -14.79
C GLY A 93 8.62 3.91 -14.97
N SER A 94 8.27 4.98 -14.27
CA SER A 94 9.03 6.22 -14.36
C SER A 94 9.86 6.45 -13.10
N LEU A 95 10.35 5.36 -12.51
CA LEU A 95 11.15 5.43 -11.30
C LEU A 95 12.56 5.92 -11.62
N ARG A 96 13.29 6.34 -10.58
CA ARG A 96 14.65 6.82 -10.74
C ARG A 96 14.68 8.15 -11.50
N ASN A 97 13.52 8.76 -11.69
CA ASN A 97 13.41 10.03 -12.40
C ASN A 97 13.88 11.18 -11.52
N HIS A 98 13.55 12.41 -11.93
CA HIS A 98 13.93 13.60 -11.17
C HIS A 98 13.40 13.53 -9.74
N SER A 99 12.12 13.22 -9.61
CA SER A 99 11.50 13.12 -8.29
C SER A 99 10.18 12.36 -8.38
N GLN A 100 10.13 11.37 -9.27
CA GLN A 100 8.92 10.56 -9.43
C GLN A 100 8.77 9.57 -8.30
N LEU A 101 9.90 9.13 -7.75
CA LEU A 101 9.88 8.17 -6.65
C LEU A 101 9.44 8.83 -5.35
N THR A 102 9.70 10.14 -5.24
CA THR A 102 9.33 10.89 -4.04
C THR A 102 7.83 10.81 -3.78
N GLU A 103 7.03 11.06 -4.81
CA GLU A 103 5.58 11.00 -4.67
C GLU A 103 5.11 9.58 -4.40
N ALA A 104 5.87 8.61 -4.86
CA ALA A 104 5.54 7.20 -4.65
C ALA A 104 5.46 6.89 -3.16
N LEU A 105 6.36 7.51 -2.41
CA LEU A 105 6.42 7.33 -0.96
C LEU A 105 5.22 7.98 -0.30
N SER A 106 4.91 9.18 -0.75
CA SER A 106 3.78 9.93 -0.23
C SER A 106 2.48 9.13 -0.37
N LEU A 107 2.27 8.56 -1.55
CA LEU A 107 1.08 7.75 -1.80
C LEU A 107 0.94 6.67 -0.74
N GLY A 108 2.04 5.99 -0.45
CA GLY A 108 2.02 4.95 0.57
C GLY A 108 1.45 5.46 1.88
N LYS A 109 1.81 6.71 2.21
CA LYS A 109 1.34 7.35 3.44
C LYS A 109 -0.13 7.75 3.30
N ARG A 110 -0.42 8.60 2.31
CA ARG A 110 -1.79 9.06 2.09
C ARG A 110 -2.71 7.89 1.79
N LEU A 111 -2.33 7.08 0.81
CA LEU A 111 -3.13 5.93 0.42
C LEU A 111 -3.46 5.07 1.65
N SER A 112 -2.51 4.99 2.58
CA SER A 112 -2.71 4.20 3.79
C SER A 112 -3.91 4.72 4.58
N LYS A 113 -4.03 6.04 4.66
CA LYS A 113 -5.15 6.65 5.37
C LYS A 113 -6.48 6.16 4.81
N SER A 114 -6.55 6.07 3.49
CA SER A 114 -7.76 5.59 2.82
C SER A 114 -8.13 4.19 3.31
N LEU A 115 -7.11 3.38 3.57
CA LEU A 115 -7.32 2.02 4.06
C LEU A 115 -8.05 2.04 5.39
N HIS A 116 -7.68 2.98 6.25
CA HIS A 116 -8.31 3.11 7.56
C HIS A 116 -9.80 3.35 7.42
N GLU A 117 -10.17 4.10 6.38
CA GLU A 117 -11.58 4.41 6.12
C GLU A 117 -12.32 3.17 5.62
N MET A 118 -11.57 2.23 5.05
CA MET A 118 -12.16 0.99 4.53
C MET A 118 -12.78 0.19 5.67
N CYS A 119 -11.96 -0.20 6.62
CA CYS A 119 -12.41 -0.98 7.77
C CYS A 119 -12.92 -0.06 8.88
N GLY A 120 -12.37 1.15 8.94
CA GLY A 120 -12.76 2.10 9.96
C GLY A 120 -14.26 2.27 10.10
N ILE A 121 -14.95 2.36 8.96
CA ILE A 121 -16.40 2.53 8.95
C ILE A 121 -17.07 1.64 7.91
N GLU A 122 -16.51 1.63 6.70
CA GLU A 122 -17.05 0.83 5.62
C GLU A 122 -16.86 -0.66 5.91
N PRO A 123 -17.65 -1.53 5.23
CA PRO A 123 -17.55 -2.97 5.41
C PRO A 123 -16.12 -3.48 5.39
N LEU A 124 -15.90 -4.65 5.98
CA LEU A 124 -14.57 -5.24 6.03
C LEU A 124 -14.23 -5.96 4.74
N GLU A 125 -13.45 -5.32 3.89
CA GLU A 125 -13.05 -5.90 2.61
C GLU A 125 -11.68 -6.56 2.74
N GLU A 126 -11.66 -7.89 2.71
CA GLU A 126 -10.41 -8.63 2.83
C GLU A 126 -9.61 -8.62 1.53
N GLU A 127 -10.30 -8.84 0.40
CA GLU A 127 -9.64 -8.85 -0.90
C GLU A 127 -8.93 -7.53 -1.13
N ILE A 128 -9.65 -6.44 -0.97
CA ILE A 128 -9.10 -5.11 -1.15
C ILE A 128 -8.01 -4.85 -0.11
N CYS A 129 -8.31 -5.12 1.15
CA CYS A 129 -7.34 -4.93 2.21
C CYS A 129 -6.12 -5.82 2.01
N SER A 130 -6.31 -6.93 1.30
CA SER A 130 -5.22 -7.86 1.03
C SER A 130 -4.32 -7.33 -0.08
N GLY A 131 -4.92 -6.67 -1.06
CA GLY A 131 -4.16 -6.12 -2.17
C GLY A 131 -3.42 -4.85 -1.78
N LEU A 132 -4.09 -4.00 -1.02
CA LEU A 132 -3.48 -2.74 -0.58
C LEU A 132 -2.27 -3.00 0.30
N ILE A 133 -2.34 -4.06 1.09
CA ILE A 133 -1.26 -4.43 1.98
C ILE A 133 -0.03 -4.87 1.18
N GLU A 134 -0.28 -5.64 0.12
CA GLU A 134 0.80 -6.13 -0.74
C GLU A 134 1.33 -5.01 -1.63
N GLN A 135 0.42 -4.18 -2.13
CA GLN A 135 0.79 -3.06 -3.00
C GLN A 135 1.75 -2.11 -2.26
N LEU A 136 1.48 -1.90 -0.98
CA LEU A 136 2.32 -1.02 -0.17
C LEU A 136 3.68 -1.66 0.10
N TYR A 137 3.70 -2.99 0.19
CA TYR A 137 4.93 -3.72 0.43
C TYR A 137 5.80 -3.79 -0.82
N LYS A 138 5.17 -3.61 -1.98
CA LYS A 138 5.88 -3.65 -3.24
C LYS A 138 6.57 -2.31 -3.51
N LEU A 139 5.95 -1.24 -3.05
CA LEU A 139 6.51 0.10 -3.23
C LEU A 139 7.58 0.35 -2.18
N ILE A 140 7.40 -0.22 -0.99
CA ILE A 140 8.36 -0.05 0.09
C ILE A 140 9.68 -0.74 -0.26
N THR A 141 9.59 -1.88 -0.95
CA THR A 141 10.79 -2.62 -1.34
C THR A 141 11.43 -1.98 -2.56
N ALA A 142 10.60 -1.47 -3.46
CA ALA A 142 11.10 -0.83 -4.68
C ALA A 142 11.78 0.49 -4.34
N SER A 143 11.03 1.40 -3.71
CA SER A 143 11.57 2.70 -3.33
C SER A 143 12.84 2.54 -2.51
N ARG A 144 12.90 1.46 -1.74
CA ARG A 144 14.06 1.19 -0.90
C ARG A 144 15.27 0.77 -1.75
N ARG A 145 14.99 0.21 -2.92
CA ARG A 145 16.06 -0.22 -3.82
C ARG A 145 16.79 0.98 -4.40
N ILE A 146 16.05 2.05 -4.67
CA ILE A 146 16.63 3.26 -5.22
C ILE A 146 17.42 4.02 -4.16
N LEU A 147 16.87 4.08 -2.96
CA LEU A 147 17.53 4.78 -1.85
C LEU A 147 18.89 4.15 -1.56
N GLU A 148 18.94 2.82 -1.53
CA GLU A 148 20.18 2.11 -1.25
C GLU A 148 21.18 2.33 -2.38
N SER A 149 20.68 2.47 -3.59
CA SER A 149 21.55 2.69 -4.76
C SER A 149 22.34 3.98 -4.60
N CYS A 150 21.66 5.06 -4.27
CA CYS A 150 22.30 6.36 -4.08
C CYS A 150 22.93 6.46 -2.70
N ALA A 151 22.33 5.79 -1.73
CA ALA A 151 22.84 5.80 -0.36
C ALA A 151 24.19 5.10 -0.27
N ASP A 152 25.17 5.79 0.30
CA ASP A 152 26.50 5.23 0.45
C ASP A 152 27.41 6.16 1.24
N SER A 153 27.28 7.46 0.96
CA SER A 153 28.09 8.47 1.65
C SER A 153 27.21 9.57 2.23
N ASN A 154 27.83 10.55 2.85
CA ASN A 154 27.10 11.66 3.46
C ASN A 154 26.60 12.63 2.39
N SER A 155 25.29 12.75 2.26
CA SER A 155 24.69 13.64 1.27
C SER A 155 23.30 14.10 1.72
N PRO A 156 22.91 15.33 1.35
CA PRO A 156 21.60 15.88 1.72
C PRO A 156 20.47 15.24 0.94
N TYR A 157 20.76 14.80 -0.27
CA TYR A 157 19.76 14.15 -1.12
C TYR A 157 19.19 12.91 -0.44
N ILE A 158 20.05 12.16 0.23
CA ILE A 158 19.62 10.95 0.93
C ILE A 158 18.77 11.28 2.14
N HIS A 159 19.04 12.43 2.76
CA HIS A 159 18.30 12.87 3.92
C HIS A 159 16.83 13.08 3.58
N HIS A 160 16.58 13.76 2.46
CA HIS A 160 15.23 14.03 2.01
C HIS A 160 14.45 12.73 1.80
N LEU A 161 15.10 11.77 1.15
CA LEU A 161 14.48 10.48 0.89
C LEU A 161 14.10 9.78 2.19
N ARG A 162 14.97 9.90 3.19
CA ARG A 162 14.72 9.28 4.48
C ARG A 162 13.49 9.89 5.15
N ASN A 163 13.15 11.11 4.76
CA ASN A 163 12.00 11.81 5.32
C ASN A 163 10.72 11.29 4.67
N ASP A 164 10.73 11.18 3.35
CA ASP A 164 9.58 10.69 2.61
C ASP A 164 9.46 9.18 2.76
N TYR A 165 10.58 8.53 3.08
CA TYR A 165 10.60 7.08 3.26
C TYR A 165 10.14 6.71 4.67
N GLN A 166 10.63 7.45 5.66
CA GLN A 166 10.25 7.19 7.05
C GLN A 166 8.74 7.28 7.23
N ASP A 167 8.12 8.23 6.51
CA ASP A 167 6.69 8.41 6.59
C ASP A 167 5.96 7.26 5.91
N LEU A 168 6.48 6.83 4.77
CA LEU A 168 5.90 5.72 4.02
C LEU A 168 5.92 4.45 4.86
N LEU A 169 7.09 4.15 5.43
CA LEU A 169 7.26 2.97 6.26
C LEU A 169 6.40 3.04 7.52
N GLN A 170 6.22 4.25 8.03
CA GLN A 170 5.42 4.45 9.23
C GLN A 170 3.97 4.07 8.97
N GLU A 171 3.35 4.75 8.00
CA GLU A 171 1.96 4.48 7.64
C GLU A 171 1.78 3.00 7.31
N PHE A 172 2.84 2.39 6.79
CA PHE A 172 2.79 0.97 6.44
C PHE A 172 2.48 0.13 7.67
N GLN A 173 3.07 0.51 8.80
CA GLN A 173 2.85 -0.20 10.05
C GLN A 173 1.49 0.18 10.63
N ILE A 174 1.10 1.43 10.42
CA ILE A 174 -0.19 1.92 10.91
C ILE A 174 -1.34 1.13 10.30
N SER A 175 -1.35 1.04 8.98
CA SER A 175 -2.40 0.30 8.27
C SER A 175 -2.43 -1.15 8.72
N LEU A 176 -1.25 -1.71 8.98
CA LEU A 176 -1.14 -3.09 9.42
C LEU A 176 -1.56 -3.23 10.87
N LYS A 177 -1.35 -2.18 11.65
CA LYS A 177 -1.71 -2.19 13.06
C LYS A 177 -3.23 -2.18 13.23
N ILE A 178 -3.91 -1.46 12.35
CA ILE A 178 -5.36 -1.38 12.40
C ILE A 178 -6.01 -2.64 11.83
N LEU A 179 -5.31 -3.30 10.92
CA LEU A 179 -5.81 -4.53 10.30
C LEU A 179 -5.54 -5.74 11.20
N THR A 180 -4.41 -5.70 11.90
CA THR A 180 -4.04 -6.80 12.79
C THR A 180 -4.91 -6.79 14.05
N GLU A 181 -5.17 -5.60 14.57
CA GLU A 181 -5.98 -5.46 15.77
C GLU A 181 -7.40 -5.95 15.53
N LYS A 182 -8.02 -5.44 14.47
CA LYS A 182 -9.38 -5.82 14.12
C LYS A 182 -9.45 -7.31 13.79
N CYS A 183 -8.37 -7.85 13.26
CA CYS A 183 -8.31 -9.27 12.90
C CYS A 183 -7.97 -10.12 14.12
N LEU A 184 -7.20 -9.54 15.05
CA LEU A 184 -6.80 -10.24 16.27
C LEU A 184 -8.02 -10.67 17.07
N GLU A 185 -9.11 -9.93 16.94
CA GLU A 185 -10.34 -10.24 17.66
C GLU A 185 -11.03 -11.46 17.04
N ASN A 186 -11.00 -11.53 15.71
CA ASN A 186 -11.61 -12.64 14.99
C ASN A 186 -10.58 -13.41 14.16
N PRO A 187 -9.80 -14.28 14.82
CA PRO A 187 -8.76 -15.07 14.13
C PRO A 187 -9.33 -15.87 12.97
N SER A 188 -10.36 -16.65 13.24
CA SER A 188 -10.99 -17.48 12.22
C SER A 188 -11.46 -16.62 11.04
N SER A 189 -12.14 -15.52 11.35
CA SER A 189 -12.63 -14.62 10.31
C SER A 189 -11.49 -13.81 9.70
N LEU A 190 -11.51 -13.70 8.37
CA LEU A 190 -10.47 -12.96 7.66
C LEU A 190 -9.11 -13.59 7.87
N GLN A 191 -8.90 -14.76 7.27
CA GLN A 191 -7.62 -15.46 7.40
C GLN A 191 -6.64 -15.02 6.32
N ASN A 192 -7.17 -14.60 5.18
CA ASN A 192 -6.33 -14.16 4.07
C ASN A 192 -5.44 -13.00 4.49
N LEU A 193 -5.99 -12.09 5.29
CA LEU A 193 -5.23 -10.94 5.76
C LEU A 193 -4.06 -11.38 6.63
N SER A 194 -4.32 -12.27 7.58
CA SER A 194 -3.28 -12.77 8.47
C SER A 194 -2.15 -13.41 7.68
N LEU A 195 -2.50 -14.10 6.60
CA LEU A 195 -1.52 -14.77 5.75
C LEU A 195 -0.63 -13.75 5.05
N THR A 196 -1.24 -12.72 4.48
CA THR A 196 -0.50 -11.68 3.78
C THR A 196 0.38 -10.91 4.75
N LEU A 197 -0.09 -10.74 5.97
CA LEU A 197 0.66 -10.02 6.99
C LEU A 197 1.93 -10.79 7.38
N VAL A 198 1.80 -12.10 7.49
CA VAL A 198 2.93 -12.94 7.85
C VAL A 198 3.91 -13.09 6.69
N SER A 199 3.44 -12.80 5.47
CA SER A 199 4.29 -12.90 4.29
C SER A 199 5.20 -11.69 4.17
N ILE A 200 4.61 -10.50 4.24
CA ILE A 200 5.36 -9.26 4.14
C ILE A 200 6.42 -9.17 5.23
N ILE A 201 6.15 -9.79 6.37
CA ILE A 201 7.07 -9.79 7.50
C ILE A 201 7.26 -11.19 8.06
N LYS A 202 8.06 -12.00 7.37
CA LYS A 202 8.33 -13.36 7.81
C LYS A 202 9.10 -13.38 9.12
N THR A 203 9.43 -14.58 9.59
CA THR A 203 10.18 -14.73 10.84
C THR A 203 9.40 -14.14 12.00
N ALA A 204 8.71 -15.00 12.75
CA ALA A 204 7.93 -14.57 13.90
C ALA A 204 8.83 -14.26 15.08
N LYS A 51 4.96 -8.49 -13.37
CA LYS A 51 3.99 -9.03 -12.39
C LYS A 51 3.47 -7.95 -11.44
N THR A 52 4.39 -7.12 -10.95
CA THR A 52 4.04 -6.03 -10.05
C THR A 52 3.12 -5.01 -10.74
N GLN A 53 3.56 -4.54 -11.90
CA GLN A 53 2.78 -3.56 -12.66
C GLN A 53 1.43 -4.14 -13.07
N SER A 54 1.44 -5.38 -13.55
CA SER A 54 0.22 -6.05 -13.97
C SER A 54 -0.75 -6.20 -12.80
N ASP A 55 -0.20 -6.44 -11.63
CA ASP A 55 -1.02 -6.62 -10.42
C ASP A 55 -1.78 -5.34 -10.09
N LEU A 56 -1.14 -4.20 -10.32
CA LEU A 56 -1.75 -2.91 -10.04
C LEU A 56 -3.02 -2.72 -10.86
N GLN A 57 -2.90 -2.80 -12.17
CA GLN A 57 -4.05 -2.63 -13.07
C GLN A 57 -5.13 -3.67 -12.76
N LYS A 58 -4.72 -4.93 -12.67
CA LYS A 58 -5.64 -6.02 -12.39
C LYS A 58 -6.37 -5.78 -11.07
N PHE A 59 -5.68 -5.18 -10.11
CA PHE A 59 -6.28 -4.91 -8.81
C PHE A 59 -7.34 -3.83 -8.91
N MET A 60 -7.17 -2.91 -9.87
CA MET A 60 -8.14 -1.84 -10.06
C MET A 60 -9.51 -2.43 -10.35
N THR A 61 -9.57 -3.23 -11.41
CA THR A 61 -10.81 -3.87 -11.80
C THR A 61 -11.32 -4.76 -10.68
N GLN A 62 -10.41 -5.17 -9.79
CA GLN A 62 -10.77 -6.02 -8.67
C GLN A 62 -11.62 -5.26 -7.66
N LEU A 63 -11.32 -3.97 -7.49
CA LEU A 63 -12.06 -3.13 -6.55
C LEU A 63 -13.48 -2.92 -7.04
N ASP A 64 -13.61 -2.31 -8.22
CA ASP A 64 -14.92 -2.04 -8.80
C ASP A 64 -15.75 -3.32 -8.94
N HIS A 65 -15.06 -4.45 -9.11
CA HIS A 65 -15.73 -5.72 -9.27
C HIS A 65 -16.05 -6.36 -7.91
N LEU A 66 -15.07 -6.33 -7.00
CA LEU A 66 -15.25 -6.90 -5.68
C LEU A 66 -16.34 -6.18 -4.90
N ILE A 67 -16.30 -4.86 -4.92
CA ILE A 67 -17.28 -4.06 -4.22
C ILE A 67 -18.67 -4.20 -4.84
N LYS A 68 -18.76 -4.01 -6.15
CA LYS A 68 -20.03 -4.14 -6.86
C LYS A 68 -20.75 -5.44 -6.51
N ASP A 69 -19.97 -6.46 -6.14
CA ASP A 69 -20.53 -7.76 -5.78
C ASP A 69 -20.48 -8.01 -4.28
N ASP A 70 -19.94 -7.05 -3.53
CA ASP A 70 -19.83 -7.19 -2.08
C ASP A 70 -20.39 -5.96 -1.36
N ILE A 71 -19.72 -4.83 -1.54
CA ILE A 71 -20.14 -3.59 -0.88
C ILE A 71 -20.80 -2.64 -1.88
N SER A 72 -20.93 -1.36 -1.51
CA SER A 72 -21.55 -0.37 -2.37
C SER A 72 -21.25 1.05 -1.87
N ASN A 73 -21.35 1.23 -0.56
CA ASN A 73 -21.10 2.54 0.05
C ASN A 73 -19.61 2.89 -0.03
N THR A 74 -18.77 1.87 -0.01
CA THR A 74 -17.32 2.07 -0.07
C THR A 74 -16.86 2.40 -1.48
N GLN A 75 -17.79 2.37 -2.44
CA GLN A 75 -17.48 2.68 -3.83
C GLN A 75 -16.62 3.93 -3.95
N GLU A 76 -16.79 4.85 -3.00
CA GLU A 76 -16.03 6.09 -3.00
C GLU A 76 -14.60 5.84 -2.49
N ILE A 77 -14.49 4.98 -1.48
CA ILE A 77 -13.20 4.65 -0.91
C ILE A 77 -12.34 3.90 -1.91
N ILE A 78 -12.84 2.75 -2.36
CA ILE A 78 -12.13 1.94 -3.34
C ILE A 78 -11.80 2.76 -4.57
N LYS A 79 -12.64 3.76 -4.85
CA LYS A 79 -12.44 4.64 -5.99
C LYS A 79 -11.09 5.33 -5.89
N ASP A 80 -10.76 5.82 -4.70
CA ASP A 80 -9.49 6.49 -4.49
C ASP A 80 -8.33 5.50 -4.56
N VAL A 81 -8.60 4.27 -4.15
CA VAL A 81 -7.58 3.22 -4.17
C VAL A 81 -7.15 2.95 -5.61
N LEU A 82 -8.10 2.49 -6.43
CA LEU A 82 -7.83 2.21 -7.83
C LEU A 82 -7.12 3.38 -8.48
N GLU A 83 -7.65 4.57 -8.26
CA GLU A 83 -7.08 5.79 -8.81
C GLU A 83 -5.62 5.93 -8.40
N TYR A 84 -5.31 5.50 -7.19
CA TYR A 84 -3.95 5.56 -6.68
C TYR A 84 -3.09 4.48 -7.37
N LEU A 85 -3.66 3.30 -7.53
CA LEU A 85 -2.97 2.20 -8.18
C LEU A 85 -2.44 2.63 -9.54
N LYS A 86 -3.26 3.40 -10.25
CA LYS A 86 -2.89 3.90 -11.57
C LYS A 86 -1.73 4.87 -11.46
N LYS A 87 -1.78 5.71 -10.43
CA LYS A 87 -0.72 6.68 -10.20
C LYS A 87 0.58 5.97 -9.85
N LEU A 88 0.48 5.03 -8.91
CA LEU A 88 1.64 4.25 -8.50
C LEU A 88 2.08 3.32 -9.63
N ASP A 89 1.16 3.05 -10.55
CA ASP A 89 1.44 2.17 -11.68
C ASP A 89 2.40 2.83 -12.64
N GLU A 90 2.33 4.16 -12.72
CA GLU A 90 3.22 4.93 -13.61
C GLU A 90 4.60 5.08 -12.99
N ILE A 91 4.64 5.20 -11.67
CA ILE A 91 5.90 5.36 -10.96
C ILE A 91 6.81 4.16 -11.19
N TYR A 92 6.29 2.97 -10.94
CA TYR A 92 7.05 1.74 -11.12
C TYR A 92 7.76 1.72 -12.47
N GLY A 93 7.15 2.35 -13.47
CA GLY A 93 7.73 2.39 -14.79
C GLY A 93 8.80 3.45 -14.93
N SER A 94 8.69 4.51 -14.11
CA SER A 94 9.65 5.59 -14.14
C SER A 94 10.26 5.82 -12.77
N LEU A 95 10.58 4.73 -12.08
CA LEU A 95 11.16 4.80 -10.75
C LEU A 95 12.68 4.92 -10.83
N ARG A 96 13.19 6.11 -10.52
CA ARG A 96 14.63 6.35 -10.56
C ARG A 96 14.97 7.73 -9.98
N ASN A 97 14.64 8.77 -10.72
CA ASN A 97 14.90 10.14 -10.29
C ASN A 97 14.14 10.46 -9.00
N HIS A 98 14.28 11.69 -8.52
CA HIS A 98 13.61 12.12 -7.30
C HIS A 98 12.34 12.89 -7.63
N SER A 99 11.72 12.55 -8.76
CA SER A 99 10.49 13.21 -9.19
C SER A 99 9.29 12.27 -9.05
N GLN A 100 9.48 11.03 -9.50
CA GLN A 100 8.42 10.03 -9.43
C GLN A 100 8.54 9.20 -8.16
N LEU A 101 9.77 8.90 -7.76
CA LEU A 101 10.03 8.11 -6.57
C LEU A 101 9.41 8.78 -5.33
N THR A 102 9.62 10.09 -5.21
CA THR A 102 9.10 10.84 -4.08
C THR A 102 7.58 10.67 -3.99
N GLU A 103 6.91 10.81 -5.12
CA GLU A 103 5.46 10.66 -5.18
C GLU A 103 5.04 9.25 -4.79
N ALA A 104 5.94 8.30 -5.00
CA ALA A 104 5.67 6.90 -4.67
C ALA A 104 5.60 6.71 -3.16
N LEU A 105 6.41 7.46 -2.45
CA LEU A 105 6.45 7.37 -0.98
C LEU A 105 5.21 8.04 -0.39
N SER A 106 4.85 9.17 -0.96
CA SER A 106 3.68 9.92 -0.51
C SER A 106 2.42 9.08 -0.62
N LEU A 107 2.19 8.50 -1.80
CA LEU A 107 1.03 7.66 -2.04
C LEU A 107 0.93 6.59 -0.96
N GLY A 108 2.06 5.96 -0.65
CA GLY A 108 2.06 4.94 0.38
C GLY A 108 1.50 5.48 1.68
N LYS A 109 1.78 6.74 1.96
CA LYS A 109 1.29 7.40 3.17
C LYS A 109 -0.19 7.80 3.01
N ARG A 110 -0.46 8.66 2.02
CA ARG A 110 -1.82 9.12 1.77
C ARG A 110 -2.75 7.94 1.54
N LEU A 111 -2.32 7.02 0.67
CA LEU A 111 -3.11 5.84 0.37
C LEU A 111 -3.45 5.06 1.64
N SER A 112 -2.48 4.98 2.55
CA SER A 112 -2.67 4.28 3.81
C SER A 112 -3.85 4.86 4.57
N LYS A 113 -4.01 6.18 4.48
CA LYS A 113 -5.11 6.85 5.15
C LYS A 113 -6.45 6.34 4.65
N SER A 114 -6.55 6.18 3.33
CA SER A 114 -7.77 5.67 2.71
C SER A 114 -8.09 4.27 3.23
N LEU A 115 -7.04 3.50 3.52
CA LEU A 115 -7.19 2.15 4.02
C LEU A 115 -7.91 2.15 5.36
N HIS A 116 -7.50 3.07 6.24
CA HIS A 116 -8.12 3.19 7.57
C HIS A 116 -9.61 3.47 7.42
N GLU A 117 -9.97 4.19 6.36
CA GLU A 117 -11.37 4.52 6.11
C GLU A 117 -12.14 3.31 5.62
N MET A 118 -11.42 2.36 5.03
CA MET A 118 -12.04 1.14 4.52
C MET A 118 -12.68 0.35 5.65
N CYS A 119 -11.85 -0.06 6.61
CA CYS A 119 -12.32 -0.81 7.77
C CYS A 119 -12.79 0.12 8.88
N GLY A 120 -12.22 1.32 8.91
CA GLY A 120 -12.57 2.29 9.93
C GLY A 120 -14.07 2.45 10.13
N ILE A 121 -14.81 2.53 9.04
CA ILE A 121 -16.26 2.67 9.10
C ILE A 121 -16.97 1.67 8.19
N GLU A 122 -16.98 1.94 6.89
CA GLU A 122 -17.62 1.06 5.92
C GLU A 122 -17.08 -0.36 6.05
N PRO A 123 -17.78 -1.35 5.47
CA PRO A 123 -17.37 -2.76 5.53
C PRO A 123 -15.89 -2.93 5.19
N LEU A 124 -15.29 -3.98 5.74
CA LEU A 124 -13.89 -4.27 5.51
C LEU A 124 -13.70 -5.36 4.45
N GLU A 125 -13.31 -4.94 3.25
CA GLU A 125 -13.09 -5.89 2.16
C GLU A 125 -11.73 -6.54 2.27
N GLU A 126 -11.71 -7.81 2.66
CA GLU A 126 -10.46 -8.55 2.80
C GLU A 126 -9.69 -8.59 1.49
N GLU A 127 -10.40 -8.74 0.38
CA GLU A 127 -9.77 -8.79 -0.92
C GLU A 127 -9.01 -7.50 -1.20
N ILE A 128 -9.72 -6.38 -1.08
CA ILE A 128 -9.10 -5.07 -1.29
C ILE A 128 -8.05 -4.82 -0.23
N CYS A 129 -8.40 -5.08 1.03
CA CYS A 129 -7.47 -4.89 2.13
C CYS A 129 -6.22 -5.76 1.94
N SER A 130 -6.40 -6.89 1.26
CA SER A 130 -5.30 -7.80 0.99
C SER A 130 -4.40 -7.25 -0.11
N GLY A 131 -5.01 -6.54 -1.05
CA GLY A 131 -4.24 -5.97 -2.15
C GLY A 131 -3.46 -4.73 -1.74
N LEU A 132 -4.12 -3.85 -1.00
CA LEU A 132 -3.47 -2.62 -0.54
C LEU A 132 -2.22 -2.94 0.27
N ILE A 133 -2.31 -3.96 1.11
CA ILE A 133 -1.18 -4.38 1.92
C ILE A 133 -0.06 -4.93 1.06
N GLU A 134 -0.42 -5.62 -0.01
CA GLU A 134 0.57 -6.19 -0.92
C GLU A 134 1.16 -5.11 -1.83
N GLN A 135 0.30 -4.23 -2.33
CA GLN A 135 0.74 -3.15 -3.20
C GLN A 135 1.69 -2.22 -2.48
N LEU A 136 1.41 -1.96 -1.21
CA LEU A 136 2.24 -1.09 -0.39
C LEU A 136 3.58 -1.75 -0.10
N TYR A 137 3.58 -3.07 0.02
CA TYR A 137 4.80 -3.82 0.30
C TYR A 137 5.69 -3.89 -0.94
N LYS A 138 5.08 -3.77 -2.11
CA LYS A 138 5.83 -3.81 -3.36
C LYS A 138 6.54 -2.49 -3.60
N LEU A 139 5.92 -1.40 -3.14
CA LEU A 139 6.51 -0.07 -3.29
C LEU A 139 7.56 0.17 -2.21
N ILE A 140 7.35 -0.44 -1.05
CA ILE A 140 8.29 -0.29 0.06
C ILE A 140 9.61 -1.00 -0.23
N THR A 141 9.52 -2.06 -1.03
CA THR A 141 10.71 -2.84 -1.38
C THR A 141 11.47 -2.17 -2.52
N ALA A 142 10.73 -1.56 -3.45
CA ALA A 142 11.34 -0.89 -4.59
C ALA A 142 11.96 0.44 -4.16
N SER A 143 11.16 1.30 -3.55
CA SER A 143 11.63 2.60 -3.08
C SER A 143 12.80 2.43 -2.12
N ARG A 144 12.64 1.53 -1.16
CA ARG A 144 13.68 1.28 -0.17
C ARG A 144 14.99 0.88 -0.85
N ARG A 145 14.88 0.13 -1.93
CA ARG A 145 16.05 -0.33 -2.67
C ARG A 145 16.77 0.86 -3.31
N ILE A 146 16.03 1.92 -3.59
CA ILE A 146 16.61 3.12 -4.20
C ILE A 146 17.46 3.88 -3.19
N LEU A 147 16.95 4.02 -1.97
CA LEU A 147 17.66 4.73 -0.93
C LEU A 147 19.00 4.06 -0.64
N GLU A 148 18.98 2.73 -0.53
CA GLU A 148 20.20 1.97 -0.26
C GLU A 148 21.19 2.10 -1.41
N SER A 149 20.67 2.25 -2.63
CA SER A 149 21.50 2.37 -3.81
C SER A 149 22.41 3.59 -3.70
N CYS A 150 21.88 4.67 -3.13
CA CYS A 150 22.64 5.90 -2.96
C CYS A 150 23.61 5.79 -1.80
N ALA A 151 23.17 5.12 -0.73
CA ALA A 151 24.01 4.94 0.45
C ALA A 151 24.41 6.27 1.05
N ASP A 152 25.21 6.22 2.11
CA ASP A 152 25.67 7.43 2.79
C ASP A 152 24.48 8.23 3.33
N SER A 153 24.74 9.05 4.34
CA SER A 153 23.70 9.87 4.95
C SER A 153 24.25 11.25 5.32
N ASN A 154 24.34 12.13 4.34
CA ASN A 154 24.84 13.48 4.56
C ASN A 154 24.28 14.45 3.51
N SER A 155 24.33 14.04 2.25
CA SER A 155 23.84 14.87 1.15
C SER A 155 22.36 15.17 1.34
N PRO A 156 21.88 16.30 0.77
CA PRO A 156 20.48 16.71 0.87
C PRO A 156 19.55 15.78 0.08
N TYR A 157 20.09 15.20 -1.00
CA TYR A 157 19.31 14.31 -1.84
C TYR A 157 18.86 13.07 -1.05
N ILE A 158 19.80 12.43 -0.37
CA ILE A 158 19.50 11.25 0.43
C ILE A 158 18.64 11.61 1.64
N HIS A 159 18.92 12.76 2.23
CA HIS A 159 18.18 13.22 3.40
C HIS A 159 16.70 13.41 3.06
N HIS A 160 16.44 14.00 1.89
CA HIS A 160 15.07 14.24 1.45
C HIS A 160 14.31 12.92 1.32
N LEU A 161 14.98 11.91 0.79
CA LEU A 161 14.36 10.60 0.62
C LEU A 161 14.01 9.97 1.96
N ARG A 162 14.85 10.24 2.96
CA ARG A 162 14.63 9.71 4.31
C ARG A 162 13.38 10.33 4.94
N ASN A 163 13.03 11.53 4.48
CA ASN A 163 11.87 12.23 5.01
C ASN A 163 10.58 11.65 4.43
N ASP A 164 10.55 11.56 3.10
CA ASP A 164 9.38 11.01 2.42
C ASP A 164 9.29 9.50 2.63
N TYR A 165 10.42 8.89 2.98
CA TYR A 165 10.46 7.44 3.21
C TYR A 165 10.02 7.11 4.64
N GLN A 166 10.48 7.90 5.60
CA GLN A 166 10.13 7.67 7.00
C GLN A 166 8.63 7.78 7.20
N ASP A 167 7.98 8.64 6.42
CA ASP A 167 6.54 8.82 6.50
C ASP A 167 5.80 7.65 5.84
N LEU A 168 6.33 7.21 4.71
CA LEU A 168 5.74 6.09 3.98
C LEU A 168 5.77 4.83 4.82
N LEU A 169 6.96 4.46 5.28
CA LEU A 169 7.13 3.26 6.10
C LEU A 169 6.27 3.34 7.36
N GLN A 170 6.06 4.56 7.85
CA GLN A 170 5.25 4.76 9.04
C GLN A 170 3.81 4.34 8.79
N GLU A 171 3.17 4.99 7.83
CA GLU A 171 1.79 4.68 7.48
C GLU A 171 1.64 3.19 7.18
N PHE A 172 2.69 2.59 6.65
CA PHE A 172 2.68 1.16 6.33
C PHE A 172 2.40 0.34 7.59
N GLN A 173 3.01 0.76 8.70
CA GLN A 173 2.82 0.07 9.97
C GLN A 173 1.48 0.44 10.59
N ILE A 174 1.02 1.66 10.32
CA ILE A 174 -0.25 2.14 10.83
C ILE A 174 -1.40 1.30 10.29
N SER A 175 -1.41 1.08 8.98
CA SER A 175 -2.46 0.29 8.34
C SER A 175 -2.46 -1.14 8.87
N LEU A 176 -1.28 -1.73 8.97
CA LEU A 176 -1.14 -3.09 9.47
C LEU A 176 -1.58 -3.19 10.92
N LYS A 177 -1.39 -2.11 11.67
CA LYS A 177 -1.77 -2.07 13.08
C LYS A 177 -3.28 -2.17 13.23
N ILE A 178 -4.01 -1.55 12.31
CA ILE A 178 -5.47 -1.56 12.34
C ILE A 178 -6.01 -2.82 11.69
N LEU A 179 -5.28 -3.35 10.72
CA LEU A 179 -5.69 -4.56 10.01
C LEU A 179 -5.39 -5.81 10.83
N THR A 180 -4.35 -5.74 11.64
CA THR A 180 -3.94 -6.88 12.47
C THR A 180 -4.89 -7.04 13.66
N GLU A 181 -5.16 -5.94 14.35
CA GLU A 181 -6.06 -5.97 15.51
C GLU A 181 -7.43 -6.51 15.12
N LYS A 182 -8.01 -5.91 14.08
CA LYS A 182 -9.33 -6.32 13.61
C LYS A 182 -9.32 -7.78 13.16
N CYS A 183 -8.20 -8.21 12.59
CA CYS A 183 -8.05 -9.59 12.12
C CYS A 183 -7.80 -10.53 13.29
N LEU A 184 -7.15 -10.02 14.34
CA LEU A 184 -6.84 -10.81 15.52
C LEU A 184 -8.11 -11.21 16.26
N GLU A 185 -9.21 -10.52 15.96
CA GLU A 185 -10.49 -10.81 16.60
C GLU A 185 -11.19 -11.98 15.92
N ASN A 186 -10.97 -12.11 14.62
CA ASN A 186 -11.57 -13.18 13.83
C ASN A 186 -10.54 -13.84 12.92
N PRO A 187 -9.53 -14.51 13.49
CA PRO A 187 -8.48 -15.19 12.72
C PRO A 187 -9.04 -16.25 11.80
N SER A 188 -9.81 -17.17 12.37
CA SER A 188 -10.41 -18.26 11.60
C SER A 188 -11.27 -17.71 10.46
N SER A 189 -11.96 -16.60 10.72
CA SER A 189 -12.81 -15.98 9.72
C SER A 189 -12.01 -15.55 8.50
N LEU A 190 -11.13 -14.59 8.68
CA LEU A 190 -10.30 -14.08 7.59
C LEU A 190 -8.86 -14.56 7.76
N GLN A 191 -8.53 -15.69 7.13
CA GLN A 191 -7.19 -16.24 7.21
C GLN A 191 -6.30 -15.68 6.09
N ASN A 192 -6.92 -15.33 4.97
CA ASN A 192 -6.19 -14.79 3.83
C ASN A 192 -5.46 -13.51 4.22
N LEU A 193 -6.08 -12.72 5.08
CA LEU A 193 -5.49 -11.47 5.53
C LEU A 193 -4.24 -11.72 6.37
N SER A 194 -4.42 -12.45 7.47
CA SER A 194 -3.31 -12.77 8.37
C SER A 194 -2.16 -13.40 7.59
N LEU A 195 -2.47 -14.16 6.56
CA LEU A 195 -1.46 -14.81 5.74
C LEU A 195 -0.60 -13.79 5.03
N THR A 196 -1.24 -12.80 4.40
CA THR A 196 -0.53 -11.76 3.69
C THR A 196 0.40 -11.00 4.62
N LEU A 197 0.00 -10.87 5.87
CA LEU A 197 0.80 -10.18 6.87
C LEU A 197 2.13 -10.91 7.11
N VAL A 198 2.04 -12.22 7.25
CA VAL A 198 3.22 -13.04 7.49
C VAL A 198 4.16 -13.02 6.28
N SER A 199 3.62 -12.66 5.12
CA SER A 199 4.42 -12.60 3.89
C SER A 199 5.23 -11.32 3.84
N ILE A 200 4.54 -10.19 3.94
CA ILE A 200 5.20 -8.89 3.90
C ILE A 200 6.25 -8.77 5.00
N ILE A 201 6.04 -9.47 6.10
CA ILE A 201 6.97 -9.44 7.22
C ILE A 201 7.52 -10.84 7.51
N LYS A 202 8.82 -11.01 7.28
CA LYS A 202 9.46 -12.30 7.53
C LYS A 202 10.99 -12.15 7.48
N THR A 203 11.68 -13.25 7.79
CA THR A 203 13.15 -13.25 7.79
C THR A 203 13.71 -12.02 8.49
N ALA A 204 13.08 -11.62 9.60
CA ALA A 204 13.52 -10.46 10.35
C ALA A 204 14.14 -10.86 11.68
N LYS A 51 5.72 -7.55 -13.30
CA LYS A 51 4.88 -8.24 -12.30
C LYS A 51 4.15 -7.24 -11.41
N THR A 52 4.91 -6.36 -10.77
CA THR A 52 4.33 -5.35 -9.89
C THR A 52 3.42 -4.41 -10.66
N GLN A 53 3.81 -4.09 -11.89
CA GLN A 53 3.01 -3.21 -12.74
C GLN A 53 1.70 -3.86 -13.14
N SER A 54 1.77 -5.11 -13.57
CA SER A 54 0.59 -5.84 -13.99
C SER A 54 -0.36 -6.06 -12.81
N ASP A 55 0.21 -6.19 -11.61
CA ASP A 55 -0.58 -6.40 -10.41
C ASP A 55 -1.39 -5.15 -10.06
N LEU A 56 -0.80 -3.98 -10.30
CA LEU A 56 -1.46 -2.72 -10.01
C LEU A 56 -2.72 -2.56 -10.86
N GLN A 57 -2.55 -2.62 -12.17
CA GLN A 57 -3.66 -2.47 -13.10
C GLN A 57 -4.76 -3.50 -12.83
N LYS A 58 -4.35 -4.75 -12.67
CA LYS A 58 -5.30 -5.83 -12.41
C LYS A 58 -6.01 -5.64 -11.08
N PHE A 59 -5.30 -5.13 -10.09
CA PHE A 59 -5.86 -4.91 -8.77
C PHE A 59 -6.93 -3.82 -8.80
N MET A 60 -6.76 -2.84 -9.68
CA MET A 60 -7.70 -1.74 -9.80
C MET A 60 -9.07 -2.28 -10.22
N THR A 61 -9.10 -2.97 -11.35
CA THR A 61 -10.33 -3.55 -11.86
C THR A 61 -10.93 -4.51 -10.85
N GLN A 62 -10.08 -5.01 -9.95
CA GLN A 62 -10.54 -5.94 -8.92
C GLN A 62 -11.36 -5.22 -7.86
N LEU A 63 -11.01 -3.96 -7.62
CA LEU A 63 -11.72 -3.15 -6.62
C LEU A 63 -13.14 -2.86 -7.09
N ASP A 64 -13.26 -2.17 -8.23
CA ASP A 64 -14.56 -1.81 -8.77
C ASP A 64 -15.43 -3.05 -8.98
N HIS A 65 -14.80 -4.20 -9.19
CA HIS A 65 -15.53 -5.44 -9.40
C HIS A 65 -15.83 -6.15 -8.08
N LEU A 66 -14.84 -6.23 -7.20
CA LEU A 66 -15.00 -6.88 -5.91
C LEU A 66 -16.12 -6.23 -5.10
N ILE A 67 -16.17 -4.90 -5.11
CA ILE A 67 -17.19 -4.17 -4.37
C ILE A 67 -18.55 -4.23 -5.06
N LYS A 68 -18.56 -3.92 -6.35
CA LYS A 68 -19.80 -3.94 -7.13
C LYS A 68 -20.62 -5.20 -6.85
N ASP A 69 -19.94 -6.27 -6.50
CA ASP A 69 -20.61 -7.55 -6.21
C ASP A 69 -20.85 -7.72 -4.71
N ASP A 70 -20.06 -7.02 -3.90
CA ASP A 70 -20.19 -7.11 -2.45
C ASP A 70 -20.95 -5.91 -1.87
N ILE A 71 -20.28 -4.77 -1.79
CA ILE A 71 -20.89 -3.56 -1.25
C ILE A 71 -21.13 -2.52 -2.36
N SER A 72 -21.42 -1.29 -1.95
CA SER A 72 -21.68 -0.21 -2.90
C SER A 72 -21.27 1.14 -2.33
N ASN A 73 -21.67 1.39 -1.07
CA ASN A 73 -21.35 2.65 -0.41
C ASN A 73 -19.84 2.87 -0.35
N THR A 74 -19.09 1.77 -0.22
CA THR A 74 -17.64 1.84 -0.14
C THR A 74 -17.02 2.07 -1.52
N GLN A 75 -17.85 2.09 -2.55
CA GLN A 75 -17.37 2.30 -3.92
C GLN A 75 -16.51 3.55 -4.01
N GLU A 76 -16.92 4.60 -3.30
CA GLU A 76 -16.17 5.86 -3.31
C GLU A 76 -14.79 5.66 -2.71
N ILE A 77 -14.71 4.83 -1.68
CA ILE A 77 -13.44 4.55 -1.01
C ILE A 77 -12.51 3.77 -1.94
N ILE A 78 -12.96 2.60 -2.37
CA ILE A 78 -12.18 1.78 -3.27
C ILE A 78 -11.82 2.56 -4.53
N LYS A 79 -12.68 3.53 -4.87
CA LYS A 79 -12.46 4.37 -6.04
C LYS A 79 -11.13 5.11 -5.92
N ASP A 80 -10.86 5.64 -4.73
CA ASP A 80 -9.61 6.37 -4.49
C ASP A 80 -8.44 5.40 -4.49
N VAL A 81 -8.67 4.18 -4.06
CA VAL A 81 -7.63 3.16 -4.03
C VAL A 81 -7.15 2.86 -5.45
N LEU A 82 -8.06 2.36 -6.27
CA LEU A 82 -7.75 2.05 -7.66
C LEU A 82 -7.05 3.22 -8.32
N GLU A 83 -7.63 4.40 -8.14
CA GLU A 83 -7.09 5.62 -8.71
C GLU A 83 -5.62 5.78 -8.29
N TYR A 84 -5.34 5.50 -7.02
CA TYR A 84 -3.98 5.59 -6.51
C TYR A 84 -3.09 4.54 -7.17
N LEU A 85 -3.62 3.34 -7.33
CA LEU A 85 -2.89 2.25 -7.96
C LEU A 85 -2.39 2.67 -9.34
N LYS A 86 -3.22 3.41 -10.06
CA LYS A 86 -2.86 3.89 -11.38
C LYS A 86 -1.73 4.90 -11.28
N LYS A 87 -1.82 5.77 -10.27
CA LYS A 87 -0.79 6.78 -10.05
C LYS A 87 0.52 6.09 -9.71
N LEU A 88 0.48 5.18 -8.73
CA LEU A 88 1.67 4.44 -8.33
C LEU A 88 2.16 3.58 -9.49
N ASP A 89 1.28 3.34 -10.46
CA ASP A 89 1.63 2.53 -11.62
C ASP A 89 2.67 3.24 -12.49
N GLU A 90 2.49 4.54 -12.66
CA GLU A 90 3.41 5.35 -13.46
C GLU A 90 4.74 5.54 -12.75
N ILE A 91 4.70 5.58 -11.42
CA ILE A 91 5.91 5.77 -10.62
C ILE A 91 6.87 4.61 -10.82
N TYR A 92 6.36 3.40 -10.64
CA TYR A 92 7.17 2.18 -10.80
C TYR A 92 7.99 2.24 -12.09
N GLY A 93 7.47 2.94 -13.09
CA GLY A 93 8.16 3.06 -14.36
C GLY A 93 9.04 4.29 -14.44
N SER A 94 8.71 5.30 -13.66
CA SER A 94 9.47 6.55 -13.64
C SER A 94 10.12 6.78 -12.27
N LEU A 95 10.60 5.70 -11.67
CA LEU A 95 11.24 5.78 -10.36
C LEU A 95 12.61 6.43 -10.47
N ARG A 96 13.37 6.04 -11.49
CA ARG A 96 14.71 6.59 -11.70
C ARG A 96 14.66 8.09 -11.95
N ASN A 97 13.48 8.60 -12.30
CA ASN A 97 13.29 10.02 -12.56
C ASN A 97 13.85 10.89 -11.43
N HIS A 98 13.92 10.31 -10.23
CA HIS A 98 14.41 11.03 -9.06
C HIS A 98 13.46 12.17 -8.67
N SER A 99 12.20 12.01 -9.04
CA SER A 99 11.18 13.01 -8.74
C SER A 99 9.83 12.35 -8.49
N GLN A 100 9.49 11.37 -9.33
CA GLN A 100 8.23 10.65 -9.21
C GLN A 100 8.29 9.66 -8.05
N LEU A 101 9.48 9.12 -7.78
CA LEU A 101 9.66 8.15 -6.71
C LEU A 101 9.25 8.74 -5.36
N THR A 102 9.57 10.03 -5.18
CA THR A 102 9.23 10.71 -3.93
C THR A 102 7.72 10.68 -3.70
N GLU A 103 6.97 10.74 -4.79
CA GLU A 103 5.51 10.72 -4.72
C GLU A 103 5.02 9.31 -4.37
N ALA A 104 5.76 8.31 -4.85
CA ALA A 104 5.41 6.92 -4.59
C ALA A 104 5.37 6.63 -3.09
N LEU A 105 6.24 7.31 -2.37
CA LEU A 105 6.32 7.17 -0.92
C LEU A 105 5.16 7.89 -0.25
N SER A 106 4.88 9.08 -0.78
CA SER A 106 3.79 9.90 -0.25
C SER A 106 2.47 9.15 -0.35
N LEU A 107 2.25 8.48 -1.48
CA LEU A 107 1.03 7.72 -1.71
C LEU A 107 0.87 6.65 -0.64
N GLY A 108 1.92 5.87 -0.40
CA GLY A 108 1.85 4.83 0.61
C GLY A 108 1.33 5.37 1.93
N LYS A 109 1.70 6.61 2.24
CA LYS A 109 1.26 7.26 3.47
C LYS A 109 -0.20 7.71 3.37
N ARG A 110 -0.47 8.61 2.42
CA ARG A 110 -1.82 9.13 2.24
C ARG A 110 -2.78 8.00 1.88
N LEU A 111 -2.29 7.04 1.11
CA LEU A 111 -3.11 5.91 0.71
C LEU A 111 -3.50 5.09 1.94
N SER A 112 -2.60 5.07 2.92
CA SER A 112 -2.85 4.34 4.16
C SER A 112 -4.07 4.92 4.87
N LYS A 113 -4.19 6.25 4.83
CA LYS A 113 -5.31 6.93 5.45
C LYS A 113 -6.61 6.47 4.84
N SER A 114 -6.60 6.27 3.52
CA SER A 114 -7.78 5.82 2.80
C SER A 114 -8.10 4.37 3.16
N LEU A 115 -7.05 3.59 3.39
CA LEU A 115 -7.20 2.18 3.75
C LEU A 115 -7.86 2.05 5.12
N HIS A 116 -7.42 2.89 6.06
CA HIS A 116 -7.97 2.85 7.41
C HIS A 116 -9.47 3.12 7.39
N GLU A 117 -9.88 4.05 6.52
CA GLU A 117 -11.30 4.41 6.41
C GLU A 117 -12.05 3.32 5.65
N MET A 118 -11.36 2.62 4.76
CA MET A 118 -11.95 1.55 3.97
C MET A 118 -12.55 0.48 4.88
N CYS A 119 -11.74 -0.02 5.79
CA CYS A 119 -12.18 -1.05 6.73
C CYS A 119 -12.84 -0.43 7.96
N GLY A 120 -12.51 0.82 8.24
CA GLY A 120 -13.07 1.49 9.39
C GLY A 120 -14.23 2.40 9.03
N ILE A 121 -15.21 1.86 8.31
CA ILE A 121 -16.38 2.63 7.90
C ILE A 121 -17.67 1.85 8.14
N GLU A 122 -17.82 0.72 7.43
CA GLU A 122 -19.00 -0.11 7.58
C GLU A 122 -18.74 -1.55 7.11
N PRO A 123 -18.51 -1.76 5.80
CA PRO A 123 -18.25 -3.10 5.26
C PRO A 123 -16.82 -3.56 5.53
N LEU A 124 -16.62 -4.88 5.50
CA LEU A 124 -15.29 -5.46 5.74
C LEU A 124 -14.77 -6.11 4.45
N GLU A 125 -13.72 -5.52 3.88
CA GLU A 125 -13.13 -6.04 2.66
C GLU A 125 -11.76 -6.68 2.93
N GLU A 126 -11.69 -7.99 2.73
CA GLU A 126 -10.43 -8.70 2.95
C GLU A 126 -9.59 -8.70 1.69
N GLU A 127 -10.20 -9.04 0.55
CA GLU A 127 -9.49 -9.05 -0.71
C GLU A 127 -8.87 -7.70 -1.00
N ILE A 128 -9.62 -6.64 -0.69
CA ILE A 128 -9.13 -5.29 -0.90
C ILE A 128 -7.99 -4.99 0.06
N CYS A 129 -8.25 -5.17 1.34
CA CYS A 129 -7.24 -4.95 2.37
C CYS A 129 -6.00 -5.79 2.09
N SER A 130 -6.19 -6.89 1.37
CA SER A 130 -5.10 -7.78 1.03
C SER A 130 -4.24 -7.20 -0.09
N GLY A 131 -4.90 -6.61 -1.08
CA GLY A 131 -4.18 -6.01 -2.20
C GLY A 131 -3.40 -4.79 -1.79
N LEU A 132 -4.05 -3.85 -1.12
CA LEU A 132 -3.39 -2.62 -0.68
C LEU A 132 -2.18 -2.94 0.19
N ILE A 133 -2.31 -3.99 1.00
CA ILE A 133 -1.23 -4.42 1.88
C ILE A 133 -0.05 -4.94 1.08
N GLU A 134 -0.34 -5.70 0.02
CA GLU A 134 0.69 -6.27 -0.84
C GLU A 134 1.31 -5.19 -1.71
N GLN A 135 0.48 -4.33 -2.27
CA GLN A 135 0.94 -3.25 -3.14
C GLN A 135 1.94 -2.36 -2.41
N LEU A 136 1.59 -1.95 -1.20
CA LEU A 136 2.47 -1.11 -0.40
C LEU A 136 3.81 -1.80 -0.14
N TYR A 137 3.75 -3.11 0.05
CA TYR A 137 4.95 -3.89 0.31
C TYR A 137 5.82 -3.99 -0.95
N LYS A 138 5.21 -3.75 -2.11
CA LYS A 138 5.94 -3.81 -3.37
C LYS A 138 6.65 -2.49 -3.62
N LEU A 139 6.03 -1.40 -3.19
CA LEU A 139 6.61 -0.07 -3.35
C LEU A 139 7.65 0.19 -2.27
N ILE A 140 7.48 -0.45 -1.12
CA ILE A 140 8.40 -0.29 -0.01
C ILE A 140 9.72 -1.01 -0.29
N THR A 141 9.63 -2.16 -0.94
CA THR A 141 10.81 -2.95 -1.28
C THR A 141 11.47 -2.41 -2.53
N ALA A 142 10.66 -2.03 -3.52
CA ALA A 142 11.18 -1.50 -4.77
C ALA A 142 11.91 -0.19 -4.53
N SER A 143 11.22 0.78 -3.94
CA SER A 143 11.82 2.08 -3.64
C SER A 143 13.06 1.93 -2.79
N ARG A 144 13.03 0.98 -1.85
CA ARG A 144 14.15 0.72 -0.97
C ARG A 144 15.36 0.22 -1.76
N ARG A 145 15.11 -0.34 -2.94
CA ARG A 145 16.18 -0.87 -3.77
C ARG A 145 16.94 0.27 -4.46
N ILE A 146 16.21 1.26 -4.93
CA ILE A 146 16.81 2.41 -5.60
C ILE A 146 17.36 3.42 -4.60
N LEU A 147 16.68 3.54 -3.47
CA LEU A 147 17.09 4.47 -2.42
C LEU A 147 18.45 4.09 -1.86
N GLU A 148 18.56 2.86 -1.37
CA GLU A 148 19.81 2.36 -0.81
C GLU A 148 20.91 2.30 -1.87
N SER A 149 20.51 2.02 -3.11
CA SER A 149 21.47 1.93 -4.21
C SER A 149 22.14 3.27 -4.46
N CYS A 150 21.35 4.25 -4.87
CA CYS A 150 21.86 5.59 -5.15
C CYS A 150 22.38 6.26 -3.88
N ALA A 151 21.83 5.86 -2.74
CA ALA A 151 22.25 6.42 -1.46
C ALA A 151 23.75 6.24 -1.23
N ASP A 152 24.15 5.03 -0.88
CA ASP A 152 25.56 4.73 -0.63
C ASP A 152 26.08 5.49 0.58
N SER A 153 26.36 6.78 0.38
CA SER A 153 26.85 7.63 1.45
C SER A 153 25.89 8.77 1.74
N ASN A 154 26.17 9.53 2.79
CA ASN A 154 25.33 10.66 3.16
C ASN A 154 25.22 11.67 2.03
N SER A 155 24.02 12.20 1.83
CA SER A 155 23.79 13.19 0.77
C SER A 155 22.51 13.97 1.03
N PRO A 156 22.50 15.27 0.70
CA PRO A 156 21.32 16.14 0.90
C PRO A 156 20.06 15.57 0.25
N TYR A 157 20.26 14.90 -0.88
CA TYR A 157 19.14 14.30 -1.61
C TYR A 157 18.51 13.17 -0.82
N ILE A 158 19.33 12.46 -0.05
CA ILE A 158 18.85 11.34 0.76
C ILE A 158 17.94 11.84 1.89
N HIS A 159 18.19 13.05 2.35
CA HIS A 159 17.39 13.64 3.43
C HIS A 159 15.93 13.72 3.04
N HIS A 160 15.65 14.36 1.90
CA HIS A 160 14.28 14.50 1.42
C HIS A 160 13.68 13.13 1.12
N LEU A 161 14.53 12.20 0.68
CA LEU A 161 14.08 10.86 0.37
C LEU A 161 13.74 10.09 1.64
N ARG A 162 14.54 10.27 2.67
CA ARG A 162 14.32 9.60 3.95
C ARG A 162 13.08 10.15 4.65
N ASN A 163 12.72 11.39 4.31
CA ASN A 163 11.55 12.03 4.90
C ASN A 163 10.28 11.39 4.37
N ASP A 164 10.13 11.40 3.05
CA ASP A 164 8.96 10.82 2.41
C ASP A 164 8.99 9.29 2.55
N TYR A 165 10.17 8.74 2.79
CA TYR A 165 10.34 7.31 2.95
C TYR A 165 9.97 6.87 4.36
N GLN A 166 10.40 7.65 5.36
CA GLN A 166 10.09 7.33 6.75
C GLN A 166 8.59 7.31 6.98
N ASP A 167 7.87 8.13 6.22
CA ASP A 167 6.42 8.22 6.34
C ASP A 167 5.76 7.00 5.68
N LEU A 168 6.34 6.58 4.56
CA LEU A 168 5.83 5.42 3.83
C LEU A 168 5.88 4.17 4.70
N LEU A 169 7.00 3.99 5.40
CA LEU A 169 7.19 2.84 6.26
C LEU A 169 6.35 2.95 7.52
N GLN A 170 6.17 4.18 8.00
CA GLN A 170 5.38 4.43 9.20
C GLN A 170 3.93 4.04 8.97
N GLU A 171 3.30 4.70 8.00
CA GLU A 171 1.91 4.43 7.67
C GLU A 171 1.72 2.96 7.33
N PHE A 172 2.77 2.34 6.81
CA PHE A 172 2.73 0.93 6.46
C PHE A 172 2.46 0.09 7.70
N GLN A 173 3.09 0.47 8.81
CA GLN A 173 2.91 -0.25 10.07
C GLN A 173 1.56 0.11 10.69
N ILE A 174 1.10 1.32 10.43
CA ILE A 174 -0.18 1.80 10.95
C ILE A 174 -1.34 0.99 10.35
N SER A 175 -1.26 0.73 9.05
CA SER A 175 -2.30 -0.02 8.35
C SER A 175 -2.31 -1.47 8.81
N LEU A 176 -1.13 -1.99 9.12
CA LEU A 176 -0.99 -3.37 9.58
C LEU A 176 -1.35 -3.50 11.06
N LYS A 177 -1.08 -2.44 11.81
CA LYS A 177 -1.36 -2.43 13.24
C LYS A 177 -2.87 -2.39 13.49
N ILE A 178 -3.57 -1.56 12.73
CA ILE A 178 -5.01 -1.43 12.87
C ILE A 178 -5.72 -2.66 12.31
N LEU A 179 -5.15 -3.26 11.28
CA LEU A 179 -5.73 -4.44 10.65
C LEU A 179 -5.61 -5.66 11.57
N THR A 180 -4.42 -5.83 12.15
CA THR A 180 -4.17 -6.95 13.04
C THR A 180 -5.08 -6.88 14.27
N GLU A 181 -5.44 -5.67 14.66
CA GLU A 181 -6.32 -5.47 15.81
C GLU A 181 -7.73 -5.92 15.49
N LYS A 182 -8.24 -5.49 14.35
CA LYS A 182 -9.59 -5.85 13.92
C LYS A 182 -9.65 -7.32 13.51
N CYS A 183 -8.54 -7.84 12.99
CA CYS A 183 -8.47 -9.22 12.56
C CYS A 183 -8.20 -10.14 13.75
N LEU A 184 -7.48 -9.63 14.74
CA LEU A 184 -7.16 -10.41 15.93
C LEU A 184 -8.43 -10.89 16.63
N GLU A 185 -9.51 -10.15 16.47
CA GLU A 185 -10.77 -10.49 17.08
C GLU A 185 -11.51 -11.54 16.24
N ASN A 186 -11.42 -11.39 14.93
CA ASN A 186 -12.08 -12.33 14.01
C ASN A 186 -11.07 -12.90 13.01
N PRO A 187 -10.00 -13.54 13.51
CA PRO A 187 -8.96 -14.13 12.65
C PRO A 187 -9.46 -15.37 11.91
N SER A 188 -10.23 -16.20 12.61
CA SER A 188 -10.77 -17.42 12.03
C SER A 188 -11.62 -17.10 10.80
N SER A 189 -12.26 -15.94 10.82
CA SER A 189 -13.12 -15.51 9.71
C SER A 189 -12.29 -14.87 8.60
N LEU A 190 -11.19 -14.22 8.98
CA LEU A 190 -10.32 -13.57 8.01
C LEU A 190 -8.89 -14.08 8.13
N GLN A 191 -8.62 -15.20 7.45
CA GLN A 191 -7.29 -15.80 7.47
C GLN A 191 -6.41 -15.22 6.37
N ASN A 192 -7.03 -14.79 5.28
CA ASN A 192 -6.30 -14.22 4.15
C ASN A 192 -5.48 -13.02 4.60
N LEU A 193 -6.06 -12.19 5.46
CA LEU A 193 -5.38 -11.00 5.96
C LEU A 193 -4.17 -11.38 6.81
N SER A 194 -4.40 -12.24 7.79
CA SER A 194 -3.33 -12.68 8.68
C SER A 194 -2.20 -13.34 7.89
N LEU A 195 -2.57 -14.16 6.92
CA LEU A 195 -1.58 -14.85 6.09
C LEU A 195 -0.70 -13.84 5.35
N THR A 196 -1.34 -12.90 4.66
CA THR A 196 -0.62 -11.88 3.91
C THR A 196 0.30 -11.08 4.83
N LEU A 197 -0.11 -10.91 6.08
CA LEU A 197 0.68 -10.18 7.05
C LEU A 197 1.97 -10.92 7.38
N VAL A 198 1.85 -12.23 7.60
CA VAL A 198 3.01 -13.06 7.92
C VAL A 198 4.01 -13.09 6.77
N SER A 199 3.54 -12.77 5.57
CA SER A 199 4.41 -12.77 4.39
C SER A 199 5.20 -11.48 4.30
N ILE A 200 4.49 -10.35 4.28
CA ILE A 200 5.12 -9.05 4.19
C ILE A 200 6.06 -8.80 5.37
N ILE A 201 5.57 -9.09 6.56
CA ILE A 201 6.36 -8.91 7.78
C ILE A 201 5.57 -9.29 9.02
N LYS A 202 6.24 -9.92 9.98
CA LYS A 202 5.60 -10.35 11.21
C LYS A 202 5.67 -9.26 12.27
N THR A 203 5.09 -8.10 11.97
CA THR A 203 5.09 -6.97 12.89
C THR A 203 6.50 -6.67 13.41
N ALA A 204 7.37 -6.22 12.52
CA ALA A 204 8.74 -5.90 12.89
C ALA A 204 9.33 -4.86 11.94
N LYS A 51 6.10 -6.67 -13.53
CA LYS A 51 5.11 -7.49 -12.77
C LYS A 51 4.25 -6.60 -11.88
N THR A 52 4.86 -5.62 -11.24
CA THR A 52 4.15 -4.70 -10.36
C THR A 52 3.07 -3.94 -11.12
N GLN A 53 3.41 -3.50 -12.34
CA GLN A 53 2.47 -2.76 -13.16
C GLN A 53 1.23 -3.59 -13.45
N SER A 54 1.44 -4.84 -13.87
CA SER A 54 0.34 -5.73 -14.19
C SER A 54 -0.55 -5.95 -12.97
N ASP A 55 0.08 -6.18 -11.82
CA ASP A 55 -0.65 -6.40 -10.58
C ASP A 55 -1.44 -5.15 -10.18
N LEU A 56 -0.84 -3.99 -10.39
CA LEU A 56 -1.48 -2.72 -10.07
C LEU A 56 -2.71 -2.50 -10.94
N GLN A 57 -2.52 -2.58 -12.25
CA GLN A 57 -3.61 -2.38 -13.20
C GLN A 57 -4.73 -3.40 -12.98
N LYS A 58 -4.37 -4.67 -12.92
CA LYS A 58 -5.34 -5.75 -12.72
C LYS A 58 -6.08 -5.59 -11.39
N PHE A 59 -5.38 -5.06 -10.38
CA PHE A 59 -5.98 -4.89 -9.06
C PHE A 59 -7.01 -3.77 -9.07
N MET A 60 -6.81 -2.77 -9.93
CA MET A 60 -7.74 -1.65 -10.03
C MET A 60 -9.11 -2.15 -10.47
N THR A 61 -9.14 -2.77 -11.65
CA THR A 61 -10.38 -3.32 -12.19
C THR A 61 -10.99 -4.32 -11.22
N GLN A 62 -10.15 -4.89 -10.36
CA GLN A 62 -10.60 -5.86 -9.37
C GLN A 62 -11.41 -5.18 -8.28
N LEU A 63 -11.08 -3.93 -7.99
CA LEU A 63 -11.78 -3.17 -6.97
C LEU A 63 -13.20 -2.86 -7.40
N ASP A 64 -13.34 -2.18 -8.53
CA ASP A 64 -14.65 -1.82 -9.07
C ASP A 64 -15.55 -3.03 -9.18
N HIS A 65 -14.96 -4.19 -9.44
CA HIS A 65 -15.73 -5.42 -9.59
C HIS A 65 -15.93 -6.12 -8.25
N LEU A 66 -14.86 -6.26 -7.48
CA LEU A 66 -14.91 -6.91 -6.18
C LEU A 66 -15.98 -6.28 -5.28
N ILE A 67 -16.00 -4.96 -5.23
CA ILE A 67 -16.96 -4.25 -4.40
C ILE A 67 -18.35 -4.23 -5.03
N LYS A 68 -18.42 -3.97 -6.33
CA LYS A 68 -19.71 -3.94 -7.04
C LYS A 68 -20.58 -5.13 -6.65
N ASP A 69 -19.94 -6.24 -6.31
CA ASP A 69 -20.66 -7.45 -5.93
C ASP A 69 -20.78 -7.54 -4.40
N ASP A 70 -19.86 -6.91 -3.69
CA ASP A 70 -19.86 -6.93 -2.23
C ASP A 70 -20.57 -5.71 -1.65
N ILE A 71 -19.89 -4.57 -1.68
CA ILE A 71 -20.47 -3.33 -1.15
C ILE A 71 -20.77 -2.32 -2.26
N SER A 72 -21.56 -1.31 -1.93
CA SER A 72 -21.93 -0.28 -2.90
C SER A 72 -21.43 1.09 -2.46
N ASN A 73 -21.61 1.41 -1.19
CA ASN A 73 -21.17 2.69 -0.65
C ASN A 73 -19.65 2.81 -0.66
N THR A 74 -18.97 1.69 -0.43
CA THR A 74 -17.52 1.66 -0.41
C THR A 74 -16.94 1.95 -1.79
N GLN A 75 -17.78 1.89 -2.82
CA GLN A 75 -17.35 2.14 -4.20
C GLN A 75 -16.54 3.44 -4.29
N GLU A 76 -16.79 4.37 -3.37
CA GLU A 76 -16.08 5.64 -3.36
C GLU A 76 -14.69 5.49 -2.76
N ILE A 77 -14.59 4.66 -1.72
CA ILE A 77 -13.31 4.43 -1.05
C ILE A 77 -12.36 3.69 -1.98
N ILE A 78 -12.76 2.50 -2.40
CA ILE A 78 -11.94 1.70 -3.30
C ILE A 78 -11.62 2.49 -4.56
N LYS A 79 -12.53 3.41 -4.91
CA LYS A 79 -12.35 4.24 -6.09
C LYS A 79 -11.05 5.03 -5.99
N ASP A 80 -10.78 5.58 -4.80
CA ASP A 80 -9.55 6.34 -4.58
C ASP A 80 -8.34 5.42 -4.61
N VAL A 81 -8.54 4.17 -4.20
CA VAL A 81 -7.47 3.19 -4.18
C VAL A 81 -7.02 2.90 -5.61
N LEU A 82 -7.94 2.37 -6.41
CA LEU A 82 -7.66 2.07 -7.80
C LEU A 82 -7.02 3.26 -8.49
N GLU A 83 -7.61 4.43 -8.30
CA GLU A 83 -7.11 5.66 -8.89
C GLU A 83 -5.64 5.87 -8.50
N TYR A 84 -5.32 5.46 -7.27
CA TYR A 84 -3.96 5.59 -6.77
C TYR A 84 -3.06 4.53 -7.41
N LEU A 85 -3.60 3.33 -7.56
CA LEU A 85 -2.86 2.23 -8.17
C LEU A 85 -2.35 2.64 -9.56
N LYS A 86 -3.18 3.36 -10.29
CA LYS A 86 -2.82 3.83 -11.62
C LYS A 86 -1.69 4.84 -11.53
N LYS A 87 -1.78 5.72 -10.53
CA LYS A 87 -0.76 6.73 -10.32
C LYS A 87 0.54 6.06 -9.92
N LEU A 88 0.45 5.17 -8.93
CA LEU A 88 1.62 4.44 -8.46
C LEU A 88 2.13 3.50 -9.55
N ASP A 89 1.23 3.15 -10.49
CA ASP A 89 1.58 2.26 -11.59
C ASP A 89 2.54 2.94 -12.55
N GLU A 90 2.43 4.27 -12.64
CA GLU A 90 3.28 5.04 -13.53
C GLU A 90 4.63 5.34 -12.89
N ILE A 91 4.65 5.43 -11.56
CA ILE A 91 5.88 5.71 -10.84
C ILE A 91 6.90 4.59 -11.04
N TYR A 92 6.50 3.37 -10.74
CA TYR A 92 7.38 2.22 -10.88
C TYR A 92 7.99 2.16 -12.27
N GLY A 93 7.19 2.45 -13.29
CA GLY A 93 7.67 2.44 -14.65
C GLY A 93 8.51 3.65 -14.98
N SER A 94 8.24 4.76 -14.30
CA SER A 94 8.99 6.00 -14.53
C SER A 94 9.74 6.42 -13.27
N LEU A 95 10.32 5.44 -12.58
CA LEU A 95 11.08 5.70 -11.36
C LEU A 95 12.53 6.01 -11.68
N ARG A 96 13.23 6.61 -10.71
CA ARG A 96 14.64 6.96 -10.89
C ARG A 96 14.80 8.10 -11.88
N ASN A 97 13.70 8.75 -12.24
CA ASN A 97 13.74 9.86 -13.19
C ASN A 97 14.45 11.07 -12.57
N HIS A 98 13.85 11.63 -11.53
CA HIS A 98 14.43 12.80 -10.86
C HIS A 98 13.67 13.13 -9.58
N SER A 99 12.34 13.04 -9.65
CA SER A 99 11.50 13.34 -8.50
C SER A 99 10.22 12.50 -8.53
N GLN A 100 10.31 11.32 -9.13
CA GLN A 100 9.16 10.42 -9.22
C GLN A 100 9.07 9.52 -7.99
N LEU A 101 10.21 9.02 -7.55
CA LEU A 101 10.25 8.15 -6.38
C LEU A 101 9.63 8.83 -5.16
N THR A 102 9.59 10.15 -5.17
CA THR A 102 9.02 10.90 -4.06
C THR A 102 7.50 10.74 -4.02
N GLU A 103 6.88 10.80 -5.20
CA GLU A 103 5.43 10.66 -5.30
C GLU A 103 4.97 9.28 -4.84
N ALA A 104 5.86 8.30 -4.95
CA ALA A 104 5.55 6.95 -4.55
C ALA A 104 5.46 6.84 -3.03
N LEU A 105 6.41 7.46 -2.35
CA LEU A 105 6.46 7.44 -0.89
C LEU A 105 5.28 8.20 -0.32
N SER A 106 4.93 9.31 -0.96
CA SER A 106 3.82 10.13 -0.53
C SER A 106 2.53 9.33 -0.55
N LEU A 107 2.23 8.72 -1.69
CA LEU A 107 1.03 7.91 -1.84
C LEU A 107 0.95 6.84 -0.76
N GLY A 108 2.08 6.20 -0.48
CA GLY A 108 2.11 5.18 0.55
C GLY A 108 1.54 5.68 1.87
N LYS A 109 1.86 6.93 2.19
CA LYS A 109 1.39 7.56 3.42
C LYS A 109 -0.09 7.94 3.29
N ARG A 110 -0.40 8.78 2.31
CA ARG A 110 -1.78 9.21 2.08
C ARG A 110 -2.68 8.02 1.83
N LEU A 111 -2.29 7.19 0.87
CA LEU A 111 -3.07 6.01 0.52
C LEU A 111 -3.36 5.17 1.76
N SER A 112 -2.37 5.06 2.64
CA SER A 112 -2.52 4.27 3.86
C SER A 112 -3.71 4.78 4.68
N LYS A 113 -3.86 6.10 4.73
CA LYS A 113 -4.97 6.71 5.46
C LYS A 113 -6.30 6.21 4.93
N SER A 114 -6.39 6.09 3.61
CA SER A 114 -7.62 5.61 2.97
C SER A 114 -7.98 4.22 3.47
N LEU A 115 -6.95 3.43 3.78
CA LEU A 115 -7.14 2.07 4.27
C LEU A 115 -7.81 2.09 5.64
N HIS A 116 -7.40 3.03 6.49
CA HIS A 116 -7.96 3.16 7.83
C HIS A 116 -9.46 3.39 7.76
N GLU A 117 -9.90 4.15 6.77
CA GLU A 117 -11.31 4.45 6.59
C GLU A 117 -12.07 3.22 6.10
N MET A 118 -11.42 2.42 5.25
CA MET A 118 -12.02 1.22 4.70
C MET A 118 -12.48 0.28 5.82
N CYS A 119 -11.65 0.16 6.85
CA CYS A 119 -11.97 -0.71 7.99
C CYS A 119 -12.81 0.04 9.02
N GLY A 120 -12.65 1.36 9.07
CA GLY A 120 -13.41 2.15 10.02
C GLY A 120 -14.68 2.72 9.44
N ILE A 121 -15.31 1.96 8.54
CA ILE A 121 -16.55 2.38 7.91
C ILE A 121 -17.02 1.35 6.90
N GLU A 122 -18.32 1.08 6.90
CA GLU A 122 -18.91 0.11 5.99
C GLU A 122 -18.27 -1.25 6.14
N PRO A 123 -18.82 -2.28 5.47
CA PRO A 123 -18.29 -3.65 5.52
C PRO A 123 -16.79 -3.72 5.25
N LEU A 124 -16.15 -4.78 5.72
CA LEU A 124 -14.73 -4.97 5.53
C LEU A 124 -14.46 -5.84 4.30
N GLU A 125 -13.37 -5.56 3.61
CA GLU A 125 -13.00 -6.32 2.42
C GLU A 125 -11.65 -7.00 2.59
N GLU A 126 -11.63 -8.32 2.47
CA GLU A 126 -10.39 -9.09 2.60
C GLU A 126 -9.57 -9.00 1.32
N GLU A 127 -10.23 -9.19 0.18
CA GLU A 127 -9.56 -9.12 -1.12
C GLU A 127 -8.96 -7.75 -1.33
N ILE A 128 -9.68 -6.72 -0.88
CA ILE A 128 -9.21 -5.35 -1.01
C ILE A 128 -8.03 -5.10 -0.07
N CYS A 129 -8.23 -5.43 1.20
CA CYS A 129 -7.18 -5.26 2.20
C CYS A 129 -6.00 -6.16 1.90
N SER A 130 -6.27 -7.24 1.17
CA SER A 130 -5.23 -8.20 0.81
C SER A 130 -4.32 -7.65 -0.29
N GLY A 131 -4.93 -7.00 -1.27
CA GLY A 131 -4.17 -6.42 -2.37
C GLY A 131 -3.51 -5.11 -1.99
N LEU A 132 -4.23 -4.28 -1.25
CA LEU A 132 -3.71 -2.99 -0.82
C LEU A 132 -2.45 -3.16 0.02
N ILE A 133 -2.47 -4.15 0.90
CA ILE A 133 -1.33 -4.42 1.76
C ILE A 133 -0.19 -5.05 0.97
N GLU A 134 -0.54 -5.80 -0.07
CA GLU A 134 0.45 -6.46 -0.92
C GLU A 134 1.13 -5.47 -1.85
N GLN A 135 0.33 -4.61 -2.49
CA GLN A 135 0.87 -3.61 -3.40
C GLN A 135 1.68 -2.59 -2.63
N LEU A 136 1.26 -2.29 -1.41
CA LEU A 136 1.96 -1.33 -0.56
C LEU A 136 3.37 -1.84 -0.26
N TYR A 137 3.50 -3.14 -0.06
CA TYR A 137 4.80 -3.75 0.23
C TYR A 137 5.74 -3.59 -0.97
N LYS A 138 5.17 -3.65 -2.17
CA LYS A 138 5.95 -3.50 -3.39
C LYS A 138 6.57 -2.12 -3.46
N LEU A 139 5.88 -1.14 -2.89
CA LEU A 139 6.35 0.24 -2.87
C LEU A 139 7.46 0.41 -1.84
N ILE A 140 7.28 -0.21 -0.67
CA ILE A 140 8.27 -0.13 0.39
C ILE A 140 9.56 -0.86 0.01
N THR A 141 9.41 -1.99 -0.67
CA THR A 141 10.55 -2.78 -1.09
C THR A 141 11.23 -2.14 -2.31
N ALA A 142 10.41 -1.63 -3.23
CA ALA A 142 10.92 -0.99 -4.43
C ALA A 142 11.69 0.28 -4.09
N SER A 143 11.00 1.21 -3.43
CA SER A 143 11.61 2.47 -3.04
C SER A 143 12.89 2.25 -2.24
N ARG A 144 12.92 1.16 -1.47
CA ARG A 144 14.10 0.83 -0.67
C ARG A 144 15.23 0.31 -1.55
N ARG A 145 14.89 -0.18 -2.74
CA ARG A 145 15.89 -0.70 -3.66
C ARG A 145 16.69 0.42 -4.30
N ILE A 146 16.01 1.51 -4.62
CA ILE A 146 16.66 2.67 -5.24
C ILE A 146 17.35 3.54 -4.19
N LEU A 147 16.69 3.71 -3.05
CA LEU A 147 17.24 4.52 -1.96
C LEU A 147 18.57 3.94 -1.50
N GLU A 148 18.59 2.64 -1.25
CA GLU A 148 19.81 1.97 -0.81
C GLU A 148 20.90 2.04 -1.87
N SER A 149 20.49 1.92 -3.14
CA SER A 149 21.43 1.96 -4.25
C SER A 149 22.15 3.31 -4.29
N CYS A 150 21.37 4.39 -4.31
CA CYS A 150 21.94 5.73 -4.35
C CYS A 150 22.78 6.01 -3.10
N ALA A 151 22.41 5.39 -2.00
CA ALA A 151 23.12 5.56 -0.73
C ALA A 151 24.54 5.00 -0.84
N ASP A 152 25.47 5.63 -0.15
CA ASP A 152 26.87 5.19 -0.16
C ASP A 152 27.69 5.98 0.85
N SER A 153 27.66 7.30 0.75
CA SER A 153 28.40 8.16 1.66
C SER A 153 28.13 9.63 1.37
N ASN A 154 27.39 10.28 2.25
CA ASN A 154 27.05 11.69 2.08
C ASN A 154 26.27 11.93 0.80
N SER A 155 24.98 12.21 0.94
CA SER A 155 24.12 12.45 -0.21
C SER A 155 22.83 13.16 0.22
N PRO A 156 22.80 14.51 0.11
CA PRO A 156 21.62 15.30 0.48
C PRO A 156 20.34 14.75 -0.14
N TYR A 157 20.47 14.09 -1.28
CA TYR A 157 19.33 13.52 -1.97
C TYR A 157 18.64 12.47 -1.10
N ILE A 158 19.41 11.78 -0.28
CA ILE A 158 18.88 10.76 0.61
C ILE A 158 18.08 11.38 1.75
N HIS A 159 18.46 12.59 2.14
CA HIS A 159 17.77 13.29 3.22
C HIS A 159 16.30 13.46 2.89
N HIS A 160 16.02 14.07 1.74
CA HIS A 160 14.64 14.31 1.31
C HIS A 160 13.89 12.99 1.19
N LEU A 161 14.58 11.97 0.68
CA LEU A 161 13.98 10.65 0.52
C LEU A 161 13.66 10.03 1.87
N ARG A 162 14.58 10.18 2.82
CA ARG A 162 14.39 9.63 4.16
C ARG A 162 13.18 10.26 4.83
N ASN A 163 12.83 11.48 4.42
CA ASN A 163 11.68 12.18 4.99
C ASN A 163 10.39 11.57 4.46
N ASP A 164 10.25 11.54 3.14
CA ASP A 164 9.07 10.98 2.51
C ASP A 164 9.03 9.46 2.70
N TYR A 165 10.20 8.86 2.92
CA TYR A 165 10.31 7.42 3.12
C TYR A 165 9.92 7.04 4.54
N GLN A 166 10.35 7.85 5.50
CA GLN A 166 10.04 7.58 6.91
C GLN A 166 8.53 7.62 7.14
N ASP A 167 7.83 8.45 6.36
CA ASP A 167 6.39 8.57 6.48
C ASP A 167 5.70 7.34 5.89
N LEU A 168 6.22 6.87 4.77
CA LEU A 168 5.67 5.69 4.10
C LEU A 168 5.73 4.47 5.02
N LEU A 169 6.90 4.25 5.62
CA LEU A 169 7.10 3.12 6.51
C LEU A 169 6.24 3.26 7.77
N GLN A 170 6.09 4.50 8.24
CA GLN A 170 5.29 4.75 9.43
C GLN A 170 3.84 4.40 9.17
N GLU A 171 3.24 5.05 8.18
CA GLU A 171 1.85 4.80 7.82
C GLU A 171 1.64 3.33 7.49
N PHE A 172 2.70 2.68 7.00
CA PHE A 172 2.63 1.27 6.67
C PHE A 172 2.34 0.44 7.92
N GLN A 173 2.92 0.87 9.03
CA GLN A 173 2.71 0.18 10.31
C GLN A 173 1.37 0.57 10.91
N ILE A 174 0.95 1.81 10.65
CA ILE A 174 -0.31 2.31 11.16
C ILE A 174 -1.48 1.50 10.60
N SER A 175 -1.48 1.31 9.28
CA SER A 175 -2.52 0.56 8.62
C SER A 175 -2.50 -0.89 9.07
N LEU A 176 -1.29 -1.44 9.24
CA LEU A 176 -1.13 -2.81 9.68
C LEU A 176 -1.49 -2.95 11.15
N LYS A 177 -1.26 -1.90 11.91
CA LYS A 177 -1.56 -1.91 13.34
C LYS A 177 -3.05 -2.16 13.59
N ILE A 178 -3.88 -1.25 13.10
CA ILE A 178 -5.33 -1.38 13.26
C ILE A 178 -5.84 -2.64 12.57
N LEU A 179 -5.09 -3.13 11.59
CA LEU A 179 -5.48 -4.33 10.85
C LEU A 179 -5.19 -5.60 11.64
N THR A 180 -4.08 -5.61 12.37
CA THR A 180 -3.70 -6.76 13.16
C THR A 180 -4.69 -7.00 14.30
N GLU A 181 -5.28 -5.92 14.80
CA GLU A 181 -6.25 -6.02 15.89
C GLU A 181 -7.54 -6.67 15.38
N LYS A 182 -8.08 -6.11 14.31
CA LYS A 182 -9.32 -6.63 13.72
C LYS A 182 -9.15 -8.09 13.31
N CYS A 183 -7.92 -8.46 12.97
CA CYS A 183 -7.63 -9.83 12.56
C CYS A 183 -7.31 -10.71 13.77
N LEU A 184 -6.75 -10.09 14.80
CA LEU A 184 -6.39 -10.80 16.02
C LEU A 184 -7.63 -11.29 16.76
N GLU A 185 -8.74 -10.59 16.57
CA GLU A 185 -10.00 -10.96 17.21
C GLU A 185 -10.65 -12.15 16.50
N ASN A 186 -10.61 -12.12 15.17
CA ASN A 186 -11.19 -13.19 14.37
C ASN A 186 -10.12 -13.89 13.54
N PRO A 187 -9.14 -14.53 14.20
CA PRO A 187 -8.05 -15.24 13.53
C PRO A 187 -8.55 -16.46 12.77
N SER A 188 -9.57 -17.12 13.31
CA SER A 188 -10.14 -18.31 12.69
C SER A 188 -10.90 -17.94 11.42
N SER A 189 -11.48 -16.75 11.40
CA SER A 189 -12.22 -16.27 10.25
C SER A 189 -11.30 -15.62 9.22
N LEU A 190 -11.30 -16.14 8.00
CA LEU A 190 -10.45 -15.60 6.94
C LEU A 190 -8.98 -15.68 7.32
N GLN A 191 -8.32 -16.76 6.93
CA GLN A 191 -6.91 -16.95 7.23
C GLN A 191 -6.03 -16.25 6.18
N ASN A 192 -6.54 -16.16 4.96
CA ASN A 192 -5.80 -15.52 3.88
C ASN A 192 -5.42 -14.08 4.24
N LEU A 193 -6.24 -13.45 5.07
CA LEU A 193 -5.98 -12.08 5.49
C LEU A 193 -4.75 -12.00 6.39
N SER A 194 -4.80 -12.70 7.51
CA SER A 194 -3.69 -12.72 8.45
C SER A 194 -2.41 -13.23 7.80
N LEU A 195 -2.57 -14.13 6.83
CA LEU A 195 -1.42 -14.70 6.12
C LEU A 195 -0.65 -13.61 5.40
N THR A 196 -1.36 -12.74 4.69
CA THR A 196 -0.72 -11.65 3.96
C THR A 196 -0.02 -10.69 4.92
N LEU A 197 -0.58 -10.54 6.11
CA LEU A 197 -0.02 -9.64 7.12
C LEU A 197 1.26 -10.23 7.70
N VAL A 198 1.24 -11.53 7.98
CA VAL A 198 2.40 -12.21 8.54
C VAL A 198 3.48 -12.42 7.47
N SER A 199 3.10 -12.30 6.20
CA SER A 199 4.04 -12.47 5.11
C SER A 199 4.90 -11.22 4.92
N ILE A 200 4.25 -10.08 4.78
CA ILE A 200 4.95 -8.81 4.59
C ILE A 200 5.94 -8.56 5.73
N ILE A 201 5.49 -8.82 6.96
CA ILE A 201 6.34 -8.63 8.13
C ILE A 201 7.38 -9.73 8.24
N LYS A 202 8.65 -9.35 8.11
CA LYS A 202 9.74 -10.31 8.19
C LYS A 202 11.06 -9.60 8.50
N THR A 203 11.29 -8.47 7.84
CA THR A 203 12.51 -7.71 8.04
C THR A 203 12.23 -6.20 7.99
N ALA A 204 11.71 -5.67 9.10
CA ALA A 204 11.40 -4.26 9.19
C ALA A 204 12.66 -3.42 9.36
N LYS A 51 6.16 -6.99 -13.55
CA LYS A 51 5.13 -7.88 -12.95
C LYS A 51 4.16 -7.09 -12.08
N THR A 52 4.66 -6.04 -11.44
CA THR A 52 3.84 -5.20 -10.58
C THR A 52 2.86 -4.37 -11.39
N GLN A 53 3.29 -3.95 -12.58
CA GLN A 53 2.45 -3.15 -13.46
C GLN A 53 1.18 -3.90 -13.82
N SER A 54 1.34 -5.15 -14.27
CA SER A 54 0.20 -5.97 -14.66
C SER A 54 -0.70 -6.26 -13.46
N ASP A 55 -0.09 -6.29 -12.27
CA ASP A 55 -0.85 -6.56 -11.05
C ASP A 55 -1.64 -5.33 -10.61
N LEU A 56 -1.02 -4.16 -10.70
CA LEU A 56 -1.67 -2.91 -10.32
C LEU A 56 -2.94 -2.69 -11.13
N GLN A 57 -2.82 -2.76 -12.45
CA GLN A 57 -3.96 -2.57 -13.34
C GLN A 57 -5.05 -3.62 -13.07
N LYS A 58 -4.63 -4.86 -12.87
CA LYS A 58 -5.55 -5.95 -12.61
C LYS A 58 -6.29 -5.74 -11.28
N PHE A 59 -5.56 -5.29 -10.26
CA PHE A 59 -6.14 -5.07 -8.95
C PHE A 59 -7.19 -3.98 -9.00
N MET A 60 -7.00 -3.00 -9.88
CA MET A 60 -7.93 -1.89 -10.03
C MET A 60 -9.31 -2.43 -10.41
N THR A 61 -9.35 -3.19 -11.49
CA THR A 61 -10.60 -3.78 -11.96
C THR A 61 -11.18 -4.71 -10.90
N GLN A 62 -10.33 -5.15 -9.96
CA GLN A 62 -10.76 -6.02 -8.89
C GLN A 62 -11.59 -5.26 -7.87
N LEU A 63 -11.23 -4.01 -7.63
CA LEU A 63 -11.95 -3.17 -6.67
C LEU A 63 -13.36 -2.89 -7.16
N ASP A 64 -13.46 -2.27 -8.33
CA ASP A 64 -14.75 -1.92 -8.91
C ASP A 64 -15.66 -3.14 -9.02
N HIS A 65 -15.06 -4.32 -9.16
CA HIS A 65 -15.83 -5.56 -9.28
C HIS A 65 -16.17 -6.15 -7.92
N LEU A 66 -15.19 -6.21 -7.03
CA LEU A 66 -15.39 -6.77 -5.70
C LEU A 66 -16.42 -5.99 -4.89
N ILE A 67 -16.44 -4.67 -5.08
CA ILE A 67 -17.39 -3.82 -4.36
C ILE A 67 -18.78 -3.83 -4.98
N LYS A 68 -18.87 -3.52 -6.28
CA LYS A 68 -20.16 -3.50 -6.97
C LYS A 68 -20.97 -4.75 -6.64
N ASP A 69 -20.29 -5.85 -6.36
CA ASP A 69 -20.95 -7.10 -6.03
C ASP A 69 -21.20 -7.22 -4.53
N ASP A 70 -20.35 -6.56 -3.75
CA ASP A 70 -20.47 -6.60 -2.29
C ASP A 70 -21.27 -5.40 -1.76
N ILE A 71 -20.65 -4.23 -1.75
CA ILE A 71 -21.31 -3.01 -1.26
C ILE A 71 -21.22 -1.90 -2.30
N SER A 72 -21.94 -0.80 -2.05
CA SER A 72 -21.95 0.33 -2.96
C SER A 72 -21.46 1.61 -2.28
N ASN A 73 -21.66 1.70 -0.96
CA ASN A 73 -21.24 2.87 -0.20
C ASN A 73 -19.73 3.02 -0.18
N THR A 74 -19.02 1.91 -0.36
CA THR A 74 -17.55 1.92 -0.36
C THR A 74 -16.98 2.17 -1.75
N GLN A 75 -17.86 2.24 -2.75
CA GLN A 75 -17.43 2.47 -4.13
C GLN A 75 -16.53 3.70 -4.24
N GLU A 76 -16.91 4.75 -3.53
CA GLU A 76 -16.15 6.00 -3.55
C GLU A 76 -14.74 5.79 -2.99
N ILE A 77 -14.63 4.95 -1.97
CA ILE A 77 -13.34 4.66 -1.36
C ILE A 77 -12.46 3.90 -2.32
N ILE A 78 -12.90 2.72 -2.73
CA ILE A 78 -12.16 1.90 -3.66
C ILE A 78 -11.83 2.68 -4.92
N LYS A 79 -12.68 3.65 -5.26
CA LYS A 79 -12.48 4.48 -6.43
C LYS A 79 -11.15 5.23 -6.32
N ASP A 80 -10.86 5.75 -5.14
CA ASP A 80 -9.62 6.48 -4.91
C ASP A 80 -8.43 5.52 -4.88
N VAL A 81 -8.68 4.30 -4.43
CA VAL A 81 -7.63 3.28 -4.37
C VAL A 81 -7.15 2.95 -5.78
N LEU A 82 -8.05 2.43 -6.60
CA LEU A 82 -7.70 2.09 -7.98
C LEU A 82 -6.99 3.25 -8.65
N GLU A 83 -7.56 4.44 -8.48
CA GLU A 83 -6.99 5.65 -9.05
C GLU A 83 -5.52 5.80 -8.64
N TYR A 84 -5.21 5.36 -7.42
CA TYR A 84 -3.85 5.42 -6.90
C TYR A 84 -3.00 4.33 -7.56
N LEU A 85 -3.59 3.15 -7.72
CA LEU A 85 -2.89 2.03 -8.33
C LEU A 85 -2.39 2.41 -9.72
N LYS A 86 -3.19 3.19 -10.43
CA LYS A 86 -2.82 3.64 -11.76
C LYS A 86 -1.65 4.62 -11.68
N LYS A 87 -1.73 5.51 -10.70
CA LYS A 87 -0.66 6.49 -10.48
C LYS A 87 0.63 5.78 -10.15
N LEU A 88 0.56 4.87 -9.18
CA LEU A 88 1.73 4.10 -8.79
C LEU A 88 2.18 3.20 -9.93
N ASP A 89 1.28 2.97 -10.88
CA ASP A 89 1.59 2.14 -12.04
C ASP A 89 2.57 2.84 -12.98
N GLU A 90 2.48 4.16 -13.02
CA GLU A 90 3.36 4.97 -13.87
C GLU A 90 4.72 5.19 -13.21
N ILE A 91 4.74 5.21 -11.88
CA ILE A 91 5.99 5.42 -11.13
C ILE A 91 6.80 4.13 -11.06
N TYR A 92 6.13 3.03 -10.73
CA TYR A 92 6.79 1.74 -10.62
C TYR A 92 7.65 1.45 -11.84
N GLY A 93 7.26 2.02 -12.99
CA GLY A 93 8.01 1.81 -14.22
C GLY A 93 8.96 2.96 -14.52
N SER A 94 8.58 4.16 -14.11
CA SER A 94 9.40 5.34 -14.35
C SER A 94 9.97 5.88 -13.03
N LEU A 95 10.32 4.96 -12.13
CA LEU A 95 10.88 5.34 -10.84
C LEU A 95 12.33 5.79 -10.98
N ARG A 96 12.88 6.34 -9.90
CA ARG A 96 14.26 6.82 -9.90
C ARG A 96 14.42 8.05 -10.79
N ASN A 97 13.31 8.64 -11.21
CA ASN A 97 13.34 9.82 -12.06
C ASN A 97 13.38 11.09 -11.21
N HIS A 98 13.20 12.23 -11.87
CA HIS A 98 13.21 13.52 -11.17
C HIS A 98 11.91 13.74 -10.41
N SER A 99 11.97 13.62 -9.09
CA SER A 99 10.80 13.80 -8.24
C SER A 99 9.72 12.78 -8.58
N GLN A 100 10.14 11.63 -9.09
CA GLN A 100 9.21 10.56 -9.45
C GLN A 100 9.04 9.58 -8.30
N LEU A 101 10.15 9.14 -7.73
CA LEU A 101 10.14 8.19 -6.62
C LEU A 101 9.61 8.84 -5.34
N THR A 102 9.77 10.15 -5.23
CA THR A 102 9.33 10.89 -4.05
C THR A 102 7.81 10.74 -3.88
N GLU A 103 7.07 11.02 -4.94
CA GLU A 103 5.62 10.91 -4.89
C GLU A 103 5.17 9.47 -4.64
N ALA A 104 6.01 8.53 -5.07
CA ALA A 104 5.71 7.11 -4.90
C ALA A 104 5.57 6.78 -3.41
N LEU A 105 6.40 7.41 -2.60
CA LEU A 105 6.39 7.21 -1.16
C LEU A 105 5.17 7.89 -0.55
N SER A 106 4.93 9.11 -0.99
CA SER A 106 3.79 9.89 -0.51
C SER A 106 2.49 9.12 -0.69
N LEU A 107 2.36 8.44 -1.82
CA LEU A 107 1.17 7.66 -2.11
C LEU A 107 0.99 6.57 -1.07
N GLY A 108 2.03 5.77 -0.84
CA GLY A 108 1.94 4.72 0.15
C GLY A 108 1.41 5.23 1.47
N LYS A 109 1.82 6.43 1.84
CA LYS A 109 1.38 7.05 3.08
C LYS A 109 -0.06 7.54 2.97
N ARG A 110 -0.31 8.44 2.03
CA ARG A 110 -1.65 8.98 1.83
C ARG A 110 -2.64 7.88 1.48
N LEU A 111 -2.15 6.89 0.74
CA LEU A 111 -2.98 5.76 0.34
C LEU A 111 -3.43 5.00 1.59
N SER A 112 -2.56 4.98 2.60
CA SER A 112 -2.86 4.29 3.84
C SER A 112 -4.03 4.97 4.54
N LYS A 113 -4.09 6.29 4.43
CA LYS A 113 -5.17 7.07 5.02
C LYS A 113 -6.53 6.57 4.51
N SER A 114 -6.63 6.43 3.19
CA SER A 114 -7.86 5.96 2.57
C SER A 114 -8.19 4.56 3.08
N LEU A 115 -7.16 3.74 3.26
CA LEU A 115 -7.34 2.38 3.76
C LEU A 115 -7.87 2.41 5.19
N HIS A 116 -7.41 3.38 5.97
CA HIS A 116 -7.84 3.54 7.35
C HIS A 116 -9.36 3.68 7.42
N GLU A 117 -9.92 4.38 6.45
CA GLU A 117 -11.36 4.59 6.39
C GLU A 117 -12.07 3.33 5.91
N MET A 118 -11.36 2.50 5.16
CA MET A 118 -11.93 1.26 4.63
C MET A 118 -12.33 0.34 5.78
N CYS A 119 -11.37 0.01 6.63
CA CYS A 119 -11.62 -0.86 7.77
C CYS A 119 -12.11 -0.06 8.97
N GLY A 120 -11.74 1.22 9.01
CA GLY A 120 -12.15 2.08 10.12
C GLY A 120 -13.65 2.14 10.31
N ILE A 121 -14.39 2.21 9.20
CA ILE A 121 -15.84 2.29 9.26
C ILE A 121 -16.50 1.56 8.08
N GLU A 122 -15.98 1.80 6.88
CA GLU A 122 -16.52 1.18 5.68
C GLU A 122 -16.54 -0.35 5.82
N PRO A 123 -17.37 -1.03 5.01
CA PRO A 123 -17.48 -2.49 5.05
C PRO A 123 -16.14 -3.19 5.13
N LEU A 124 -16.13 -4.38 5.72
CA LEU A 124 -14.90 -5.16 5.87
C LEU A 124 -14.49 -5.78 4.55
N GLU A 125 -13.49 -5.17 3.90
CA GLU A 125 -12.99 -5.67 2.63
C GLU A 125 -11.63 -6.34 2.81
N GLU A 126 -11.60 -7.67 2.67
CA GLU A 126 -10.37 -8.43 2.83
C GLU A 126 -9.54 -8.40 1.55
N GLU A 127 -10.18 -8.69 0.42
CA GLU A 127 -9.49 -8.70 -0.87
C GLU A 127 -8.82 -7.36 -1.12
N ILE A 128 -9.59 -6.29 -0.95
CA ILE A 128 -9.08 -4.95 -1.14
C ILE A 128 -7.98 -4.64 -0.13
N CYS A 129 -8.26 -4.92 1.14
CA CYS A 129 -7.27 -4.68 2.20
C CYS A 129 -6.04 -5.54 1.98
N SER A 130 -6.22 -6.67 1.30
CA SER A 130 -5.10 -7.58 1.03
C SER A 130 -4.26 -7.07 -0.13
N GLY A 131 -4.92 -6.75 -1.25
CA GLY A 131 -4.20 -6.25 -2.41
C GLY A 131 -3.45 -4.97 -2.12
N LEU A 132 -4.12 -4.03 -1.45
CA LEU A 132 -3.50 -2.76 -1.11
C LEU A 132 -2.23 -2.97 -0.30
N ILE A 133 -2.34 -3.75 0.77
CA ILE A 133 -1.22 -4.04 1.64
C ILE A 133 -0.08 -4.68 0.85
N GLU A 134 -0.43 -5.41 -0.21
CA GLU A 134 0.56 -6.07 -1.04
C GLU A 134 1.12 -5.10 -2.10
N GLN A 135 0.26 -4.22 -2.60
CA GLN A 135 0.68 -3.24 -3.60
C GLN A 135 1.53 -2.16 -2.94
N LEU A 136 1.08 -1.70 -1.78
CA LEU A 136 1.80 -0.68 -1.03
C LEU A 136 3.14 -1.24 -0.56
N TYR A 137 3.13 -2.50 -0.14
CA TYR A 137 4.35 -3.16 0.32
C TYR A 137 5.33 -3.33 -0.82
N LYS A 138 4.78 -3.50 -2.03
CA LYS A 138 5.62 -3.66 -3.22
C LYS A 138 6.38 -2.39 -3.52
N LEU A 139 5.79 -1.25 -3.15
CA LEU A 139 6.40 0.05 -3.37
C LEU A 139 7.43 0.36 -2.27
N ILE A 140 7.12 -0.10 -1.05
CA ILE A 140 8.01 0.13 0.08
C ILE A 140 9.29 -0.71 -0.05
N THR A 141 9.18 -1.84 -0.74
CA THR A 141 10.33 -2.72 -0.94
C THR A 141 11.17 -2.25 -2.13
N ALA A 142 10.51 -1.66 -3.11
CA ALA A 142 11.19 -1.16 -4.30
C ALA A 142 11.90 0.15 -4.00
N SER A 143 11.14 1.12 -3.50
CA SER A 143 11.69 2.43 -3.16
C SER A 143 12.84 2.29 -2.16
N ARG A 144 12.66 1.38 -1.20
CA ARG A 144 13.68 1.15 -0.18
C ARG A 144 15.00 0.71 -0.82
N ARG A 145 14.90 -0.19 -1.79
CA ARG A 145 16.09 -0.68 -2.49
C ARG A 145 16.83 0.46 -3.19
N ILE A 146 16.08 1.50 -3.55
CA ILE A 146 16.67 2.65 -4.22
C ILE A 146 17.55 3.45 -3.27
N LEU A 147 17.08 3.64 -2.04
CA LEU A 147 17.82 4.38 -1.03
C LEU A 147 19.18 3.73 -0.77
N GLU A 148 19.18 2.41 -0.59
CA GLU A 148 20.41 1.68 -0.34
C GLU A 148 21.37 1.79 -1.52
N SER A 149 20.80 1.86 -2.72
CA SER A 149 21.60 1.97 -3.94
C SER A 149 22.38 3.28 -3.95
N CYS A 150 21.66 4.40 -3.79
CA CYS A 150 22.29 5.71 -3.78
C CYS A 150 23.29 5.83 -2.64
N ALA A 151 23.04 5.12 -1.56
CA ALA A 151 23.92 5.15 -0.39
C ALA A 151 24.02 6.56 0.18
N ASP A 152 24.51 6.65 1.42
CA ASP A 152 24.65 7.93 2.09
C ASP A 152 25.86 8.69 1.55
N SER A 153 25.64 9.47 0.48
CA SER A 153 26.71 10.25 -0.13
C SER A 153 26.70 11.68 0.37
N ASN A 154 26.09 11.90 1.53
CA ASN A 154 26.03 13.24 2.12
C ASN A 154 25.42 14.24 1.13
N SER A 155 24.09 14.29 1.08
CA SER A 155 23.39 15.20 0.18
C SER A 155 21.94 15.39 0.61
N PRO A 156 21.39 16.60 0.42
CA PRO A 156 19.99 16.89 0.79
C PRO A 156 19.01 15.92 0.14
N TYR A 157 19.39 15.38 -1.01
CA TYR A 157 18.54 14.44 -1.73
C TYR A 157 18.21 13.23 -0.86
N ILE A 158 19.24 12.57 -0.35
CA ILE A 158 19.05 11.39 0.49
C ILE A 158 18.21 11.73 1.72
N HIS A 159 18.40 12.94 2.24
CA HIS A 159 17.65 13.38 3.42
C HIS A 159 16.16 13.43 3.13
N HIS A 160 15.81 13.97 1.96
CA HIS A 160 14.41 14.09 1.55
C HIS A 160 13.78 12.71 1.42
N LEU A 161 14.56 11.75 0.94
CA LEU A 161 14.08 10.39 0.76
C LEU A 161 13.77 9.74 2.11
N ARG A 162 14.68 9.93 3.07
CA ARG A 162 14.50 9.37 4.40
C ARG A 162 13.27 9.96 5.09
N ASN A 163 12.83 11.13 4.62
CA ASN A 163 11.67 11.79 5.19
C ASN A 163 10.38 11.25 4.57
N ASP A 164 10.42 11.05 3.25
CA ASP A 164 9.27 10.53 2.53
C ASP A 164 9.15 9.02 2.74
N TYR A 165 10.27 8.38 3.07
CA TYR A 165 10.30 6.95 3.30
C TYR A 165 9.80 6.62 4.70
N GLN A 166 10.24 7.40 5.69
CA GLN A 166 9.83 7.19 7.06
C GLN A 166 8.32 7.34 7.21
N ASP A 167 7.76 8.36 6.58
CA ASP A 167 6.33 8.61 6.64
C ASP A 167 5.56 7.44 6.06
N LEU A 168 6.02 6.94 4.91
CA LEU A 168 5.39 5.81 4.26
C LEU A 168 5.46 4.56 5.14
N LEU A 169 6.63 4.34 5.72
CA LEU A 169 6.85 3.19 6.59
C LEU A 169 5.97 3.28 7.84
N GLN A 170 5.77 4.49 8.34
CA GLN A 170 4.95 4.70 9.52
C GLN A 170 3.52 4.31 9.24
N GLU A 171 2.90 4.98 8.27
CA GLU A 171 1.52 4.69 7.90
C GLU A 171 1.37 3.22 7.53
N PHE A 172 2.46 2.62 7.05
CA PHE A 172 2.45 1.22 6.67
C PHE A 172 2.16 0.34 7.88
N GLN A 173 2.81 0.67 9.00
CA GLN A 173 2.63 -0.08 10.24
C GLN A 173 1.25 0.20 10.83
N ILE A 174 0.74 1.40 10.59
CA ILE A 174 -0.56 1.80 11.10
C ILE A 174 -1.67 0.95 10.49
N SER A 175 -1.54 0.66 9.20
CA SER A 175 -2.53 -0.16 8.50
C SER A 175 -2.49 -1.60 8.98
N LEU A 176 -1.29 -2.08 9.30
CA LEU A 176 -1.11 -3.45 9.77
C LEU A 176 -1.44 -3.57 11.24
N LYS A 177 -1.07 -2.55 12.02
CA LYS A 177 -1.33 -2.55 13.46
C LYS A 177 -2.83 -2.63 13.74
N ILE A 178 -3.61 -1.86 13.01
CA ILE A 178 -5.05 -1.84 13.19
C ILE A 178 -5.69 -3.10 12.60
N LEU A 179 -5.07 -3.63 11.56
CA LEU A 179 -5.58 -4.83 10.90
C LEU A 179 -5.29 -6.08 11.74
N THR A 180 -4.05 -6.20 12.20
CA THR A 180 -3.65 -7.34 13.02
C THR A 180 -4.48 -7.42 14.29
N GLU A 181 -4.91 -6.27 14.79
CA GLU A 181 -5.71 -6.20 16.01
C GLU A 181 -7.10 -6.79 15.76
N LYS A 182 -7.69 -6.43 14.62
CA LYS A 182 -9.02 -6.92 14.27
C LYS A 182 -8.97 -8.40 13.90
N CYS A 183 -7.86 -8.81 13.29
CA CYS A 183 -7.69 -10.20 12.88
C CYS A 183 -7.37 -11.08 14.08
N LEU A 184 -6.69 -10.50 15.07
CA LEU A 184 -6.30 -11.23 16.27
C LEU A 184 -7.55 -11.75 16.99
N GLU A 185 -8.67 -11.07 16.81
CA GLU A 185 -9.91 -11.47 17.44
C GLU A 185 -10.62 -12.54 16.62
N ASN A 186 -10.58 -12.38 15.30
CA ASN A 186 -11.21 -13.33 14.39
C ASN A 186 -10.25 -13.75 13.29
N PRO A 187 -9.24 -14.57 13.63
CA PRO A 187 -8.24 -15.05 12.67
C PRO A 187 -8.87 -15.90 11.57
N SER A 188 -9.75 -16.81 11.97
CA SER A 188 -10.43 -17.69 11.02
C SER A 188 -11.11 -16.89 9.92
N SER A 189 -11.76 -15.80 10.30
CA SER A 189 -12.45 -14.94 9.35
C SER A 189 -11.47 -14.27 8.40
N LEU A 190 -10.62 -13.41 8.94
CA LEU A 190 -9.63 -12.71 8.14
C LEU A 190 -8.29 -13.46 8.14
N GLN A 191 -8.29 -14.65 7.53
CA GLN A 191 -7.09 -15.46 7.45
C GLN A 191 -6.18 -14.99 6.33
N ASN A 192 -6.78 -14.54 5.23
CA ASN A 192 -6.02 -14.07 4.08
C ASN A 192 -5.15 -12.88 4.47
N LEU A 193 -5.72 -11.94 5.21
CA LEU A 193 -4.99 -10.76 5.64
C LEU A 193 -3.82 -11.14 6.54
N SER A 194 -4.09 -12.03 7.50
CA SER A 194 -3.06 -12.47 8.43
C SER A 194 -1.87 -13.08 7.68
N LEU A 195 -2.16 -13.93 6.71
CA LEU A 195 -1.11 -14.57 5.92
C LEU A 195 -0.26 -13.53 5.21
N THR A 196 -0.92 -12.61 4.51
CA THR A 196 -0.21 -11.56 3.79
C THR A 196 0.64 -10.73 4.75
N LEU A 197 0.18 -10.59 5.98
CA LEU A 197 0.90 -9.84 6.99
C LEU A 197 2.23 -10.49 7.33
N VAL A 198 2.17 -11.80 7.59
CA VAL A 198 3.37 -12.56 7.93
C VAL A 198 4.36 -12.61 6.77
N SER A 199 3.89 -12.28 5.57
CA SER A 199 4.74 -12.29 4.39
C SER A 199 5.51 -10.98 4.25
N ILE A 200 4.78 -9.87 4.21
CA ILE A 200 5.39 -8.55 4.07
C ILE A 200 6.42 -8.30 5.17
N ILE A 201 6.24 -8.94 6.32
CA ILE A 201 7.16 -8.78 7.44
C ILE A 201 7.59 -10.14 8.00
N LYS A 202 8.79 -10.58 7.62
CA LYS A 202 9.31 -11.86 8.09
C LYS A 202 10.26 -11.65 9.27
N THR A 203 9.96 -12.31 10.38
CA THR A 203 10.78 -12.21 11.58
C THR A 203 10.85 -13.55 12.31
N ALA A 204 11.44 -14.55 11.65
CA ALA A 204 11.57 -15.88 12.24
C ALA A 204 12.36 -16.81 11.32
N LYS A 51 5.45 -7.43 -13.93
CA LYS A 51 4.83 -8.11 -12.77
C LYS A 51 4.18 -7.10 -11.81
N THR A 52 5.00 -6.23 -11.25
CA THR A 52 4.52 -5.21 -10.32
C THR A 52 3.51 -4.29 -10.99
N GLN A 53 3.88 -3.75 -12.15
CA GLN A 53 2.99 -2.86 -12.90
C GLN A 53 1.70 -3.57 -13.27
N SER A 54 1.82 -4.81 -13.75
CA SER A 54 0.66 -5.59 -14.15
C SER A 54 -0.30 -5.79 -12.98
N ASP A 55 0.26 -6.07 -11.81
CA ASP A 55 -0.54 -6.28 -10.61
C ASP A 55 -1.37 -5.04 -10.29
N LEU A 56 -0.77 -3.87 -10.44
CA LEU A 56 -1.46 -2.61 -10.16
C LEU A 56 -2.69 -2.46 -11.03
N GLN A 57 -2.49 -2.47 -12.34
CA GLN A 57 -3.58 -2.32 -13.30
C GLN A 57 -4.66 -3.38 -13.06
N LYS A 58 -4.23 -4.63 -12.85
CA LYS A 58 -5.15 -5.73 -12.62
C LYS A 58 -5.92 -5.55 -11.31
N PHE A 59 -5.26 -5.04 -10.29
CA PHE A 59 -5.89 -4.84 -9.00
C PHE A 59 -6.94 -3.74 -9.06
N MET A 60 -6.72 -2.75 -9.93
CA MET A 60 -7.67 -1.65 -10.08
C MET A 60 -9.02 -2.18 -10.53
N THR A 61 -9.02 -2.88 -11.66
CA THR A 61 -10.24 -3.46 -12.20
C THR A 61 -10.85 -4.45 -11.21
N GLN A 62 -10.02 -4.94 -10.30
CA GLN A 62 -10.47 -5.88 -9.27
C GLN A 62 -11.34 -5.17 -8.23
N LEU A 63 -11.02 -3.91 -7.98
CA LEU A 63 -11.76 -3.12 -7.00
C LEU A 63 -13.18 -2.84 -7.50
N ASP A 64 -13.27 -2.21 -8.66
CA ASP A 64 -14.56 -1.88 -9.24
C ASP A 64 -15.44 -3.12 -9.42
N HIS A 65 -14.78 -4.28 -9.59
CA HIS A 65 -15.49 -5.54 -9.77
C HIS A 65 -15.81 -6.19 -8.43
N LEU A 66 -14.81 -6.26 -7.57
CA LEU A 66 -14.96 -6.88 -6.25
C LEU A 66 -16.04 -6.17 -5.44
N ILE A 67 -16.01 -4.84 -5.44
CA ILE A 67 -16.98 -4.06 -4.69
C ILE A 67 -18.35 -4.07 -5.36
N LYS A 68 -18.38 -3.89 -6.68
CA LYS A 68 -19.64 -3.90 -7.41
C LYS A 68 -20.48 -5.11 -7.06
N ASP A 69 -19.82 -6.20 -6.68
CA ASP A 69 -20.51 -7.42 -6.31
C ASP A 69 -20.80 -7.47 -4.81
N ASP A 70 -19.99 -6.73 -4.04
CA ASP A 70 -20.16 -6.69 -2.59
C ASP A 70 -21.08 -5.55 -2.18
N ILE A 71 -20.58 -4.33 -2.23
CA ILE A 71 -21.36 -3.16 -1.87
C ILE A 71 -21.13 -2.01 -2.85
N SER A 72 -21.81 -0.89 -2.61
CA SER A 72 -21.67 0.28 -3.48
C SER A 72 -21.24 1.51 -2.69
N ASN A 73 -21.66 1.60 -1.43
CA ASN A 73 -21.32 2.72 -0.58
C ASN A 73 -19.81 2.97 -0.54
N THR A 74 -19.04 1.89 -0.67
CA THR A 74 -17.58 1.99 -0.65
C THR A 74 -17.02 2.28 -2.05
N GLN A 75 -17.89 2.31 -3.05
CA GLN A 75 -17.47 2.58 -4.42
C GLN A 75 -16.60 3.84 -4.51
N GLU A 76 -16.82 4.76 -3.59
CA GLU A 76 -16.06 6.01 -3.58
C GLU A 76 -14.67 5.79 -2.97
N ILE A 77 -14.62 4.95 -1.94
CA ILE A 77 -13.36 4.64 -1.27
C ILE A 77 -12.43 3.86 -2.19
N ILE A 78 -12.89 2.70 -2.64
CA ILE A 78 -12.09 1.88 -3.53
C ILE A 78 -11.71 2.66 -4.78
N LYS A 79 -12.56 3.62 -5.15
CA LYS A 79 -12.32 4.45 -6.31
C LYS A 79 -10.99 5.20 -6.16
N ASP A 80 -10.74 5.72 -4.96
CA ASP A 80 -9.51 6.45 -4.70
C ASP A 80 -8.31 5.50 -4.70
N VAL A 81 -8.56 4.26 -4.27
CA VAL A 81 -7.51 3.26 -4.24
C VAL A 81 -7.03 2.96 -5.64
N LEU A 82 -7.94 2.45 -6.47
CA LEU A 82 -7.62 2.15 -7.86
C LEU A 82 -6.95 3.33 -8.53
N GLU A 83 -7.56 4.50 -8.36
CA GLU A 83 -7.04 5.74 -8.93
C GLU A 83 -5.58 5.94 -8.53
N TYR A 84 -5.27 5.58 -7.29
CA TYR A 84 -3.91 5.71 -6.78
C TYR A 84 -3.01 4.67 -7.44
N LEU A 85 -3.53 3.45 -7.59
CA LEU A 85 -2.79 2.36 -8.22
C LEU A 85 -2.29 2.79 -9.58
N LYS A 86 -3.12 3.52 -10.32
CA LYS A 86 -2.76 4.00 -11.64
C LYS A 86 -1.61 4.99 -11.55
N LYS A 87 -1.66 5.84 -10.53
CA LYS A 87 -0.60 6.82 -10.32
C LYS A 87 0.69 6.11 -9.95
N LEU A 88 0.60 5.24 -8.96
CA LEU A 88 1.77 4.48 -8.52
C LEU A 88 2.22 3.54 -9.63
N ASP A 89 1.29 3.19 -10.52
CA ASP A 89 1.60 2.31 -11.64
C ASP A 89 2.60 2.97 -12.57
N GLU A 90 2.50 4.28 -12.73
CA GLU A 90 3.40 5.03 -13.59
C GLU A 90 4.77 5.19 -12.94
N ILE A 91 4.78 5.28 -11.61
CA ILE A 91 6.02 5.43 -10.85
C ILE A 91 6.90 4.20 -11.00
N TYR A 92 6.30 3.03 -10.82
CA TYR A 92 7.02 1.76 -10.91
C TYR A 92 7.89 1.72 -12.17
N GLY A 93 7.46 2.43 -13.20
CA GLY A 93 8.20 2.45 -14.44
C GLY A 93 9.18 3.61 -14.52
N SER A 94 8.89 4.68 -13.78
CA SER A 94 9.75 5.86 -13.77
C SER A 94 10.36 6.07 -12.38
N LEU A 95 10.73 4.97 -11.73
CA LEU A 95 11.33 5.03 -10.40
C LEU A 95 12.73 5.64 -10.47
N ARG A 96 13.46 5.28 -11.51
CA ARG A 96 14.82 5.77 -11.70
C ARG A 96 14.87 7.30 -11.74
N ASN A 97 13.72 7.94 -11.96
CA ASN A 97 13.66 9.39 -12.01
C ASN A 97 14.29 10.02 -10.77
N HIS A 98 14.23 11.35 -10.70
CA HIS A 98 14.80 12.08 -9.57
C HIS A 98 13.76 12.33 -8.49
N SER A 99 12.64 12.94 -8.86
CA SER A 99 11.58 13.24 -7.90
C SER A 99 10.34 12.41 -8.15
N GLN A 100 10.53 11.21 -8.70
CA GLN A 100 9.41 10.32 -8.98
C GLN A 100 9.17 9.35 -7.83
N LEU A 101 10.26 9.00 -7.13
CA LEU A 101 10.18 8.08 -6.00
C LEU A 101 9.53 8.77 -4.80
N THR A 102 9.79 10.06 -4.67
CA THR A 102 9.25 10.85 -3.57
C THR A 102 7.73 10.72 -3.50
N GLU A 103 7.09 10.84 -4.66
CA GLU A 103 5.64 10.73 -4.75
C GLU A 103 5.17 9.31 -4.45
N ALA A 104 6.03 8.34 -4.76
CA ALA A 104 5.71 6.93 -4.54
C ALA A 104 5.52 6.66 -3.05
N LEU A 105 6.32 7.32 -2.24
CA LEU A 105 6.26 7.16 -0.78
C LEU A 105 5.08 7.94 -0.22
N SER A 106 4.93 9.16 -0.69
CA SER A 106 3.84 10.03 -0.26
C SER A 106 2.49 9.33 -0.43
N LEU A 107 2.36 8.59 -1.51
CA LEU A 107 1.12 7.85 -1.78
C LEU A 107 0.91 6.76 -0.76
N GLY A 108 1.94 5.95 -0.53
CA GLY A 108 1.83 4.88 0.44
C GLY A 108 1.28 5.37 1.76
N LYS A 109 1.67 6.59 2.13
CA LYS A 109 1.22 7.21 3.38
C LYS A 109 -0.23 7.66 3.26
N ARG A 110 -0.49 8.60 2.35
CA ARG A 110 -1.83 9.12 2.16
C ARG A 110 -2.79 8.01 1.76
N LEU A 111 -2.30 7.11 0.91
CA LEU A 111 -3.11 5.99 0.46
C LEU A 111 -3.58 5.16 1.65
N SER A 112 -2.72 5.08 2.66
CA SER A 112 -3.06 4.33 3.88
C SER A 112 -4.25 4.96 4.57
N LYS A 113 -4.30 6.29 4.55
CA LYS A 113 -5.39 7.02 5.17
C LYS A 113 -6.73 6.56 4.59
N SER A 114 -6.76 6.39 3.27
CA SER A 114 -7.96 5.93 2.60
C SER A 114 -8.39 4.58 3.13
N LEU A 115 -7.41 3.73 3.43
CA LEU A 115 -7.67 2.40 3.95
C LEU A 115 -8.40 2.48 5.29
N HIS A 116 -8.00 3.45 6.11
CA HIS A 116 -8.62 3.65 7.42
C HIS A 116 -10.11 3.88 7.27
N GLU A 117 -10.47 4.65 6.24
CA GLU A 117 -11.88 4.95 5.98
C GLU A 117 -12.62 3.68 5.56
N MET A 118 -11.89 2.73 4.98
CA MET A 118 -12.47 1.48 4.55
C MET A 118 -13.10 0.73 5.72
N CYS A 119 -12.30 0.52 6.77
CA CYS A 119 -12.78 -0.18 7.96
C CYS A 119 -13.44 0.80 8.93
N GLY A 120 -13.02 2.06 8.86
CA GLY A 120 -13.57 3.07 9.75
C GLY A 120 -15.09 3.15 9.68
N ILE A 121 -15.65 2.84 8.52
CA ILE A 121 -17.11 2.90 8.35
C ILE A 121 -17.60 1.81 7.39
N GLU A 122 -16.93 1.67 6.25
CA GLU A 122 -17.31 0.67 5.27
C GLU A 122 -16.97 -0.73 5.75
N PRO A 123 -17.65 -1.76 5.21
CA PRO A 123 -17.40 -3.16 5.60
C PRO A 123 -15.93 -3.53 5.50
N LEU A 124 -15.54 -4.57 6.23
CA LEU A 124 -14.16 -5.04 6.24
C LEU A 124 -13.93 -6.06 5.13
N GLU A 125 -13.27 -5.63 4.06
CA GLU A 125 -12.98 -6.51 2.95
C GLU A 125 -11.55 -7.04 3.01
N GLU A 126 -11.43 -8.37 3.05
CA GLU A 126 -10.12 -9.00 3.11
C GLU A 126 -9.44 -8.90 1.75
N GLU A 127 -10.24 -9.00 0.68
CA GLU A 127 -9.71 -8.91 -0.67
C GLU A 127 -9.09 -7.54 -0.90
N ILE A 128 -9.81 -6.50 -0.51
CA ILE A 128 -9.32 -5.14 -0.66
C ILE A 128 -8.10 -4.93 0.23
N CYS A 129 -8.26 -5.24 1.51
CA CYS A 129 -7.18 -5.10 2.47
C CYS A 129 -6.00 -5.99 2.09
N SER A 130 -6.27 -7.01 1.29
CA SER A 130 -5.23 -7.94 0.85
C SER A 130 -4.39 -7.34 -0.27
N GLY A 131 -5.07 -6.78 -1.27
CA GLY A 131 -4.37 -6.19 -2.39
C GLY A 131 -3.63 -4.92 -2.02
N LEU A 132 -4.27 -4.08 -1.21
CA LEU A 132 -3.67 -2.82 -0.77
C LEU A 132 -2.40 -3.07 0.03
N ILE A 133 -2.43 -4.08 0.88
CA ILE A 133 -1.28 -4.42 1.71
C ILE A 133 -0.17 -5.05 0.87
N GLU A 134 -0.57 -5.73 -0.21
CA GLU A 134 0.38 -6.38 -1.10
C GLU A 134 1.01 -5.37 -2.05
N GLN A 135 0.18 -4.54 -2.66
CA GLN A 135 0.66 -3.53 -3.60
C GLN A 135 1.58 -2.54 -2.90
N LEU A 136 1.24 -2.18 -1.67
CA LEU A 136 2.05 -1.25 -0.89
C LEU A 136 3.39 -1.87 -0.53
N TYR A 137 3.39 -3.17 -0.29
CA TYR A 137 4.62 -3.88 0.06
C TYR A 137 5.57 -3.93 -1.13
N LYS A 138 5.02 -3.89 -2.34
CA LYS A 138 5.84 -3.92 -3.54
C LYS A 138 6.52 -2.58 -3.77
N LEU A 139 5.84 -1.51 -3.35
CA LEU A 139 6.38 -0.16 -3.49
C LEU A 139 7.34 0.14 -2.35
N ILE A 140 7.10 -0.46 -1.19
CA ILE A 140 7.95 -0.24 -0.02
C ILE A 140 9.27 -0.98 -0.18
N THR A 141 9.23 -2.14 -0.84
CA THR A 141 10.43 -2.93 -1.06
C THR A 141 11.19 -2.44 -2.30
N ALA A 142 10.44 -1.97 -3.29
CA ALA A 142 11.04 -1.46 -4.52
C ALA A 142 11.73 -0.13 -4.27
N SER A 143 10.97 0.84 -3.77
CA SER A 143 11.50 2.17 -3.47
C SER A 143 12.68 2.07 -2.51
N ARG A 144 12.56 1.20 -1.51
CA ARG A 144 13.62 1.01 -0.52
C ARG A 144 14.92 0.57 -1.20
N ARG A 145 14.78 -0.20 -2.27
CA ARG A 145 15.94 -0.69 -3.01
C ARG A 145 16.59 0.43 -3.81
N ILE A 146 15.78 1.41 -4.21
CA ILE A 146 16.28 2.54 -4.99
C ILE A 146 17.03 3.52 -4.10
N LEU A 147 16.53 3.71 -2.88
CA LEU A 147 17.17 4.61 -1.93
C LEU A 147 18.60 4.17 -1.63
N GLU A 148 18.79 2.89 -1.39
CA GLU A 148 20.10 2.34 -1.09
C GLU A 148 21.05 2.53 -2.28
N SER A 149 20.51 2.36 -3.48
CA SER A 149 21.32 2.51 -4.70
C SER A 149 21.89 3.91 -4.80
N CYS A 150 21.03 4.92 -4.68
CA CYS A 150 21.45 6.30 -4.76
C CYS A 150 22.14 6.75 -3.47
N ALA A 151 21.70 6.17 -2.35
CA ALA A 151 22.28 6.50 -1.05
C ALA A 151 23.77 6.15 -1.00
N ASP A 152 24.58 7.13 -0.59
CA ASP A 152 26.02 6.92 -0.51
C ASP A 152 26.56 7.45 0.82
N SER A 153 25.71 7.45 1.85
CA SER A 153 26.10 7.93 3.17
C SER A 153 26.61 9.37 3.10
N ASN A 154 26.14 10.12 2.11
CA ASN A 154 26.55 11.51 1.93
C ASN A 154 25.84 12.14 0.74
N SER A 155 24.61 12.58 0.95
CA SER A 155 23.83 13.20 -0.11
C SER A 155 22.52 13.79 0.44
N PRO A 156 22.42 15.13 0.51
CA PRO A 156 21.22 15.80 1.01
C PRO A 156 19.94 15.28 0.37
N TYR A 157 20.04 14.85 -0.88
CA TYR A 157 18.88 14.32 -1.60
C TYR A 157 18.33 13.09 -0.90
N ILE A 158 19.22 12.28 -0.33
CA ILE A 158 18.81 11.07 0.37
C ILE A 158 17.90 11.42 1.55
N HIS A 159 18.12 12.59 2.14
CA HIS A 159 17.32 13.03 3.27
C HIS A 159 15.84 13.12 2.89
N HIS A 160 15.58 13.66 1.71
CA HIS A 160 14.21 13.80 1.22
C HIS A 160 13.54 12.44 1.10
N LEU A 161 14.25 11.49 0.49
CA LEU A 161 13.73 10.14 0.31
C LEU A 161 13.58 9.44 1.66
N ARG A 162 14.55 9.68 2.55
CA ARG A 162 14.53 9.09 3.88
C ARG A 162 13.39 9.67 4.72
N ASN A 163 12.97 10.88 4.39
CA ASN A 163 11.88 11.54 5.10
C ASN A 163 10.53 11.07 4.58
N ASP A 164 10.44 10.98 3.25
CA ASP A 164 9.21 10.53 2.60
C ASP A 164 9.07 9.01 2.74
N TYR A 165 10.20 8.32 2.91
CA TYR A 165 10.21 6.88 3.06
C TYR A 165 9.82 6.48 4.48
N GLN A 166 10.38 7.19 5.46
CA GLN A 166 10.09 6.89 6.87
C GLN A 166 8.61 7.04 7.14
N ASP A 167 7.98 8.04 6.53
CA ASP A 167 6.55 8.28 6.71
C ASP A 167 5.73 7.15 6.10
N LEU A 168 6.13 6.71 4.91
CA LEU A 168 5.44 5.63 4.22
C LEU A 168 5.50 4.35 5.06
N LEU A 169 6.72 3.99 5.48
CA LEU A 169 6.92 2.80 6.28
C LEU A 169 6.14 2.89 7.59
N GLN A 170 6.13 4.08 8.19
CA GLN A 170 5.42 4.29 9.44
C GLN A 170 3.93 4.12 9.22
N GLU A 171 3.39 4.90 8.29
CA GLU A 171 1.96 4.84 7.97
C GLU A 171 1.56 3.41 7.57
N PHE A 172 2.51 2.69 6.97
CA PHE A 172 2.27 1.32 6.54
C PHE A 172 2.00 0.44 7.75
N GLN A 173 2.86 0.54 8.76
CA GLN A 173 2.71 -0.24 9.98
C GLN A 173 1.38 0.06 10.64
N ILE A 174 0.92 1.29 10.49
CA ILE A 174 -0.36 1.71 11.07
C ILE A 174 -1.50 0.85 10.55
N SER A 175 -1.50 0.61 9.24
CA SER A 175 -2.54 -0.20 8.62
C SER A 175 -2.47 -1.65 9.11
N LEU A 176 -1.24 -2.09 9.42
CA LEU A 176 -1.04 -3.45 9.90
C LEU A 176 -1.37 -3.56 11.39
N LYS A 177 -1.02 -2.52 12.14
CA LYS A 177 -1.28 -2.48 13.58
C LYS A 177 -2.78 -2.52 13.86
N ILE A 178 -3.56 -1.95 12.94
CA ILE A 178 -5.01 -1.92 13.09
C ILE A 178 -5.65 -3.21 12.57
N LEU A 179 -5.05 -3.77 11.52
CA LEU A 179 -5.56 -5.00 10.93
C LEU A 179 -5.10 -6.22 11.73
N THR A 180 -3.94 -6.11 12.34
CA THR A 180 -3.39 -7.20 13.14
C THR A 180 -4.17 -7.38 14.44
N GLU A 181 -4.42 -6.27 15.13
CA GLU A 181 -5.15 -6.30 16.38
C GLU A 181 -6.54 -6.89 16.19
N LYS A 182 -7.27 -6.35 15.22
CA LYS A 182 -8.61 -6.83 14.92
C LYS A 182 -8.60 -8.32 14.55
N CYS A 183 -7.52 -8.75 13.90
CA CYS A 183 -7.38 -10.14 13.49
C CYS A 183 -6.93 -11.01 14.66
N LEU A 184 -6.05 -10.46 15.50
CA LEU A 184 -5.54 -11.19 16.66
C LEU A 184 -6.68 -11.55 17.61
N GLU A 185 -7.74 -10.75 17.61
CA GLU A 185 -8.89 -10.99 18.47
C GLU A 185 -9.79 -12.07 17.87
N ASN A 186 -9.95 -12.02 16.55
CA ASN A 186 -10.79 -12.99 15.85
C ASN A 186 -10.13 -13.44 14.55
N PRO A 187 -9.06 -14.24 14.65
CA PRO A 187 -8.33 -14.75 13.47
C PRO A 187 -9.21 -15.63 12.58
N SER A 188 -9.97 -16.52 13.22
CA SER A 188 -10.85 -17.42 12.49
C SER A 188 -11.75 -16.66 11.52
N SER A 189 -12.08 -15.42 11.88
CA SER A 189 -12.92 -14.58 11.03
C SER A 189 -12.23 -14.27 9.71
N LEU A 190 -10.96 -13.92 9.78
CA LEU A 190 -10.18 -13.59 8.59
C LEU A 190 -8.74 -14.09 8.72
N GLN A 191 -8.51 -15.34 8.30
CA GLN A 191 -7.19 -15.93 8.38
C GLN A 191 -6.34 -15.55 7.16
N ASN A 192 -7.01 -15.32 6.04
CA ASN A 192 -6.30 -14.94 4.81
C ASN A 192 -5.64 -13.58 4.98
N LEU A 193 -6.27 -12.73 5.78
CA LEU A 193 -5.75 -11.39 6.03
C LEU A 193 -4.43 -11.46 6.78
N SER A 194 -4.46 -12.05 7.96
CA SER A 194 -3.26 -12.18 8.79
C SER A 194 -2.12 -12.84 8.03
N LEU A 195 -2.47 -13.76 7.13
CA LEU A 195 -1.48 -14.45 6.32
C LEU A 195 -0.67 -13.48 5.49
N THR A 196 -1.37 -12.61 4.75
CA THR A 196 -0.71 -11.62 3.91
C THR A 196 0.17 -10.70 4.75
N LEU A 197 -0.26 -10.46 5.99
CA LEU A 197 0.50 -9.60 6.90
C LEU A 197 1.87 -10.21 7.20
N VAL A 198 1.90 -11.51 7.44
CA VAL A 198 3.15 -12.19 7.74
C VAL A 198 4.05 -12.31 6.50
N SER A 199 3.45 -12.10 5.32
CA SER A 199 4.20 -12.17 4.07
C SER A 199 4.95 -10.87 3.81
N ILE A 200 4.22 -9.76 3.87
CA ILE A 200 4.82 -8.44 3.63
C ILE A 200 5.96 -8.16 4.61
N ILE A 201 5.83 -8.69 5.82
CA ILE A 201 6.85 -8.48 6.85
C ILE A 201 7.98 -9.50 6.70
N LYS A 202 8.96 -9.42 7.61
CA LYS A 202 10.10 -10.33 7.58
C LYS A 202 10.21 -11.11 8.88
N THR A 203 9.06 -11.36 9.51
CA THR A 203 9.02 -12.11 10.77
C THR A 203 10.11 -11.65 11.75
N ALA A 204 10.30 -10.33 11.82
CA ALA A 204 11.31 -9.77 12.71
C ALA A 204 10.68 -9.27 14.01
N LYS A 51 6.58 -6.32 -13.96
CA LYS A 51 5.38 -7.15 -13.69
C LYS A 51 4.44 -6.46 -12.71
N THR A 52 5.00 -5.65 -11.83
CA THR A 52 4.21 -4.93 -10.83
C THR A 52 3.19 -4.02 -11.50
N GLN A 53 3.53 -3.52 -12.69
CA GLN A 53 2.65 -2.64 -13.43
C GLN A 53 1.38 -3.37 -13.85
N SER A 54 1.53 -4.60 -14.32
CA SER A 54 0.40 -5.41 -14.75
C SER A 54 -0.50 -5.77 -13.58
N ASP A 55 0.11 -5.90 -12.40
CA ASP A 55 -0.63 -6.24 -11.19
C ASP A 55 -1.47 -5.07 -10.71
N LEU A 56 -0.89 -3.87 -10.77
CA LEU A 56 -1.58 -2.66 -10.33
C LEU A 56 -2.86 -2.45 -11.15
N GLN A 57 -2.73 -2.52 -12.47
CA GLN A 57 -3.87 -2.33 -13.36
C GLN A 57 -4.95 -3.39 -13.09
N LYS A 58 -4.54 -4.64 -12.97
CA LYS A 58 -5.47 -5.73 -12.72
C LYS A 58 -6.20 -5.56 -11.39
N PHE A 59 -5.48 -5.09 -10.37
CA PHE A 59 -6.08 -4.89 -9.06
C PHE A 59 -7.14 -3.80 -9.09
N MET A 60 -6.94 -2.80 -9.94
CA MET A 60 -7.90 -1.70 -10.07
C MET A 60 -9.27 -2.24 -10.46
N THR A 61 -9.29 -2.99 -11.55
CA THR A 61 -10.53 -3.58 -12.04
C THR A 61 -11.10 -4.55 -11.00
N GLN A 62 -10.23 -5.00 -10.10
CA GLN A 62 -10.63 -5.93 -9.04
C GLN A 62 -11.49 -5.22 -7.99
N LEU A 63 -11.16 -3.94 -7.75
CA LEU A 63 -11.90 -3.15 -6.77
C LEU A 63 -13.32 -2.88 -7.25
N ASP A 64 -13.44 -2.24 -8.40
CA ASP A 64 -14.74 -1.91 -8.96
C ASP A 64 -15.61 -3.16 -9.10
N HIS A 65 -14.97 -4.30 -9.30
CA HIS A 65 -15.69 -5.57 -9.45
C HIS A 65 -15.96 -6.22 -8.10
N LEU A 66 -14.94 -6.30 -7.26
CA LEU A 66 -15.08 -6.91 -5.95
C LEU A 66 -16.13 -6.20 -5.11
N ILE A 67 -16.11 -4.88 -5.12
CA ILE A 67 -17.07 -4.08 -4.35
C ILE A 67 -18.45 -4.15 -4.99
N LYS A 68 -18.52 -3.97 -6.30
CA LYS A 68 -19.79 -4.00 -7.02
C LYS A 68 -20.60 -5.23 -6.63
N ASP A 69 -19.92 -6.30 -6.23
CA ASP A 69 -20.59 -7.53 -5.84
C ASP A 69 -20.77 -7.59 -4.33
N ASP A 70 -19.96 -6.84 -3.59
CA ASP A 70 -20.04 -6.83 -2.13
C ASP A 70 -20.86 -5.64 -1.63
N ILE A 71 -20.26 -4.45 -1.65
CA ILE A 71 -20.94 -3.24 -1.19
C ILE A 71 -21.06 -2.22 -2.32
N SER A 72 -21.35 -0.97 -1.96
CA SER A 72 -21.49 0.09 -2.96
C SER A 72 -21.07 1.44 -2.38
N ASN A 73 -21.53 1.72 -1.17
CA ASN A 73 -21.20 2.97 -0.50
C ASN A 73 -19.69 3.20 -0.48
N THR A 74 -18.93 2.12 -0.39
CA THR A 74 -17.48 2.20 -0.36
C THR A 74 -16.91 2.48 -1.75
N GLN A 75 -17.78 2.48 -2.77
CA GLN A 75 -17.36 2.73 -4.14
C GLN A 75 -16.49 3.98 -4.23
N GLU A 76 -16.70 4.92 -3.31
CA GLU A 76 -15.93 6.16 -3.29
C GLU A 76 -14.54 5.91 -2.69
N ILE A 77 -14.49 5.06 -1.67
CA ILE A 77 -13.23 4.75 -1.02
C ILE A 77 -12.33 3.95 -1.95
N ILE A 78 -12.80 2.77 -2.36
CA ILE A 78 -12.03 1.95 -3.26
C ILE A 78 -11.69 2.71 -4.54
N LYS A 79 -12.52 3.71 -4.85
CA LYS A 79 -12.31 4.54 -6.02
C LYS A 79 -10.97 5.25 -5.95
N ASP A 80 -10.67 5.80 -4.78
CA ASP A 80 -9.40 6.50 -4.57
C ASP A 80 -8.24 5.51 -4.62
N VAL A 81 -8.50 4.28 -4.21
CA VAL A 81 -7.48 3.24 -4.22
C VAL A 81 -7.07 2.93 -5.65
N LEU A 82 -8.02 2.46 -6.44
CA LEU A 82 -7.78 2.14 -7.85
C LEU A 82 -7.08 3.30 -8.53
N GLU A 83 -7.64 4.49 -8.32
CA GLU A 83 -7.09 5.71 -8.89
C GLU A 83 -5.61 5.83 -8.53
N TYR A 84 -5.30 5.51 -7.28
CA TYR A 84 -3.92 5.56 -6.80
C TYR A 84 -3.07 4.50 -7.51
N LEU A 85 -3.63 3.31 -7.66
CA LEU A 85 -2.94 2.22 -8.32
C LEU A 85 -2.46 2.65 -9.71
N LYS A 86 -3.30 3.40 -10.40
CA LYS A 86 -2.96 3.89 -11.73
C LYS A 86 -1.81 4.88 -11.64
N LYS A 87 -1.84 5.72 -10.61
CA LYS A 87 -0.78 6.70 -10.40
C LYS A 87 0.53 5.98 -10.09
N LEU A 88 0.48 5.08 -9.12
CA LEU A 88 1.67 4.32 -8.75
C LEU A 88 2.09 3.39 -9.88
N ASP A 89 1.16 3.12 -10.80
CA ASP A 89 1.41 2.25 -11.94
C ASP A 89 2.39 2.93 -12.92
N GLU A 90 2.28 4.25 -13.02
CA GLU A 90 3.14 5.02 -13.91
C GLU A 90 4.52 5.22 -13.30
N ILE A 91 4.57 5.32 -11.98
CA ILE A 91 5.84 5.51 -11.27
C ILE A 91 6.64 4.22 -11.23
N TYR A 92 5.98 3.14 -10.85
CA TYR A 92 6.62 1.83 -10.77
C TYR A 92 7.39 1.51 -12.04
N GLY A 93 6.95 2.08 -13.16
CA GLY A 93 7.61 1.84 -14.42
C GLY A 93 8.66 2.89 -14.73
N SER A 94 8.46 4.09 -14.20
CA SER A 94 9.40 5.19 -14.43
C SER A 94 10.14 5.55 -13.15
N LEU A 95 10.39 4.55 -12.32
CA LEU A 95 11.10 4.75 -11.06
C LEU A 95 12.61 4.80 -11.29
N ARG A 96 13.23 5.89 -10.86
CA ARG A 96 14.67 6.05 -11.02
C ARG A 96 15.15 7.34 -10.36
N ASN A 97 14.84 8.47 -10.98
CA ASN A 97 15.25 9.78 -10.46
C ASN A 97 14.65 10.00 -9.08
N HIS A 98 15.02 11.12 -8.45
CA HIS A 98 14.53 11.46 -7.12
C HIS A 98 13.32 12.38 -7.20
N SER A 99 12.64 12.38 -8.34
CA SER A 99 11.47 13.22 -8.53
C SER A 99 10.22 12.37 -8.76
N GLN A 100 10.40 11.21 -9.39
CA GLN A 100 9.29 10.32 -9.66
C GLN A 100 8.96 9.45 -8.44
N LEU A 101 9.95 8.70 -7.97
CA LEU A 101 9.77 7.84 -6.81
C LEU A 101 9.35 8.64 -5.58
N THR A 102 9.70 9.91 -5.55
CA THR A 102 9.37 10.77 -4.42
C THR A 102 7.85 10.82 -4.21
N GLU A 103 7.13 11.11 -5.29
CA GLU A 103 5.67 11.18 -5.20
C GLU A 103 5.09 9.82 -4.83
N ALA A 104 5.79 8.76 -5.19
CA ALA A 104 5.34 7.41 -4.88
C ALA A 104 5.28 7.20 -3.37
N LEU A 105 6.27 7.75 -2.67
CA LEU A 105 6.34 7.66 -1.23
C LEU A 105 5.11 8.29 -0.60
N SER A 106 4.78 9.48 -1.08
CA SER A 106 3.62 10.20 -0.59
C SER A 106 2.37 9.35 -0.69
N LEU A 107 2.17 8.72 -1.86
CA LEU A 107 1.02 7.86 -2.08
C LEU A 107 0.97 6.75 -1.03
N GLY A 108 2.11 6.11 -0.79
CA GLY A 108 2.15 5.05 0.21
C GLY A 108 1.59 5.51 1.54
N LYS A 109 1.75 6.80 1.83
CA LYS A 109 1.25 7.38 3.06
C LYS A 109 -0.23 7.73 2.94
N ARG A 110 -0.55 8.64 2.02
CA ARG A 110 -1.93 9.06 1.81
C ARG A 110 -2.81 7.86 1.50
N LEU A 111 -2.28 6.94 0.69
CA LEU A 111 -3.01 5.74 0.32
C LEU A 111 -3.35 4.92 1.55
N SER A 112 -2.35 4.74 2.42
CA SER A 112 -2.55 3.99 3.66
C SER A 112 -3.65 4.60 4.49
N LYS A 113 -3.80 5.92 4.40
CA LYS A 113 -4.82 6.64 5.14
C LYS A 113 -6.21 6.11 4.77
N SER A 114 -6.45 5.97 3.48
CA SER A 114 -7.73 5.47 2.98
C SER A 114 -7.97 4.05 3.50
N LEU A 115 -6.90 3.27 3.58
CA LEU A 115 -6.99 1.90 4.07
C LEU A 115 -7.38 1.89 5.55
N HIS A 116 -6.84 2.85 6.29
CA HIS A 116 -7.13 2.97 7.72
C HIS A 116 -8.62 3.12 7.95
N GLU A 117 -9.29 3.81 7.03
CA GLU A 117 -10.72 4.01 7.12
C GLU A 117 -11.49 2.77 6.70
N MET A 118 -10.89 1.98 5.81
CA MET A 118 -11.51 0.75 5.33
C MET A 118 -11.93 -0.14 6.49
N CYS A 119 -11.05 -0.25 7.48
CA CYS A 119 -11.33 -1.08 8.65
C CYS A 119 -12.09 -0.30 9.71
N GLY A 120 -11.91 1.01 9.71
CA GLY A 120 -12.60 1.86 10.68
C GLY A 120 -13.89 2.45 10.14
N ILE A 121 -14.55 1.71 9.26
CA ILE A 121 -15.81 2.16 8.67
C ILE A 121 -16.32 1.14 7.65
N GLU A 122 -17.61 0.86 7.72
CA GLU A 122 -18.24 -0.09 6.82
C GLU A 122 -17.54 -1.45 6.88
N PRO A 123 -18.13 -2.50 6.28
CA PRO A 123 -17.54 -3.84 6.29
C PRO A 123 -16.12 -3.85 5.75
N LEU A 124 -15.35 -4.87 6.13
CA LEU A 124 -13.97 -4.99 5.69
C LEU A 124 -13.83 -5.98 4.54
N GLU A 125 -13.11 -5.59 3.51
CA GLU A 125 -12.90 -6.44 2.35
C GLU A 125 -11.50 -7.05 2.39
N GLU A 126 -11.44 -8.37 2.51
CA GLU A 126 -10.16 -9.07 2.56
C GLU A 126 -9.46 -9.04 1.20
N GLU A 127 -10.23 -9.07 0.13
CA GLU A 127 -9.67 -9.03 -1.21
C GLU A 127 -8.92 -7.73 -1.43
N ILE A 128 -9.60 -6.62 -1.25
CA ILE A 128 -9.00 -5.31 -1.43
C ILE A 128 -7.91 -5.10 -0.38
N CYS A 129 -8.19 -5.50 0.86
CA CYS A 129 -7.23 -5.36 1.94
C CYS A 129 -6.00 -6.22 1.67
N SER A 130 -6.17 -7.27 0.86
CA SER A 130 -5.08 -8.16 0.52
C SER A 130 -4.20 -7.56 -0.57
N GLY A 131 -4.84 -7.00 -1.59
CA GLY A 131 -4.10 -6.39 -2.68
C GLY A 131 -3.44 -5.09 -2.28
N LEU A 132 -4.19 -4.25 -1.57
CA LEU A 132 -3.67 -2.96 -1.13
C LEU A 132 -2.40 -3.14 -0.29
N ILE A 133 -2.48 -4.01 0.71
CA ILE A 133 -1.34 -4.28 1.58
C ILE A 133 -0.15 -4.80 0.78
N GLU A 134 -0.44 -5.52 -0.30
CA GLU A 134 0.61 -6.08 -1.14
C GLU A 134 1.11 -5.07 -2.15
N GLN A 135 0.21 -4.20 -2.62
CA GLN A 135 0.57 -3.18 -3.59
C GLN A 135 1.39 -2.10 -2.91
N LEU A 136 0.89 -1.62 -1.77
CA LEU A 136 1.57 -0.60 -1.00
C LEU A 136 2.90 -1.14 -0.48
N TYR A 137 2.88 -2.41 -0.07
CA TYR A 137 4.09 -3.06 0.45
C TYR A 137 5.10 -3.26 -0.68
N LYS A 138 4.60 -3.46 -1.89
CA LYS A 138 5.47 -3.65 -3.04
C LYS A 138 6.28 -2.40 -3.32
N LEU A 139 5.71 -1.24 -3.01
CA LEU A 139 6.38 0.03 -3.22
C LEU A 139 7.46 0.27 -2.16
N ILE A 140 7.19 -0.21 -0.94
CA ILE A 140 8.14 -0.04 0.16
C ILE A 140 9.43 -0.80 -0.12
N THR A 141 9.32 -1.90 -0.87
CA THR A 141 10.48 -2.71 -1.22
C THR A 141 11.25 -2.10 -2.38
N ALA A 142 10.52 -1.64 -3.39
CA ALA A 142 11.13 -1.03 -4.55
C ALA A 142 11.85 0.26 -4.17
N SER A 143 11.12 1.18 -3.56
CA SER A 143 11.69 2.46 -3.13
C SER A 143 12.92 2.23 -2.24
N ARG A 144 12.83 1.22 -1.38
CA ARG A 144 13.93 0.89 -0.49
C ARG A 144 15.14 0.36 -1.27
N ARG A 145 14.89 -0.11 -2.49
CA ARG A 145 15.96 -0.64 -3.33
C ARG A 145 16.83 0.49 -3.88
N ILE A 146 16.19 1.61 -4.23
CA ILE A 146 16.90 2.76 -4.75
C ILE A 146 17.49 3.60 -3.63
N LEU A 147 16.78 3.64 -2.50
CA LEU A 147 17.24 4.41 -1.35
C LEU A 147 18.43 3.73 -0.67
N GLU A 148 18.34 2.42 -0.52
CA GLU A 148 19.41 1.65 0.10
C GLU A 148 20.61 1.50 -0.83
N SER A 149 20.34 1.61 -2.14
CA SER A 149 21.41 1.49 -3.14
C SER A 149 22.56 2.45 -2.84
N CYS A 150 22.22 3.58 -2.23
CA CYS A 150 23.23 4.57 -1.88
C CYS A 150 23.85 4.27 -0.52
N ALA A 151 23.11 3.56 0.32
CA ALA A 151 23.58 3.20 1.66
C ALA A 151 23.76 4.44 2.53
N ASP A 152 24.84 5.18 2.28
CA ASP A 152 25.14 6.39 3.03
C ASP A 152 26.39 7.07 2.51
N SER A 153 26.25 8.33 2.12
CA SER A 153 27.37 9.10 1.59
C SER A 153 27.18 10.59 1.84
N ASN A 154 26.38 10.92 2.86
CA ASN A 154 26.13 12.31 3.21
C ASN A 154 25.60 13.10 2.00
N SER A 155 24.31 12.96 1.72
CA SER A 155 23.70 13.65 0.59
C SER A 155 22.31 14.17 0.96
N PRO A 156 21.90 15.31 0.37
CA PRO A 156 20.59 15.90 0.65
C PRO A 156 19.45 15.08 0.05
N TYR A 157 19.74 14.40 -1.05
CA TYR A 157 18.73 13.58 -1.72
C TYR A 157 18.21 12.49 -0.79
N ILE A 158 19.13 11.85 -0.07
CA ILE A 158 18.77 10.79 0.86
C ILE A 158 17.84 11.31 1.95
N HIS A 159 18.11 12.52 2.42
CA HIS A 159 17.30 13.14 3.47
C HIS A 159 15.86 13.32 2.99
N HIS A 160 15.70 13.91 1.82
CA HIS A 160 14.38 14.14 1.26
C HIS A 160 13.66 12.82 1.03
N LEU A 161 14.39 11.82 0.55
CA LEU A 161 13.83 10.50 0.31
C LEU A 161 13.46 9.83 1.62
N ARG A 162 14.34 9.94 2.61
CA ARG A 162 14.10 9.35 3.92
C ARG A 162 12.93 10.02 4.63
N ASN A 163 12.66 11.27 4.25
CA ASN A 163 11.56 12.03 4.84
C ASN A 163 10.23 11.52 4.30
N ASP A 164 10.11 11.46 2.98
CA ASP A 164 8.90 10.99 2.34
C ASP A 164 8.77 9.48 2.52
N TYR A 165 9.90 8.81 2.72
CA TYR A 165 9.92 7.37 2.92
C TYR A 165 9.49 7.01 4.34
N GLN A 166 9.99 7.76 5.32
CA GLN A 166 9.66 7.51 6.71
C GLN A 166 8.15 7.67 6.93
N ASP A 167 7.54 8.57 6.16
CA ASP A 167 6.11 8.79 6.26
C ASP A 167 5.34 7.60 5.72
N LEU A 168 5.83 7.05 4.61
CA LEU A 168 5.21 5.89 3.99
C LEU A 168 5.32 4.68 4.91
N LEU A 169 6.52 4.46 5.45
CA LEU A 169 6.76 3.34 6.34
C LEU A 169 5.92 3.45 7.60
N GLN A 170 5.74 4.68 8.08
CA GLN A 170 4.94 4.91 9.27
C GLN A 170 3.49 4.51 9.02
N GLU A 171 2.87 5.16 8.04
CA GLU A 171 1.49 4.87 7.70
C GLU A 171 1.32 3.38 7.39
N PHE A 172 2.38 2.78 6.85
CA PHE A 172 2.36 1.36 6.52
C PHE A 172 2.11 0.53 7.77
N GLN A 173 2.72 0.94 8.87
CA GLN A 173 2.56 0.24 10.14
C GLN A 173 1.22 0.60 10.79
N ILE A 174 0.79 1.85 10.59
CA ILE A 174 -0.47 2.32 11.14
C ILE A 174 -1.64 1.46 10.66
N SER A 175 -1.71 1.25 9.35
CA SER A 175 -2.78 0.45 8.76
C SER A 175 -2.66 -1.01 9.19
N LEU A 176 -1.43 -1.49 9.32
CA LEU A 176 -1.18 -2.87 9.73
C LEU A 176 -1.43 -3.05 11.23
N LYS A 177 -1.21 -2.00 11.99
CA LYS A 177 -1.40 -2.05 13.44
C LYS A 177 -2.84 -2.41 13.78
N ILE A 178 -3.79 -1.64 13.25
CA ILE A 178 -5.21 -1.89 13.50
C ILE A 178 -5.68 -3.15 12.79
N LEU A 179 -5.08 -3.42 11.62
CA LEU A 179 -5.44 -4.58 10.83
C LEU A 179 -5.16 -5.87 11.61
N THR A 180 -3.94 -6.01 12.11
CA THR A 180 -3.55 -7.19 12.86
C THR A 180 -4.40 -7.32 14.13
N GLU A 181 -4.85 -6.19 14.65
CA GLU A 181 -5.66 -6.18 15.87
C GLU A 181 -7.08 -6.66 15.55
N LYS A 182 -7.56 -6.35 14.36
CA LYS A 182 -8.90 -6.75 13.95
C LYS A 182 -8.95 -8.24 13.62
N CYS A 183 -7.88 -8.73 12.97
CA CYS A 183 -7.80 -10.13 12.60
C CYS A 183 -7.43 -10.99 13.81
N LEU A 184 -6.67 -10.40 14.73
CA LEU A 184 -6.25 -11.11 15.93
C LEU A 184 -7.45 -11.50 16.79
N GLU A 185 -8.60 -10.88 16.54
CA GLU A 185 -9.81 -11.19 17.28
C GLU A 185 -10.51 -12.40 16.69
N ASN A 186 -10.43 -12.53 15.37
CA ASN A 186 -11.05 -13.65 14.67
C ASN A 186 -10.06 -14.33 13.73
N PRO A 187 -9.07 -15.05 14.29
CA PRO A 187 -8.05 -15.76 13.49
C PRO A 187 -8.66 -16.86 12.64
N SER A 188 -9.59 -17.62 13.22
CA SER A 188 -10.23 -18.71 12.51
C SER A 188 -10.86 -18.22 11.21
N SER A 189 -11.31 -16.97 11.20
CA SER A 189 -11.93 -16.40 10.01
C SER A 189 -10.99 -15.41 9.33
N LEU A 190 -11.01 -15.40 8.01
CA LEU A 190 -10.16 -14.50 7.24
C LEU A 190 -8.68 -14.77 7.52
N GLN A 191 -8.15 -15.82 6.90
CA GLN A 191 -6.75 -16.19 7.09
C GLN A 191 -5.87 -15.47 6.08
N ASN A 192 -6.42 -15.15 4.92
CA ASN A 192 -5.67 -14.47 3.88
C ASN A 192 -5.10 -13.14 4.39
N LEU A 193 -5.87 -12.45 5.23
CA LEU A 193 -5.45 -11.18 5.79
C LEU A 193 -4.25 -11.37 6.71
N SER A 194 -4.42 -12.20 7.74
CA SER A 194 -3.35 -12.47 8.69
C SER A 194 -2.11 -13.01 7.97
N LEU A 195 -2.34 -13.85 6.97
CA LEU A 195 -1.25 -14.43 6.20
C LEU A 195 -0.43 -13.36 5.50
N THR A 196 -1.11 -12.48 4.77
CA THR A 196 -0.44 -11.39 4.07
C THR A 196 0.33 -10.50 5.03
N LEU A 197 -0.20 -10.36 6.24
CA LEU A 197 0.44 -9.54 7.26
C LEU A 197 1.79 -10.13 7.66
N VAL A 198 1.81 -11.43 7.92
CA VAL A 198 3.04 -12.12 8.31
C VAL A 198 4.02 -12.20 7.15
N SER A 199 3.54 -11.98 5.93
CA SER A 199 4.39 -12.03 4.75
C SER A 199 5.14 -10.72 4.56
N ILE A 200 4.40 -9.62 4.53
CA ILE A 200 4.99 -8.30 4.36
C ILE A 200 5.91 -7.96 5.53
N ILE A 201 5.47 -8.26 6.74
CA ILE A 201 6.25 -7.99 7.94
C ILE A 201 6.54 -9.27 8.70
N LYS A 202 7.80 -9.45 9.11
CA LYS A 202 8.19 -10.64 9.85
C LYS A 202 9.69 -10.60 10.18
N THR A 203 10.48 -10.05 9.27
CA THR A 203 11.93 -9.95 9.46
C THR A 203 12.28 -8.74 10.31
N ALA A 204 11.71 -8.67 11.50
CA ALA A 204 11.97 -7.57 12.41
C ALA A 204 13.13 -7.88 13.34
N LYS A 51 5.89 -7.33 -13.88
CA LYS A 51 5.05 -8.11 -12.94
C LYS A 51 4.33 -7.19 -11.96
N THR A 52 5.09 -6.33 -11.28
CA THR A 52 4.52 -5.40 -10.32
C THR A 52 3.51 -4.47 -10.98
N GLN A 53 3.84 -3.99 -12.18
CA GLN A 53 2.97 -3.09 -12.92
C GLN A 53 1.65 -3.77 -13.26
N SER A 54 1.74 -5.00 -13.77
CA SER A 54 0.55 -5.77 -14.14
C SER A 54 -0.35 -5.98 -12.93
N ASP A 55 0.26 -6.14 -11.76
CA ASP A 55 -0.49 -6.36 -10.54
C ASP A 55 -1.34 -5.13 -10.18
N LEU A 56 -0.73 -3.95 -10.31
CA LEU A 56 -1.42 -2.70 -10.01
C LEU A 56 -2.67 -2.55 -10.87
N GLN A 57 -2.48 -2.63 -12.19
CA GLN A 57 -3.59 -2.49 -13.13
C GLN A 57 -4.68 -3.53 -12.86
N LYS A 58 -4.26 -4.79 -12.69
CA LYS A 58 -5.21 -5.87 -12.45
C LYS A 58 -5.97 -5.68 -11.14
N PHE A 59 -5.27 -5.15 -10.13
CA PHE A 59 -5.89 -4.93 -8.83
C PHE A 59 -6.96 -3.84 -8.90
N MET A 60 -6.76 -2.88 -9.79
CA MET A 60 -7.72 -1.79 -9.95
C MET A 60 -9.07 -2.33 -10.40
N THR A 61 -9.07 -3.04 -11.51
CA THR A 61 -10.29 -3.63 -12.04
C THR A 61 -10.90 -4.60 -11.02
N GLN A 62 -10.08 -5.07 -10.09
CA GLN A 62 -10.53 -5.98 -9.05
C GLN A 62 -11.42 -5.26 -8.05
N LEU A 63 -11.09 -4.00 -7.77
CA LEU A 63 -11.86 -3.21 -6.82
C LEU A 63 -13.25 -2.91 -7.36
N ASP A 64 -13.30 -2.24 -8.50
CA ASP A 64 -14.57 -1.88 -9.13
C ASP A 64 -15.48 -3.09 -9.28
N HIS A 65 -14.87 -4.27 -9.45
CA HIS A 65 -15.63 -5.50 -9.62
C HIS A 65 -15.95 -6.15 -8.28
N LEU A 66 -14.94 -6.30 -7.43
CA LEU A 66 -15.11 -6.92 -6.12
C LEU A 66 -16.14 -6.17 -5.29
N ILE A 67 -16.11 -4.84 -5.37
CA ILE A 67 -17.04 -4.01 -4.61
C ILE A 67 -18.40 -3.93 -5.30
N LYS A 68 -18.39 -3.91 -6.62
CA LYS A 68 -19.64 -3.83 -7.39
C LYS A 68 -20.60 -4.94 -6.97
N ASP A 69 -20.05 -6.06 -6.52
CA ASP A 69 -20.86 -7.20 -6.11
C ASP A 69 -21.00 -7.26 -4.59
N ASP A 70 -20.08 -6.61 -3.88
CA ASP A 70 -20.11 -6.61 -2.41
C ASP A 70 -20.98 -5.47 -1.88
N ILE A 71 -20.48 -4.25 -1.99
CA ILE A 71 -21.21 -3.08 -1.50
C ILE A 71 -21.04 -1.90 -2.47
N SER A 72 -21.88 -0.87 -2.30
CA SER A 72 -21.83 0.30 -3.15
C SER A 72 -21.41 1.54 -2.36
N ASN A 73 -21.79 1.58 -1.08
CA ASN A 73 -21.46 2.72 -0.23
C ASN A 73 -19.96 2.96 -0.18
N THR A 74 -19.18 1.93 -0.47
CA THR A 74 -17.71 2.05 -0.46
C THR A 74 -17.17 2.28 -1.87
N GLN A 75 -18.05 2.26 -2.87
CA GLN A 75 -17.63 2.48 -4.25
C GLN A 75 -16.78 3.74 -4.39
N GLU A 76 -17.02 4.71 -3.51
CA GLU A 76 -16.27 5.96 -3.54
C GLU A 76 -14.88 5.78 -2.95
N ILE A 77 -14.80 4.97 -1.90
CA ILE A 77 -13.53 4.71 -1.24
C ILE A 77 -12.60 3.90 -2.14
N ILE A 78 -13.04 2.70 -2.53
CA ILE A 78 -12.25 1.86 -3.40
C ILE A 78 -11.92 2.60 -4.69
N LYS A 79 -12.77 3.56 -5.05
CA LYS A 79 -12.56 4.35 -6.25
C LYS A 79 -11.23 5.11 -6.17
N ASP A 80 -10.97 5.69 -5.01
CA ASP A 80 -9.73 6.43 -4.80
C ASP A 80 -8.54 5.47 -4.76
N VAL A 81 -8.77 4.27 -4.27
CA VAL A 81 -7.72 3.26 -4.19
C VAL A 81 -7.24 2.91 -5.60
N LEU A 82 -8.14 2.35 -6.39
CA LEU A 82 -7.81 1.99 -7.77
C LEU A 82 -7.15 3.16 -8.48
N GLU A 83 -7.77 4.31 -8.36
CA GLU A 83 -7.26 5.53 -8.98
C GLU A 83 -5.81 5.76 -8.56
N TYR A 84 -5.50 5.43 -7.31
CA TYR A 84 -4.15 5.59 -6.80
C TYR A 84 -3.23 4.55 -7.41
N LEU A 85 -3.74 3.34 -7.57
CA LEU A 85 -2.98 2.24 -8.15
C LEU A 85 -2.50 2.62 -9.54
N LYS A 86 -3.35 3.32 -10.28
CA LYS A 86 -3.00 3.77 -11.63
C LYS A 86 -1.89 4.80 -11.56
N LYS A 87 -1.99 5.70 -10.60
CA LYS A 87 -0.99 6.74 -10.41
C LYS A 87 0.34 6.08 -10.03
N LEU A 88 0.30 5.23 -9.00
CA LEU A 88 1.49 4.53 -8.56
C LEU A 88 2.01 3.63 -9.67
N ASP A 89 1.12 3.28 -10.59
CA ASP A 89 1.48 2.42 -11.72
C ASP A 89 2.58 3.07 -12.56
N GLU A 90 2.38 4.34 -12.90
CA GLU A 90 3.34 5.08 -13.70
C GLU A 90 4.65 5.30 -12.93
N ILE A 91 4.54 5.44 -11.61
CA ILE A 91 5.72 5.65 -10.77
C ILE A 91 6.63 4.43 -10.79
N TYR A 92 6.05 3.26 -10.58
CA TYR A 92 6.80 2.01 -10.57
C TYR A 92 7.63 1.87 -11.84
N GLY A 93 7.02 2.16 -12.99
CA GLY A 93 7.71 2.07 -14.25
C GLY A 93 8.73 3.18 -14.44
N SER A 94 8.47 4.32 -13.82
CA SER A 94 9.36 5.47 -13.92
C SER A 94 10.12 5.69 -12.62
N LEU A 95 10.34 4.60 -11.87
CA LEU A 95 11.06 4.67 -10.60
C LEU A 95 12.52 5.03 -10.82
N ARG A 96 13.22 5.36 -9.74
CA ARG A 96 14.63 5.73 -9.81
C ARG A 96 14.83 7.04 -10.58
N ASN A 97 13.74 7.76 -10.82
CA ASN A 97 13.79 9.03 -11.54
C ASN A 97 14.21 10.16 -10.61
N HIS A 98 14.10 11.39 -11.09
CA HIS A 98 14.45 12.56 -10.30
C HIS A 98 13.55 12.70 -9.08
N SER A 99 12.25 12.87 -9.33
CA SER A 99 11.29 13.01 -8.26
C SER A 99 10.04 12.18 -8.52
N GLN A 100 10.24 11.03 -9.16
CA GLN A 100 9.13 10.13 -9.48
C GLN A 100 8.84 9.20 -8.31
N LEU A 101 9.88 8.54 -7.80
CA LEU A 101 9.73 7.62 -6.69
C LEU A 101 9.25 8.35 -5.44
N THR A 102 9.60 9.63 -5.34
CA THR A 102 9.19 10.44 -4.19
C THR A 102 7.68 10.46 -4.04
N GLU A 103 6.99 10.76 -5.13
CA GLU A 103 5.53 10.81 -5.13
C GLU A 103 4.94 9.47 -4.70
N ALA A 104 5.65 8.40 -4.97
CA ALA A 104 5.21 7.06 -4.61
C ALA A 104 5.16 6.89 -3.10
N LEU A 105 6.09 7.54 -2.42
CA LEU A 105 6.17 7.48 -0.97
C LEU A 105 5.00 8.23 -0.35
N SER A 106 4.70 9.40 -0.92
CA SER A 106 3.60 10.22 -0.44
C SER A 106 2.28 9.47 -0.56
N LEU A 107 2.10 8.78 -1.69
CA LEU A 107 0.88 8.02 -1.92
C LEU A 107 0.74 6.92 -0.87
N GLY A 108 1.81 6.17 -0.64
CA GLY A 108 1.76 5.11 0.36
C GLY A 108 1.21 5.62 1.67
N LYS A 109 1.60 6.83 2.03
CA LYS A 109 1.16 7.46 3.27
C LYS A 109 -0.30 7.89 3.17
N ARG A 110 -0.59 8.80 2.24
CA ARG A 110 -1.95 9.30 2.06
C ARG A 110 -2.90 8.16 1.71
N LEU A 111 -2.40 7.19 0.96
CA LEU A 111 -3.21 6.04 0.57
C LEU A 111 -3.62 5.27 1.80
N SER A 112 -2.74 5.26 2.81
CA SER A 112 -3.02 4.56 4.06
C SER A 112 -4.22 5.19 4.75
N LYS A 113 -4.31 6.52 4.67
CA LYS A 113 -5.42 7.24 5.29
C LYS A 113 -6.75 6.74 4.73
N SER A 114 -6.80 6.55 3.41
CA SER A 114 -7.99 6.06 2.76
C SER A 114 -8.40 4.71 3.32
N LEU A 115 -7.40 3.90 3.69
CA LEU A 115 -7.64 2.58 4.25
C LEU A 115 -8.36 2.70 5.59
N HIS A 116 -7.97 3.71 6.37
CA HIS A 116 -8.58 3.93 7.68
C HIS A 116 -10.09 4.14 7.53
N GLU A 117 -10.48 4.86 6.48
CA GLU A 117 -11.89 5.14 6.23
C GLU A 117 -12.62 3.87 5.80
N MET A 118 -11.89 2.93 5.23
CA MET A 118 -12.47 1.66 4.78
C MET A 118 -13.03 0.88 5.97
N CYS A 119 -12.18 0.63 6.96
CA CYS A 119 -12.60 -0.11 8.15
C CYS A 119 -13.18 0.83 9.20
N GLY A 120 -12.71 2.07 9.21
CA GLY A 120 -13.19 3.04 10.17
C GLY A 120 -14.71 3.14 10.19
N ILE A 121 -15.31 3.18 9.01
CA ILE A 121 -16.76 3.27 8.90
C ILE A 121 -17.30 2.32 7.84
N GLU A 122 -16.64 2.30 6.69
CA GLU A 122 -17.04 1.42 5.60
C GLU A 122 -16.93 -0.04 6.01
N PRO A 123 -17.56 -0.95 5.24
CA PRO A 123 -17.52 -2.39 5.52
C PRO A 123 -16.10 -2.94 5.54
N LEU A 124 -15.92 -4.07 6.22
CA LEU A 124 -14.61 -4.71 6.31
C LEU A 124 -14.36 -5.62 5.12
N GLU A 125 -13.35 -5.28 4.32
CA GLU A 125 -13.02 -6.08 3.15
C GLU A 125 -11.61 -6.66 3.25
N GLU A 126 -11.52 -7.98 3.18
CA GLU A 126 -10.24 -8.66 3.26
C GLU A 126 -9.54 -8.62 1.90
N GLU A 127 -10.33 -8.75 0.83
CA GLU A 127 -9.78 -8.73 -0.51
C GLU A 127 -9.13 -7.37 -0.79
N ILE A 128 -9.84 -6.30 -0.42
CA ILE A 128 -9.32 -4.95 -0.61
C ILE A 128 -8.10 -4.73 0.25
N CYS A 129 -8.26 -5.01 1.55
CA CYS A 129 -7.16 -4.85 2.50
C CYS A 129 -6.00 -5.77 2.15
N SER A 130 -6.29 -6.82 1.39
CA SER A 130 -5.27 -7.79 0.99
C SER A 130 -4.40 -7.23 -0.14
N GLY A 131 -5.05 -6.60 -1.12
CA GLY A 131 -4.32 -6.04 -2.25
C GLY A 131 -3.54 -4.80 -1.88
N LEU A 132 -4.19 -3.88 -1.17
CA LEU A 132 -3.54 -2.64 -0.74
C LEU A 132 -2.27 -2.91 0.03
N ILE A 133 -2.35 -3.80 1.02
CA ILE A 133 -1.21 -4.16 1.84
C ILE A 133 -0.11 -4.78 0.99
N GLU A 134 -0.49 -5.55 -0.01
CA GLU A 134 0.47 -6.20 -0.91
C GLU A 134 1.15 -5.17 -1.81
N GLN A 135 0.35 -4.22 -2.29
CA GLN A 135 0.87 -3.17 -3.17
C GLN A 135 1.82 -2.25 -2.40
N LEU A 136 1.45 -1.94 -1.16
CA LEU A 136 2.26 -1.07 -0.32
C LEU A 136 3.60 -1.73 0.01
N TYR A 137 3.58 -3.05 0.16
CA TYR A 137 4.79 -3.80 0.47
C TYR A 137 5.74 -3.83 -0.72
N LYS A 138 5.18 -3.69 -1.93
CA LYS A 138 5.98 -3.70 -3.14
C LYS A 138 6.70 -2.36 -3.31
N LEU A 139 6.08 -1.30 -2.80
CA LEU A 139 6.66 0.04 -2.90
C LEU A 139 7.73 0.23 -1.83
N ILE A 140 7.54 -0.42 -0.69
CA ILE A 140 8.49 -0.31 0.42
C ILE A 140 9.81 -1.00 0.07
N THR A 141 9.72 -2.08 -0.71
CA THR A 141 10.90 -2.82 -1.12
C THR A 141 11.60 -2.13 -2.29
N ALA A 142 10.82 -1.64 -3.24
CA ALA A 142 11.36 -0.96 -4.40
C ALA A 142 12.08 0.33 -3.99
N SER A 143 11.35 1.20 -3.30
CA SER A 143 11.92 2.47 -2.84
C SER A 143 13.16 2.23 -1.99
N ARG A 144 13.14 1.15 -1.20
CA ARG A 144 14.26 0.81 -0.34
C ARG A 144 15.48 0.41 -1.17
N ARG A 145 15.23 -0.02 -2.40
CA ARG A 145 16.31 -0.43 -3.30
C ARG A 145 17.09 0.77 -3.82
N ILE A 146 16.36 1.84 -4.14
CA ILE A 146 16.98 3.06 -4.64
C ILE A 146 17.57 3.89 -3.51
N LEU A 147 16.86 3.93 -2.39
CA LEU A 147 17.31 4.70 -1.23
C LEU A 147 18.67 4.18 -0.73
N GLU A 148 18.79 2.86 -0.65
CA GLU A 148 20.03 2.24 -0.19
C GLU A 148 21.13 2.37 -1.24
N SER A 149 20.74 2.32 -2.51
CA SER A 149 21.68 2.43 -3.61
C SER A 149 22.23 3.85 -3.72
N CYS A 150 21.31 4.83 -3.77
CA CYS A 150 21.69 6.23 -3.86
C CYS A 150 22.55 6.65 -2.66
N ALA A 151 22.21 6.12 -1.49
CA ALA A 151 22.95 6.44 -0.28
C ALA A 151 24.41 6.03 -0.39
N ASP A 152 25.29 6.79 0.27
CA ASP A 152 26.72 6.50 0.23
C ASP A 152 27.41 7.01 1.49
N SER A 153 27.14 8.27 1.83
CA SER A 153 27.73 8.87 3.02
C SER A 153 26.99 10.15 3.41
N ASN A 154 27.11 11.17 2.58
CA ASN A 154 26.46 12.45 2.84
C ASN A 154 24.95 12.31 2.78
N SER A 155 24.45 11.65 1.75
CA SER A 155 23.02 11.45 1.57
C SER A 155 22.29 12.78 1.42
N PRO A 156 22.71 13.63 0.48
CA PRO A 156 22.07 14.92 0.24
C PRO A 156 20.68 14.74 -0.38
N TYR A 157 20.61 13.87 -1.37
CA TYR A 157 19.35 13.58 -2.04
C TYR A 157 18.62 12.45 -1.34
N ILE A 158 19.38 11.59 -0.65
CA ILE A 158 18.80 10.47 0.08
C ILE A 158 18.06 10.95 1.33
N HIS A 159 18.49 12.10 1.85
CA HIS A 159 17.86 12.67 3.04
C HIS A 159 16.39 12.97 2.79
N HIS A 160 16.12 13.67 1.70
CA HIS A 160 14.74 14.01 1.34
C HIS A 160 13.93 12.75 1.09
N LEU A 161 14.53 11.77 0.42
CA LEU A 161 13.85 10.52 0.13
C LEU A 161 13.52 9.78 1.41
N ARG A 162 14.40 9.88 2.40
CA ARG A 162 14.21 9.21 3.68
C ARG A 162 13.05 9.84 4.44
N ASN A 163 12.76 11.10 4.13
CA ASN A 163 11.66 11.82 4.79
C ASN A 163 10.32 11.28 4.32
N ASP A 164 10.08 11.35 3.02
CA ASP A 164 8.85 10.85 2.43
C ASP A 164 8.77 9.33 2.57
N TYR A 165 9.94 8.69 2.71
CA TYR A 165 10.01 7.25 2.86
C TYR A 165 9.66 6.82 4.27
N GLN A 166 10.19 7.53 5.26
CA GLN A 166 9.92 7.22 6.66
C GLN A 166 8.42 7.32 6.94
N ASP A 167 7.73 8.18 6.19
CA ASP A 167 6.30 8.35 6.37
C ASP A 167 5.53 7.20 5.72
N LEU A 168 6.05 6.71 4.60
CA LEU A 168 5.44 5.60 3.90
C LEU A 168 5.55 4.31 4.71
N LEU A 169 6.63 4.21 5.48
CA LEU A 169 6.87 3.03 6.31
C LEU A 169 5.97 3.05 7.55
N GLN A 170 5.96 4.17 8.26
CA GLN A 170 5.13 4.29 9.46
C GLN A 170 3.66 4.07 9.13
N GLU A 171 3.18 4.76 8.10
CA GLU A 171 1.79 4.62 7.68
C GLU A 171 1.50 3.17 7.29
N PHE A 172 2.48 2.53 6.69
CA PHE A 172 2.35 1.14 6.28
C PHE A 172 2.16 0.27 7.51
N GLN A 173 2.85 0.63 8.59
CA GLN A 173 2.75 -0.09 9.85
C GLN A 173 1.35 0.09 10.45
N ILE A 174 0.77 1.26 10.21
CA ILE A 174 -0.56 1.57 10.71
C ILE A 174 -1.59 0.59 10.17
N SER A 175 -1.50 0.30 8.88
CA SER A 175 -2.43 -0.63 8.23
C SER A 175 -2.31 -2.02 8.85
N LEU A 176 -1.08 -2.45 9.10
CA LEU A 176 -0.84 -3.77 9.69
C LEU A 176 -1.23 -3.78 11.17
N LYS A 177 -1.13 -2.63 11.82
CA LYS A 177 -1.48 -2.51 13.23
C LYS A 177 -2.99 -2.53 13.43
N ILE A 178 -3.71 -1.85 12.56
CA ILE A 178 -5.16 -1.79 12.65
C ILE A 178 -5.80 -3.08 12.15
N LEU A 179 -5.15 -3.73 11.19
CA LEU A 179 -5.66 -4.98 10.63
C LEU A 179 -5.37 -6.15 11.56
N THR A 180 -4.17 -6.18 12.11
CA THR A 180 -3.77 -7.25 13.03
C THR A 180 -4.62 -7.22 14.29
N GLU A 181 -5.06 -6.05 14.68
CA GLU A 181 -5.88 -5.89 15.87
C GLU A 181 -7.28 -6.44 15.62
N LYS A 182 -7.83 -6.18 14.44
CA LYS A 182 -9.16 -6.66 14.09
C LYS A 182 -9.13 -8.15 13.76
N CYS A 183 -8.00 -8.61 13.24
CA CYS A 183 -7.85 -10.02 12.89
C CYS A 183 -7.42 -10.84 14.09
N LEU A 184 -6.68 -10.21 15.01
CA LEU A 184 -6.20 -10.88 16.21
C LEU A 184 -7.36 -11.44 17.02
N GLU A 185 -8.54 -10.83 16.88
CA GLU A 185 -9.73 -11.26 17.60
C GLU A 185 -10.36 -12.46 16.91
N ASN A 186 -10.35 -12.44 15.58
CA ASN A 186 -10.93 -13.54 14.81
C ASN A 186 -9.96 -14.01 13.72
N PRO A 187 -8.87 -14.68 14.12
CA PRO A 187 -7.86 -15.18 13.18
C PRO A 187 -8.46 -16.12 12.14
N SER A 188 -9.21 -17.12 12.61
CA SER A 188 -9.84 -18.09 11.73
C SER A 188 -10.73 -17.39 10.70
N SER A 189 -11.35 -16.28 11.10
CA SER A 189 -12.22 -15.53 10.21
C SER A 189 -11.42 -14.88 9.09
N LEU A 190 -10.23 -14.40 9.42
CA LEU A 190 -9.37 -13.74 8.44
C LEU A 190 -8.01 -14.44 8.37
N GLN A 191 -7.94 -15.51 7.59
CA GLN A 191 -6.70 -16.27 7.43
C GLN A 191 -5.86 -15.70 6.29
N ASN A 192 -6.54 -15.20 5.26
CA ASN A 192 -5.86 -14.64 4.10
C ASN A 192 -5.04 -13.41 4.50
N LEU A 193 -5.64 -12.55 5.31
CA LEU A 193 -4.96 -11.34 5.78
C LEU A 193 -3.74 -11.69 6.62
N SER A 194 -3.93 -12.56 7.60
CA SER A 194 -2.83 -12.99 8.47
C SER A 194 -1.69 -13.59 7.66
N LEU A 195 -2.05 -14.24 6.54
CA LEU A 195 -1.05 -14.86 5.67
C LEU A 195 -0.21 -13.80 4.97
N THR A 196 -0.89 -12.80 4.41
CA THR A 196 -0.19 -11.72 3.71
C THR A 196 0.72 -10.96 4.65
N LEU A 197 0.31 -10.86 5.92
CA LEU A 197 1.09 -10.16 6.92
C LEU A 197 2.41 -10.87 7.17
N VAL A 198 2.39 -12.20 7.10
CA VAL A 198 3.59 -13.00 7.32
C VAL A 198 4.51 -12.94 6.11
N SER A 199 3.96 -12.62 4.95
CA SER A 199 4.74 -12.53 3.73
C SER A 199 5.46 -11.18 3.65
N ILE A 200 4.77 -10.12 4.04
CA ILE A 200 5.34 -8.78 4.03
C ILE A 200 6.30 -8.56 5.19
N ILE A 201 6.36 -9.54 6.09
CA ILE A 201 7.23 -9.48 7.27
C ILE A 201 7.01 -8.20 8.08
N LYS A 202 6.97 -8.35 9.40
CA LYS A 202 6.76 -7.21 10.30
C LYS A 202 7.92 -7.08 11.28
N THR A 203 8.37 -5.85 11.48
CA THR A 203 9.47 -5.59 12.40
C THR A 203 8.95 -5.09 13.76
N ALA A 204 8.05 -5.87 14.35
CA ALA A 204 7.47 -5.53 15.64
C ALA A 204 6.65 -6.68 16.20
N LYS A 51 5.15 -8.07 -13.53
CA LYS A 51 4.43 -8.76 -12.43
C LYS A 51 3.83 -7.76 -11.44
N THR A 52 4.57 -6.69 -11.17
CA THR A 52 4.10 -5.66 -10.25
C THR A 52 3.13 -4.70 -10.94
N GLN A 53 3.56 -4.17 -12.09
CA GLN A 53 2.72 -3.25 -12.85
C GLN A 53 1.40 -3.91 -13.24
N SER A 54 1.46 -5.15 -13.68
CA SER A 54 0.28 -5.90 -14.07
C SER A 54 -0.66 -6.09 -12.89
N ASP A 55 -0.09 -6.40 -11.74
CA ASP A 55 -0.89 -6.61 -10.52
C ASP A 55 -1.64 -5.33 -10.15
N LEU A 56 -1.00 -4.18 -10.35
CA LEU A 56 -1.61 -2.89 -10.04
C LEU A 56 -2.90 -2.70 -10.83
N GLN A 57 -2.78 -2.71 -12.15
CA GLN A 57 -3.94 -2.53 -13.02
C GLN A 57 -5.01 -3.57 -12.74
N LYS A 58 -4.59 -4.79 -12.44
CA LYS A 58 -5.51 -5.88 -12.16
C LYS A 58 -6.23 -5.66 -10.83
N PHE A 59 -5.51 -5.08 -9.86
CA PHE A 59 -6.08 -4.83 -8.54
C PHE A 59 -7.16 -3.75 -8.61
N MET A 60 -6.97 -2.78 -9.50
CA MET A 60 -7.94 -1.70 -9.67
C MET A 60 -9.28 -2.25 -10.09
N THR A 61 -9.28 -2.95 -11.21
CA THR A 61 -10.51 -3.56 -11.73
C THR A 61 -11.06 -4.55 -10.71
N GLN A 62 -10.21 -4.96 -9.77
CA GLN A 62 -10.62 -5.91 -8.74
C GLN A 62 -11.49 -5.21 -7.69
N LEU A 63 -11.20 -3.93 -7.45
CA LEU A 63 -11.95 -3.16 -6.47
C LEU A 63 -13.36 -2.88 -6.98
N ASP A 64 -13.46 -2.14 -8.08
CA ASP A 64 -14.74 -1.80 -8.67
C ASP A 64 -15.60 -3.04 -8.92
N HIS A 65 -14.94 -4.18 -9.14
CA HIS A 65 -15.65 -5.43 -9.41
C HIS A 65 -16.05 -6.13 -8.11
N LEU A 66 -15.12 -6.19 -7.17
CA LEU A 66 -15.39 -6.84 -5.88
C LEU A 66 -16.44 -6.08 -5.08
N ILE A 67 -16.28 -4.77 -4.97
CA ILE A 67 -17.22 -3.94 -4.23
C ILE A 67 -18.59 -3.94 -4.90
N LYS A 68 -18.63 -3.54 -6.17
CA LYS A 68 -19.89 -3.50 -6.91
C LYS A 68 -20.70 -4.78 -6.73
N ASP A 69 -19.99 -5.89 -6.49
CA ASP A 69 -20.64 -7.18 -6.30
C ASP A 69 -21.22 -7.30 -4.89
N ASP A 70 -20.60 -6.63 -3.93
CA ASP A 70 -21.06 -6.68 -2.55
C ASP A 70 -21.36 -5.28 -2.00
N ILE A 71 -20.31 -4.54 -1.68
CA ILE A 71 -20.45 -3.19 -1.12
C ILE A 71 -20.90 -2.20 -2.19
N SER A 72 -21.40 -1.05 -1.75
CA SER A 72 -21.87 -0.01 -2.67
C SER A 72 -21.37 1.37 -2.23
N ASN A 73 -21.61 1.71 -0.97
CA ASN A 73 -21.19 3.01 -0.43
C ASN A 73 -19.68 3.17 -0.51
N THR A 74 -18.96 2.08 -0.28
CA THR A 74 -17.50 2.09 -0.32
C THR A 74 -16.97 2.41 -1.71
N GLN A 75 -17.85 2.40 -2.72
CA GLN A 75 -17.46 2.70 -4.10
C GLN A 75 -16.58 3.94 -4.17
N GLU A 76 -16.77 4.85 -3.21
CA GLU A 76 -15.99 6.08 -3.18
C GLU A 76 -14.60 5.83 -2.61
N ILE A 77 -14.52 4.99 -1.60
CA ILE A 77 -13.24 4.67 -0.97
C ILE A 77 -12.36 3.89 -1.92
N ILE A 78 -12.85 2.73 -2.37
CA ILE A 78 -12.09 1.91 -3.30
C ILE A 78 -11.72 2.71 -4.54
N LYS A 79 -12.57 3.68 -4.88
CA LYS A 79 -12.34 4.54 -6.04
C LYS A 79 -11.00 5.25 -5.90
N ASP A 80 -10.71 5.72 -4.69
CA ASP A 80 -9.45 6.42 -4.44
C ASP A 80 -8.29 5.43 -4.47
N VAL A 81 -8.55 4.20 -4.06
CA VAL A 81 -7.53 3.15 -4.07
C VAL A 81 -7.07 2.89 -5.49
N LEU A 82 -8.00 2.42 -6.31
CA LEU A 82 -7.70 2.14 -7.72
C LEU A 82 -7.01 3.33 -8.36
N GLU A 83 -7.57 4.50 -8.12
CA GLU A 83 -7.02 5.74 -8.67
C GLU A 83 -5.55 5.87 -8.30
N TYR A 84 -5.21 5.47 -7.08
CA TYR A 84 -3.83 5.53 -6.60
C TYR A 84 -3.01 4.45 -7.30
N LEU A 85 -3.59 3.27 -7.45
CA LEU A 85 -2.91 2.16 -8.12
C LEU A 85 -2.45 2.57 -9.50
N LYS A 86 -3.28 3.35 -10.19
CA LYS A 86 -2.96 3.82 -11.53
C LYS A 86 -1.78 4.77 -11.46
N LYS A 87 -1.79 5.64 -10.45
CA LYS A 87 -0.71 6.60 -10.26
C LYS A 87 0.59 5.86 -9.97
N LEU A 88 0.54 4.96 -8.98
CA LEU A 88 1.71 4.17 -8.63
C LEU A 88 2.13 3.29 -9.80
N ASP A 89 1.19 3.06 -10.71
CA ASP A 89 1.45 2.24 -11.90
C ASP A 89 2.47 2.91 -12.80
N GLU A 90 2.36 4.23 -12.93
CA GLU A 90 3.26 5.00 -13.78
C GLU A 90 4.63 5.15 -13.12
N ILE A 91 4.63 5.38 -11.80
CA ILE A 91 5.87 5.55 -11.06
C ILE A 91 6.69 4.27 -11.06
N TYR A 92 6.07 3.17 -10.66
CA TYR A 92 6.74 1.87 -10.61
C TYR A 92 7.48 1.59 -11.93
N GLY A 93 6.97 2.16 -13.02
CA GLY A 93 7.60 1.96 -14.31
C GLY A 93 8.51 3.11 -14.70
N SER A 94 8.18 4.30 -14.21
CA SER A 94 8.98 5.49 -14.52
C SER A 94 9.88 5.86 -13.34
N LEU A 95 10.23 4.87 -12.54
CA LEU A 95 11.09 5.10 -11.38
C LEU A 95 12.54 5.35 -11.82
N ARG A 96 12.97 6.60 -11.70
CA ARG A 96 14.33 6.98 -12.08
C ARG A 96 14.67 8.36 -11.56
N ASN A 97 13.74 9.29 -11.70
CA ASN A 97 13.94 10.67 -11.24
C ASN A 97 13.73 10.77 -9.73
N HIS A 98 13.65 11.99 -9.23
CA HIS A 98 13.45 12.24 -7.81
C HIS A 98 12.00 12.60 -7.52
N SER A 99 11.34 13.22 -8.49
CA SER A 99 9.95 13.63 -8.34
C SER A 99 9.02 12.41 -8.30
N GLN A 100 9.22 11.48 -9.23
CA GLN A 100 8.41 10.27 -9.31
C GLN A 100 8.59 9.41 -8.06
N LEU A 101 9.85 9.16 -7.70
CA LEU A 101 10.16 8.34 -6.54
C LEU A 101 9.54 8.94 -5.28
N THR A 102 9.69 10.24 -5.11
CA THR A 102 9.14 10.94 -3.94
C THR A 102 7.64 10.73 -3.84
N GLU A 103 6.95 10.90 -4.97
CA GLU A 103 5.50 10.73 -5.02
C GLU A 103 5.12 9.29 -4.72
N ALA A 104 6.00 8.36 -5.05
CA ALA A 104 5.76 6.94 -4.82
C ALA A 104 5.64 6.65 -3.33
N LEU A 105 6.49 7.30 -2.55
CA LEU A 105 6.50 7.12 -1.10
C LEU A 105 5.30 7.81 -0.48
N SER A 106 5.05 9.04 -0.93
CA SER A 106 3.93 9.83 -0.42
C SER A 106 2.62 9.06 -0.55
N LEU A 107 2.46 8.36 -1.67
CA LEU A 107 1.25 7.58 -1.91
C LEU A 107 1.10 6.48 -0.87
N GLY A 108 2.15 5.69 -0.68
CA GLY A 108 2.09 4.62 0.30
C GLY A 108 1.58 5.11 1.64
N LYS A 109 1.99 6.32 2.01
CA LYS A 109 1.58 6.93 3.27
C LYS A 109 0.13 7.41 3.20
N ARG A 110 -0.15 8.33 2.27
CA ARG A 110 -1.50 8.87 2.12
C ARG A 110 -2.48 7.76 1.75
N LEU A 111 -1.99 6.75 1.04
CA LEU A 111 -2.82 5.63 0.65
C LEU A 111 -3.23 4.84 1.88
N SER A 112 -2.34 4.83 2.87
CA SER A 112 -2.61 4.12 4.11
C SER A 112 -3.78 4.75 4.85
N LYS A 113 -3.87 6.07 4.78
CA LYS A 113 -4.96 6.80 5.41
C LYS A 113 -6.29 6.34 4.86
N SER A 114 -6.37 6.22 3.54
CA SER A 114 -7.60 5.78 2.88
C SER A 114 -8.01 4.42 3.41
N LEU A 115 -7.02 3.59 3.75
CA LEU A 115 -7.28 2.26 4.28
C LEU A 115 -8.09 2.35 5.58
N HIS A 116 -7.71 3.29 6.44
CA HIS A 116 -8.40 3.49 7.71
C HIS A 116 -9.86 3.81 7.48
N GLU A 117 -10.14 4.54 6.39
CA GLU A 117 -11.51 4.90 6.05
C GLU A 117 -12.30 3.68 5.59
N MET A 118 -11.60 2.67 5.11
CA MET A 118 -12.24 1.45 4.63
C MET A 118 -12.94 0.73 5.78
N CYS A 119 -12.16 0.37 6.81
CA CYS A 119 -12.71 -0.31 7.97
C CYS A 119 -13.23 0.67 9.01
N GLY A 120 -12.67 1.88 9.00
CA GLY A 120 -13.08 2.90 9.95
C GLY A 120 -14.60 3.06 10.02
N ILE A 121 -15.26 2.89 8.89
CA ILE A 121 -16.70 3.02 8.82
C ILE A 121 -17.30 2.06 7.79
N GLU A 122 -16.69 2.02 6.60
CA GLU A 122 -17.15 1.14 5.54
C GLU A 122 -16.92 -0.33 5.89
N PRO A 123 -17.59 -1.25 5.18
CA PRO A 123 -17.45 -2.69 5.44
C PRO A 123 -16.00 -3.15 5.37
N LEU A 124 -15.71 -4.27 6.01
CA LEU A 124 -14.35 -4.82 6.03
C LEU A 124 -14.11 -5.70 4.82
N GLU A 125 -13.18 -5.28 3.96
CA GLU A 125 -12.85 -6.05 2.76
C GLU A 125 -11.46 -6.67 2.89
N GLU A 126 -11.41 -8.00 2.83
CA GLU A 126 -10.15 -8.72 2.95
C GLU A 126 -9.36 -8.70 1.63
N GLU A 127 -10.09 -8.77 0.52
CA GLU A 127 -9.45 -8.75 -0.79
C GLU A 127 -8.68 -7.45 -0.99
N ILE A 128 -9.39 -6.33 -0.84
CA ILE A 128 -8.76 -5.02 -0.98
C ILE A 128 -7.68 -4.84 0.07
N CYS A 129 -8.00 -5.17 1.32
CA CYS A 129 -7.04 -5.06 2.41
C CYS A 129 -5.82 -5.94 2.14
N SER A 130 -6.04 -7.03 1.40
CA SER A 130 -4.96 -7.96 1.08
C SER A 130 -4.09 -7.39 -0.04
N GLY A 131 -4.73 -6.73 -0.99
CA GLY A 131 -3.99 -6.15 -2.11
C GLY A 131 -3.23 -4.89 -1.71
N LEU A 132 -3.93 -3.97 -1.04
CA LEU A 132 -3.31 -2.73 -0.59
C LEU A 132 -2.05 -3.00 0.21
N ILE A 133 -2.13 -3.98 1.12
CA ILE A 133 -1.01 -4.34 1.96
C ILE A 133 0.12 -4.95 1.11
N GLU A 134 -0.26 -5.65 0.06
CA GLU A 134 0.72 -6.28 -0.83
C GLU A 134 1.38 -5.24 -1.73
N GLN A 135 0.56 -4.41 -2.36
CA GLN A 135 1.06 -3.36 -3.26
C GLN A 135 2.04 -2.46 -2.52
N LEU A 136 1.73 -2.15 -1.26
CA LEU A 136 2.59 -1.30 -0.45
C LEU A 136 3.91 -2.00 -0.13
N TYR A 137 3.84 -3.32 0.04
CA TYR A 137 5.04 -4.10 0.32
C TYR A 137 5.97 -4.14 -0.87
N LYS A 138 5.40 -4.06 -2.06
CA LYS A 138 6.19 -4.07 -3.29
C LYS A 138 6.86 -2.72 -3.50
N LEU A 139 6.21 -1.67 -3.04
CA LEU A 139 6.74 -0.32 -3.17
C LEU A 139 7.77 -0.05 -2.08
N ILE A 140 7.57 -0.67 -0.92
CA ILE A 140 8.48 -0.49 0.20
C ILE A 140 9.84 -1.15 -0.09
N THR A 141 9.82 -2.21 -0.90
CA THR A 141 11.04 -2.90 -1.26
C THR A 141 11.72 -2.22 -2.45
N ALA A 142 10.93 -1.85 -3.44
CA ALA A 142 11.45 -1.18 -4.63
C ALA A 142 12.07 0.17 -4.26
N SER A 143 11.29 1.00 -3.59
CA SER A 143 11.76 2.32 -3.18
C SER A 143 12.99 2.21 -2.28
N ARG A 144 12.94 1.28 -1.33
CA ARG A 144 14.04 1.07 -0.40
C ARG A 144 15.32 0.71 -1.15
N ARG A 145 15.17 -0.01 -2.27
CA ARG A 145 16.31 -0.42 -3.07
C ARG A 145 16.93 0.78 -3.78
N ILE A 146 16.12 1.81 -4.03
CA ILE A 146 16.61 3.01 -4.70
C ILE A 146 17.48 3.84 -3.76
N LEU A 147 17.02 4.03 -2.53
CA LEU A 147 17.76 4.80 -1.54
C LEU A 147 19.14 4.19 -1.30
N GLU A 148 19.18 2.86 -1.13
CA GLU A 148 20.43 2.16 -0.90
C GLU A 148 21.26 2.11 -2.18
N SER A 149 20.58 2.08 -3.33
CA SER A 149 21.26 2.03 -4.61
C SER A 149 22.11 3.27 -4.83
N CYS A 150 21.65 4.41 -4.31
CA CYS A 150 22.37 5.66 -4.46
C CYS A 150 23.54 5.73 -3.48
N ALA A 151 23.27 5.45 -2.22
CA ALA A 151 24.30 5.47 -1.19
C ALA A 151 24.89 6.86 -1.03
N ASP A 152 24.82 7.40 0.19
CA ASP A 152 25.35 8.72 0.47
C ASP A 152 25.54 8.93 1.97
N SER A 153 25.86 10.16 2.36
CA SER A 153 26.08 10.48 3.77
C SER A 153 24.86 11.19 4.36
N ASN A 154 24.61 12.41 3.91
CA ASN A 154 23.48 13.19 4.40
C ASN A 154 23.38 14.52 3.67
N SER A 155 22.51 14.59 2.67
CA SER A 155 22.32 15.82 1.89
C SER A 155 20.84 16.12 1.71
N PRO A 156 20.51 17.36 1.28
CA PRO A 156 19.12 17.77 1.06
C PRO A 156 18.36 16.80 0.16
N TYR A 157 19.08 16.20 -0.78
CA TYR A 157 18.47 15.25 -1.71
C TYR A 157 18.14 13.93 -1.01
N ILE A 158 19.16 13.34 -0.39
CA ILE A 158 18.98 12.07 0.32
C ILE A 158 18.02 12.24 1.50
N HIS A 159 18.09 13.39 2.15
CA HIS A 159 17.23 13.68 3.30
C HIS A 159 15.76 13.64 2.89
N HIS A 160 15.44 14.31 1.79
CA HIS A 160 14.07 14.35 1.29
C HIS A 160 13.58 12.94 0.94
N LEU A 161 14.50 12.09 0.49
CA LEU A 161 14.16 10.73 0.13
C LEU A 161 13.80 9.92 1.37
N ARG A 162 14.55 10.11 2.45
CA ARG A 162 14.30 9.40 3.69
C ARG A 162 13.06 9.94 4.40
N ASN A 163 12.81 11.23 4.21
CA ASN A 163 11.64 11.86 4.83
C ASN A 163 10.37 11.18 4.37
N ASP A 164 10.18 11.15 3.04
CA ASP A 164 9.02 10.50 2.47
C ASP A 164 9.10 8.99 2.69
N TYR A 165 10.29 8.51 3.01
CA TYR A 165 10.50 7.09 3.26
C TYR A 165 10.06 6.70 4.67
N GLN A 166 10.52 7.46 5.66
CA GLN A 166 10.16 7.21 7.05
C GLN A 166 8.65 7.20 7.22
N ASP A 167 8.02 8.31 6.83
CA ASP A 167 6.57 8.44 6.92
C ASP A 167 5.88 7.29 6.18
N LEU A 168 6.45 6.91 5.05
CA LEU A 168 5.89 5.82 4.25
C LEU A 168 5.90 4.52 5.05
N LEU A 169 7.08 4.13 5.53
CA LEU A 169 7.23 2.92 6.30
C LEU A 169 6.42 2.98 7.59
N GLN A 170 6.34 4.17 8.17
CA GLN A 170 5.60 4.37 9.41
C GLN A 170 4.11 4.11 9.16
N GLU A 171 3.54 4.84 8.21
CA GLU A 171 2.13 4.69 7.87
C GLU A 171 1.81 3.23 7.52
N PHE A 172 2.81 2.54 6.98
CA PHE A 172 2.65 1.14 6.60
C PHE A 172 2.35 0.29 7.82
N GLN A 173 3.12 0.49 8.88
CA GLN A 173 2.93 -0.26 10.12
C GLN A 173 1.57 0.06 10.74
N ILE A 174 1.10 1.28 10.51
CA ILE A 174 -0.20 1.71 11.02
C ILE A 174 -1.33 0.85 10.46
N SER A 175 -1.30 0.62 9.16
CA SER A 175 -2.32 -0.19 8.49
C SER A 175 -2.33 -1.60 9.07
N LEU A 176 -1.16 -2.20 9.18
CA LEU A 176 -1.03 -3.56 9.71
C LEU A 176 -1.53 -3.63 11.15
N LYS A 177 -1.34 -2.55 11.89
CA LYS A 177 -1.77 -2.49 13.28
C LYS A 177 -3.29 -2.57 13.39
N ILE A 178 -3.98 -1.63 12.74
CA ILE A 178 -5.44 -1.60 12.77
C ILE A 178 -6.03 -2.85 12.09
N LEU A 179 -5.24 -3.49 11.24
CA LEU A 179 -5.69 -4.69 10.54
C LEU A 179 -5.63 -5.91 11.46
N THR A 180 -4.57 -6.00 12.26
CA THR A 180 -4.40 -7.12 13.17
C THR A 180 -5.49 -7.12 14.24
N GLU A 181 -6.03 -5.94 14.54
CA GLU A 181 -7.08 -5.81 15.54
C GLU A 181 -8.40 -6.35 15.00
N LYS A 182 -8.77 -5.92 13.81
CA LYS A 182 -10.00 -6.37 13.17
C LYS A 182 -9.93 -7.86 12.83
N CYS A 183 -8.73 -8.32 12.49
CA CYS A 183 -8.53 -9.72 12.14
C CYS A 183 -8.44 -10.59 13.39
N LEU A 184 -7.92 -10.02 14.47
CA LEU A 184 -7.78 -10.73 15.72
C LEU A 184 -9.14 -11.20 16.25
N GLU A 185 -10.19 -10.48 15.86
CA GLU A 185 -11.54 -10.82 16.28
C GLU A 185 -12.04 -12.06 15.54
N ASN A 186 -11.73 -12.13 14.24
CA ASN A 186 -12.14 -13.26 13.42
C ASN A 186 -11.02 -13.69 12.48
N PRO A 187 -9.89 -14.18 13.03
CA PRO A 187 -8.74 -14.61 12.24
C PRO A 187 -9.10 -15.72 11.26
N SER A 188 -9.78 -16.75 11.77
CA SER A 188 -10.18 -17.89 10.96
C SER A 188 -11.03 -17.43 9.77
N SER A 189 -11.81 -16.38 9.98
CA SER A 189 -12.67 -15.85 8.93
C SER A 189 -11.85 -15.38 7.74
N LEU A 190 -10.68 -14.82 8.01
CA LEU A 190 -9.80 -14.32 6.96
C LEU A 190 -8.36 -14.75 7.21
N GLN A 191 -7.98 -15.88 6.62
CA GLN A 191 -6.63 -16.41 6.77
C GLN A 191 -5.66 -15.74 5.80
N ASN A 192 -6.19 -15.33 4.65
CA ASN A 192 -5.37 -14.68 3.63
C ASN A 192 -4.73 -13.40 4.17
N LEU A 193 -5.46 -12.73 5.06
CA LEU A 193 -4.96 -11.48 5.66
C LEU A 193 -3.78 -11.76 6.58
N SER A 194 -4.01 -12.57 7.61
CA SER A 194 -2.96 -12.91 8.57
C SER A 194 -1.74 -13.50 7.85
N LEU A 195 -1.99 -14.27 6.79
CA LEU A 195 -0.92 -14.88 6.03
C LEU A 195 -0.08 -13.82 5.32
N THR A 196 -0.77 -12.87 4.69
CA THR A 196 -0.09 -11.79 3.97
C THR A 196 0.74 -10.94 4.93
N LEU A 197 0.24 -10.80 6.15
CA LEU A 197 0.94 -10.00 7.16
C LEU A 197 2.25 -10.65 7.55
N VAL A 198 2.27 -11.98 7.59
CA VAL A 198 3.46 -12.72 7.95
C VAL A 198 4.46 -12.78 6.79
N SER A 199 3.97 -12.47 5.58
CA SER A 199 4.83 -12.50 4.40
C SER A 199 5.61 -11.19 4.26
N ILE A 200 4.89 -10.08 4.39
CA ILE A 200 5.51 -8.76 4.29
C ILE A 200 6.51 -8.53 5.43
N ILE A 201 6.34 -9.26 6.53
CA ILE A 201 7.22 -9.12 7.68
C ILE A 201 7.02 -7.78 8.37
N LYS A 202 7.42 -7.71 9.64
CA LYS A 202 7.28 -6.48 10.41
C LYS A 202 8.56 -5.66 10.37
N THR A 203 8.43 -4.36 10.15
CA THR A 203 9.59 -3.48 10.09
C THR A 203 10.52 -3.88 8.95
N ALA A 204 9.93 -4.26 7.83
CA ALA A 204 10.71 -4.67 6.67
C ALA A 204 11.48 -3.49 6.07
N LYS A 51 4.96 -8.30 -13.59
CA LYS A 51 4.22 -8.90 -12.43
C LYS A 51 3.72 -7.82 -11.49
N THR A 52 4.63 -7.00 -10.98
CA THR A 52 4.27 -5.93 -10.06
C THR A 52 3.39 -4.91 -10.75
N GLN A 53 3.79 -4.47 -11.93
CA GLN A 53 3.03 -3.48 -12.68
C GLN A 53 1.64 -4.01 -13.02
N SER A 54 1.59 -5.21 -13.58
CA SER A 54 0.32 -5.83 -13.94
C SER A 54 -0.61 -5.96 -12.73
N ASP A 55 -0.01 -6.25 -11.57
CA ASP A 55 -0.77 -6.39 -10.34
C ASP A 55 -1.51 -5.10 -10.01
N LEU A 56 -0.88 -3.98 -10.30
CA LEU A 56 -1.48 -2.67 -10.03
C LEU A 56 -2.76 -2.48 -10.82
N GLN A 57 -2.69 -2.66 -12.13
CA GLN A 57 -3.85 -2.51 -13.00
C GLN A 57 -4.90 -3.56 -12.68
N LYS A 58 -4.48 -4.82 -12.58
CA LYS A 58 -5.39 -5.91 -12.28
C LYS A 58 -6.10 -5.69 -10.95
N PHE A 59 -5.31 -5.39 -9.91
CA PHE A 59 -5.87 -5.15 -8.57
C PHE A 59 -6.86 -3.99 -8.60
N MET A 60 -6.52 -2.93 -9.31
CA MET A 60 -7.40 -1.77 -9.40
C MET A 60 -8.74 -2.16 -10.00
N THR A 61 -8.71 -2.78 -11.17
CA THR A 61 -9.93 -3.22 -11.84
C THR A 61 -10.71 -4.16 -10.94
N GLN A 62 -9.99 -4.87 -10.07
CA GLN A 62 -10.61 -5.80 -9.15
C GLN A 62 -11.43 -5.07 -8.09
N LEU A 63 -11.01 -3.85 -7.78
CA LEU A 63 -11.71 -3.03 -6.78
C LEU A 63 -13.08 -2.63 -7.30
N ASP A 64 -13.11 -1.93 -8.43
CA ASP A 64 -14.36 -1.48 -9.02
C ASP A 64 -15.34 -2.64 -9.19
N HIS A 65 -14.82 -3.83 -9.42
CA HIS A 65 -15.66 -5.01 -9.61
C HIS A 65 -15.99 -5.70 -8.28
N LEU A 66 -14.97 -5.92 -7.47
CA LEU A 66 -15.15 -6.59 -6.17
C LEU A 66 -16.11 -5.84 -5.27
N ILE A 67 -16.05 -4.52 -5.31
CA ILE A 67 -16.92 -3.67 -4.48
C ILE A 67 -18.29 -3.49 -5.10
N LYS A 68 -18.34 -3.20 -6.39
CA LYS A 68 -19.62 -3.00 -7.09
C LYS A 68 -20.59 -4.14 -6.78
N ASP A 69 -20.03 -5.32 -6.51
CA ASP A 69 -20.85 -6.50 -6.21
C ASP A 69 -20.97 -6.70 -4.70
N ASP A 70 -20.01 -6.17 -3.95
CA ASP A 70 -20.01 -6.30 -2.49
C ASP A 70 -20.74 -5.13 -1.83
N ILE A 71 -20.11 -3.97 -1.81
CA ILE A 71 -20.70 -2.78 -1.19
C ILE A 71 -20.66 -1.59 -2.15
N SER A 72 -21.47 -0.58 -1.86
CA SER A 72 -21.54 0.62 -2.70
C SER A 72 -21.06 1.85 -1.94
N ASN A 73 -21.20 1.83 -0.62
CA ASN A 73 -20.78 2.96 0.21
C ASN A 73 -19.27 3.10 0.23
N THR A 74 -18.57 1.99 0.07
CA THR A 74 -17.10 2.00 0.08
C THR A 74 -16.54 2.24 -1.31
N GLN A 75 -17.41 2.32 -2.31
CA GLN A 75 -16.98 2.55 -3.69
C GLN A 75 -16.10 3.79 -3.79
N GLU A 76 -16.45 4.84 -3.06
CA GLU A 76 -15.68 6.07 -3.07
C GLU A 76 -14.27 5.84 -2.54
N ILE A 77 -14.17 4.98 -1.53
CA ILE A 77 -12.87 4.67 -0.93
C ILE A 77 -12.02 3.88 -1.91
N ILE A 78 -12.50 2.72 -2.33
CA ILE A 78 -11.77 1.89 -3.26
C ILE A 78 -11.46 2.66 -4.53
N LYS A 79 -12.31 3.64 -4.84
CA LYS A 79 -12.12 4.47 -6.02
C LYS A 79 -10.78 5.20 -5.94
N ASP A 80 -10.48 5.72 -4.75
CA ASP A 80 -9.22 6.43 -4.55
C ASP A 80 -8.05 5.46 -4.61
N VAL A 81 -8.28 4.23 -4.16
CA VAL A 81 -7.25 3.21 -4.18
C VAL A 81 -6.83 2.93 -5.62
N LEU A 82 -7.77 2.42 -6.40
CA LEU A 82 -7.50 2.12 -7.81
C LEU A 82 -6.87 3.33 -8.48
N GLU A 83 -7.49 4.49 -8.27
CA GLU A 83 -6.99 5.73 -8.84
C GLU A 83 -5.52 5.91 -8.48
N TYR A 84 -5.17 5.43 -7.29
CA TYR A 84 -3.79 5.51 -6.81
C TYR A 84 -2.97 4.41 -7.46
N LEU A 85 -3.62 3.26 -7.71
CA LEU A 85 -2.96 2.13 -8.34
C LEU A 85 -2.46 2.53 -9.72
N LYS A 86 -3.25 3.36 -10.39
CA LYS A 86 -2.90 3.84 -11.71
C LYS A 86 -1.72 4.80 -11.61
N LYS A 87 -1.78 5.68 -10.62
CA LYS A 87 -0.71 6.64 -10.40
C LYS A 87 0.56 5.90 -10.01
N LEU A 88 0.44 4.98 -9.06
CA LEU A 88 1.56 4.19 -8.62
C LEU A 88 2.06 3.33 -9.78
N ASP A 89 1.18 3.08 -10.74
CA ASP A 89 1.52 2.28 -11.91
C ASP A 89 2.60 2.98 -12.72
N GLU A 90 2.49 4.30 -12.82
CA GLU A 90 3.45 5.09 -13.57
C GLU A 90 4.77 5.24 -12.80
N ILE A 91 4.69 5.14 -11.48
CA ILE A 91 5.88 5.26 -10.64
C ILE A 91 6.85 4.12 -10.92
N TYR A 92 6.38 2.89 -10.78
CA TYR A 92 7.20 1.71 -11.02
C TYR A 92 8.00 1.83 -12.31
N GLY A 93 7.44 2.56 -13.27
CA GLY A 93 8.11 2.74 -14.55
C GLY A 93 9.12 3.88 -14.51
N SER A 94 8.87 4.87 -13.66
CA SER A 94 9.76 6.01 -13.52
C SER A 94 10.45 6.01 -12.16
N LEU A 95 10.78 4.81 -11.67
CA LEU A 95 11.44 4.67 -10.38
C LEU A 95 12.92 5.02 -10.50
N ARG A 96 13.57 4.51 -11.54
CA ARG A 96 14.99 4.76 -11.76
C ARG A 96 15.23 6.24 -12.06
N ASN A 97 14.21 6.92 -12.58
CA ASN A 97 14.32 8.33 -12.92
C ASN A 97 14.77 9.16 -11.72
N HIS A 98 14.54 8.63 -10.52
CA HIS A 98 14.92 9.32 -9.29
C HIS A 98 14.15 10.62 -9.14
N SER A 99 12.94 10.66 -9.71
CA SER A 99 12.10 11.85 -9.63
C SER A 99 10.66 11.49 -9.29
N GLN A 100 10.19 10.36 -9.82
CA GLN A 100 8.83 9.90 -9.58
C GLN A 100 8.74 9.09 -8.29
N LEU A 101 9.86 8.47 -7.90
CA LEU A 101 9.90 7.66 -6.69
C LEU A 101 9.45 8.46 -5.47
N THR A 102 9.55 9.79 -5.55
CA THR A 102 9.15 10.66 -4.45
C THR A 102 7.65 10.55 -4.21
N GLU A 103 6.88 10.44 -5.28
CA GLU A 103 5.44 10.33 -5.18
C GLU A 103 5.03 8.95 -4.68
N ALA A 104 5.84 7.95 -5.00
CA ALA A 104 5.57 6.59 -4.57
C ALA A 104 5.51 6.49 -3.06
N LEU A 105 6.41 7.19 -2.39
CA LEU A 105 6.46 7.19 -0.94
C LEU A 105 5.28 7.95 -0.36
N SER A 106 5.02 9.12 -0.94
CA SER A 106 3.93 9.97 -0.50
C SER A 106 2.60 9.21 -0.55
N LEU A 107 2.39 8.48 -1.63
CA LEU A 107 1.17 7.71 -1.80
C LEU A 107 1.03 6.66 -0.71
N GLY A 108 2.10 5.90 -0.47
CA GLY A 108 2.06 4.88 0.56
C GLY A 108 1.53 5.43 1.87
N LYS A 109 1.86 6.69 2.16
CA LYS A 109 1.43 7.35 3.38
C LYS A 109 -0.04 7.74 3.30
N ARG A 110 -0.38 8.61 2.35
CA ARG A 110 -1.76 9.06 2.17
C ARG A 110 -2.68 7.89 1.81
N LEU A 111 -2.24 7.10 0.84
CA LEU A 111 -3.02 5.95 0.39
C LEU A 111 -3.36 5.05 1.57
N SER A 112 -2.41 4.93 2.50
CA SER A 112 -2.61 4.11 3.70
C SER A 112 -3.76 4.65 4.53
N LYS A 113 -3.89 5.98 4.55
CA LYS A 113 -4.96 6.63 5.30
C LYS A 113 -6.32 6.14 4.81
N SER A 114 -6.45 6.01 3.49
CA SER A 114 -7.69 5.55 2.90
C SER A 114 -8.03 4.15 3.39
N LEU A 115 -6.99 3.32 3.54
CA LEU A 115 -7.16 1.96 4.01
C LEU A 115 -7.66 1.95 5.47
N HIS A 116 -7.13 2.87 6.26
CA HIS A 116 -7.52 2.99 7.67
C HIS A 116 -9.01 3.28 7.78
N GLU A 117 -9.52 4.07 6.85
CA GLU A 117 -10.94 4.41 6.84
C GLU A 117 -11.76 3.31 6.17
N MET A 118 -11.15 2.63 5.21
CA MET A 118 -11.82 1.55 4.50
C MET A 118 -12.32 0.49 5.47
N CYS A 119 -11.46 0.10 6.39
CA CYS A 119 -11.81 -0.91 7.39
C CYS A 119 -12.52 -0.26 8.58
N GLY A 120 -12.25 1.02 8.80
CA GLY A 120 -12.88 1.73 9.90
C GLY A 120 -14.02 2.63 9.45
N ILE A 121 -14.89 2.09 8.60
CA ILE A 121 -16.03 2.86 8.10
C ILE A 121 -17.33 2.08 8.32
N GLU A 122 -17.58 1.06 7.52
CA GLU A 122 -18.78 0.26 7.65
C GLU A 122 -18.54 -1.19 7.20
N PRO A 123 -18.30 -1.44 5.89
CA PRO A 123 -18.06 -2.78 5.38
C PRO A 123 -16.64 -3.26 5.64
N LEU A 124 -16.45 -4.58 5.64
CA LEU A 124 -15.14 -5.17 5.86
C LEU A 124 -14.68 -5.92 4.61
N GLU A 125 -13.70 -5.36 3.91
CA GLU A 125 -13.18 -5.98 2.70
C GLU A 125 -11.82 -6.62 2.94
N GLU A 126 -11.73 -7.92 2.73
CA GLU A 126 -10.49 -8.66 2.92
C GLU A 126 -9.65 -8.63 1.64
N GLU A 127 -10.29 -8.89 0.51
CA GLU A 127 -9.60 -8.88 -0.77
C GLU A 127 -8.95 -7.54 -1.02
N ILE A 128 -9.66 -6.47 -0.68
CA ILE A 128 -9.14 -5.13 -0.85
C ILE A 128 -7.97 -4.90 0.10
N CYS A 129 -8.22 -5.13 1.38
CA CYS A 129 -7.19 -4.96 2.40
C CYS A 129 -6.01 -5.88 2.11
N SER A 130 -6.25 -6.95 1.37
CA SER A 130 -5.21 -7.90 1.02
C SER A 130 -4.31 -7.35 -0.08
N GLY A 131 -4.93 -6.88 -1.16
CA GLY A 131 -4.16 -6.34 -2.27
C GLY A 131 -3.43 -5.07 -1.89
N LEU A 132 -4.12 -4.16 -1.21
CA LEU A 132 -3.52 -2.90 -0.79
C LEU A 132 -2.29 -3.15 0.07
N ILE A 133 -2.36 -4.17 0.92
CA ILE A 133 -1.27 -4.52 1.80
C ILE A 133 -0.08 -5.06 1.00
N GLU A 134 -0.39 -5.78 -0.09
CA GLU A 134 0.64 -6.35 -0.94
C GLU A 134 1.23 -5.29 -1.86
N GLN A 135 0.37 -4.44 -2.41
CA GLN A 135 0.81 -3.37 -3.31
C GLN A 135 1.85 -2.50 -2.62
N LEU A 136 1.57 -2.10 -1.38
CA LEU A 136 2.49 -1.26 -0.62
C LEU A 136 3.78 -2.01 -0.31
N TYR A 137 3.66 -3.31 -0.09
CA TYR A 137 4.82 -4.15 0.21
C TYR A 137 5.75 -4.24 -0.99
N LYS A 138 5.18 -4.14 -2.19
CA LYS A 138 5.97 -4.20 -3.41
C LYS A 138 6.64 -2.86 -3.69
N LEU A 139 6.00 -1.79 -3.25
CA LEU A 139 6.54 -0.45 -3.43
C LEU A 139 7.53 -0.13 -2.32
N ILE A 140 7.31 -0.72 -1.15
CA ILE A 140 8.18 -0.49 -0.01
C ILE A 140 9.55 -1.14 -0.22
N THR A 141 9.55 -2.28 -0.91
CA THR A 141 10.80 -2.99 -1.20
C THR A 141 11.49 -2.40 -2.41
N ALA A 142 10.70 -1.96 -3.38
CA ALA A 142 11.25 -1.36 -4.59
C ALA A 142 11.88 0.00 -4.28
N SER A 143 11.07 0.90 -3.73
CA SER A 143 11.55 2.23 -3.37
C SER A 143 12.75 2.14 -2.43
N ARG A 144 12.72 1.13 -1.55
CA ARG A 144 13.81 0.92 -0.59
C ARG A 144 15.08 0.53 -1.31
N ARG A 145 14.95 -0.06 -2.50
CA ARG A 145 16.10 -0.48 -3.29
C ARG A 145 16.85 0.72 -3.85
N ILE A 146 16.08 1.72 -4.28
CA ILE A 146 16.67 2.93 -4.84
C ILE A 146 17.31 3.79 -3.75
N LEU A 147 16.62 3.91 -2.62
CA LEU A 147 17.12 4.69 -1.50
C LEU A 147 18.47 4.15 -1.02
N GLU A 148 18.55 2.83 -0.91
CA GLU A 148 19.79 2.18 -0.46
C GLU A 148 20.92 2.41 -1.45
N SER A 149 20.59 2.35 -2.73
CA SER A 149 21.57 2.55 -3.79
C SER A 149 22.17 3.95 -3.71
N CYS A 150 21.36 4.91 -3.30
CA CYS A 150 21.81 6.30 -3.18
C CYS A 150 22.62 6.50 -1.90
N ALA A 151 22.11 5.98 -0.80
CA ALA A 151 22.78 6.11 0.49
C ALA A 151 22.96 7.56 0.88
N ASP A 152 23.18 7.81 2.17
CA ASP A 152 23.37 9.16 2.67
C ASP A 152 24.75 9.68 2.30
N SER A 153 24.95 10.99 2.47
CA SER A 153 26.23 11.62 2.17
C SER A 153 26.60 11.42 0.69
N ASN A 154 25.71 11.88 -0.19
CA ASN A 154 25.95 11.75 -1.63
C ASN A 154 25.12 12.78 -2.40
N SER A 155 23.85 12.91 -2.03
CA SER A 155 22.96 13.85 -2.70
C SER A 155 21.94 14.43 -1.70
N PRO A 156 21.55 15.70 -1.90
CA PRO A 156 20.58 16.36 -1.01
C PRO A 156 19.15 15.87 -1.25
N TYR A 157 18.88 15.44 -2.48
CA TYR A 157 17.55 14.94 -2.83
C TYR A 157 17.21 13.70 -2.02
N ILE A 158 18.23 12.94 -1.64
CA ILE A 158 18.02 11.72 -0.86
C ILE A 158 17.41 12.05 0.50
N HIS A 159 17.75 13.22 1.02
CA HIS A 159 17.24 13.65 2.32
C HIS A 159 15.72 13.72 2.30
N HIS A 160 15.16 14.37 1.29
CA HIS A 160 13.71 14.50 1.16
C HIS A 160 13.06 13.13 1.05
N LEU A 161 13.72 12.21 0.35
CA LEU A 161 13.21 10.86 0.17
C LEU A 161 13.12 10.14 1.51
N ARG A 162 14.14 10.32 2.34
CA ARG A 162 14.17 9.70 3.66
C ARG A 162 13.00 10.17 4.52
N ASN A 163 12.53 11.38 4.23
CA ASN A 163 11.41 11.95 4.98
C ASN A 163 10.10 11.33 4.53
N ASP A 164 9.87 11.34 3.21
CA ASP A 164 8.66 10.76 2.65
C ASP A 164 8.68 9.25 2.79
N TYR A 165 9.88 8.68 2.94
CA TYR A 165 10.02 7.24 3.09
C TYR A 165 9.67 6.80 4.50
N GLN A 166 10.16 7.53 5.50
CA GLN A 166 9.88 7.21 6.89
C GLN A 166 8.39 7.24 7.16
N ASP A 167 7.68 8.11 6.45
CA ASP A 167 6.23 8.23 6.61
C ASP A 167 5.52 7.02 6.01
N LEU A 168 6.03 6.56 4.89
CA LEU A 168 5.45 5.40 4.21
C LEU A 168 5.48 4.17 5.12
N LEU A 169 6.65 3.90 5.69
CA LEU A 169 6.83 2.77 6.59
C LEU A 169 5.96 2.91 7.83
N GLN A 170 5.81 4.15 8.31
CA GLN A 170 5.00 4.41 9.48
C GLN A 170 3.55 4.07 9.21
N GLU A 171 2.97 4.74 8.22
CA GLU A 171 1.59 4.51 7.85
C GLU A 171 1.36 3.03 7.56
N PHE A 172 2.41 2.36 7.09
CA PHE A 172 2.32 0.94 6.79
C PHE A 172 1.98 0.15 8.04
N GLN A 173 2.64 0.49 9.14
CA GLN A 173 2.39 -0.18 10.41
C GLN A 173 1.03 0.21 10.97
N ILE A 174 0.59 1.42 10.64
CA ILE A 174 -0.70 1.92 11.11
C ILE A 174 -1.85 1.14 10.48
N SER A 175 -1.72 0.84 9.19
CA SER A 175 -2.75 0.10 8.47
C SER A 175 -2.73 -1.37 8.88
N LEU A 176 -1.55 -1.87 9.21
CA LEU A 176 -1.40 -3.27 9.63
C LEU A 176 -1.74 -3.44 11.11
N LYS A 177 -1.42 -2.43 11.90
CA LYS A 177 -1.69 -2.47 13.33
C LYS A 177 -3.18 -2.65 13.60
N ILE A 178 -4.00 -1.85 12.94
CA ILE A 178 -5.45 -1.91 13.11
C ILE A 178 -6.02 -3.14 12.39
N LEU A 179 -5.36 -3.55 11.31
CA LEU A 179 -5.82 -4.69 10.54
C LEU A 179 -5.53 -6.00 11.29
N THR A 180 -4.36 -6.07 11.90
CA THR A 180 -3.97 -7.27 12.65
C THR A 180 -4.83 -7.44 13.89
N GLU A 181 -5.31 -6.33 14.44
CA GLU A 181 -6.15 -6.35 15.63
C GLU A 181 -7.53 -6.91 15.30
N LYS A 182 -8.13 -6.40 14.23
CA LYS A 182 -9.45 -6.85 13.81
C LYS A 182 -9.41 -8.29 13.31
N CYS A 183 -8.28 -8.66 12.70
CA CYS A 183 -8.11 -10.01 12.19
C CYS A 183 -7.85 -11.00 13.33
N LEU A 184 -7.13 -10.54 14.34
CA LEU A 184 -6.82 -11.37 15.50
C LEU A 184 -8.08 -11.83 16.21
N GLU A 185 -9.15 -11.06 16.07
CA GLU A 185 -10.42 -11.39 16.69
C GLU A 185 -11.23 -12.34 15.81
N ASN A 186 -11.16 -12.12 14.50
CA ASN A 186 -11.88 -12.95 13.55
C ASN A 186 -10.92 -13.56 12.52
N PRO A 187 -9.92 -14.32 13.00
CA PRO A 187 -8.93 -14.96 12.13
C PRO A 187 -9.55 -16.09 11.30
N SER A 188 -10.51 -16.78 11.87
CA SER A 188 -11.18 -17.88 11.17
C SER A 188 -11.89 -17.38 9.93
N SER A 189 -12.36 -16.15 9.97
CA SER A 189 -13.06 -15.55 8.84
C SER A 189 -12.07 -14.95 7.84
N LEU A 190 -11.24 -14.03 8.32
CA LEU A 190 -10.25 -13.39 7.47
C LEU A 190 -8.85 -13.92 7.77
N GLN A 191 -8.58 -15.13 7.28
CA GLN A 191 -7.28 -15.75 7.49
C GLN A 191 -6.25 -15.26 6.47
N ASN A 192 -6.74 -14.92 5.28
CA ASN A 192 -5.88 -14.43 4.21
C ASN A 192 -5.13 -13.17 4.65
N LEU A 193 -5.81 -12.32 5.40
CA LEU A 193 -5.22 -11.08 5.88
C LEU A 193 -4.04 -11.36 6.80
N SER A 194 -4.29 -12.14 7.85
CA SER A 194 -3.26 -12.49 8.82
C SER A 194 -2.06 -13.13 8.12
N LEU A 195 -2.34 -14.06 7.21
CA LEU A 195 -1.29 -14.75 6.47
C LEU A 195 -0.44 -13.76 5.68
N THR A 196 -1.10 -12.92 4.89
CA THR A 196 -0.40 -11.91 4.09
C THR A 196 0.40 -10.97 4.98
N LEU A 197 -0.12 -10.72 6.18
CA LEU A 197 0.56 -9.85 7.14
C LEU A 197 1.94 -10.39 7.50
N VAL A 198 2.00 -11.69 7.76
CA VAL A 198 3.26 -12.34 8.13
C VAL A 198 4.20 -12.44 6.93
N SER A 199 3.65 -12.29 5.73
CA SER A 199 4.45 -12.37 4.51
C SER A 199 5.13 -11.04 4.20
N ILE A 200 4.34 -9.97 4.15
CA ILE A 200 4.87 -8.65 3.86
C ILE A 200 6.01 -8.27 4.80
N ILE A 201 5.91 -8.70 6.05
CA ILE A 201 6.95 -8.41 7.04
C ILE A 201 8.30 -8.97 6.60
N LYS A 202 9.32 -8.12 6.62
CA LYS A 202 10.67 -8.53 6.23
C LYS A 202 11.21 -9.61 7.16
N THR A 203 12.04 -10.49 6.62
CA THR A 203 12.64 -11.58 7.39
C THR A 203 11.60 -12.27 8.28
N ALA A 204 10.40 -12.44 7.74
CA ALA A 204 9.32 -13.08 8.49
C ALA A 204 8.66 -14.18 7.66
N LYS A 51 5.08 -7.32 -14.63
CA LYS A 51 4.43 -8.15 -13.59
C LYS A 51 3.80 -7.28 -12.52
N THR A 52 4.63 -6.53 -11.79
CA THR A 52 4.16 -5.65 -10.73
C THR A 52 3.20 -4.61 -11.27
N GLN A 53 3.54 -4.02 -12.42
CA GLN A 53 2.70 -3.00 -13.04
C GLN A 53 1.35 -3.58 -13.42
N SER A 54 1.36 -4.76 -14.03
CA SER A 54 0.14 -5.43 -14.45
C SER A 54 -0.78 -5.68 -13.26
N ASP A 55 -0.18 -6.08 -12.14
CA ASP A 55 -0.95 -6.36 -10.93
C ASP A 55 -1.72 -5.11 -10.47
N LEU A 56 -1.06 -3.96 -10.56
CA LEU A 56 -1.68 -2.71 -10.16
C LEU A 56 -2.92 -2.41 -10.99
N GLN A 57 -2.73 -2.39 -12.31
CA GLN A 57 -3.84 -2.13 -13.23
C GLN A 57 -4.97 -3.14 -13.04
N LYS A 58 -4.60 -4.41 -13.02
CA LYS A 58 -5.58 -5.49 -12.86
C LYS A 58 -6.28 -5.40 -11.49
N PHE A 59 -5.53 -4.95 -10.49
CA PHE A 59 -6.07 -4.83 -9.14
C PHE A 59 -7.11 -3.72 -9.07
N MET A 60 -6.92 -2.68 -9.86
CA MET A 60 -7.87 -1.55 -9.90
C MET A 60 -9.25 -2.04 -10.32
N THR A 61 -9.30 -2.67 -11.50
CA THR A 61 -10.55 -3.20 -12.01
C THR A 61 -11.14 -4.22 -11.03
N GLN A 62 -10.29 -4.78 -10.18
CA GLN A 62 -10.72 -5.76 -9.20
C GLN A 62 -11.54 -5.10 -8.11
N LEU A 63 -11.23 -3.83 -7.82
CA LEU A 63 -11.95 -3.09 -6.80
C LEU A 63 -13.35 -2.73 -7.27
N ASP A 64 -13.42 -1.92 -8.33
CA ASP A 64 -14.70 -1.49 -8.89
C ASP A 64 -15.60 -2.68 -9.18
N HIS A 65 -15.01 -3.84 -9.41
CA HIS A 65 -15.78 -5.05 -9.71
C HIS A 65 -16.18 -5.79 -8.43
N LEU A 66 -15.22 -5.98 -7.54
CA LEU A 66 -15.47 -6.69 -6.29
C LEU A 66 -16.53 -5.97 -5.45
N ILE A 67 -16.51 -4.65 -5.47
CA ILE A 67 -17.45 -3.85 -4.70
C ILE A 67 -18.82 -3.79 -5.39
N LYS A 68 -18.84 -3.39 -6.65
CA LYS A 68 -20.08 -3.29 -7.41
C LYS A 68 -20.97 -4.52 -7.19
N ASP A 69 -20.34 -5.65 -6.93
CA ASP A 69 -21.07 -6.90 -6.71
C ASP A 69 -21.34 -7.12 -5.22
N ASP A 70 -20.51 -6.52 -4.38
CA ASP A 70 -20.67 -6.66 -2.93
C ASP A 70 -21.29 -5.41 -2.31
N ILE A 71 -20.48 -4.37 -2.12
CA ILE A 71 -20.96 -3.12 -1.53
C ILE A 71 -21.33 -2.10 -2.60
N SER A 72 -21.89 -0.97 -2.16
CA SER A 72 -22.29 0.08 -3.08
C SER A 72 -21.71 1.44 -2.66
N ASN A 73 -21.94 1.81 -1.40
CA ASN A 73 -21.44 3.07 -0.88
C ASN A 73 -19.92 3.09 -0.87
N THR A 74 -19.32 1.92 -0.69
CA THR A 74 -17.87 1.80 -0.65
C THR A 74 -17.24 2.18 -2.00
N GLN A 75 -18.08 2.23 -3.04
CA GLN A 75 -17.61 2.58 -4.38
C GLN A 75 -16.73 3.83 -4.36
N GLU A 76 -16.96 4.70 -3.39
CA GLU A 76 -16.19 5.93 -3.26
C GLU A 76 -14.82 5.66 -2.65
N ILE A 77 -14.78 4.74 -1.70
CA ILE A 77 -13.53 4.39 -1.04
C ILE A 77 -12.59 3.68 -2.01
N ILE A 78 -13.03 2.54 -2.53
CA ILE A 78 -12.24 1.78 -3.46
C ILE A 78 -11.86 2.65 -4.66
N LYS A 79 -12.71 3.62 -4.96
CA LYS A 79 -12.47 4.54 -6.06
C LYS A 79 -11.14 5.26 -5.87
N ASP A 80 -10.89 5.71 -4.64
CA ASP A 80 -9.65 6.40 -4.33
C ASP A 80 -8.47 5.44 -4.35
N VAL A 81 -8.74 4.18 -4.01
CA VAL A 81 -7.69 3.16 -4.02
C VAL A 81 -7.18 2.94 -5.42
N LEU A 82 -8.06 2.49 -6.30
CA LEU A 82 -7.70 2.26 -7.70
C LEU A 82 -6.98 3.47 -8.26
N GLU A 83 -7.56 4.64 -8.02
CA GLU A 83 -6.99 5.90 -8.48
C GLU A 83 -5.51 5.99 -8.09
N TYR A 84 -5.19 5.49 -6.92
CA TYR A 84 -3.83 5.52 -6.42
C TYR A 84 -2.99 4.45 -7.13
N LEU A 85 -3.59 3.28 -7.33
CA LEU A 85 -2.92 2.19 -8.01
C LEU A 85 -2.44 2.62 -9.38
N LYS A 86 -3.24 3.45 -10.05
CA LYS A 86 -2.89 3.95 -11.37
C LYS A 86 -1.70 4.90 -11.28
N LYS A 87 -1.70 5.72 -10.23
CA LYS A 87 -0.62 6.66 -10.01
C LYS A 87 0.66 5.89 -9.72
N LEU A 88 0.58 4.97 -8.78
CA LEU A 88 1.72 4.14 -8.42
C LEU A 88 2.11 3.25 -9.59
N ASP A 89 1.17 3.01 -10.50
CA ASP A 89 1.41 2.18 -11.67
C ASP A 89 2.39 2.87 -12.61
N GLU A 90 2.35 4.20 -12.63
CA GLU A 90 3.24 4.97 -13.48
C GLU A 90 4.62 5.10 -12.86
N ILE A 91 4.68 5.11 -11.53
CA ILE A 91 5.94 5.23 -10.82
C ILE A 91 6.77 3.95 -10.96
N TYR A 92 6.15 2.82 -10.64
CA TYR A 92 6.82 1.52 -10.72
C TYR A 92 7.51 1.35 -12.07
N GLY A 93 6.98 2.03 -13.09
CA GLY A 93 7.57 1.94 -14.42
C GLY A 93 8.83 2.77 -14.54
N SER A 94 8.82 3.95 -13.95
CA SER A 94 9.97 4.84 -13.99
C SER A 94 10.81 4.67 -12.73
N LEU A 95 10.35 5.26 -11.63
CA LEU A 95 11.07 5.16 -10.35
C LEU A 95 12.38 5.94 -10.38
N ARG A 96 13.29 5.52 -11.27
CA ARG A 96 14.58 6.17 -11.40
C ARG A 96 14.45 7.61 -11.90
N ASN A 97 13.26 7.98 -12.34
CA ASN A 97 13.01 9.33 -12.84
C ASN A 97 13.61 10.40 -11.93
N HIS A 98 13.73 10.07 -10.65
CA HIS A 98 14.29 11.01 -9.66
C HIS A 98 13.33 12.14 -9.37
N SER A 99 12.06 11.79 -9.17
CA SER A 99 11.02 12.77 -8.88
C SER A 99 9.68 12.09 -8.64
N GLN A 100 9.41 11.05 -9.43
CA GLN A 100 8.16 10.31 -9.31
C GLN A 100 8.21 9.33 -8.14
N LEU A 101 9.41 8.85 -7.82
CA LEU A 101 9.58 7.91 -6.72
C LEU A 101 9.11 8.51 -5.41
N THR A 102 9.32 9.82 -5.25
CA THR A 102 8.90 10.51 -4.04
C THR A 102 7.38 10.40 -3.85
N GLU A 103 6.65 10.61 -4.94
CA GLU A 103 5.20 10.53 -4.92
C GLU A 103 4.74 9.12 -4.56
N ALA A 104 5.57 8.13 -4.90
CA ALA A 104 5.24 6.74 -4.61
C ALA A 104 5.21 6.49 -3.11
N LEU A 105 6.10 7.16 -2.40
CA LEU A 105 6.18 7.03 -0.96
C LEU A 105 5.05 7.81 -0.29
N SER A 106 4.77 8.99 -0.82
CA SER A 106 3.71 9.84 -0.30
C SER A 106 2.38 9.10 -0.34
N LEU A 107 2.11 8.42 -1.44
CA LEU A 107 0.88 7.67 -1.59
C LEU A 107 0.76 6.62 -0.50
N GLY A 108 1.80 5.82 -0.31
CA GLY A 108 1.77 4.79 0.72
C GLY A 108 1.30 5.35 2.05
N LYS A 109 1.63 6.62 2.30
CA LYS A 109 1.23 7.28 3.54
C LYS A 109 -0.23 7.73 3.48
N ARG A 110 -0.54 8.63 2.55
CA ARG A 110 -1.90 9.13 2.41
C ARG A 110 -2.86 8.01 2.07
N LEU A 111 -2.42 7.11 1.19
CA LEU A 111 -3.24 5.97 0.79
C LEU A 111 -3.51 5.08 1.99
N SER A 112 -2.53 5.02 2.90
CA SER A 112 -2.66 4.21 4.10
C SER A 112 -3.88 4.68 4.91
N LYS A 113 -4.08 5.99 4.94
CA LYS A 113 -5.21 6.57 5.66
C LYS A 113 -6.52 6.06 5.06
N SER A 114 -6.57 6.01 3.73
CA SER A 114 -7.76 5.53 3.03
C SER A 114 -8.05 4.08 3.41
N LEU A 115 -6.99 3.30 3.56
CA LEU A 115 -7.12 1.89 3.93
C LEU A 115 -7.84 1.76 5.26
N HIS A 116 -7.54 2.67 6.18
CA HIS A 116 -8.16 2.66 7.50
C HIS A 116 -9.66 2.90 7.40
N GLU A 117 -10.06 3.72 6.43
CA GLU A 117 -11.47 4.04 6.24
C GLU A 117 -12.24 2.80 5.78
N MET A 118 -11.56 1.91 5.07
CA MET A 118 -12.18 0.68 4.57
C MET A 118 -12.69 -0.18 5.72
N CYS A 119 -11.79 -0.49 6.66
CA CYS A 119 -12.14 -1.31 7.81
C CYS A 119 -12.72 -0.46 8.94
N GLY A 120 -12.31 0.80 8.98
CA GLY A 120 -12.77 1.71 10.02
C GLY A 120 -14.29 1.79 10.08
N ILE A 121 -14.92 1.85 8.92
CA ILE A 121 -16.38 1.94 8.85
C ILE A 121 -16.94 0.97 7.82
N GLU A 122 -16.34 0.93 6.64
CA GLU A 122 -16.79 0.05 5.57
C GLU A 122 -16.55 -1.41 5.94
N PRO A 123 -17.22 -2.34 5.23
CA PRO A 123 -17.07 -3.77 5.48
C PRO A 123 -15.63 -4.25 5.34
N LEU A 124 -15.31 -5.37 5.97
CA LEU A 124 -13.96 -5.93 5.91
C LEU A 124 -13.71 -6.60 4.56
N GLU A 125 -12.94 -5.91 3.72
CA GLU A 125 -12.61 -6.44 2.40
C GLU A 125 -11.22 -7.06 2.39
N GLU A 126 -11.17 -8.39 2.31
CA GLU A 126 -9.90 -9.11 2.31
C GLU A 126 -9.20 -9.00 0.96
N GLU A 127 -9.98 -9.00 -0.11
CA GLU A 127 -9.41 -8.89 -1.45
C GLU A 127 -8.66 -7.58 -1.61
N ILE A 128 -9.36 -6.47 -1.37
CA ILE A 128 -8.77 -5.16 -1.47
C ILE A 128 -7.64 -5.00 -0.45
N CYS A 129 -7.88 -5.46 0.77
CA CYS A 129 -6.88 -5.37 1.82
C CYS A 129 -5.69 -6.27 1.52
N SER A 130 -5.92 -7.30 0.70
CA SER A 130 -4.87 -8.24 0.33
C SER A 130 -3.91 -7.60 -0.67
N GLY A 131 -4.46 -6.93 -1.67
CA GLY A 131 -3.64 -6.29 -2.67
C GLY A 131 -2.93 -5.05 -2.15
N LEU A 132 -3.70 -4.14 -1.56
CA LEU A 132 -3.15 -2.90 -1.03
C LEU A 132 -1.98 -3.16 -0.08
N ILE A 133 -2.08 -4.23 0.71
CA ILE A 133 -1.03 -4.59 1.63
C ILE A 133 0.21 -5.05 0.88
N GLU A 134 -0.01 -5.76 -0.23
CA GLU A 134 1.09 -6.27 -1.04
C GLU A 134 1.63 -5.17 -1.95
N GLN A 135 0.76 -4.26 -2.36
CA GLN A 135 1.15 -3.15 -3.23
C GLN A 135 2.08 -2.20 -2.49
N LEU A 136 1.75 -1.90 -1.24
CA LEU A 136 2.55 -1.01 -0.42
C LEU A 136 3.89 -1.66 -0.09
N TYR A 137 3.86 -2.96 0.17
CA TYR A 137 5.08 -3.71 0.49
C TYR A 137 5.97 -3.83 -0.75
N LYS A 138 5.36 -3.79 -1.92
CA LYS A 138 6.10 -3.89 -3.17
C LYS A 138 6.78 -2.56 -3.48
N LEU A 139 6.11 -1.47 -3.10
CA LEU A 139 6.64 -0.14 -3.31
C LEU A 139 7.63 0.22 -2.20
N ILE A 140 7.36 -0.27 -1.00
CA ILE A 140 8.22 0.00 0.14
C ILE A 140 9.55 -0.75 -0.02
N THR A 141 9.50 -1.91 -0.66
CA THR A 141 10.70 -2.71 -0.89
C THR A 141 11.42 -2.23 -2.14
N ALA A 142 10.66 -1.76 -3.12
CA ALA A 142 11.22 -1.28 -4.36
C ALA A 142 11.92 0.06 -4.15
N SER A 143 11.18 1.04 -3.62
CA SER A 143 11.72 2.36 -3.36
C SER A 143 12.93 2.26 -2.43
N ARG A 144 12.82 1.40 -1.42
CA ARG A 144 13.91 1.22 -0.45
C ARG A 144 15.18 0.77 -1.15
N ARG A 145 15.03 -0.08 -2.16
CA ARG A 145 16.17 -0.59 -2.92
C ARG A 145 16.84 0.54 -3.70
N ILE A 146 16.06 1.56 -4.04
CA ILE A 146 16.59 2.70 -4.80
C ILE A 146 17.41 3.61 -3.90
N LEU A 147 16.90 3.86 -2.70
CA LEU A 147 17.59 4.71 -1.73
C LEU A 147 18.97 4.15 -1.40
N GLU A 148 19.03 2.84 -1.22
CA GLU A 148 20.30 2.18 -0.90
C GLU A 148 21.30 2.35 -2.04
N SER A 149 20.81 2.28 -3.27
CA SER A 149 21.66 2.42 -4.44
C SER A 149 22.16 3.87 -4.56
N CYS A 150 21.31 4.81 -4.17
CA CYS A 150 21.67 6.23 -4.24
C CYS A 150 22.76 6.55 -3.22
N ALA A 151 22.73 5.85 -2.09
CA ALA A 151 23.72 6.07 -1.03
C ALA A 151 25.06 5.46 -1.41
N ASP A 152 26.05 6.32 -1.64
CA ASP A 152 27.39 5.86 -2.00
C ASP A 152 28.43 6.43 -1.03
N SER A 153 28.38 7.73 -0.81
CA SER A 153 29.32 8.39 0.09
C SER A 153 28.61 9.38 1.00
N ASN A 154 27.97 10.38 0.41
CA ASN A 154 27.23 11.38 1.17
C ASN A 154 26.54 12.38 0.23
N SER A 155 25.23 12.48 0.36
CA SER A 155 24.45 13.39 -0.47
C SER A 155 23.29 13.99 0.32
N PRO A 156 22.93 15.26 0.04
CA PRO A 156 21.84 15.94 0.73
C PRO A 156 20.47 15.50 0.23
N TYR A 157 20.43 15.04 -1.02
CA TYR A 157 19.18 14.58 -1.63
C TYR A 157 18.64 13.36 -0.90
N ILE A 158 19.54 12.57 -0.33
CA ILE A 158 19.15 11.36 0.38
C ILE A 158 18.28 11.71 1.59
N HIS A 159 18.54 12.87 2.19
CA HIS A 159 17.77 13.32 3.35
C HIS A 159 16.29 13.41 3.01
N HIS A 160 15.96 14.18 1.98
CA HIS A 160 14.58 14.33 1.55
C HIS A 160 13.96 12.99 1.20
N LEU A 161 14.76 12.10 0.63
CA LEU A 161 14.30 10.78 0.24
C LEU A 161 13.88 9.97 1.46
N ARG A 162 14.59 10.18 2.57
CA ARG A 162 14.28 9.47 3.80
C ARG A 162 13.00 10.00 4.43
N ASN A 163 12.76 11.29 4.28
CA ASN A 163 11.56 11.92 4.84
C ASN A 163 10.33 11.23 4.29
N ASP A 164 10.23 11.17 2.97
CA ASP A 164 9.11 10.50 2.32
C ASP A 164 9.18 9.01 2.61
N TYR A 165 10.35 8.53 3.03
CA TYR A 165 10.53 7.12 3.34
C TYR A 165 9.97 6.79 4.73
N GLN A 166 10.43 7.52 5.74
CA GLN A 166 9.94 7.29 7.11
C GLN A 166 8.44 7.41 7.16
N ASP A 167 7.92 8.58 6.80
CA ASP A 167 6.49 8.83 6.80
C ASP A 167 5.75 7.72 6.05
N LEU A 168 6.35 7.24 4.97
CA LEU A 168 5.77 6.17 4.17
C LEU A 168 5.74 4.87 4.98
N LEU A 169 6.89 4.49 5.50
CA LEU A 169 7.01 3.27 6.29
C LEU A 169 6.20 3.36 7.57
N GLN A 170 6.04 4.59 8.08
CA GLN A 170 5.26 4.80 9.30
C GLN A 170 3.81 4.44 9.08
N GLU A 171 3.17 5.13 8.15
CA GLU A 171 1.77 4.88 7.83
C GLU A 171 1.55 3.41 7.51
N PHE A 172 2.57 2.78 6.92
CA PHE A 172 2.49 1.36 6.57
C PHE A 172 2.24 0.53 7.82
N GLN A 173 2.90 0.90 8.91
CA GLN A 173 2.73 0.18 10.18
C GLN A 173 1.41 0.56 10.83
N ILE A 174 0.97 1.79 10.59
CA ILE A 174 -0.28 2.29 11.15
C ILE A 174 -1.47 1.51 10.59
N SER A 175 -1.47 1.30 9.28
CA SER A 175 -2.54 0.57 8.62
C SER A 175 -2.57 -0.88 9.09
N LEU A 176 -1.40 -1.49 9.20
CA LEU A 176 -1.28 -2.88 9.63
C LEU A 176 -1.63 -3.01 11.11
N LYS A 177 -1.33 -1.96 11.87
CA LYS A 177 -1.61 -1.96 13.31
C LYS A 177 -3.11 -2.07 13.57
N ILE A 178 -3.91 -1.46 12.70
CA ILE A 178 -5.36 -1.48 12.84
C ILE A 178 -5.92 -2.80 12.34
N LEU A 179 -5.26 -3.39 11.34
CA LEU A 179 -5.70 -4.66 10.77
C LEU A 179 -5.35 -5.82 11.70
N THR A 180 -4.23 -5.69 12.40
CA THR A 180 -3.78 -6.73 13.33
C THR A 180 -4.62 -6.71 14.61
N GLU A 181 -5.13 -5.54 14.95
CA GLU A 181 -5.95 -5.39 16.15
C GLU A 181 -7.32 -6.03 15.95
N LYS A 182 -7.95 -5.72 14.82
CA LYS A 182 -9.28 -6.26 14.51
C LYS A 182 -9.19 -7.76 14.24
N CYS A 183 -8.04 -8.20 13.71
CA CYS A 183 -7.83 -9.60 13.40
C CYS A 183 -7.42 -10.37 14.66
N LEU A 184 -6.74 -9.69 15.57
CA LEU A 184 -6.29 -10.31 16.81
C LEU A 184 -7.46 -10.86 17.61
N GLU A 185 -8.64 -10.27 17.40
CA GLU A 185 -9.85 -10.71 18.10
C GLU A 185 -10.43 -11.95 17.43
N ASN A 186 -10.36 -11.99 16.10
CA ASN A 186 -10.88 -13.12 15.35
C ASN A 186 -9.80 -13.69 14.42
N PRO A 187 -8.84 -14.44 14.98
CA PRO A 187 -7.75 -15.05 14.22
C PRO A 187 -8.27 -15.96 13.12
N SER A 188 -9.16 -16.88 13.49
CA SER A 188 -9.74 -17.83 12.55
C SER A 188 -10.42 -17.11 11.39
N SER A 189 -11.07 -15.99 11.69
CA SER A 189 -11.75 -15.20 10.69
C SER A 189 -10.78 -14.73 9.61
N LEU A 190 -10.97 -15.23 8.39
CA LEU A 190 -10.11 -14.86 7.27
C LEU A 190 -8.66 -15.25 7.55
N GLN A 191 -8.26 -16.41 7.06
CA GLN A 191 -6.90 -16.91 7.25
C GLN A 191 -5.97 -16.41 6.14
N ASN A 192 -6.55 -16.11 4.99
CA ASN A 192 -5.75 -15.62 3.85
C ASN A 192 -5.26 -14.21 4.12
N LEU A 193 -6.06 -13.44 4.86
CA LEU A 193 -5.70 -12.07 5.19
C LEU A 193 -4.44 -12.03 6.06
N SER A 194 -4.51 -12.69 7.21
CA SER A 194 -3.38 -12.74 8.13
C SER A 194 -2.12 -13.27 7.45
N LEU A 195 -2.31 -14.16 6.49
CA LEU A 195 -1.19 -14.74 5.76
C LEU A 195 -0.36 -13.65 5.08
N THR A 196 -1.03 -12.74 4.39
CA THR A 196 -0.36 -11.64 3.71
C THR A 196 0.37 -10.74 4.71
N LEU A 197 -0.21 -10.63 5.91
CA LEU A 197 0.37 -9.79 6.96
C LEU A 197 1.68 -10.40 7.47
N VAL A 198 1.65 -11.71 7.73
CA VAL A 198 2.83 -12.41 8.21
C VAL A 198 3.92 -12.48 7.15
N SER A 199 3.55 -12.24 5.90
CA SER A 199 4.50 -12.28 4.80
C SER A 199 5.29 -10.98 4.71
N ILE A 200 4.58 -9.87 4.63
CA ILE A 200 5.22 -8.56 4.55
C ILE A 200 6.10 -8.29 5.77
N ILE A 201 5.67 -8.79 6.92
CA ILE A 201 6.42 -8.60 8.16
C ILE A 201 7.19 -9.87 8.54
N LYS A 202 8.05 -10.31 7.63
CA LYS A 202 8.85 -11.51 7.87
C LYS A 202 10.33 -11.22 7.71
N THR A 203 10.71 -10.75 6.53
CA THR A 203 12.11 -10.43 6.24
C THR A 203 12.98 -11.67 6.36
N ALA A 204 13.09 -12.43 5.27
CA ALA A 204 13.90 -13.64 5.27
C ALA A 204 15.38 -13.31 5.17
N LYS A 51 5.78 -7.47 -13.04
CA LYS A 51 4.95 -8.23 -12.07
C LYS A 51 3.99 -7.31 -11.33
N THR A 52 4.52 -6.21 -10.80
CA THR A 52 3.70 -5.24 -10.07
C THR A 52 2.73 -4.53 -11.00
N GLN A 53 3.23 -4.11 -12.16
CA GLN A 53 2.40 -3.41 -13.14
C GLN A 53 1.18 -4.25 -13.52
N SER A 54 1.38 -5.56 -13.64
CA SER A 54 0.30 -6.46 -13.99
C SER A 54 -0.66 -6.65 -12.81
N ASP A 55 -0.13 -6.51 -11.60
CA ASP A 55 -0.94 -6.67 -10.40
C ASP A 55 -1.74 -5.41 -10.09
N LEU A 56 -1.13 -4.26 -10.33
CA LEU A 56 -1.78 -2.97 -10.08
C LEU A 56 -3.00 -2.80 -10.96
N GLN A 57 -2.82 -2.95 -12.27
CA GLN A 57 -3.91 -2.81 -13.23
C GLN A 57 -5.03 -3.79 -12.92
N LYS A 58 -4.67 -5.06 -12.74
CA LYS A 58 -5.65 -6.10 -12.45
C LYS A 58 -6.36 -5.84 -11.12
N PHE A 59 -5.62 -5.32 -10.15
CA PHE A 59 -6.19 -5.04 -8.84
C PHE A 59 -7.24 -3.93 -8.92
N MET A 60 -7.03 -2.98 -9.82
CA MET A 60 -7.97 -1.87 -10.00
C MET A 60 -9.35 -2.41 -10.38
N THR A 61 -9.39 -3.19 -11.46
CA THR A 61 -10.63 -3.79 -11.92
C THR A 61 -11.22 -4.71 -10.86
N GLN A 62 -10.37 -5.14 -9.92
CA GLN A 62 -10.81 -6.01 -8.84
C GLN A 62 -11.65 -5.25 -7.83
N LEU A 63 -11.30 -3.99 -7.59
CA LEU A 63 -12.02 -3.15 -6.65
C LEU A 63 -13.44 -2.88 -7.15
N ASP A 64 -13.54 -2.29 -8.34
CA ASP A 64 -14.83 -1.96 -8.93
C ASP A 64 -15.72 -3.19 -9.02
N HIS A 65 -15.12 -4.36 -9.16
CA HIS A 65 -15.88 -5.60 -9.26
C HIS A 65 -16.22 -6.18 -7.90
N LEU A 66 -15.24 -6.20 -7.00
CA LEU A 66 -15.43 -6.75 -5.67
C LEU A 66 -16.39 -5.90 -4.83
N ILE A 67 -16.33 -4.58 -5.01
CA ILE A 67 -17.20 -3.68 -4.25
C ILE A 67 -18.59 -3.55 -4.85
N LYS A 68 -18.67 -3.16 -6.12
CA LYS A 68 -19.96 -3.01 -6.79
C LYS A 68 -20.82 -4.27 -6.61
N ASP A 69 -20.16 -5.40 -6.43
CA ASP A 69 -20.85 -6.67 -6.24
C ASP A 69 -21.12 -6.92 -4.76
N ASP A 70 -20.30 -6.33 -3.90
CA ASP A 70 -20.46 -6.50 -2.45
C ASP A 70 -21.10 -5.28 -1.81
N ILE A 71 -20.35 -4.18 -1.74
CA ILE A 71 -20.85 -2.94 -1.14
C ILE A 71 -21.15 -1.89 -2.19
N SER A 72 -21.33 -0.65 -1.77
CA SER A 72 -21.63 0.44 -2.69
C SER A 72 -21.17 1.78 -2.12
N ASN A 73 -21.49 2.02 -0.85
CA ASN A 73 -21.11 3.27 -0.19
C ASN A 73 -19.59 3.44 -0.17
N THR A 74 -18.88 2.33 -0.08
CA THR A 74 -17.41 2.35 -0.05
C THR A 74 -16.83 2.56 -1.45
N GLN A 75 -17.68 2.60 -2.46
CA GLN A 75 -17.24 2.80 -3.84
C GLN A 75 -16.33 4.02 -3.96
N GLU A 76 -16.69 5.09 -3.26
CA GLU A 76 -15.91 6.31 -3.30
C GLU A 76 -14.50 6.07 -2.75
N ILE A 77 -14.41 5.22 -1.72
CA ILE A 77 -13.14 4.89 -1.12
C ILE A 77 -12.29 4.06 -2.08
N ILE A 78 -12.79 2.88 -2.43
CA ILE A 78 -12.08 2.02 -3.36
C ILE A 78 -11.80 2.75 -4.67
N LYS A 79 -12.61 3.77 -4.94
CA LYS A 79 -12.44 4.57 -6.15
C LYS A 79 -11.08 5.26 -6.14
N ASP A 80 -10.72 5.83 -5.00
CA ASP A 80 -9.43 6.51 -4.88
C ASP A 80 -8.29 5.51 -4.92
N VAL A 81 -8.55 4.30 -4.42
CA VAL A 81 -7.54 3.25 -4.41
C VAL A 81 -7.14 2.90 -5.83
N LEU A 82 -8.11 2.41 -6.59
CA LEU A 82 -7.87 2.05 -7.99
C LEU A 82 -7.19 3.19 -8.72
N GLU A 83 -7.77 4.37 -8.58
CA GLU A 83 -7.23 5.57 -9.22
C GLU A 83 -5.77 5.76 -8.84
N TYR A 84 -5.44 5.41 -7.60
CA TYR A 84 -4.09 5.53 -7.11
C TYR A 84 -3.20 4.45 -7.74
N LEU A 85 -3.75 3.24 -7.83
CA LEU A 85 -3.03 2.12 -8.42
C LEU A 85 -2.54 2.47 -9.82
N LYS A 86 -3.38 3.18 -10.57
CA LYS A 86 -3.03 3.60 -11.91
C LYS A 86 -1.89 4.61 -11.88
N LYS A 87 -1.95 5.51 -10.90
CA LYS A 87 -0.92 6.53 -10.74
C LYS A 87 0.39 5.87 -10.36
N LEU A 88 0.33 5.00 -9.34
CA LEU A 88 1.51 4.29 -8.89
C LEU A 88 1.97 3.31 -9.97
N ASP A 89 1.04 2.92 -10.84
CA ASP A 89 1.35 2.01 -11.94
C ASP A 89 2.32 2.66 -12.92
N GLU A 90 2.21 3.97 -13.06
CA GLU A 90 3.08 4.71 -13.98
C GLU A 90 4.45 4.97 -13.34
N ILE A 91 4.47 5.11 -12.03
CA ILE A 91 5.72 5.37 -11.30
C ILE A 91 6.58 4.10 -11.25
N TYR A 92 5.93 2.98 -10.96
CA TYR A 92 6.65 1.70 -10.87
C TYR A 92 7.48 1.44 -12.11
N GLY A 93 6.95 1.81 -13.28
CA GLY A 93 7.67 1.61 -14.52
C GLY A 93 8.70 2.69 -14.77
N SER A 94 8.47 3.88 -14.22
CA SER A 94 9.38 5.00 -14.39
C SER A 94 9.92 5.48 -13.05
N LEU A 95 10.23 4.53 -12.18
CA LEU A 95 10.75 4.84 -10.85
C LEU A 95 12.14 5.47 -10.95
N ARG A 96 13.07 4.75 -11.55
CA ARG A 96 14.43 5.25 -11.71
C ARG A 96 14.49 6.32 -12.79
N ASN A 97 14.51 7.58 -12.37
CA ASN A 97 14.57 8.70 -13.29
C ASN A 97 15.26 9.90 -12.65
N HIS A 98 14.56 10.59 -11.77
CA HIS A 98 15.12 11.76 -11.09
C HIS A 98 14.37 12.02 -9.78
N SER A 99 13.06 12.16 -9.86
CA SER A 99 12.23 12.41 -8.68
C SER A 99 10.84 11.82 -8.85
N GLN A 100 10.78 10.62 -9.44
CA GLN A 100 9.51 9.94 -9.65
C GLN A 100 9.15 9.06 -8.45
N LEU A 101 10.16 8.45 -7.86
CA LEU A 101 9.96 7.58 -6.70
C LEU A 101 9.38 8.37 -5.52
N THR A 102 9.70 9.66 -5.46
CA THR A 102 9.21 10.53 -4.39
C THR A 102 7.69 10.49 -4.32
N GLU A 103 7.04 10.60 -5.47
CA GLU A 103 5.58 10.59 -5.54
C GLU A 103 5.03 9.26 -5.03
N ALA A 104 5.82 8.20 -5.18
CA ALA A 104 5.40 6.87 -4.73
C ALA A 104 5.32 6.82 -3.21
N LEU A 105 6.17 7.62 -2.57
CA LEU A 105 6.20 7.68 -1.11
C LEU A 105 4.99 8.45 -0.59
N SER A 106 4.64 9.51 -1.31
CA SER A 106 3.49 10.33 -0.94
C SER A 106 2.21 9.50 -0.95
N LEU A 107 2.01 8.77 -2.05
CA LEU A 107 0.83 7.92 -2.18
C LEU A 107 0.78 6.90 -1.06
N GLY A 108 1.96 6.46 -0.60
CA GLY A 108 2.02 5.49 0.47
C GLY A 108 1.29 5.96 1.71
N LYS A 109 1.57 7.20 2.12
CA LYS A 109 0.94 7.77 3.30
C LYS A 109 -0.51 8.16 3.01
N ARG A 110 -0.73 8.83 1.88
CA ARG A 110 -2.07 9.27 1.50
C ARG A 110 -2.97 8.05 1.25
N LEU A 111 -2.56 7.21 0.30
CA LEU A 111 -3.33 6.03 -0.05
C LEU A 111 -3.60 5.18 1.20
N SER A 112 -2.64 5.15 2.11
CA SER A 112 -2.78 4.38 3.34
C SER A 112 -3.93 4.92 4.18
N LYS A 113 -4.11 6.23 4.16
CA LYS A 113 -5.18 6.88 4.92
C LYS A 113 -6.54 6.35 4.46
N SER A 114 -6.70 6.22 3.15
CA SER A 114 -7.95 5.74 2.59
C SER A 114 -8.24 4.32 3.08
N LEU A 115 -7.18 3.51 3.19
CA LEU A 115 -7.31 2.14 3.65
C LEU A 115 -7.77 2.10 5.10
N HIS A 116 -7.24 3.02 5.90
CA HIS A 116 -7.59 3.10 7.32
C HIS A 116 -9.08 3.36 7.49
N GLU A 117 -9.64 4.16 6.59
CA GLU A 117 -11.07 4.47 6.64
C GLU A 117 -11.90 3.34 6.06
N MET A 118 -11.30 2.59 5.13
CA MET A 118 -11.98 1.47 4.49
C MET A 118 -12.52 0.50 5.53
N CYS A 119 -11.68 0.16 6.50
CA CYS A 119 -12.07 -0.76 7.57
C CYS A 119 -12.78 -0.02 8.70
N GLY A 120 -12.50 1.27 8.82
CA GLY A 120 -13.11 2.06 9.87
C GLY A 120 -14.30 2.86 9.38
N ILE A 121 -15.17 2.23 8.61
CA ILE A 121 -16.35 2.88 8.07
C ILE A 121 -17.60 2.03 8.27
N GLU A 122 -17.67 0.89 7.59
CA GLU A 122 -18.82 -0.01 7.72
C GLU A 122 -18.49 -1.42 7.22
N PRO A 123 -18.28 -1.59 5.91
CA PRO A 123 -17.96 -2.91 5.33
C PRO A 123 -16.51 -3.33 5.58
N LEU A 124 -16.27 -4.63 5.52
CA LEU A 124 -14.92 -5.16 5.73
C LEU A 124 -14.44 -5.88 4.48
N GLU A 125 -13.46 -5.29 3.80
CA GLU A 125 -12.91 -5.87 2.57
C GLU A 125 -11.57 -6.55 2.83
N GLU A 126 -11.52 -7.85 2.58
CA GLU A 126 -10.30 -8.61 2.78
C GLU A 126 -9.42 -8.57 1.53
N GLU A 127 -10.04 -8.77 0.37
CA GLU A 127 -9.31 -8.75 -0.89
C GLU A 127 -8.63 -7.40 -1.08
N ILE A 128 -9.39 -6.33 -0.92
CA ILE A 128 -8.85 -4.98 -1.05
C ILE A 128 -7.79 -4.73 0.00
N CYS A 129 -8.09 -5.08 1.26
CA CYS A 129 -7.15 -4.90 2.34
C CYS A 129 -5.87 -5.70 2.09
N SER A 130 -6.01 -6.79 1.34
CA SER A 130 -4.87 -7.63 1.02
C SER A 130 -4.06 -7.03 -0.13
N GLY A 131 -4.76 -6.49 -1.13
CA GLY A 131 -4.10 -5.88 -2.26
C GLY A 131 -3.30 -4.65 -1.87
N LEU A 132 -3.94 -3.74 -1.14
CA LEU A 132 -3.29 -2.52 -0.69
C LEU A 132 -2.07 -2.84 0.15
N ILE A 133 -2.19 -3.86 1.00
CA ILE A 133 -1.10 -4.29 1.87
C ILE A 133 0.05 -4.86 1.04
N GLU A 134 -0.29 -5.73 0.09
CA GLU A 134 0.72 -6.35 -0.77
C GLU A 134 1.31 -5.32 -1.74
N GLN A 135 0.47 -4.46 -2.27
CA GLN A 135 0.91 -3.42 -3.19
C GLN A 135 1.88 -2.46 -2.51
N LEU A 136 1.56 -2.10 -1.27
CA LEU A 136 2.40 -1.19 -0.51
C LEU A 136 3.76 -1.81 -0.23
N TYR A 137 3.75 -3.12 0.04
CA TYR A 137 4.98 -3.84 0.33
C TYR A 137 5.90 -3.86 -0.88
N LYS A 138 5.31 -3.73 -2.08
CA LYS A 138 6.09 -3.71 -3.30
C LYS A 138 6.73 -2.35 -3.50
N LEU A 139 6.06 -1.30 -3.03
CA LEU A 139 6.57 0.05 -3.14
C LEU A 139 7.63 0.31 -2.08
N ILE A 140 7.43 -0.28 -0.90
CA ILE A 140 8.36 -0.11 0.20
C ILE A 140 9.70 -0.77 -0.13
N THR A 141 9.64 -1.90 -0.82
CA THR A 141 10.85 -2.63 -1.20
C THR A 141 11.54 -1.94 -2.37
N ALA A 142 10.74 -1.48 -3.33
CA ALA A 142 11.27 -0.78 -4.50
C ALA A 142 11.97 0.50 -4.10
N SER A 143 11.27 1.35 -3.36
CA SER A 143 11.83 2.62 -2.90
C SER A 143 13.11 2.38 -2.09
N ARG A 144 13.16 1.24 -1.42
CA ARG A 144 14.33 0.89 -0.61
C ARG A 144 15.52 0.53 -1.48
N ARG A 145 15.25 0.11 -2.72
CA ARG A 145 16.31 -0.26 -3.66
C ARG A 145 17.04 0.98 -4.16
N ILE A 146 16.27 2.03 -4.43
CA ILE A 146 16.83 3.28 -4.91
C ILE A 146 17.52 4.05 -3.78
N LEU A 147 16.90 4.04 -2.61
CA LEU A 147 17.45 4.73 -1.45
C LEU A 147 18.76 4.08 -1.01
N GLU A 148 18.79 2.76 -1.01
CA GLU A 148 19.98 2.02 -0.62
C GLU A 148 21.14 2.31 -1.57
N SER A 149 20.82 2.51 -2.84
CA SER A 149 21.83 2.79 -3.85
C SER A 149 22.30 4.24 -3.75
N CYS A 150 21.36 5.15 -3.56
CA CYS A 150 21.68 6.57 -3.44
C CYS A 150 22.31 6.87 -2.08
N ALA A 151 21.91 6.11 -1.07
CA ALA A 151 22.43 6.29 0.28
C ALA A 151 23.83 5.69 0.41
N ASP A 152 24.76 6.46 0.98
CA ASP A 152 26.12 6.01 1.16
C ASP A 152 26.91 7.01 2.00
N SER A 153 26.72 8.29 1.73
CA SER A 153 27.41 9.35 2.47
C SER A 153 26.42 10.34 3.05
N ASN A 154 26.94 11.35 3.74
CA ASN A 154 26.09 12.38 4.35
C ASN A 154 25.68 13.42 3.33
N SER A 155 24.55 13.19 2.67
CA SER A 155 24.04 14.12 1.66
C SER A 155 22.59 14.49 1.94
N PRO A 156 22.24 15.78 1.79
CA PRO A 156 20.87 16.25 2.03
C PRO A 156 19.84 15.49 1.22
N TYR A 157 20.27 14.97 0.07
CA TYR A 157 19.38 14.21 -0.81
C TYR A 157 18.78 13.00 -0.07
N ILE A 158 19.65 12.24 0.58
CA ILE A 158 19.21 11.06 1.33
C ILE A 158 18.24 11.43 2.43
N HIS A 159 18.50 12.56 3.09
CA HIS A 159 17.65 13.03 4.17
C HIS A 159 16.24 13.30 3.66
N HIS A 160 16.15 13.92 2.48
CA HIS A 160 14.86 14.23 1.88
C HIS A 160 14.06 12.97 1.63
N LEU A 161 14.71 11.97 1.03
CA LEU A 161 14.06 10.70 0.73
C LEU A 161 13.62 10.00 2.02
N ARG A 162 14.44 10.11 3.05
CA ARG A 162 14.14 9.49 4.34
C ARG A 162 12.91 10.12 4.97
N ASN A 163 12.63 11.38 4.59
CA ASN A 163 11.48 12.09 5.12
C ASN A 163 10.19 11.50 4.54
N ASP A 164 10.09 11.50 3.22
CA ASP A 164 8.92 10.96 2.55
C ASP A 164 8.87 9.44 2.70
N TYR A 165 10.03 8.84 2.97
CA TYR A 165 10.12 7.40 3.15
C TYR A 165 9.71 7.00 4.56
N GLN A 166 10.17 7.75 5.55
CA GLN A 166 9.86 7.47 6.95
C GLN A 166 8.35 7.55 7.18
N ASP A 167 7.69 8.39 6.39
CA ASP A 167 6.24 8.56 6.51
C ASP A 167 5.52 7.37 5.88
N LEU A 168 6.00 6.93 4.73
CA LEU A 168 5.41 5.80 4.03
C LEU A 168 5.46 4.55 4.91
N LEU A 169 6.64 4.27 5.46
CA LEU A 169 6.83 3.11 6.32
C LEU A 169 5.92 3.19 7.54
N GLN A 170 5.67 4.40 8.01
CA GLN A 170 4.81 4.60 9.17
C GLN A 170 3.39 4.15 8.86
N GLU A 171 2.78 4.77 7.86
CA GLU A 171 1.43 4.43 7.44
C GLU A 171 1.32 2.94 7.14
N PHE A 172 2.41 2.36 6.64
CA PHE A 172 2.43 0.94 6.31
C PHE A 172 2.22 0.11 7.57
N GLN A 173 2.77 0.58 8.68
CA GLN A 173 2.63 -0.12 9.95
C GLN A 173 1.29 0.19 10.59
N ILE A 174 0.80 1.40 10.35
CA ILE A 174 -0.50 1.83 10.89
C ILE A 174 -1.61 0.89 10.44
N SER A 175 -1.66 0.63 9.14
CA SER A 175 -2.67 -0.25 8.58
C SER A 175 -2.43 -1.69 9.00
N LEU A 176 -1.15 -2.05 9.13
CA LEU A 176 -0.78 -3.40 9.53
C LEU A 176 -0.99 -3.60 11.03
N LYS A 177 -1.02 -2.51 11.78
CA LYS A 177 -1.22 -2.59 13.23
C LYS A 177 -2.70 -2.72 13.57
N ILE A 178 -3.54 -1.95 12.88
CA ILE A 178 -4.98 -1.99 13.10
C ILE A 178 -5.59 -3.25 12.52
N LEU A 179 -4.98 -3.77 11.47
CA LEU A 179 -5.47 -4.98 10.80
C LEU A 179 -5.22 -6.21 11.66
N THR A 180 -4.05 -6.27 12.29
CA THR A 180 -3.69 -7.40 13.14
C THR A 180 -4.57 -7.47 14.37
N GLU A 181 -4.95 -6.30 14.90
CA GLU A 181 -5.81 -6.24 16.08
C GLU A 181 -7.20 -6.76 15.75
N LYS A 182 -7.80 -6.15 14.73
CA LYS A 182 -9.15 -6.54 14.32
C LYS A 182 -9.16 -7.99 13.83
N CYS A 183 -8.02 -8.46 13.32
CA CYS A 183 -7.91 -9.83 12.83
C CYS A 183 -7.58 -10.78 13.96
N LEU A 184 -6.85 -10.28 14.96
CA LEU A 184 -6.46 -11.10 16.11
C LEU A 184 -7.71 -11.62 16.84
N GLU A 185 -8.81 -10.90 16.72
CA GLU A 185 -10.06 -11.29 17.37
C GLU A 185 -10.83 -12.29 16.50
N ASN A 186 -10.80 -12.07 15.19
CA ASN A 186 -11.49 -12.94 14.25
C ASN A 186 -10.52 -13.48 13.20
N PRO A 187 -9.44 -14.15 13.63
CA PRO A 187 -8.45 -14.70 12.71
C PRO A 187 -8.99 -15.88 11.90
N SER A 188 -9.78 -16.73 12.56
CA SER A 188 -10.37 -17.88 11.90
C SER A 188 -11.26 -17.46 10.74
N SER A 189 -11.86 -16.29 10.86
CA SER A 189 -12.74 -15.76 9.82
C SER A 189 -11.93 -15.14 8.68
N LEU A 190 -10.81 -14.53 9.02
CA LEU A 190 -9.95 -13.90 8.04
C LEU A 190 -8.53 -14.43 8.12
N GLN A 191 -8.29 -15.58 7.50
CA GLN A 191 -6.98 -16.21 7.50
C GLN A 191 -6.11 -15.70 6.35
N ASN A 192 -6.76 -15.22 5.30
CA ASN A 192 -6.04 -14.70 4.13
C ASN A 192 -5.30 -13.42 4.50
N LEU A 193 -5.93 -12.60 5.33
CA LEU A 193 -5.33 -11.34 5.76
C LEU A 193 -4.08 -11.59 6.58
N SER A 194 -4.24 -12.32 7.68
CA SER A 194 -3.12 -12.63 8.56
C SER A 194 -1.98 -13.28 7.79
N LEU A 195 -2.33 -14.05 6.77
CA LEU A 195 -1.33 -14.73 5.95
C LEU A 195 -0.43 -13.72 5.24
N THR A 196 -1.05 -12.73 4.61
CA THR A 196 -0.31 -11.69 3.90
C THR A 196 0.62 -10.95 4.84
N LEU A 197 0.21 -10.82 6.10
CA LEU A 197 1.00 -10.13 7.11
C LEU A 197 2.29 -10.90 7.41
N VAL A 198 2.18 -12.22 7.45
CA VAL A 198 3.32 -13.09 7.73
C VAL A 198 4.27 -13.13 6.54
N SER A 199 3.77 -12.79 5.36
CA SER A 199 4.58 -12.79 4.14
C SER A 199 5.46 -11.54 4.10
N ILE A 200 4.85 -10.38 4.26
CA ILE A 200 5.57 -9.12 4.24
C ILE A 200 6.54 -9.03 5.41
N ILE A 201 6.10 -9.48 6.58
CA ILE A 201 6.93 -9.46 7.79
C ILE A 201 7.18 -8.03 8.25
N LYS A 202 7.96 -7.27 7.47
CA LYS A 202 8.26 -5.89 7.81
C LYS A 202 8.97 -5.81 9.16
N THR A 203 9.83 -6.80 9.43
CA THR A 203 10.58 -6.84 10.69
C THR A 203 9.65 -6.64 11.89
N ALA A 204 8.46 -7.24 11.82
CA ALA A 204 7.49 -7.13 12.90
C ALA A 204 7.09 -5.67 13.13
N LYS A 51 5.26 -7.42 -13.94
CA LYS A 51 4.48 -8.04 -12.84
C LYS A 51 3.97 -7.00 -11.85
N THR A 52 4.88 -6.17 -11.36
CA THR A 52 4.54 -5.12 -10.41
C THR A 52 3.51 -4.16 -11.01
N GLN A 53 3.77 -3.73 -12.24
CA GLN A 53 2.86 -2.81 -12.93
C GLN A 53 1.55 -3.50 -13.27
N SER A 54 1.63 -4.73 -13.78
CA SER A 54 0.45 -5.49 -14.14
C SER A 54 -0.42 -5.78 -12.91
N ASP A 55 0.23 -5.96 -11.77
CA ASP A 55 -0.47 -6.23 -10.53
C ASP A 55 -1.34 -5.05 -10.12
N LEU A 56 -0.84 -3.85 -10.36
CA LEU A 56 -1.57 -2.63 -10.01
C LEU A 56 -2.85 -2.51 -10.82
N GLN A 57 -2.71 -2.60 -12.15
CA GLN A 57 -3.85 -2.49 -13.04
C GLN A 57 -4.91 -3.56 -12.73
N LYS A 58 -4.46 -4.80 -12.58
CA LYS A 58 -5.36 -5.91 -12.29
C LYS A 58 -6.11 -5.67 -10.97
N PHE A 59 -5.41 -5.13 -9.98
CA PHE A 59 -5.99 -4.88 -8.68
C PHE A 59 -7.09 -3.81 -8.76
N MET A 60 -6.93 -2.85 -9.66
CA MET A 60 -7.90 -1.79 -9.83
C MET A 60 -9.23 -2.36 -10.27
N THR A 61 -9.22 -3.08 -11.38
CA THR A 61 -10.43 -3.71 -11.88
C THR A 61 -10.97 -4.70 -10.85
N GLN A 62 -10.12 -5.07 -9.89
CA GLN A 62 -10.51 -6.00 -8.83
C GLN A 62 -11.41 -5.31 -7.82
N LEU A 63 -11.14 -4.03 -7.56
CA LEU A 63 -11.94 -3.27 -6.60
C LEU A 63 -13.35 -3.03 -7.13
N ASP A 64 -13.44 -2.44 -8.32
CA ASP A 64 -14.73 -2.16 -8.92
C ASP A 64 -15.61 -3.41 -8.99
N HIS A 65 -14.98 -4.56 -9.23
CA HIS A 65 -15.69 -5.82 -9.32
C HIS A 65 -15.93 -6.42 -7.94
N LEU A 66 -14.89 -6.45 -7.12
CA LEU A 66 -14.99 -7.01 -5.76
C LEU A 66 -16.11 -6.34 -4.98
N ILE A 67 -16.15 -5.01 -5.03
CA ILE A 67 -17.18 -4.26 -4.32
C ILE A 67 -18.54 -4.36 -5.03
N LYS A 68 -18.51 -4.32 -6.36
CA LYS A 68 -19.72 -4.40 -7.15
C LYS A 68 -20.61 -5.56 -6.69
N ASP A 69 -19.97 -6.60 -6.13
CA ASP A 69 -20.70 -7.76 -5.65
C ASP A 69 -20.77 -7.79 -4.12
N ASP A 70 -19.93 -6.99 -3.46
CA ASP A 70 -19.91 -6.94 -2.01
C ASP A 70 -20.76 -5.80 -1.47
N ILE A 71 -20.24 -4.58 -1.57
CA ILE A 71 -20.95 -3.40 -1.09
C ILE A 71 -21.10 -2.36 -2.19
N SER A 72 -21.53 -1.15 -1.81
CA SER A 72 -21.70 -0.07 -2.77
C SER A 72 -21.30 1.28 -2.19
N ASN A 73 -21.74 1.53 -0.96
CA ASN A 73 -21.42 2.80 -0.29
C ASN A 73 -19.92 3.07 -0.28
N THR A 74 -19.12 1.99 -0.28
CA THR A 74 -17.67 2.12 -0.28
C THR A 74 -17.12 2.35 -1.68
N GLN A 75 -18.00 2.31 -2.69
CA GLN A 75 -17.59 2.51 -4.08
C GLN A 75 -16.73 3.75 -4.23
N GLU A 76 -16.92 4.72 -3.34
CA GLU A 76 -16.16 5.96 -3.38
C GLU A 76 -14.78 5.76 -2.78
N ILE A 77 -14.70 4.95 -1.73
CA ILE A 77 -13.44 4.66 -1.07
C ILE A 77 -12.53 3.86 -1.98
N ILE A 78 -12.98 2.69 -2.40
CA ILE A 78 -12.19 1.85 -3.28
C ILE A 78 -11.83 2.63 -4.56
N LYS A 79 -12.71 3.56 -4.92
CA LYS A 79 -12.49 4.39 -6.10
C LYS A 79 -11.17 5.12 -5.99
N ASP A 80 -10.87 5.64 -4.81
CA ASP A 80 -9.63 6.36 -4.58
C ASP A 80 -8.45 5.40 -4.63
N VAL A 81 -8.68 4.17 -4.20
CA VAL A 81 -7.64 3.15 -4.22
C VAL A 81 -7.23 2.86 -5.65
N LEU A 82 -8.18 2.37 -6.44
CA LEU A 82 -7.93 2.06 -7.85
C LEU A 82 -7.28 3.26 -8.53
N GLU A 83 -7.86 4.43 -8.31
CA GLU A 83 -7.35 5.66 -8.90
C GLU A 83 -5.88 5.86 -8.51
N TYR A 84 -5.55 5.55 -7.27
CA TYR A 84 -4.19 5.69 -6.79
C TYR A 84 -3.30 4.64 -7.44
N LEU A 85 -3.83 3.43 -7.61
CA LEU A 85 -3.09 2.35 -8.23
C LEU A 85 -2.62 2.76 -9.62
N LYS A 86 -3.46 3.49 -10.32
CA LYS A 86 -3.14 3.96 -11.66
C LYS A 86 -2.02 4.99 -11.60
N LYS A 87 -2.08 5.87 -10.60
CA LYS A 87 -1.06 6.88 -10.42
C LYS A 87 0.25 6.22 -10.05
N LEU A 88 0.19 5.31 -9.08
CA LEU A 88 1.35 4.57 -8.64
C LEU A 88 1.84 3.64 -9.76
N ASP A 89 0.92 3.29 -10.66
CA ASP A 89 1.25 2.41 -11.78
C ASP A 89 2.21 3.11 -12.73
N GLU A 90 2.10 4.42 -12.83
CA GLU A 90 2.96 5.21 -13.70
C GLU A 90 4.34 5.39 -13.07
N ILE A 91 4.36 5.53 -11.75
CA ILE A 91 5.62 5.71 -11.02
C ILE A 91 6.47 4.46 -11.09
N TYR A 92 5.83 3.30 -10.89
CA TYR A 92 6.53 2.02 -10.92
C TYR A 92 7.36 1.88 -12.19
N GLY A 93 6.80 2.33 -13.30
CA GLY A 93 7.50 2.25 -14.57
C GLY A 93 8.45 3.41 -14.78
N SER A 94 8.08 4.57 -14.27
CA SER A 94 8.90 5.77 -14.40
C SER A 94 9.72 6.03 -13.14
N LEU A 95 10.05 4.96 -12.43
CA LEU A 95 10.83 5.07 -11.20
C LEU A 95 12.32 5.20 -11.50
N ARG A 96 13.09 5.56 -10.49
CA ARG A 96 14.53 5.70 -10.64
C ARG A 96 14.88 6.91 -11.52
N ASN A 97 13.89 7.74 -11.80
CA ASN A 97 14.09 8.92 -12.63
C ASN A 97 14.86 10.00 -11.87
N HIS A 98 14.18 10.62 -10.91
CA HIS A 98 14.81 11.67 -10.10
C HIS A 98 13.84 12.18 -9.04
N SER A 99 12.61 12.47 -9.44
CA SER A 99 11.59 12.96 -8.52
C SER A 99 10.30 12.15 -8.66
N GLN A 100 10.42 10.92 -9.15
CA GLN A 100 9.26 10.06 -9.32
C GLN A 100 9.06 9.17 -8.10
N LEU A 101 10.15 8.56 -7.64
CA LEU A 101 10.10 7.67 -6.48
C LEU A 101 9.55 8.40 -5.26
N THR A 102 9.83 9.69 -5.17
CA THR A 102 9.36 10.51 -4.06
C THR A 102 7.84 10.45 -3.95
N GLU A 103 7.17 10.67 -5.07
CA GLU A 103 5.71 10.64 -5.10
C GLU A 103 5.18 9.27 -4.70
N ALA A 104 5.99 8.25 -4.92
CA ALA A 104 5.60 6.88 -4.58
C ALA A 104 5.50 6.72 -3.07
N LEU A 105 6.33 7.45 -2.35
CA LEU A 105 6.35 7.40 -0.89
C LEU A 105 5.15 8.14 -0.33
N SER A 106 4.85 9.28 -0.93
CA SER A 106 3.72 10.10 -0.51
C SER A 106 2.42 9.30 -0.58
N LEU A 107 2.19 8.65 -1.71
CA LEU A 107 0.98 7.85 -1.90
C LEU A 107 0.85 6.82 -0.80
N GLY A 108 1.95 6.12 -0.50
CA GLY A 108 1.92 5.12 0.56
C GLY A 108 1.32 5.68 1.83
N LYS A 109 1.63 6.95 2.10
CA LYS A 109 1.13 7.63 3.29
C LYS A 109 -0.34 8.01 3.13
N ARG A 110 -0.61 8.88 2.15
CA ARG A 110 -1.98 9.34 1.90
C ARG A 110 -2.90 8.16 1.62
N LEU A 111 -2.40 7.22 0.84
CA LEU A 111 -3.17 6.02 0.49
C LEU A 111 -3.60 5.29 1.76
N SER A 112 -2.70 5.23 2.73
CA SER A 112 -2.98 4.56 4.01
C SER A 112 -4.20 5.18 4.67
N LYS A 113 -4.32 6.50 4.55
CA LYS A 113 -5.45 7.22 5.12
C LYS A 113 -6.77 6.69 4.55
N SER A 114 -6.78 6.47 3.25
CA SER A 114 -7.98 5.94 2.58
C SER A 114 -8.37 4.60 3.17
N LEU A 115 -7.38 3.84 3.62
CA LEU A 115 -7.63 2.53 4.21
C LEU A 115 -8.47 2.67 5.47
N HIS A 116 -8.13 3.66 6.29
CA HIS A 116 -8.86 3.90 7.54
C HIS A 116 -10.34 4.14 7.26
N GLU A 117 -10.61 4.88 6.18
CA GLU A 117 -11.99 5.18 5.80
C GLU A 117 -12.67 3.93 5.23
N MET A 118 -11.88 3.09 4.56
CA MET A 118 -12.41 1.87 3.97
C MET A 118 -13.03 0.97 5.04
N CYS A 119 -12.29 0.74 6.11
CA CYS A 119 -12.77 -0.10 7.21
C CYS A 119 -13.60 0.71 8.20
N GLY A 120 -13.37 2.02 8.23
CA GLY A 120 -14.08 2.88 9.15
C GLY A 120 -15.44 3.33 8.61
N ILE A 121 -15.58 3.35 7.29
CA ILE A 121 -16.84 3.77 6.67
C ILE A 121 -18.02 2.98 7.23
N GLU A 122 -18.23 1.77 6.74
CA GLU A 122 -19.33 0.93 7.20
C GLU A 122 -18.99 -0.56 7.08
N PRO A 123 -18.86 -1.09 5.85
CA PRO A 123 -18.54 -2.51 5.63
C PRO A 123 -17.06 -2.79 5.75
N LEU A 124 -16.72 -4.05 6.02
CA LEU A 124 -15.33 -4.47 6.15
C LEU A 124 -14.88 -5.18 4.88
N GLU A 125 -13.77 -4.74 4.32
CA GLU A 125 -13.25 -5.34 3.09
C GLU A 125 -11.98 -6.15 3.36
N GLU A 126 -12.09 -7.47 3.19
CA GLU A 126 -10.97 -8.35 3.41
C GLU A 126 -10.13 -8.48 2.13
N GLU A 127 -10.80 -8.78 1.03
CA GLU A 127 -10.12 -8.91 -0.26
C GLU A 127 -9.36 -7.64 -0.59
N ILE A 128 -9.99 -6.49 -0.32
CA ILE A 128 -9.36 -5.21 -0.57
C ILE A 128 -8.18 -5.03 0.35
N CYS A 129 -8.42 -5.18 1.65
CA CYS A 129 -7.37 -5.05 2.64
C CYS A 129 -6.20 -5.96 2.31
N SER A 130 -6.50 -7.05 1.58
CA SER A 130 -5.47 -8.01 1.20
C SER A 130 -4.60 -7.45 0.07
N GLY A 131 -5.24 -7.03 -1.02
CA GLY A 131 -4.52 -6.50 -2.15
C GLY A 131 -3.81 -5.20 -1.84
N LEU A 132 -4.52 -4.28 -1.18
CA LEU A 132 -3.94 -2.98 -0.82
C LEU A 132 -2.64 -3.17 -0.05
N ILE A 133 -2.66 -4.01 0.98
CA ILE A 133 -1.49 -4.26 1.79
C ILE A 133 -0.38 -4.87 0.94
N GLU A 134 -0.76 -5.67 -0.06
CA GLU A 134 0.20 -6.31 -0.94
C GLU A 134 0.88 -5.29 -1.85
N GLN A 135 0.07 -4.44 -2.48
CA GLN A 135 0.60 -3.41 -3.37
C GLN A 135 1.49 -2.45 -2.60
N LEU A 136 1.05 -2.09 -1.39
CA LEU A 136 1.81 -1.17 -0.55
C LEU A 136 3.18 -1.75 -0.22
N TYR A 137 3.24 -3.07 -0.07
CA TYR A 137 4.49 -3.75 0.25
C TYR A 137 5.41 -3.75 -0.96
N LYS A 138 4.83 -3.83 -2.15
CA LYS A 138 5.61 -3.83 -3.38
C LYS A 138 6.29 -2.48 -3.58
N LEU A 139 5.67 -1.43 -3.05
CA LEU A 139 6.22 -0.09 -3.16
C LEU A 139 7.33 0.13 -2.14
N ILE A 140 7.12 -0.40 -0.93
CA ILE A 140 8.11 -0.27 0.14
C ILE A 140 9.40 -0.99 -0.23
N THR A 141 9.28 -2.06 -1.01
CA THR A 141 10.44 -2.84 -1.43
C THR A 141 11.19 -2.11 -2.54
N ALA A 142 10.45 -1.52 -3.47
CA ALA A 142 11.04 -0.80 -4.57
C ALA A 142 11.77 0.45 -4.07
N SER A 143 11.04 1.31 -3.36
CA SER A 143 11.62 2.53 -2.82
C SER A 143 12.84 2.23 -1.96
N ARG A 144 12.84 1.05 -1.34
CA ARG A 144 13.94 0.63 -0.49
C ARG A 144 15.15 0.20 -1.32
N ARG A 145 14.90 -0.18 -2.56
CA ARG A 145 15.98 -0.61 -3.46
C ARG A 145 16.82 0.58 -3.89
N ILE A 146 16.16 1.70 -4.14
CA ILE A 146 16.86 2.91 -4.57
C ILE A 146 17.56 3.59 -3.40
N LEU A 147 16.89 3.61 -2.25
CA LEU A 147 17.45 4.22 -1.05
C LEU A 147 18.68 3.45 -0.58
N GLU A 148 18.52 2.13 -0.42
CA GLU A 148 19.61 1.28 0.03
C GLU A 148 20.79 1.34 -0.95
N SER A 149 20.48 1.60 -2.22
CA SER A 149 21.51 1.69 -3.25
C SER A 149 22.55 2.75 -2.90
N CYS A 150 22.08 3.88 -2.40
CA CYS A 150 22.96 4.98 -2.02
C CYS A 150 23.74 4.63 -0.76
N ALA A 151 23.08 3.95 0.17
CA ALA A 151 23.72 3.56 1.42
C ALA A 151 24.13 4.78 2.24
N ASP A 152 23.91 4.71 3.54
CA ASP A 152 24.26 5.81 4.44
C ASP A 152 23.52 7.09 4.05
N SER A 153 23.54 8.07 4.95
CA SER A 153 22.87 9.33 4.70
C SER A 153 23.82 10.50 4.88
N ASN A 154 24.49 10.89 3.80
CA ASN A 154 25.44 11.99 3.84
C ASN A 154 25.03 13.09 2.87
N SER A 155 24.60 12.70 1.67
CA SER A 155 24.18 13.65 0.66
C SER A 155 22.74 14.10 0.88
N PRO A 156 22.42 15.37 0.59
CA PRO A 156 21.07 15.90 0.77
C PRO A 156 20.02 15.06 0.04
N TYR A 157 20.41 14.48 -1.08
CA TYR A 157 19.50 13.64 -1.86
C TYR A 157 18.98 12.47 -1.03
N ILE A 158 19.84 11.93 -0.18
CA ILE A 158 19.45 10.80 0.67
C ILE A 158 18.54 11.26 1.80
N HIS A 159 18.75 12.48 2.26
CA HIS A 159 17.95 13.04 3.35
C HIS A 159 16.51 13.24 2.90
N HIS A 160 16.34 13.77 1.69
CA HIS A 160 15.00 14.02 1.15
C HIS A 160 14.24 12.71 0.98
N LEU A 161 14.93 11.68 0.52
CA LEU A 161 14.32 10.38 0.31
C LEU A 161 13.90 9.76 1.65
N ARG A 162 14.78 9.89 2.65
CA ARG A 162 14.50 9.34 3.97
C ARG A 162 13.31 10.06 4.62
N ASN A 163 13.07 11.29 4.21
CA ASN A 163 11.96 12.07 4.75
C ASN A 163 10.62 11.53 4.25
N ASP A 164 10.45 11.52 2.93
CA ASP A 164 9.23 11.02 2.33
C ASP A 164 9.11 9.51 2.53
N TYR A 165 10.24 8.87 2.78
CA TYR A 165 10.26 7.42 2.99
C TYR A 165 9.89 7.07 4.43
N GLN A 166 10.40 7.83 5.39
CA GLN A 166 10.11 7.59 6.79
C GLN A 166 8.61 7.65 7.06
N ASP A 167 7.93 8.55 6.34
CA ASP A 167 6.49 8.70 6.50
C ASP A 167 5.75 7.53 5.85
N LEU A 168 6.24 7.11 4.68
CA LEU A 168 5.63 6.00 3.97
C LEU A 168 5.74 4.72 4.80
N LEU A 169 6.87 4.57 5.48
CA LEU A 169 7.13 3.40 6.31
C LEU A 169 6.28 3.42 7.57
N GLN A 170 6.32 4.54 8.29
CA GLN A 170 5.56 4.68 9.52
C GLN A 170 4.06 4.48 9.25
N GLU A 171 3.57 5.17 8.22
CA GLU A 171 2.15 5.06 7.85
C GLU A 171 1.81 3.63 7.49
N PHE A 172 2.73 2.96 6.82
CA PHE A 172 2.54 1.56 6.42
C PHE A 172 2.36 0.70 7.66
N GLN A 173 3.09 1.05 8.71
CA GLN A 173 3.01 0.33 9.98
C GLN A 173 1.66 0.59 10.65
N ILE A 174 1.12 1.77 10.42
CA ILE A 174 -0.16 2.15 10.99
C ILE A 174 -1.27 1.23 10.49
N SER A 175 -1.35 1.06 9.18
CA SER A 175 -2.36 0.20 8.57
C SER A 175 -2.23 -1.23 9.08
N LEU A 176 -1.00 -1.72 9.18
CA LEU A 176 -0.74 -3.07 9.66
C LEU A 176 -1.13 -3.22 11.12
N LYS A 177 -1.02 -2.14 11.87
CA LYS A 177 -1.38 -2.15 13.29
C LYS A 177 -2.87 -2.37 13.48
N ILE A 178 -3.67 -1.62 12.74
CA ILE A 178 -5.13 -1.73 12.82
C ILE A 178 -5.62 -3.01 12.15
N LEU A 179 -4.88 -3.47 11.16
CA LEU A 179 -5.24 -4.68 10.44
C LEU A 179 -4.80 -5.93 11.19
N THR A 180 -3.56 -5.91 11.69
CA THR A 180 -3.02 -7.04 12.42
C THR A 180 -3.87 -7.35 13.66
N GLU A 181 -4.49 -6.31 14.22
CA GLU A 181 -5.33 -6.47 15.39
C GLU A 181 -6.69 -7.03 15.00
N LYS A 182 -7.20 -6.57 13.86
CA LYS A 182 -8.50 -7.04 13.36
C LYS A 182 -8.39 -8.44 12.78
N CYS A 183 -7.22 -8.76 12.24
CA CYS A 183 -6.99 -10.07 11.65
C CYS A 183 -6.67 -11.10 12.72
N LEU A 184 -5.98 -10.66 13.78
CA LEU A 184 -5.62 -11.53 14.88
C LEU A 184 -6.83 -11.88 15.73
N GLU A 185 -7.84 -11.02 15.68
CA GLU A 185 -9.06 -11.25 16.45
C GLU A 185 -9.91 -12.34 15.82
N ASN A 186 -9.94 -12.36 14.49
CA ASN A 186 -10.72 -13.35 13.75
C ASN A 186 -9.84 -14.06 12.72
N PRO A 187 -8.98 -14.99 13.17
CA PRO A 187 -8.09 -15.75 12.28
C PRO A 187 -8.85 -16.72 11.39
N SER A 188 -9.76 -17.48 12.00
CA SER A 188 -10.56 -18.45 11.26
C SER A 188 -11.37 -17.79 10.15
N SER A 189 -11.72 -16.52 10.35
CA SER A 189 -12.48 -15.77 9.36
C SER A 189 -11.80 -15.79 8.01
N LEU A 190 -10.58 -15.26 7.95
CA LEU A 190 -9.82 -15.22 6.71
C LEU A 190 -8.32 -15.34 6.98
N GLN A 191 -7.79 -16.55 6.78
CA GLN A 191 -6.37 -16.79 7.01
C GLN A 191 -5.52 -16.13 5.93
N ASN A 192 -6.09 -15.92 4.76
CA ASN A 192 -5.38 -15.30 3.65
C ASN A 192 -4.88 -13.90 4.05
N LEU A 193 -5.68 -13.19 4.83
CA LEU A 193 -5.31 -11.85 5.27
C LEU A 193 -4.14 -11.91 6.24
N SER A 194 -4.33 -12.60 7.36
CA SER A 194 -3.29 -12.72 8.38
C SER A 194 -2.00 -13.24 7.76
N LEU A 195 -2.13 -14.07 6.71
CA LEU A 195 -0.97 -14.62 6.03
C LEU A 195 -0.15 -13.53 5.36
N THR A 196 -0.81 -12.70 4.57
CA THR A 196 -0.13 -11.61 3.87
C THR A 196 0.56 -10.69 4.86
N LEU A 197 -0.03 -10.55 6.04
CA LEU A 197 0.54 -9.70 7.08
C LEU A 197 1.88 -10.25 7.57
N VAL A 198 1.90 -11.54 7.87
CA VAL A 198 3.12 -12.19 8.35
C VAL A 198 4.19 -12.21 7.27
N SER A 199 3.79 -11.98 6.02
CA SER A 199 4.75 -11.98 4.91
C SER A 199 5.42 -10.62 4.77
N ILE A 200 4.62 -9.58 4.62
CA ILE A 200 5.15 -8.22 4.48
C ILE A 200 6.05 -7.85 5.65
N ILE A 201 5.64 -8.21 6.86
CA ILE A 201 6.42 -7.91 8.05
C ILE A 201 7.17 -9.15 8.54
N LYS A 202 8.24 -9.50 7.82
CA LYS A 202 9.04 -10.66 8.17
C LYS A 202 9.74 -10.45 9.52
N THR A 203 10.48 -9.35 9.63
CA THR A 203 11.20 -9.04 10.85
C THR A 203 10.92 -7.60 11.29
N ALA A 204 9.72 -7.37 11.80
CA ALA A 204 9.32 -6.04 12.26
C ALA A 204 9.41 -5.02 11.13
N LYS A 51 6.21 -6.79 -14.33
CA LYS A 51 4.97 -7.48 -13.88
C LYS A 51 4.28 -6.69 -12.77
N THR A 52 5.05 -5.90 -12.04
CA THR A 52 4.50 -5.10 -10.95
C THR A 52 3.43 -4.15 -11.47
N GLN A 53 3.68 -3.56 -12.64
CA GLN A 53 2.73 -2.64 -13.24
C GLN A 53 1.41 -3.33 -13.55
N SER A 54 1.50 -4.54 -14.10
CA SER A 54 0.31 -5.32 -14.45
C SER A 54 -0.53 -5.59 -13.20
N ASP A 55 0.15 -5.86 -12.08
CA ASP A 55 -0.55 -6.15 -10.83
C ASP A 55 -1.40 -4.97 -10.39
N LEU A 56 -0.85 -3.77 -10.52
CA LEU A 56 -1.56 -2.55 -10.13
C LEU A 56 -2.79 -2.36 -11.00
N GLN A 57 -2.61 -2.44 -12.31
CA GLN A 57 -3.72 -2.28 -13.25
C GLN A 57 -4.81 -3.32 -13.01
N LYS A 58 -4.40 -4.58 -12.91
CA LYS A 58 -5.32 -5.68 -12.69
C LYS A 58 -6.06 -5.52 -11.36
N PHE A 59 -5.37 -5.01 -10.35
CA PHE A 59 -5.96 -4.82 -9.03
C PHE A 59 -7.04 -3.74 -9.07
N MET A 60 -6.86 -2.75 -9.94
CA MET A 60 -7.84 -1.67 -10.06
C MET A 60 -9.20 -2.23 -10.47
N THR A 61 -9.21 -2.94 -11.60
CA THR A 61 -10.43 -3.55 -12.09
C THR A 61 -10.97 -4.55 -11.07
N GLN A 62 -10.10 -5.01 -10.18
CA GLN A 62 -10.50 -5.96 -9.14
C GLN A 62 -11.39 -5.29 -8.11
N LEU A 63 -11.10 -4.03 -7.81
CA LEU A 63 -11.90 -3.28 -6.83
C LEU A 63 -13.32 -3.07 -7.35
N ASP A 64 -13.42 -2.51 -8.54
CA ASP A 64 -14.72 -2.24 -9.15
C ASP A 64 -15.58 -3.50 -9.20
N HIS A 65 -14.93 -4.65 -9.32
CA HIS A 65 -15.64 -5.93 -9.39
C HIS A 65 -15.91 -6.50 -8.00
N LEU A 66 -14.88 -6.56 -7.18
CA LEU A 66 -14.99 -7.11 -5.82
C LEU A 66 -16.06 -6.37 -5.03
N ILE A 67 -16.10 -5.05 -5.15
CA ILE A 67 -17.06 -4.24 -4.42
C ILE A 67 -18.42 -4.27 -5.11
N LYS A 68 -18.42 -4.28 -6.44
CA LYS A 68 -19.67 -4.33 -7.20
C LYS A 68 -20.58 -5.44 -6.71
N ASP A 69 -19.97 -6.50 -6.19
CA ASP A 69 -20.74 -7.64 -5.68
C ASP A 69 -20.84 -7.59 -4.16
N ASP A 70 -19.94 -6.85 -3.51
CA ASP A 70 -19.95 -6.73 -2.06
C ASP A 70 -20.85 -5.60 -1.59
N ILE A 71 -20.38 -4.37 -1.77
CA ILE A 71 -21.14 -3.19 -1.36
C ILE A 71 -21.10 -2.10 -2.43
N SER A 72 -21.91 -1.06 -2.25
CA SER A 72 -21.96 0.04 -3.20
C SER A 72 -21.55 1.36 -2.57
N ASN A 73 -21.73 1.47 -1.25
CA ASN A 73 -21.38 2.69 -0.53
C ASN A 73 -19.87 2.89 -0.50
N THR A 74 -19.12 1.79 -0.53
CA THR A 74 -17.67 1.85 -0.50
C THR A 74 -17.10 2.12 -1.90
N GLN A 75 -17.95 2.12 -2.91
CA GLN A 75 -17.52 2.36 -4.28
C GLN A 75 -16.67 3.63 -4.39
N GLU A 76 -16.91 4.57 -3.49
CA GLU A 76 -16.17 5.83 -3.48
C GLU A 76 -14.78 5.64 -2.88
N ILE A 77 -14.70 4.80 -1.85
CA ILE A 77 -13.43 4.54 -1.18
C ILE A 77 -12.49 3.80 -2.10
N ILE A 78 -12.90 2.63 -2.56
CA ILE A 78 -12.09 1.84 -3.47
C ILE A 78 -11.76 2.66 -4.72
N LYS A 79 -12.65 3.60 -5.04
CA LYS A 79 -12.46 4.46 -6.20
C LYS A 79 -11.13 5.21 -6.08
N ASP A 80 -10.86 5.72 -4.89
CA ASP A 80 -9.61 6.45 -4.65
C ASP A 80 -8.42 5.50 -4.70
N VAL A 81 -8.65 4.26 -4.30
CA VAL A 81 -7.61 3.24 -4.31
C VAL A 81 -7.16 2.97 -5.74
N LEU A 82 -8.09 2.47 -6.55
CA LEU A 82 -7.81 2.19 -7.95
C LEU A 82 -7.12 3.38 -8.60
N GLU A 83 -7.70 4.55 -8.38
CA GLU A 83 -7.17 5.79 -8.93
C GLU A 83 -5.70 5.96 -8.54
N TYR A 84 -5.39 5.61 -7.29
CA TYR A 84 -4.02 5.71 -6.79
C TYR A 84 -3.14 4.65 -7.45
N LEU A 85 -3.69 3.44 -7.59
CA LEU A 85 -2.96 2.35 -8.21
C LEU A 85 -2.44 2.75 -9.58
N LYS A 86 -3.27 3.50 -10.30
CA LYS A 86 -2.89 3.97 -11.63
C LYS A 86 -1.74 4.97 -11.53
N LYS A 87 -1.78 5.80 -10.49
CA LYS A 87 -0.73 6.78 -10.27
C LYS A 87 0.57 6.07 -9.93
N LEU A 88 0.51 5.19 -8.93
CA LEU A 88 1.68 4.43 -8.52
C LEU A 88 2.16 3.54 -9.66
N ASP A 89 1.26 3.30 -10.63
CA ASP A 89 1.59 2.47 -11.78
C ASP A 89 2.59 3.19 -12.69
N GLU A 90 2.42 4.50 -12.83
CA GLU A 90 3.31 5.30 -13.66
C GLU A 90 4.67 5.47 -13.01
N ILE A 91 4.69 5.48 -11.68
CA ILE A 91 5.94 5.63 -10.94
C ILE A 91 6.70 4.32 -10.88
N TYR A 92 6.00 3.23 -10.56
CA TYR A 92 6.62 1.92 -10.47
C TYR A 92 7.32 1.54 -11.78
N GLY A 93 6.84 2.10 -12.88
CA GLY A 93 7.43 1.82 -14.18
C GLY A 93 8.22 2.99 -14.74
N SER A 94 7.98 4.17 -14.20
CA SER A 94 8.69 5.38 -14.64
C SER A 94 9.33 6.09 -13.47
N LEU A 95 9.92 5.31 -12.56
CA LEU A 95 10.56 5.86 -11.38
C LEU A 95 11.64 6.88 -11.77
N ARG A 96 12.92 6.50 -11.71
CA ARG A 96 14.01 7.40 -12.05
C ARG A 96 13.98 8.65 -11.19
N ASN A 97 13.23 8.58 -10.09
CA ASN A 97 13.10 9.70 -9.16
C ASN A 97 12.68 10.98 -9.90
N HIS A 98 13.43 12.06 -9.73
CA HIS A 98 13.09 13.33 -10.38
C HIS A 98 11.71 13.76 -9.92
N SER A 99 11.46 13.59 -8.61
CA SER A 99 10.19 13.94 -8.01
C SER A 99 9.18 12.81 -8.18
N GLN A 100 9.69 11.61 -8.50
CA GLN A 100 8.84 10.44 -8.69
C GLN A 100 8.71 9.64 -7.41
N LEU A 101 9.84 9.24 -6.85
CA LEU A 101 9.88 8.46 -5.62
C LEU A 101 9.14 9.18 -4.49
N THR A 102 9.50 10.45 -4.28
CA THR A 102 8.88 11.27 -3.25
C THR A 102 7.36 11.15 -3.29
N GLU A 103 6.83 11.01 -4.51
CA GLU A 103 5.39 10.89 -4.70
C GLU A 103 4.94 9.46 -4.42
N ALA A 104 5.83 8.50 -4.67
CA ALA A 104 5.54 7.10 -4.45
C ALA A 104 5.45 6.78 -2.96
N LEU A 105 6.28 7.46 -2.18
CA LEU A 105 6.30 7.27 -0.73
C LEU A 105 5.11 7.97 -0.10
N SER A 106 4.80 9.16 -0.59
CA SER A 106 3.69 9.94 -0.09
C SER A 106 2.39 9.15 -0.19
N LEU A 107 2.12 8.60 -1.37
CA LEU A 107 0.92 7.81 -1.60
C LEU A 107 0.83 6.67 -0.61
N GLY A 108 1.94 5.96 -0.41
CA GLY A 108 1.96 4.87 0.54
C GLY A 108 1.38 5.28 1.89
N LYS A 109 1.66 6.52 2.27
CA LYS A 109 1.17 7.05 3.54
C LYS A 109 -0.29 7.46 3.43
N ARG A 110 -0.58 8.43 2.55
CA ARG A 110 -1.95 8.90 2.36
C ARG A 110 -2.87 7.75 2.01
N LEU A 111 -2.45 6.96 1.02
CA LEU A 111 -3.22 5.81 0.56
C LEU A 111 -3.57 4.90 1.74
N SER A 112 -2.59 4.69 2.62
CA SER A 112 -2.78 3.84 3.79
C SER A 112 -3.95 4.35 4.62
N LYS A 113 -4.09 5.66 4.71
CA LYS A 113 -5.17 6.27 5.47
C LYS A 113 -6.52 5.84 4.92
N SER A 114 -6.62 5.79 3.60
CA SER A 114 -7.86 5.38 2.94
C SER A 114 -8.25 3.96 3.36
N LEU A 115 -7.24 3.12 3.59
CA LEU A 115 -7.47 1.74 3.99
C LEU A 115 -8.22 1.70 5.32
N HIS A 116 -7.78 2.53 6.27
CA HIS A 116 -8.41 2.59 7.58
C HIS A 116 -9.89 2.97 7.45
N GLU A 117 -10.19 3.78 6.45
CA GLU A 117 -11.56 4.22 6.21
C GLU A 117 -12.38 3.08 5.59
N MET A 118 -11.69 2.17 4.90
CA MET A 118 -12.35 1.04 4.26
C MET A 118 -13.05 0.19 5.30
N CYS A 119 -12.27 -0.32 6.24
CA CYS A 119 -12.80 -1.16 7.31
C CYS A 119 -13.28 -0.31 8.49
N GLY A 120 -12.72 0.88 8.63
CA GLY A 120 -13.10 1.78 9.72
C GLY A 120 -14.59 1.97 9.83
N ILE A 121 -15.27 2.14 8.70
CA ILE A 121 -16.71 2.34 8.69
C ILE A 121 -17.41 1.28 7.84
N GLU A 122 -17.45 1.48 6.52
CA GLU A 122 -18.09 0.52 5.62
C GLU A 122 -17.46 -0.86 5.76
N PRO A 123 -18.16 -1.92 5.33
CA PRO A 123 -17.66 -3.29 5.40
C PRO A 123 -16.21 -3.41 4.94
N LEU A 124 -15.50 -4.40 5.48
CA LEU A 124 -14.11 -4.62 5.13
C LEU A 124 -13.98 -5.68 4.04
N GLU A 125 -13.13 -5.40 3.05
CA GLU A 125 -12.91 -6.32 1.96
C GLU A 125 -11.53 -6.95 2.06
N GLU A 126 -11.48 -8.24 2.36
CA GLU A 126 -10.22 -8.97 2.50
C GLU A 126 -9.42 -8.93 1.21
N GLU A 127 -10.08 -9.08 0.07
CA GLU A 127 -9.41 -9.06 -1.21
C GLU A 127 -8.71 -7.74 -1.43
N ILE A 128 -9.46 -6.65 -1.34
CA ILE A 128 -8.91 -5.32 -1.51
C ILE A 128 -7.89 -5.04 -0.41
N CYS A 129 -8.23 -5.40 0.82
CA CYS A 129 -7.33 -5.18 1.95
C CYS A 129 -6.05 -5.99 1.77
N SER A 130 -6.14 -7.08 1.01
CA SER A 130 -4.99 -7.94 0.76
C SER A 130 -4.08 -7.34 -0.32
N GLY A 131 -4.70 -6.81 -1.37
CA GLY A 131 -3.93 -6.21 -2.45
C GLY A 131 -3.35 -4.87 -2.08
N LEU A 132 -4.13 -4.06 -1.34
CA LEU A 132 -3.68 -2.74 -0.92
C LEU A 132 -2.44 -2.85 -0.04
N ILE A 133 -2.48 -3.73 0.95
CA ILE A 133 -1.37 -3.93 1.86
C ILE A 133 -0.16 -4.50 1.11
N GLU A 134 -0.42 -5.24 0.04
CA GLU A 134 0.65 -5.84 -0.75
C GLU A 134 1.21 -4.86 -1.78
N GLN A 135 0.32 -4.05 -2.36
CA GLN A 135 0.73 -3.06 -3.34
C GLN A 135 1.57 -1.98 -2.68
N LEU A 136 1.05 -1.42 -1.59
CA LEU A 136 1.74 -0.38 -0.84
C LEU A 136 3.07 -0.93 -0.35
N TYR A 137 3.08 -2.18 0.08
CA TYR A 137 4.30 -2.83 0.56
C TYR A 137 5.29 -3.01 -0.59
N LYS A 138 4.78 -3.13 -1.80
CA LYS A 138 5.64 -3.32 -2.97
C LYS A 138 6.44 -2.05 -3.25
N LEU A 139 5.87 -0.89 -2.88
CA LEU A 139 6.53 0.39 -3.08
C LEU A 139 7.59 0.64 -2.01
N ILE A 140 7.34 0.12 -0.82
CA ILE A 140 8.27 0.29 0.29
C ILE A 140 9.54 -0.52 0.08
N THR A 141 9.40 -1.68 -0.57
CA THR A 141 10.54 -2.54 -0.84
C THR A 141 11.28 -2.07 -2.09
N ALA A 142 10.52 -1.67 -3.11
CA ALA A 142 11.10 -1.19 -4.35
C ALA A 142 11.93 0.07 -4.10
N SER A 143 11.28 1.08 -3.52
CA SER A 143 11.95 2.34 -3.23
C SER A 143 13.15 2.11 -2.31
N ARG A 144 13.01 1.15 -1.40
CA ARG A 144 14.09 0.84 -0.46
C ARG A 144 15.31 0.27 -1.19
N ARG A 145 15.08 -0.27 -2.38
CA ARG A 145 16.17 -0.85 -3.16
C ARG A 145 17.00 0.25 -3.82
N ILE A 146 16.33 1.26 -4.34
CA ILE A 146 17.00 2.38 -5.00
C ILE A 146 17.63 3.32 -3.97
N LEU A 147 16.97 3.45 -2.83
CA LEU A 147 17.46 4.32 -1.76
C LEU A 147 18.81 3.83 -1.23
N GLU A 148 18.86 2.55 -0.89
CA GLU A 148 20.08 1.94 -0.36
C GLU A 148 21.14 1.84 -1.45
N SER A 149 20.70 1.66 -2.69
CA SER A 149 21.62 1.54 -3.82
C SER A 149 22.30 2.87 -4.11
N CYS A 150 21.52 3.96 -4.09
CA CYS A 150 22.04 5.29 -4.35
C CYS A 150 23.11 5.66 -3.33
N ALA A 151 23.02 5.08 -2.14
CA ALA A 151 23.98 5.34 -1.08
C ALA A 151 25.40 5.01 -1.52
N ASP A 152 26.30 5.99 -1.42
CA ASP A 152 27.69 5.79 -1.81
C ASP A 152 28.64 6.51 -0.85
N SER A 153 28.32 7.77 -0.56
CA SER A 153 29.13 8.57 0.35
C SER A 153 28.28 9.55 1.14
N ASN A 154 27.55 10.40 0.42
CA ASN A 154 26.68 11.39 1.05
C ASN A 154 25.92 12.20 0.01
N SER A 155 24.80 11.65 -0.46
CA SER A 155 23.98 12.32 -1.46
C SER A 155 22.76 12.97 -0.82
N PRO A 156 22.30 14.10 -1.39
CA PRO A 156 21.13 14.82 -0.86
C PRO A 156 19.82 14.09 -1.15
N TYR A 157 19.81 13.31 -2.22
CA TYR A 157 18.62 12.55 -2.60
C TYR A 157 18.21 11.59 -1.49
N ILE A 158 19.20 10.98 -0.83
CA ILE A 158 18.93 10.05 0.26
C ILE A 158 18.27 10.75 1.43
N HIS A 159 18.77 11.93 1.78
CA HIS A 159 18.23 12.70 2.89
C HIS A 159 16.74 12.98 2.67
N HIS A 160 16.42 13.60 1.54
CA HIS A 160 15.03 13.92 1.21
C HIS A 160 14.19 12.64 1.11
N LEU A 161 14.80 11.59 0.57
CA LEU A 161 14.11 10.32 0.42
C LEU A 161 13.87 9.67 1.78
N ARG A 162 14.79 9.90 2.72
CA ARG A 162 14.68 9.33 4.06
C ARG A 162 13.53 9.98 4.82
N ASN A 163 13.16 11.20 4.43
CA ASN A 163 12.06 11.90 5.07
C ASN A 163 10.72 11.40 4.55
N ASP A 164 10.61 11.29 3.23
CA ASP A 164 9.40 10.80 2.60
C ASP A 164 9.25 9.31 2.81
N TYR A 165 10.37 8.63 3.07
CA TYR A 165 10.36 7.20 3.29
C TYR A 165 9.90 6.86 4.71
N GLN A 166 10.40 7.62 5.68
CA GLN A 166 10.02 7.41 7.08
C GLN A 166 8.51 7.55 7.26
N ASP A 167 7.94 8.53 6.58
CA ASP A 167 6.49 8.77 6.66
C ASP A 167 5.73 7.60 6.05
N LEU A 168 6.25 7.08 4.95
CA LEU A 168 5.63 5.94 4.28
C LEU A 168 5.74 4.70 5.15
N LEU A 169 6.84 4.59 5.88
CA LEU A 169 7.07 3.45 6.76
C LEU A 169 6.20 3.53 8.01
N GLN A 170 6.21 4.69 8.66
CA GLN A 170 5.40 4.88 9.86
C GLN A 170 3.93 4.65 9.57
N GLU A 171 3.43 5.30 8.52
CA GLU A 171 2.03 5.16 8.14
C GLU A 171 1.74 3.71 7.77
N PHE A 172 2.72 3.06 7.15
CA PHE A 172 2.60 1.67 6.74
C PHE A 172 2.39 0.80 7.97
N GLN A 173 3.02 1.20 9.08
CA GLN A 173 2.89 0.48 10.33
C GLN A 173 1.51 0.70 10.93
N ILE A 174 0.97 1.90 10.69
CA ILE A 174 -0.35 2.26 11.18
C ILE A 174 -1.41 1.32 10.63
N SER A 175 -1.33 1.04 9.33
CA SER A 175 -2.28 0.15 8.68
C SER A 175 -2.24 -1.25 9.30
N LEU A 176 -1.03 -1.81 9.42
CA LEU A 176 -0.86 -3.13 9.99
C LEU A 176 -1.36 -3.16 11.43
N LYS A 177 -1.25 -2.03 12.12
CA LYS A 177 -1.69 -1.93 13.51
C LYS A 177 -3.21 -2.12 13.60
N ILE A 178 -3.92 -1.60 12.61
CA ILE A 178 -5.37 -1.70 12.57
C ILE A 178 -5.83 -3.03 11.96
N LEU A 179 -4.98 -3.59 11.09
CA LEU A 179 -5.29 -4.85 10.43
C LEU A 179 -5.07 -6.02 11.38
N THR A 180 -4.13 -5.86 12.30
CA THR A 180 -3.81 -6.91 13.26
C THR A 180 -4.83 -6.95 14.40
N GLU A 181 -5.20 -5.79 14.92
CA GLU A 181 -6.16 -5.71 16.01
C GLU A 181 -7.51 -6.26 15.57
N LYS A 182 -8.00 -5.80 14.43
CA LYS A 182 -9.28 -6.25 13.90
C LYS A 182 -9.22 -7.71 13.48
N CYS A 183 -8.06 -8.14 12.98
CA CYS A 183 -7.87 -9.51 12.55
C CYS A 183 -7.63 -10.44 13.73
N LEU A 184 -7.07 -9.90 14.80
CA LEU A 184 -6.79 -10.68 16.00
C LEU A 184 -8.08 -11.11 16.69
N GLU A 185 -9.15 -10.34 16.48
CA GLU A 185 -10.45 -10.66 17.07
C GLU A 185 -11.09 -11.86 16.38
N ASN A 186 -10.96 -11.90 15.05
CA ASN A 186 -11.52 -13.00 14.27
C ASN A 186 -10.54 -13.45 13.18
N PRO A 187 -9.40 -14.03 13.59
CA PRO A 187 -8.38 -14.50 12.64
C PRO A 187 -8.83 -15.74 11.88
N SER A 188 -9.74 -16.51 12.49
CA SER A 188 -10.25 -17.72 11.86
C SER A 188 -10.88 -17.41 10.51
N SER A 189 -11.71 -16.38 10.46
CA SER A 189 -12.37 -15.98 9.23
C SER A 189 -11.40 -15.28 8.29
N LEU A 190 -10.76 -14.23 8.79
CA LEU A 190 -9.80 -13.47 7.99
C LEU A 190 -8.39 -14.07 8.13
N GLN A 191 -8.23 -15.28 7.63
CA GLN A 191 -6.94 -15.96 7.70
C GLN A 191 -6.00 -15.47 6.59
N ASN A 192 -6.57 -15.17 5.43
CA ASN A 192 -5.78 -14.68 4.30
C ASN A 192 -5.07 -13.39 4.66
N LEU A 193 -5.77 -12.49 5.32
CA LEU A 193 -5.20 -11.22 5.73
C LEU A 193 -3.98 -11.42 6.64
N SER A 194 -4.17 -12.21 7.69
CA SER A 194 -3.09 -12.50 8.63
C SER A 194 -1.88 -13.08 7.90
N LEU A 195 -2.13 -13.87 6.86
CA LEU A 195 -1.06 -14.48 6.08
C LEU A 195 -0.26 -13.41 5.33
N THR A 196 -0.98 -12.43 4.79
CA THR A 196 -0.34 -11.35 4.05
C THR A 196 0.62 -10.57 4.94
N LEU A 197 0.22 -10.36 6.19
CA LEU A 197 1.04 -9.63 7.15
C LEU A 197 2.35 -10.36 7.39
N VAL A 198 2.30 -11.69 7.39
CA VAL A 198 3.47 -12.51 7.62
C VAL A 198 4.41 -12.49 6.41
N SER A 199 3.85 -12.13 5.25
CA SER A 199 4.63 -12.05 4.02
C SER A 199 5.39 -10.74 3.93
N ILE A 200 4.67 -9.63 4.08
CA ILE A 200 5.28 -8.31 4.01
C ILE A 200 6.36 -8.14 5.08
N ILE A 201 6.10 -8.65 6.28
CA ILE A 201 7.06 -8.54 7.37
C ILE A 201 8.35 -9.28 7.04
N LYS A 202 9.45 -8.53 6.98
CA LYS A 202 10.75 -9.11 6.68
C LYS A 202 11.16 -10.13 7.74
N THR A 203 12.25 -10.84 7.47
CA THR A 203 12.74 -11.85 8.40
C THR A 203 14.21 -12.17 8.13
N ALA A 204 15.09 -11.27 8.54
CA ALA A 204 16.53 -11.45 8.34
C ALA A 204 17.06 -12.63 9.15
N LYS A 51 6.17 -6.71 -13.68
CA LYS A 51 5.42 -7.60 -12.75
C LYS A 51 4.54 -6.79 -11.80
N THR A 52 5.16 -5.91 -11.04
CA THR A 52 4.43 -5.07 -10.09
C THR A 52 3.40 -4.21 -10.82
N GLN A 53 3.76 -3.74 -12.00
CA GLN A 53 2.86 -2.91 -12.80
C GLN A 53 1.58 -3.66 -13.13
N SER A 54 1.71 -4.92 -13.53
CA SER A 54 0.56 -5.74 -13.87
C SER A 54 -0.38 -5.89 -12.67
N ASP A 55 0.21 -6.12 -11.50
CA ASP A 55 -0.57 -6.28 -10.27
C ASP A 55 -1.40 -5.04 -9.98
N LEU A 56 -0.82 -3.87 -10.27
CA LEU A 56 -1.50 -2.60 -10.04
C LEU A 56 -2.78 -2.52 -10.86
N GLN A 57 -2.64 -2.63 -12.17
CA GLN A 57 -3.79 -2.56 -13.08
C GLN A 57 -4.81 -3.65 -12.74
N LYS A 58 -4.33 -4.88 -12.61
CA LYS A 58 -5.20 -6.00 -12.31
C LYS A 58 -5.95 -5.77 -10.99
N PHE A 59 -5.30 -5.10 -10.05
CA PHE A 59 -5.91 -4.83 -8.75
C PHE A 59 -7.04 -3.80 -8.89
N MET A 60 -6.92 -2.92 -9.88
CA MET A 60 -7.95 -1.91 -10.11
C MET A 60 -9.28 -2.59 -10.40
N THR A 61 -9.28 -3.40 -11.45
CA THR A 61 -10.49 -4.12 -11.85
C THR A 61 -10.97 -5.01 -10.71
N GLN A 62 -10.05 -5.36 -9.80
CA GLN A 62 -10.38 -6.20 -8.65
C GLN A 62 -11.28 -5.45 -7.68
N LEU A 63 -11.06 -4.15 -7.54
CA LEU A 63 -11.86 -3.33 -6.63
C LEU A 63 -13.29 -3.17 -7.14
N ASP A 64 -13.43 -2.64 -8.36
CA ASP A 64 -14.74 -2.44 -8.96
C ASP A 64 -15.53 -3.74 -9.00
N HIS A 65 -14.83 -4.86 -9.09
CA HIS A 65 -15.47 -6.16 -9.14
C HIS A 65 -15.73 -6.71 -7.74
N LEU A 66 -14.71 -6.68 -6.90
CA LEU A 66 -14.81 -7.17 -5.54
C LEU A 66 -15.96 -6.50 -4.79
N ILE A 67 -16.10 -5.19 -4.96
CA ILE A 67 -17.15 -4.44 -4.30
C ILE A 67 -18.49 -4.63 -5.02
N LYS A 68 -18.46 -4.60 -6.35
CA LYS A 68 -19.66 -4.77 -7.15
C LYS A 68 -20.51 -5.94 -6.65
N ASP A 69 -19.86 -6.93 -6.07
CA ASP A 69 -20.56 -8.10 -5.55
C ASP A 69 -20.65 -8.06 -4.02
N ASP A 70 -19.80 -7.26 -3.40
CA ASP A 70 -19.79 -7.14 -1.94
C ASP A 70 -20.68 -5.99 -1.47
N ILE A 71 -20.25 -4.76 -1.75
CA ILE A 71 -21.00 -3.58 -1.35
C ILE A 71 -21.16 -2.60 -2.51
N SER A 72 -21.52 -1.36 -2.20
CA SER A 72 -21.70 -0.34 -3.22
C SER A 72 -21.34 1.04 -2.68
N ASN A 73 -21.82 1.35 -1.48
CA ASN A 73 -21.56 2.63 -0.84
C ASN A 73 -20.06 2.93 -0.81
N THR A 74 -19.26 1.87 -0.72
CA THR A 74 -17.81 2.01 -0.67
C THR A 74 -17.23 2.28 -2.07
N GLN A 75 -18.09 2.25 -3.09
CA GLN A 75 -17.65 2.48 -4.46
C GLN A 75 -16.81 3.75 -4.56
N GLU A 76 -17.04 4.70 -3.65
CA GLU A 76 -16.30 5.94 -3.64
C GLU A 76 -14.91 5.74 -3.04
N ILE A 77 -14.85 4.89 -2.02
CA ILE A 77 -13.58 4.59 -1.35
C ILE A 77 -12.65 3.84 -2.29
N ILE A 78 -13.09 2.66 -2.73
CA ILE A 78 -12.29 1.85 -3.63
C ILE A 78 -11.93 2.66 -4.88
N LYS A 79 -12.82 3.59 -5.23
CA LYS A 79 -12.61 4.45 -6.39
C LYS A 79 -11.30 5.21 -6.27
N ASP A 80 -11.03 5.73 -5.08
CA ASP A 80 -9.79 6.47 -4.84
C ASP A 80 -8.59 5.54 -4.86
N VAL A 81 -8.83 4.29 -4.45
CA VAL A 81 -7.77 3.29 -4.42
C VAL A 81 -7.30 3.00 -5.83
N LEU A 82 -8.22 2.50 -6.66
CA LEU A 82 -7.91 2.18 -8.05
C LEU A 82 -7.23 3.36 -8.72
N GLU A 83 -7.81 4.54 -8.53
CA GLU A 83 -7.27 5.76 -9.09
C GLU A 83 -5.81 5.94 -8.69
N TYR A 84 -5.53 5.67 -7.41
CA TYR A 84 -4.17 5.78 -6.90
C TYR A 84 -3.26 4.75 -7.55
N LEU A 85 -3.78 3.52 -7.70
CA LEU A 85 -3.03 2.44 -8.32
C LEU A 85 -2.51 2.88 -9.69
N LYS A 86 -3.35 3.58 -10.42
CA LYS A 86 -3.00 4.06 -11.75
C LYS A 86 -1.90 5.11 -11.64
N LYS A 87 -2.02 5.98 -10.64
CA LYS A 87 -1.03 7.02 -10.42
C LYS A 87 0.30 6.39 -10.03
N LEU A 88 0.25 5.46 -9.09
CA LEU A 88 1.45 4.76 -8.64
C LEU A 88 1.99 3.88 -9.76
N ASP A 89 1.12 3.57 -10.73
CA ASP A 89 1.51 2.74 -11.86
C ASP A 89 2.50 3.49 -12.76
N GLU A 90 2.29 4.80 -12.88
CA GLU A 90 3.17 5.63 -13.70
C GLU A 90 4.51 5.86 -13.02
N ILE A 91 4.49 5.96 -11.69
CA ILE A 91 5.71 6.17 -10.92
C ILE A 91 6.59 4.92 -10.94
N TYR A 92 5.95 3.77 -10.84
CA TYR A 92 6.66 2.49 -10.84
C TYR A 92 7.61 2.40 -12.02
N GLY A 93 7.18 2.90 -13.17
CA GLY A 93 8.02 2.87 -14.36
C GLY A 93 8.75 4.17 -14.60
N SER A 94 8.18 5.27 -14.09
CA SER A 94 8.79 6.58 -14.26
C SER A 94 9.85 6.85 -13.18
N LEU A 95 10.10 5.85 -12.34
CA LEU A 95 11.10 5.99 -11.28
C LEU A 95 12.48 6.26 -11.87
N ARG A 96 13.01 7.45 -11.61
CA ARG A 96 14.33 7.82 -12.12
C ARG A 96 14.90 8.96 -11.30
N ASN A 97 14.29 10.15 -11.42
CA ASN A 97 14.75 11.32 -10.68
C ASN A 97 14.24 11.31 -9.25
N HIS A 98 14.64 12.30 -8.47
CA HIS A 98 14.22 12.40 -7.08
C HIS A 98 13.02 13.34 -6.95
N SER A 99 12.07 13.21 -7.87
CA SER A 99 10.87 14.05 -7.86
C SER A 99 9.61 13.20 -8.02
N GLN A 100 9.66 12.25 -8.95
CA GLN A 100 8.52 11.37 -9.20
C GLN A 100 8.43 10.30 -8.13
N LEU A 101 9.54 9.64 -7.84
CA LEU A 101 9.58 8.59 -6.83
C LEU A 101 9.14 9.11 -5.47
N THR A 102 9.54 10.34 -5.16
CA THR A 102 9.19 10.97 -3.88
C THR A 102 7.67 11.00 -3.70
N GLU A 103 6.96 11.29 -4.78
CA GLU A 103 5.50 11.35 -4.75
C GLU A 103 4.91 9.97 -4.53
N ALA A 104 5.62 8.94 -5.01
CA ALA A 104 5.16 7.57 -4.86
C ALA A 104 5.11 7.17 -3.39
N LEU A 105 6.01 7.76 -2.61
CA LEU A 105 6.08 7.49 -1.18
C LEU A 105 4.92 8.17 -0.46
N SER A 106 4.61 9.38 -0.90
CA SER A 106 3.52 10.15 -0.32
C SER A 106 2.20 9.40 -0.46
N LEU A 107 1.98 8.82 -1.63
CA LEU A 107 0.76 8.07 -1.89
C LEU A 107 0.61 6.93 -0.90
N GLY A 108 1.68 6.16 -0.72
CA GLY A 108 1.63 5.05 0.23
C GLY A 108 1.10 5.50 1.58
N LYS A 109 1.45 6.71 1.98
CA LYS A 109 1.02 7.27 3.25
C LYS A 109 -0.45 7.69 3.19
N ARG A 110 -0.77 8.65 2.32
CA ARG A 110 -2.13 9.13 2.17
C ARG A 110 -3.06 8.01 1.76
N LEU A 111 -2.57 7.13 0.88
CA LEU A 111 -3.36 6.02 0.41
C LEU A 111 -3.77 5.13 1.59
N SER A 112 -2.88 5.01 2.56
CA SER A 112 -3.14 4.21 3.75
C SER A 112 -4.34 4.78 4.50
N LYS A 113 -4.43 6.10 4.53
CA LYS A 113 -5.55 6.78 5.20
C LYS A 113 -6.88 6.30 4.64
N SER A 114 -6.94 6.19 3.31
CA SER A 114 -8.15 5.74 2.65
C SER A 114 -8.54 4.35 3.13
N LEU A 115 -7.54 3.52 3.38
CA LEU A 115 -7.77 2.16 3.86
C LEU A 115 -8.41 2.19 5.24
N HIS A 116 -7.98 3.14 6.06
CA HIS A 116 -8.51 3.28 7.42
C HIS A 116 -10.02 3.49 7.38
N GLU A 117 -10.48 4.22 6.37
CA GLU A 117 -11.91 4.50 6.21
C GLU A 117 -12.64 3.25 5.74
N MET A 118 -11.94 2.38 5.04
CA MET A 118 -12.52 1.14 4.52
C MET A 118 -12.95 0.22 5.67
N CYS A 119 -11.99 -0.13 6.52
CA CYS A 119 -12.26 -1.00 7.66
C CYS A 119 -12.72 -0.19 8.86
N GLY A 120 -12.37 1.08 8.89
CA GLY A 120 -12.74 1.94 9.99
C GLY A 120 -14.24 2.02 10.21
N ILE A 121 -15.01 2.03 9.13
CA ILE A 121 -16.46 2.11 9.23
C ILE A 121 -17.15 1.14 8.27
N GLU A 122 -16.74 1.14 7.02
CA GLU A 122 -17.32 0.24 6.02
C GLU A 122 -17.12 -1.22 6.42
N PRO A 123 -17.87 -2.14 5.80
CA PRO A 123 -17.78 -3.57 6.09
C PRO A 123 -16.34 -4.08 6.03
N LEU A 124 -16.09 -5.20 6.70
CA LEU A 124 -14.78 -5.81 6.73
C LEU A 124 -14.39 -6.33 5.35
N GLU A 125 -13.28 -5.83 4.82
CA GLU A 125 -12.80 -6.24 3.51
C GLU A 125 -11.39 -6.82 3.60
N GLU A 126 -11.29 -8.13 3.38
CA GLU A 126 -9.99 -8.80 3.43
C GLU A 126 -9.30 -8.74 2.08
N GLU A 127 -10.02 -9.11 1.03
CA GLU A 127 -9.45 -9.09 -0.32
C GLU A 127 -8.97 -7.69 -0.68
N ILE A 128 -9.70 -6.69 -0.20
CA ILE A 128 -9.33 -5.32 -0.45
C ILE A 128 -8.11 -4.94 0.37
N CYS A 129 -8.22 -5.13 1.67
CA CYS A 129 -7.13 -4.84 2.59
C CYS A 129 -5.90 -5.68 2.25
N SER A 130 -6.12 -6.80 1.56
CA SER A 130 -5.04 -7.69 1.18
C SER A 130 -4.27 -7.14 -0.01
N GLY A 131 -5.00 -6.66 -1.02
CA GLY A 131 -4.36 -6.12 -2.20
C GLY A 131 -3.71 -4.77 -1.94
N LEU A 132 -4.38 -3.93 -1.15
CA LEU A 132 -3.85 -2.61 -0.82
C LEU A 132 -2.56 -2.73 -0.02
N ILE A 133 -2.51 -3.71 0.87
CA ILE A 133 -1.34 -3.95 1.69
C ILE A 133 -0.20 -4.50 0.84
N GLU A 134 -0.49 -5.53 0.06
CA GLU A 134 0.50 -6.14 -0.80
C GLU A 134 1.05 -5.13 -1.80
N GLN A 135 0.16 -4.31 -2.35
CA GLN A 135 0.56 -3.29 -3.32
C GLN A 135 1.53 -2.31 -2.68
N LEU A 136 1.17 -1.81 -1.50
CA LEU A 136 2.03 -0.87 -0.78
C LEU A 136 3.36 -1.52 -0.43
N TYR A 137 3.31 -2.82 -0.12
CA TYR A 137 4.50 -3.56 0.23
C TYR A 137 5.40 -3.75 -1.00
N LYS A 138 4.81 -3.65 -2.18
CA LYS A 138 5.57 -3.80 -3.43
C LYS A 138 6.33 -2.52 -3.73
N LEU A 139 5.73 -1.39 -3.43
CA LEU A 139 6.36 -0.09 -3.66
C LEU A 139 7.41 0.17 -2.59
N ILE A 140 7.12 -0.24 -1.36
CA ILE A 140 8.05 -0.06 -0.26
C ILE A 140 9.34 -0.82 -0.51
N THR A 141 9.22 -1.97 -1.17
CA THR A 141 10.38 -2.80 -1.50
C THR A 141 11.13 -2.21 -2.70
N ALA A 142 10.37 -1.74 -3.69
CA ALA A 142 10.96 -1.15 -4.88
C ALA A 142 11.74 0.11 -4.53
N SER A 143 11.08 1.04 -3.86
CA SER A 143 11.71 2.30 -3.45
C SER A 143 12.95 2.02 -2.61
N ARG A 144 12.90 0.93 -1.84
CA ARG A 144 14.02 0.54 -0.99
C ARG A 144 15.18 0.00 -1.82
N ARG A 145 14.89 -0.46 -3.03
CA ARG A 145 15.91 -0.99 -3.93
C ARG A 145 16.78 0.14 -4.48
N ILE A 146 16.15 1.26 -4.78
CA ILE A 146 16.87 2.41 -5.32
C ILE A 146 17.50 3.22 -4.20
N LEU A 147 16.82 3.29 -3.06
CA LEU A 147 17.33 4.02 -1.91
C LEU A 147 18.63 3.42 -1.41
N GLU A 148 18.61 2.12 -1.14
CA GLU A 148 19.78 1.42 -0.66
C GLU A 148 20.89 1.45 -1.70
N SER A 149 20.52 1.37 -2.97
CA SER A 149 21.48 1.39 -4.06
C SER A 149 22.25 2.71 -4.07
N CYS A 150 21.53 3.81 -4.25
CA CYS A 150 22.14 5.13 -4.28
C CYS A 150 22.85 5.43 -2.96
N ALA A 151 22.33 4.88 -1.88
CA ALA A 151 22.90 5.09 -0.56
C ALA A 151 24.22 4.33 -0.41
N ASP A 152 25.11 4.87 0.42
CA ASP A 152 26.41 4.24 0.64
C ASP A 152 26.70 4.11 2.14
N SER A 153 26.52 5.20 2.87
CA SER A 153 26.76 5.21 4.31
C SER A 153 25.84 6.19 5.01
N ASN A 154 25.91 7.45 4.59
CA ASN A 154 25.08 8.50 5.18
C ASN A 154 25.14 9.77 4.34
N SER A 155 24.79 9.66 3.07
CA SER A 155 24.80 10.81 2.17
C SER A 155 23.60 11.71 2.42
N PRO A 156 23.64 12.95 1.88
CA PRO A 156 22.54 13.91 2.05
C PRO A 156 21.29 13.50 1.26
N TYR A 157 21.51 12.85 0.11
CA TYR A 157 20.41 12.42 -0.73
C TYR A 157 19.54 11.40 0.00
N ILE A 158 20.15 10.63 0.90
CA ILE A 158 19.43 9.62 1.66
C ILE A 158 18.49 10.28 2.68
N HIS A 159 18.93 11.40 3.24
CA HIS A 159 18.12 12.12 4.23
C HIS A 159 16.76 12.48 3.66
N HIS A 160 16.76 13.10 2.48
CA HIS A 160 15.52 13.50 1.83
C HIS A 160 14.65 12.28 1.54
N LEU A 161 15.26 11.23 1.03
CA LEU A 161 14.55 10.00 0.70
C LEU A 161 14.03 9.33 1.98
N ARG A 162 14.82 9.41 3.04
CA ARG A 162 14.44 8.82 4.33
C ARG A 162 13.24 9.55 4.92
N ASN A 163 13.07 10.81 4.54
CA ASN A 163 11.96 11.62 5.04
C ASN A 163 10.64 11.15 4.42
N ASP A 164 10.61 11.08 3.10
CA ASP A 164 9.42 10.63 2.39
C ASP A 164 9.25 9.12 2.55
N TYR A 165 10.34 8.44 2.89
CA TYR A 165 10.30 6.99 3.08
C TYR A 165 9.83 6.64 4.49
N GLN A 166 10.31 7.39 5.47
CA GLN A 166 9.93 7.15 6.86
C GLN A 166 8.43 7.35 7.06
N ASP A 167 7.87 8.28 6.29
CA ASP A 167 6.44 8.56 6.36
C ASP A 167 5.64 7.44 5.72
N LEU A 168 6.12 6.98 4.57
CA LEU A 168 5.46 5.89 3.85
C LEU A 168 5.56 4.60 4.66
N LEU A 169 6.70 4.40 5.30
CA LEU A 169 6.93 3.21 6.10
C LEU A 169 6.14 3.27 7.40
N GLN A 170 6.19 4.41 8.08
CA GLN A 170 5.47 4.58 9.33
C GLN A 170 3.96 4.49 9.09
N GLU A 171 3.49 5.23 8.10
CA GLU A 171 2.07 5.23 7.75
C GLU A 171 1.64 3.84 7.30
N PHE A 172 2.56 3.14 6.62
CA PHE A 172 2.30 1.79 6.16
C PHE A 172 2.07 0.88 7.35
N GLN A 173 2.86 1.08 8.39
CA GLN A 173 2.74 0.29 9.62
C GLN A 173 1.38 0.53 10.27
N ILE A 174 0.90 1.76 10.13
CA ILE A 174 -0.40 2.14 10.69
C ILE A 174 -1.51 1.29 10.11
N SER A 175 -1.46 1.07 8.80
CA SER A 175 -2.47 0.27 8.12
C SER A 175 -2.46 -1.17 8.62
N LEU A 176 -1.27 -1.68 8.94
CA LEU A 176 -1.12 -3.04 9.42
C LEU A 176 -1.52 -3.14 10.90
N LYS A 177 -1.21 -2.10 11.66
CA LYS A 177 -1.52 -2.07 13.08
C LYS A 177 -3.03 -2.22 13.31
N ILE A 178 -3.82 -1.49 12.53
CA ILE A 178 -5.27 -1.55 12.65
C ILE A 178 -5.82 -2.84 12.05
N LEU A 179 -5.26 -3.24 10.91
CA LEU A 179 -5.70 -4.46 10.23
C LEU A 179 -5.36 -5.69 11.07
N THR A 180 -4.12 -5.78 11.51
CA THR A 180 -3.67 -6.92 12.31
C THR A 180 -4.48 -7.03 13.59
N GLU A 181 -4.96 -5.89 14.09
CA GLU A 181 -5.77 -5.88 15.30
C GLU A 181 -7.14 -6.49 15.06
N LYS A 182 -7.72 -6.18 13.90
CA LYS A 182 -9.03 -6.71 13.54
C LYS A 182 -8.95 -8.20 13.23
N CYS A 183 -7.86 -8.62 12.59
CA CYS A 183 -7.66 -10.01 12.24
C CYS A 183 -7.26 -10.82 13.47
N LEU A 184 -6.58 -10.17 14.40
CA LEU A 184 -6.14 -10.83 15.64
C LEU A 184 -7.33 -11.44 16.39
N GLU A 185 -8.51 -10.86 16.18
CA GLU A 185 -9.71 -11.34 16.84
C GLU A 185 -10.21 -12.63 16.18
N ASN A 186 -10.11 -12.69 14.85
CA ASN A 186 -10.54 -13.86 14.11
C ASN A 186 -9.38 -14.45 13.30
N PRO A 187 -8.48 -15.19 13.96
CA PRO A 187 -7.32 -15.81 13.29
C PRO A 187 -7.74 -16.70 12.13
N SER A 188 -8.64 -17.64 12.40
CA SER A 188 -9.12 -18.56 11.38
C SER A 188 -9.77 -17.80 10.23
N SER A 189 -10.81 -17.03 10.56
CA SER A 189 -11.53 -16.26 9.56
C SER A 189 -10.59 -15.27 8.86
N LEU A 190 -10.53 -15.35 7.54
CA LEU A 190 -9.68 -14.47 6.75
C LEU A 190 -8.22 -14.65 7.13
N GLN A 191 -7.65 -15.80 6.75
CA GLN A 191 -6.26 -16.10 7.04
C GLN A 191 -5.31 -15.32 6.12
N ASN A 192 -5.73 -15.15 4.87
CA ASN A 192 -4.93 -14.43 3.89
C ASN A 192 -4.53 -13.05 4.41
N LEU A 193 -5.38 -12.48 5.26
CA LEU A 193 -5.11 -11.17 5.84
C LEU A 193 -3.93 -11.22 6.81
N SER A 194 -4.08 -12.02 7.85
CA SER A 194 -3.03 -12.17 8.86
C SER A 194 -1.74 -12.71 8.24
N LEU A 195 -1.87 -13.77 7.43
CA LEU A 195 -0.71 -14.38 6.79
C LEU A 195 0.06 -13.34 5.97
N THR A 196 -0.67 -12.55 5.20
CA THR A 196 -0.05 -11.52 4.36
C THR A 196 0.49 -10.39 5.23
N LEU A 197 -0.20 -10.13 6.34
CA LEU A 197 0.21 -9.08 7.26
C LEU A 197 1.52 -9.42 7.96
N VAL A 198 1.69 -10.70 8.27
CA VAL A 198 2.91 -11.17 8.94
C VAL A 198 4.07 -11.34 7.96
N SER A 199 3.75 -11.39 6.66
CA SER A 199 4.77 -11.57 5.65
C SER A 199 5.44 -10.24 5.28
N ILE A 200 4.63 -9.19 5.17
CA ILE A 200 5.14 -7.87 4.81
C ILE A 200 6.10 -7.32 5.87
N ILE A 201 5.72 -7.44 7.14
CA ILE A 201 6.55 -6.94 8.22
C ILE A 201 7.44 -8.05 8.80
N LYS A 202 8.14 -8.76 7.93
CA LYS A 202 9.03 -9.84 8.36
C LYS A 202 10.29 -9.87 7.50
N THR A 203 10.12 -9.79 6.19
CA THR A 203 11.25 -9.82 5.27
C THR A 203 11.69 -8.40 4.91
N ALA A 204 11.80 -7.55 5.92
CA ALA A 204 12.20 -6.16 5.70
C ALA A 204 13.58 -5.90 6.32
N LYS A 51 5.28 -7.84 -13.39
CA LYS A 51 4.29 -8.38 -12.40
C LYS A 51 3.67 -7.26 -11.57
N THR A 52 4.52 -6.42 -10.99
CA THR A 52 4.06 -5.32 -10.16
C THR A 52 3.11 -4.41 -10.94
N GLN A 53 3.52 -4.05 -12.15
CA GLN A 53 2.70 -3.19 -13.01
C GLN A 53 1.41 -3.88 -13.41
N SER A 54 1.52 -5.15 -13.77
CA SER A 54 0.36 -5.94 -14.17
C SER A 54 -0.60 -6.11 -13.00
N ASP A 55 -0.06 -6.35 -11.81
CA ASP A 55 -0.86 -6.53 -10.61
C ASP A 55 -1.63 -5.24 -10.28
N LEU A 56 -1.00 -4.10 -10.53
CA LEU A 56 -1.62 -2.81 -10.26
C LEU A 56 -2.90 -2.64 -11.08
N GLN A 57 -2.78 -2.86 -12.38
CA GLN A 57 -3.92 -2.74 -13.29
C GLN A 57 -5.01 -3.75 -12.96
N LYS A 58 -4.61 -5.02 -12.86
CA LYS A 58 -5.54 -6.10 -12.56
C LYS A 58 -6.25 -5.87 -11.22
N PHE A 59 -5.52 -5.32 -10.25
CA PHE A 59 -6.09 -5.07 -8.93
C PHE A 59 -7.17 -3.99 -9.00
N MET A 60 -7.00 -3.02 -9.90
CA MET A 60 -7.97 -1.94 -10.05
C MET A 60 -9.33 -2.51 -10.41
N THR A 61 -9.37 -3.28 -11.49
CA THR A 61 -10.61 -3.90 -11.94
C THR A 61 -11.15 -4.84 -10.87
N GLN A 62 -10.27 -5.25 -9.96
CA GLN A 62 -10.66 -6.15 -8.87
C GLN A 62 -11.50 -5.41 -7.84
N LEU A 63 -11.17 -4.15 -7.60
CA LEU A 63 -11.91 -3.34 -6.63
C LEU A 63 -13.34 -3.09 -7.10
N ASP A 64 -13.46 -2.45 -8.27
CA ASP A 64 -14.77 -2.14 -8.82
C ASP A 64 -15.66 -3.37 -8.92
N HIS A 65 -15.05 -4.54 -9.11
CA HIS A 65 -15.81 -5.78 -9.23
C HIS A 65 -16.09 -6.40 -7.85
N LEU A 66 -15.08 -6.41 -6.99
CA LEU A 66 -15.22 -6.99 -5.66
C LEU A 66 -16.19 -6.18 -4.78
N ILE A 67 -16.16 -4.86 -4.92
CA ILE A 67 -17.03 -4.00 -4.13
C ILE A 67 -18.45 -3.92 -4.69
N LYS A 68 -18.58 -3.52 -5.95
CA LYS A 68 -19.90 -3.41 -6.57
C LYS A 68 -20.70 -4.69 -6.38
N ASP A 69 -20.00 -5.81 -6.24
CA ASP A 69 -20.65 -7.10 -6.04
C ASP A 69 -20.93 -7.35 -4.56
N ASP A 70 -20.11 -6.76 -3.69
CA ASP A 70 -20.28 -6.93 -2.26
C ASP A 70 -20.93 -5.69 -1.63
N ILE A 71 -20.18 -4.59 -1.57
CA ILE A 71 -20.68 -3.35 -0.99
C ILE A 71 -21.07 -2.35 -2.08
N SER A 72 -21.28 -1.10 -1.69
CA SER A 72 -21.65 -0.06 -2.65
C SER A 72 -21.16 1.31 -2.18
N ASN A 73 -21.52 1.67 -0.94
CA ASN A 73 -21.13 2.95 -0.37
C ASN A 73 -19.61 3.10 -0.36
N THR A 74 -18.91 1.98 -0.25
CA THR A 74 -17.45 1.97 -0.21
C THR A 74 -16.86 2.22 -1.59
N GLN A 75 -17.72 2.27 -2.61
CA GLN A 75 -17.26 2.50 -3.99
C GLN A 75 -16.38 3.74 -4.08
N GLU A 76 -16.74 4.77 -3.31
CA GLU A 76 -15.98 6.02 -3.31
C GLU A 76 -14.59 5.79 -2.74
N ILE A 77 -14.49 4.94 -1.73
CA ILE A 77 -13.21 4.64 -1.10
C ILE A 77 -12.31 3.85 -2.05
N ILE A 78 -12.77 2.66 -2.42
CA ILE A 78 -12.02 1.82 -3.34
C ILE A 78 -11.72 2.56 -4.63
N LYS A 79 -12.57 3.55 -4.94
CA LYS A 79 -12.40 4.36 -6.14
C LYS A 79 -11.07 5.10 -6.08
N ASP A 80 -10.77 5.68 -4.93
CA ASP A 80 -9.52 6.41 -4.76
C ASP A 80 -8.34 5.46 -4.77
N VAL A 81 -8.56 4.23 -4.33
CA VAL A 81 -7.52 3.22 -4.31
C VAL A 81 -7.09 2.88 -5.74
N LEU A 82 -8.04 2.37 -6.51
CA LEU A 82 -7.78 2.02 -7.90
C LEU A 82 -7.09 3.17 -8.60
N GLU A 83 -7.65 4.35 -8.42
CA GLU A 83 -7.09 5.56 -9.03
C GLU A 83 -5.63 5.70 -8.64
N TYR A 84 -5.33 5.41 -7.38
CA TYR A 84 -3.97 5.48 -6.88
C TYR A 84 -3.10 4.42 -7.55
N LEU A 85 -3.65 3.22 -7.69
CA LEU A 85 -2.94 2.12 -8.33
C LEU A 85 -2.44 2.54 -9.71
N LYS A 86 -3.28 3.28 -10.43
CA LYS A 86 -2.92 3.77 -11.75
C LYS A 86 -1.78 4.76 -11.64
N LYS A 87 -1.87 5.63 -10.64
CA LYS A 87 -0.83 6.63 -10.41
C LYS A 87 0.47 5.93 -10.06
N LEU A 88 0.41 5.03 -9.09
CA LEU A 88 1.58 4.27 -8.68
C LEU A 88 2.08 3.41 -9.84
N ASP A 89 1.19 3.15 -10.78
CA ASP A 89 1.53 2.34 -11.96
C ASP A 89 2.60 3.04 -12.78
N GLU A 90 2.47 4.35 -12.95
CA GLU A 90 3.43 5.14 -13.71
C GLU A 90 4.74 5.29 -12.93
N ILE A 91 4.63 5.30 -11.61
CA ILE A 91 5.81 5.44 -10.76
C ILE A 91 6.58 4.13 -10.66
N TYR A 92 5.86 3.06 -10.35
CA TYR A 92 6.46 1.73 -10.23
C TYR A 92 7.33 1.39 -11.44
N GLY A 93 6.98 2.00 -12.59
CA GLY A 93 7.74 1.74 -13.80
C GLY A 93 8.86 2.74 -14.00
N SER A 94 8.65 3.96 -13.53
CA SER A 94 9.66 5.01 -13.65
C SER A 94 10.08 5.52 -12.27
N LEU A 95 10.26 4.60 -11.34
CA LEU A 95 10.66 4.94 -9.98
C LEU A 95 11.96 5.73 -9.97
N ARG A 96 13.00 5.17 -10.58
CA ARG A 96 14.30 5.83 -10.64
C ARG A 96 14.26 7.02 -11.57
N ASN A 97 14.14 8.21 -10.98
CA ASN A 97 14.09 9.45 -11.75
C ASN A 97 14.44 10.66 -10.88
N HIS A 98 15.06 10.41 -9.72
CA HIS A 98 15.45 11.48 -8.81
C HIS A 98 14.35 12.53 -8.66
N SER A 99 13.10 12.09 -8.74
CA SER A 99 11.97 12.99 -8.61
C SER A 99 10.64 12.23 -8.64
N GLN A 100 10.57 11.20 -9.47
CA GLN A 100 9.35 10.40 -9.59
C GLN A 100 9.24 9.40 -8.45
N LEU A 101 10.34 9.15 -7.75
CA LEU A 101 10.35 8.21 -6.64
C LEU A 101 9.81 8.86 -5.36
N THR A 102 10.05 10.16 -5.22
CA THR A 102 9.60 10.90 -4.05
C THR A 102 8.09 10.80 -3.90
N GLU A 103 7.37 11.02 -4.99
CA GLU A 103 5.92 10.95 -4.98
C GLU A 103 5.43 9.54 -4.67
N ALA A 104 6.25 8.56 -5.04
CA ALA A 104 5.90 7.16 -4.79
C ALA A 104 5.81 6.87 -3.30
N LEU A 105 6.64 7.57 -2.53
CA LEU A 105 6.65 7.41 -1.09
C LEU A 105 5.42 8.05 -0.47
N SER A 106 5.03 9.19 -1.03
CA SER A 106 3.86 9.91 -0.55
C SER A 106 2.61 9.06 -0.68
N LEU A 107 2.35 8.58 -1.90
CA LEU A 107 1.19 7.74 -2.16
C LEU A 107 1.12 6.60 -1.16
N GLY A 108 2.27 6.01 -0.85
CA GLY A 108 2.31 4.94 0.12
C GLY A 108 1.68 5.35 1.43
N LYS A 109 1.96 6.58 1.85
CA LYS A 109 1.42 7.13 3.09
C LYS A 109 -0.03 7.58 2.88
N ARG A 110 -0.24 8.49 1.94
CA ARG A 110 -1.57 9.00 1.65
C ARG A 110 -2.54 7.86 1.39
N LEU A 111 -2.10 6.89 0.60
CA LEU A 111 -2.92 5.74 0.27
C LEU A 111 -3.30 4.97 1.53
N SER A 112 -2.34 4.85 2.45
CA SER A 112 -2.56 4.14 3.70
C SER A 112 -3.71 4.79 4.48
N LYS A 113 -3.80 6.11 4.42
CA LYS A 113 -4.85 6.84 5.11
C LYS A 113 -6.22 6.39 4.60
N SER A 114 -6.33 6.24 3.29
CA SER A 114 -7.59 5.82 2.68
C SER A 114 -8.00 4.44 3.21
N LEU A 115 -7.02 3.58 3.40
CA LEU A 115 -7.27 2.23 3.92
C LEU A 115 -7.81 2.30 5.34
N HIS A 116 -7.31 3.25 6.11
CA HIS A 116 -7.74 3.43 7.49
C HIS A 116 -9.24 3.68 7.55
N GLU A 117 -9.74 4.48 6.60
CA GLU A 117 -11.16 4.79 6.53
C GLU A 117 -11.97 3.59 6.05
N MET A 118 -11.31 2.71 5.30
CA MET A 118 -11.96 1.51 4.78
C MET A 118 -12.39 0.59 5.91
N CYS A 119 -11.41 0.14 6.69
CA CYS A 119 -11.68 -0.75 7.81
C CYS A 119 -12.04 0.03 9.07
N GLY A 120 -11.41 1.20 9.23
CA GLY A 120 -11.66 2.02 10.39
C GLY A 120 -13.13 2.26 10.66
N ILE A 121 -13.88 2.58 9.60
CA ILE A 121 -15.31 2.83 9.73
C ILE A 121 -16.09 2.11 8.64
N GLU A 122 -15.61 2.21 7.40
CA GLU A 122 -16.28 1.56 6.27
C GLU A 122 -16.32 0.05 6.47
N PRO A 123 -17.14 -0.65 5.66
CA PRO A 123 -17.27 -2.11 5.73
C PRO A 123 -15.93 -2.81 5.84
N LEU A 124 -15.94 -4.04 6.36
CA LEU A 124 -14.73 -4.83 6.51
C LEU A 124 -14.41 -5.58 5.23
N GLU A 125 -13.36 -5.18 4.54
CA GLU A 125 -12.96 -5.82 3.30
C GLU A 125 -11.61 -6.50 3.44
N GLU A 126 -11.60 -7.82 3.28
CA GLU A 126 -10.38 -8.60 3.39
C GLU A 126 -9.67 -8.67 2.04
N GLU A 127 -10.42 -9.00 0.99
CA GLU A 127 -9.87 -9.10 -0.36
C GLU A 127 -9.21 -7.78 -0.74
N ILE A 128 -9.87 -6.68 -0.40
CA ILE A 128 -9.34 -5.35 -0.70
C ILE A 128 -8.08 -5.11 0.09
N CYS A 129 -8.19 -5.25 1.41
CA CYS A 129 -7.06 -5.05 2.30
C CYS A 129 -5.91 -6.00 1.92
N SER A 130 -6.24 -7.09 1.25
CA SER A 130 -5.24 -8.07 0.83
C SER A 130 -4.42 -7.54 -0.33
N GLY A 131 -5.11 -7.04 -1.36
CA GLY A 131 -4.42 -6.51 -2.52
C GLY A 131 -3.79 -5.15 -2.27
N LEU A 132 -4.44 -4.36 -1.42
CA LEU A 132 -3.94 -3.02 -1.10
C LEU A 132 -2.61 -3.10 -0.35
N ILE A 133 -2.55 -3.94 0.66
CA ILE A 133 -1.35 -4.11 1.46
C ILE A 133 -0.19 -4.66 0.62
N GLU A 134 -0.51 -5.63 -0.24
CA GLU A 134 0.50 -6.25 -1.09
C GLU A 134 1.01 -5.27 -2.15
N GLN A 135 0.11 -4.42 -2.63
CA GLN A 135 0.48 -3.43 -3.64
C GLN A 135 1.32 -2.33 -3.01
N LEU A 136 0.85 -1.82 -1.87
CA LEU A 136 1.56 -0.79 -1.15
C LEU A 136 2.89 -1.34 -0.62
N TYR A 137 2.86 -2.58 -0.16
CA TYR A 137 4.06 -3.22 0.36
C TYR A 137 5.06 -3.50 -0.76
N LYS A 138 4.54 -3.63 -1.98
CA LYS A 138 5.39 -3.88 -3.14
C LYS A 138 6.23 -2.66 -3.48
N LEU A 139 5.66 -1.48 -3.24
CA LEU A 139 6.36 -0.23 -3.52
C LEU A 139 7.39 0.07 -2.43
N ILE A 140 7.08 -0.33 -1.20
CA ILE A 140 7.98 -0.09 -0.08
C ILE A 140 9.25 -0.94 -0.22
N THR A 141 9.14 -2.07 -0.92
CA THR A 141 10.28 -2.95 -1.12
C THR A 141 11.17 -2.43 -2.24
N ALA A 142 10.55 -2.01 -3.34
CA ALA A 142 11.29 -1.48 -4.48
C ALA A 142 11.88 -0.11 -4.17
N SER A 143 11.02 0.80 -3.73
CA SER A 143 11.45 2.16 -3.40
C SER A 143 12.60 2.13 -2.40
N ARG A 144 12.48 1.28 -1.38
CA ARG A 144 13.52 1.16 -0.35
C ARG A 144 14.84 0.77 -0.98
N ARG A 145 14.80 -0.09 -1.98
CA ARG A 145 16.00 -0.54 -2.67
C ARG A 145 16.65 0.60 -3.45
N ILE A 146 15.83 1.54 -3.90
CA ILE A 146 16.33 2.69 -4.67
C ILE A 146 17.17 3.61 -3.79
N LEU A 147 16.68 3.86 -2.58
CA LEU A 147 17.39 4.74 -1.64
C LEU A 147 18.77 4.19 -1.33
N GLU A 148 18.86 2.89 -1.12
CA GLU A 148 20.13 2.24 -0.81
C GLU A 148 20.94 1.97 -2.08
N SER A 149 20.25 1.78 -3.20
CA SER A 149 20.91 1.49 -4.47
C SER A 149 21.31 2.79 -5.18
N CYS A 150 20.31 3.57 -5.58
CA CYS A 150 20.57 4.83 -6.28
C CYS A 150 21.23 5.85 -5.36
N ALA A 151 20.65 6.03 -4.18
CA ALA A 151 21.19 6.99 -3.22
C ALA A 151 22.34 6.37 -2.42
N ASP A 152 23.24 7.23 -1.93
CA ASP A 152 24.39 6.77 -1.16
C ASP A 152 24.23 7.14 0.31
N SER A 153 25.30 7.00 1.07
CA SER A 153 25.29 7.32 2.50
C SER A 153 26.11 8.59 2.77
N ASN A 154 26.09 9.51 1.82
CA ASN A 154 26.83 10.77 1.97
C ASN A 154 26.30 11.82 1.01
N SER A 155 25.11 12.34 1.31
CA SER A 155 24.49 13.37 0.48
C SER A 155 23.16 13.84 1.08
N PRO A 156 22.81 15.11 0.87
CA PRO A 156 21.56 15.68 1.40
C PRO A 156 20.33 15.12 0.69
N TYR A 157 20.53 14.59 -0.51
CA TYR A 157 19.43 14.03 -1.30
C TYR A 157 18.75 12.88 -0.54
N ILE A 158 19.56 12.02 0.06
CA ILE A 158 19.04 10.88 0.81
C ILE A 158 18.29 11.34 2.05
N HIS A 159 18.72 12.45 2.62
CA HIS A 159 18.08 12.99 3.83
C HIS A 159 16.61 13.29 3.57
N HIS A 160 16.36 14.13 2.57
CA HIS A 160 14.99 14.50 2.22
C HIS A 160 14.15 13.26 1.92
N LEU A 161 14.77 12.27 1.29
CA LEU A 161 14.08 11.03 0.94
C LEU A 161 13.72 10.26 2.20
N ARG A 162 14.62 10.28 3.18
CA ARG A 162 14.38 9.58 4.44
C ARG A 162 13.18 10.18 5.17
N ASN A 163 12.86 11.43 4.87
CA ASN A 163 11.72 12.11 5.49
C ASN A 163 10.42 11.63 4.88
N ASP A 164 10.43 11.46 3.56
CA ASP A 164 9.26 10.98 2.85
C ASP A 164 9.14 9.47 3.01
N TYR A 165 10.26 8.82 3.30
CA TYR A 165 10.30 7.37 3.46
C TYR A 165 9.81 6.99 4.86
N GLN A 166 10.29 7.70 5.88
CA GLN A 166 9.89 7.42 7.25
C GLN A 166 8.39 7.59 7.42
N ASP A 167 7.84 8.62 6.76
CA ASP A 167 6.42 8.90 6.83
C ASP A 167 5.64 7.78 6.13
N LEU A 168 6.21 7.26 5.06
CA LEU A 168 5.58 6.18 4.31
C LEU A 168 5.61 4.88 5.12
N LEU A 169 6.68 4.71 5.89
CA LEU A 169 6.84 3.52 6.72
C LEU A 169 5.89 3.55 7.91
N GLN A 170 5.84 4.68 8.62
CA GLN A 170 4.97 4.81 9.78
C GLN A 170 3.51 4.57 9.39
N GLU A 171 3.07 5.23 8.32
CA GLU A 171 1.71 5.09 7.84
C GLU A 171 1.42 3.63 7.50
N PHE A 172 2.41 2.97 6.90
CA PHE A 172 2.29 1.57 6.54
C PHE A 172 2.00 0.72 7.77
N GLN A 173 2.57 1.14 8.90
CA GLN A 173 2.38 0.45 10.16
C GLN A 173 1.00 0.76 10.73
N ILE A 174 0.51 1.95 10.45
CA ILE A 174 -0.80 2.39 10.91
C ILE A 174 -1.89 1.45 10.39
N SER A 175 -1.89 1.23 9.08
CA SER A 175 -2.89 0.37 8.46
C SER A 175 -2.81 -1.05 9.04
N LEU A 176 -1.60 -1.58 9.14
CA LEU A 176 -1.39 -2.92 9.66
C LEU A 176 -1.78 -3.00 11.14
N LYS A 177 -1.63 -1.87 11.84
CA LYS A 177 -1.96 -1.81 13.26
C LYS A 177 -3.42 -2.18 13.51
N ILE A 178 -4.33 -1.48 12.84
CA ILE A 178 -5.76 -1.73 12.99
C ILE A 178 -6.18 -3.02 12.31
N LEU A 179 -5.40 -3.44 11.31
CA LEU A 179 -5.71 -4.66 10.56
C LEU A 179 -5.41 -5.90 11.40
N THR A 180 -4.25 -5.92 12.04
CA THR A 180 -3.85 -7.05 12.87
C THR A 180 -4.81 -7.24 14.03
N GLU A 181 -5.25 -6.14 14.62
CA GLU A 181 -6.17 -6.18 15.74
C GLU A 181 -7.51 -6.76 15.30
N LYS A 182 -8.09 -6.17 14.25
CA LYS A 182 -9.36 -6.62 13.72
C LYS A 182 -9.26 -8.04 13.17
N CYS A 183 -8.09 -8.37 12.62
CA CYS A 183 -7.86 -9.69 12.06
C CYS A 183 -7.57 -10.71 13.16
N LEU A 184 -6.94 -10.24 14.24
CA LEU A 184 -6.59 -11.10 15.35
C LEU A 184 -7.84 -11.77 15.94
N GLU A 185 -9.00 -11.18 15.70
CA GLU A 185 -10.25 -11.71 16.21
C GLU A 185 -10.83 -12.74 15.24
N ASN A 186 -10.69 -12.49 13.95
CA ASN A 186 -11.20 -13.39 12.92
C ASN A 186 -10.10 -13.77 11.93
N PRO A 187 -8.99 -14.35 12.42
CA PRO A 187 -7.87 -14.75 11.55
C PRO A 187 -8.19 -15.98 10.71
N SER A 188 -9.11 -16.81 11.21
CA SER A 188 -9.50 -18.02 10.49
C SER A 188 -10.38 -17.68 9.27
N SER A 189 -10.99 -16.51 9.30
CA SER A 189 -11.84 -16.07 8.20
C SER A 189 -11.12 -16.16 6.86
N LEU A 190 -9.95 -15.54 6.78
CA LEU A 190 -9.16 -15.55 5.56
C LEU A 190 -7.67 -15.57 5.87
N GLN A 191 -7.04 -16.72 5.67
CA GLN A 191 -5.61 -16.87 5.94
C GLN A 191 -4.79 -16.02 4.97
N ASN A 192 -5.34 -15.78 3.79
CA ASN A 192 -4.66 -14.98 2.77
C ASN A 192 -4.34 -13.59 3.31
N LEU A 193 -5.22 -13.07 4.15
CA LEU A 193 -5.02 -11.74 4.72
C LEU A 193 -4.08 -11.81 5.92
N SER A 194 -4.13 -12.91 6.65
CA SER A 194 -3.29 -13.09 7.82
C SER A 194 -1.85 -13.40 7.41
N LEU A 195 -1.70 -14.28 6.42
CA LEU A 195 -0.38 -14.66 5.92
C LEU A 195 0.32 -13.45 5.30
N THR A 196 -0.42 -12.66 4.53
CA THR A 196 0.13 -11.48 3.88
C THR A 196 0.61 -10.48 4.92
N LEU A 197 -0.06 -10.43 6.05
CA LEU A 197 0.30 -9.51 7.12
C LEU A 197 1.61 -9.95 7.79
N VAL A 198 1.66 -11.22 8.21
CA VAL A 198 2.83 -11.77 8.86
C VAL A 198 4.05 -11.77 7.92
N SER A 199 3.79 -11.67 6.63
CA SER A 199 4.86 -11.66 5.63
C SER A 199 5.45 -10.26 5.48
N ILE A 200 4.60 -9.30 5.16
CA ILE A 200 5.03 -7.91 4.98
C ILE A 200 5.77 -7.40 6.21
N ILE A 201 5.29 -7.77 7.39
CA ILE A 201 5.92 -7.35 8.64
C ILE A 201 6.52 -8.54 9.37
N LYS A 202 7.84 -8.56 9.47
CA LYS A 202 8.55 -9.64 10.14
C LYS A 202 9.05 -9.20 11.51
N THR A 203 8.62 -9.90 12.56
CA THR A 203 9.02 -9.58 13.91
C THR A 203 9.02 -10.83 14.79
N ALA A 204 10.06 -11.64 14.65
CA ALA A 204 10.18 -12.87 15.42
C ALA A 204 11.36 -12.80 16.39
N LYS A 51 4.92 -7.93 -13.72
CA LYS A 51 4.39 -8.56 -12.47
C LYS A 51 3.87 -7.51 -11.49
N THR A 52 4.63 -6.44 -11.30
CA THR A 52 4.25 -5.37 -10.39
C THR A 52 3.20 -4.46 -11.04
N GLN A 53 3.47 -4.03 -12.26
CA GLN A 53 2.55 -3.16 -12.98
C GLN A 53 1.23 -3.86 -13.26
N SER A 54 1.31 -5.12 -13.66
CA SER A 54 0.11 -5.91 -13.95
C SER A 54 -0.75 -6.05 -12.71
N ASP A 55 -0.10 -6.19 -11.55
CA ASP A 55 -0.82 -6.33 -10.29
C ASP A 55 -1.68 -5.10 -10.01
N LEU A 56 -1.13 -3.92 -10.27
CA LEU A 56 -1.84 -2.68 -10.05
C LEU A 56 -3.08 -2.60 -10.94
N GLN A 57 -2.88 -2.75 -12.24
CA GLN A 57 -3.98 -2.70 -13.20
C GLN A 57 -5.02 -3.77 -12.89
N LYS A 58 -4.56 -4.99 -12.65
CA LYS A 58 -5.45 -6.10 -12.35
C LYS A 58 -6.23 -5.84 -11.07
N PHE A 59 -5.50 -5.53 -10.00
CA PHE A 59 -6.12 -5.25 -8.70
C PHE A 59 -7.16 -4.15 -8.83
N MET A 60 -6.96 -3.25 -9.79
CA MET A 60 -7.89 -2.15 -10.01
C MET A 60 -9.27 -2.67 -10.37
N THR A 61 -9.33 -3.43 -11.45
CA THR A 61 -10.59 -4.02 -11.91
C THR A 61 -11.18 -4.92 -10.82
N GLN A 62 -10.35 -5.26 -9.83
CA GLN A 62 -10.78 -6.12 -8.74
C GLN A 62 -11.61 -5.34 -7.73
N LEU A 63 -11.26 -4.06 -7.53
CA LEU A 63 -11.98 -3.21 -6.60
C LEU A 63 -13.39 -2.92 -7.11
N ASP A 64 -13.48 -2.49 -8.37
CA ASP A 64 -14.77 -2.17 -8.97
C ASP A 64 -15.66 -3.41 -9.05
N HIS A 65 -15.04 -4.57 -9.19
CA HIS A 65 -15.79 -5.82 -9.29
C HIS A 65 -16.07 -6.42 -7.91
N LEU A 66 -15.06 -6.39 -7.05
CA LEU A 66 -15.20 -6.93 -5.70
C LEU A 66 -16.31 -6.24 -4.93
N ILE A 67 -16.34 -4.92 -5.01
CA ILE A 67 -17.36 -4.14 -4.31
C ILE A 67 -18.71 -4.24 -5.00
N LYS A 68 -18.72 -4.01 -6.32
CA LYS A 68 -19.96 -4.08 -7.10
C LYS A 68 -20.79 -5.30 -6.73
N ASP A 69 -20.12 -6.36 -6.31
CA ASP A 69 -20.80 -7.60 -5.94
C ASP A 69 -20.85 -7.77 -4.42
N ASP A 70 -19.97 -7.06 -3.71
CA ASP A 70 -19.92 -7.15 -2.26
C ASP A 70 -20.76 -6.05 -1.60
N ILE A 71 -20.25 -4.83 -1.61
CA ILE A 71 -20.94 -3.69 -1.01
C ILE A 71 -21.10 -2.54 -2.01
N SER A 72 -21.46 -1.36 -1.51
CA SER A 72 -21.64 -0.20 -2.37
C SER A 72 -21.21 1.08 -1.65
N ASN A 73 -21.56 1.21 -0.38
CA ASN A 73 -21.21 2.39 0.40
C ASN A 73 -19.71 2.69 0.32
N THR A 74 -18.92 1.63 0.14
CA THR A 74 -17.47 1.79 0.05
C THR A 74 -17.03 2.10 -1.38
N GLN A 75 -17.97 2.09 -2.31
CA GLN A 75 -17.67 2.38 -3.72
C GLN A 75 -16.86 3.66 -3.87
N GLU A 76 -17.01 4.57 -2.91
CA GLU A 76 -16.28 5.84 -2.96
C GLU A 76 -14.83 5.65 -2.51
N ILE A 77 -14.63 4.82 -1.49
CA ILE A 77 -13.29 4.56 -0.98
C ILE A 77 -12.47 3.78 -2.00
N ILE A 78 -12.95 2.59 -2.38
CA ILE A 78 -12.24 1.77 -3.35
C ILE A 78 -11.97 2.56 -4.62
N LYS A 79 -12.87 3.49 -4.95
CA LYS A 79 -12.71 4.32 -6.13
C LYS A 79 -11.40 5.09 -6.08
N ASP A 80 -11.10 5.64 -4.91
CA ASP A 80 -9.86 6.39 -4.73
C ASP A 80 -8.65 5.45 -4.74
N VAL A 81 -8.85 4.24 -4.24
CA VAL A 81 -7.78 3.24 -4.23
C VAL A 81 -7.34 2.92 -5.64
N LEU A 82 -8.26 2.39 -6.44
CA LEU A 82 -7.96 2.06 -7.82
C LEU A 82 -7.33 3.24 -8.52
N GLU A 83 -7.94 4.39 -8.36
CA GLU A 83 -7.45 5.63 -8.97
C GLU A 83 -6.00 5.87 -8.57
N TYR A 84 -5.66 5.50 -7.34
CA TYR A 84 -4.31 5.67 -6.83
C TYR A 84 -3.39 4.61 -7.44
N LEU A 85 -3.90 3.39 -7.55
CA LEU A 85 -3.13 2.29 -8.13
C LEU A 85 -2.65 2.67 -9.53
N LYS A 86 -3.52 3.34 -10.27
CA LYS A 86 -3.18 3.78 -11.62
C LYS A 86 -2.05 4.80 -11.57
N LYS A 87 -2.12 5.71 -10.61
CA LYS A 87 -1.10 6.73 -10.45
C LYS A 87 0.21 6.07 -10.07
N LEU A 88 0.16 5.23 -9.04
CA LEU A 88 1.35 4.51 -8.59
C LEU A 88 1.80 3.52 -9.65
N ASP A 89 0.88 3.14 -10.53
CA ASP A 89 1.19 2.19 -11.60
C ASP A 89 2.16 2.82 -12.60
N GLU A 90 2.06 4.14 -12.75
CA GLU A 90 2.93 4.86 -13.68
C GLU A 90 4.30 5.10 -13.05
N ILE A 91 4.33 5.31 -11.74
CA ILE A 91 5.58 5.55 -11.03
C ILE A 91 6.42 4.27 -10.96
N TYR A 92 5.74 3.15 -10.72
CA TYR A 92 6.40 1.86 -10.61
C TYR A 92 7.36 1.63 -11.78
N GLY A 93 6.82 1.64 -13.00
CA GLY A 93 7.64 1.44 -14.18
C GLY A 93 8.44 2.67 -14.56
N SER A 94 7.96 3.84 -14.14
CA SER A 94 8.64 5.09 -14.44
C SER A 94 9.48 5.55 -13.26
N LEU A 95 9.96 4.60 -12.47
CA LEU A 95 10.79 4.92 -11.31
C LEU A 95 12.25 5.08 -11.71
N ARG A 96 12.71 6.33 -11.77
CA ARG A 96 14.09 6.61 -12.15
C ARG A 96 14.59 7.88 -11.46
N ASN A 97 14.10 9.03 -11.91
CA ASN A 97 14.50 10.31 -11.34
C ASN A 97 14.18 10.36 -9.84
N HIS A 98 14.57 11.46 -9.21
CA HIS A 98 14.32 11.64 -7.77
C HIS A 98 13.02 12.39 -7.52
N SER A 99 12.16 12.44 -8.54
CA SER A 99 10.88 13.14 -8.42
C SER A 99 9.72 12.16 -8.54
N GLN A 100 9.92 11.10 -9.30
CA GLN A 100 8.89 10.09 -9.50
C GLN A 100 8.75 9.21 -8.26
N LEU A 101 9.85 8.58 -7.86
CA LEU A 101 9.86 7.70 -6.69
C LEU A 101 9.33 8.42 -5.46
N THR A 102 9.65 9.72 -5.36
CA THR A 102 9.21 10.52 -4.22
C THR A 102 7.69 10.48 -4.09
N GLU A 103 7.00 10.70 -5.21
CA GLU A 103 5.55 10.68 -5.23
C GLU A 103 5.00 9.32 -4.80
N ALA A 104 5.80 8.29 -5.04
CA ALA A 104 5.42 6.93 -4.68
C ALA A 104 5.36 6.76 -3.17
N LEU A 105 6.20 7.51 -2.47
CA LEU A 105 6.25 7.46 -1.02
C LEU A 105 5.06 8.19 -0.42
N SER A 106 4.70 9.30 -1.04
CA SER A 106 3.57 10.11 -0.58
C SER A 106 2.27 9.31 -0.67
N LEU A 107 1.99 8.77 -1.86
CA LEU A 107 0.78 7.99 -2.08
C LEU A 107 0.68 6.87 -1.05
N GLY A 108 1.81 6.24 -0.75
CA GLY A 108 1.80 5.18 0.24
C GLY A 108 1.22 5.64 1.55
N LYS A 109 1.55 6.87 1.94
CA LYS A 109 1.05 7.45 3.18
C LYS A 109 -0.39 7.92 3.01
N ARG A 110 -0.60 8.82 2.04
CA ARG A 110 -1.94 9.36 1.78
C ARG A 110 -2.93 8.23 1.52
N LEU A 111 -2.51 7.28 0.68
CA LEU A 111 -3.36 6.14 0.35
C LEU A 111 -3.74 5.38 1.61
N SER A 112 -2.79 5.27 2.53
CA SER A 112 -3.02 4.57 3.79
C SER A 112 -4.22 5.17 4.52
N LYS A 113 -4.36 6.49 4.41
CA LYS A 113 -5.48 7.19 5.04
C LYS A 113 -6.79 6.69 4.47
N SER A 114 -6.84 6.59 3.14
CA SER A 114 -8.05 6.12 2.46
C SER A 114 -8.45 4.74 3.00
N LEU A 115 -7.45 3.93 3.32
CA LEU A 115 -7.70 2.60 3.86
C LEU A 115 -8.38 2.69 5.21
N HIS A 116 -7.98 3.66 6.01
CA HIS A 116 -8.55 3.87 7.34
C HIS A 116 -10.05 4.08 7.23
N GLU A 117 -10.48 4.73 6.14
CA GLU A 117 -11.90 5.00 5.92
C GLU A 117 -12.62 3.71 5.51
N MET A 118 -11.89 2.81 4.87
CA MET A 118 -12.46 1.55 4.43
C MET A 118 -12.95 0.74 5.62
N CYS A 119 -12.05 0.46 6.56
CA CYS A 119 -12.39 -0.30 7.75
C CYS A 119 -12.93 0.61 8.85
N GLY A 120 -12.55 1.88 8.80
CA GLY A 120 -12.99 2.84 9.80
C GLY A 120 -14.50 2.86 9.99
N ILE A 121 -15.24 2.81 8.87
CA ILE A 121 -16.70 2.83 8.93
C ILE A 121 -17.30 1.82 7.95
N GLU A 122 -16.81 1.84 6.72
CA GLU A 122 -17.30 0.93 5.69
C GLU A 122 -16.95 -0.51 6.02
N PRO A 123 -17.71 -1.48 5.47
CA PRO A 123 -17.48 -2.91 5.70
C PRO A 123 -16.02 -3.29 5.49
N LEU A 124 -15.63 -4.40 6.10
CA LEU A 124 -14.25 -4.89 5.98
C LEU A 124 -14.05 -5.66 4.68
N GLU A 125 -13.10 -5.20 3.86
CA GLU A 125 -12.80 -5.84 2.60
C GLU A 125 -11.46 -6.55 2.67
N GLU A 126 -11.50 -7.88 2.78
CA GLU A 126 -10.28 -8.67 2.87
C GLU A 126 -9.48 -8.61 1.57
N GLU A 127 -10.15 -8.83 0.45
CA GLU A 127 -9.47 -8.79 -0.85
C GLU A 127 -8.80 -7.44 -1.06
N ILE A 128 -9.57 -6.38 -0.86
CA ILE A 128 -9.06 -5.03 -1.01
C ILE A 128 -7.98 -4.75 0.04
N CYS A 129 -8.26 -5.10 1.29
CA CYS A 129 -7.30 -4.89 2.37
C CYS A 129 -6.05 -5.73 2.13
N SER A 130 -6.23 -6.87 1.47
CA SER A 130 -5.13 -7.77 1.19
C SER A 130 -4.30 -7.25 0.02
N GLY A 131 -4.96 -6.59 -0.92
CA GLY A 131 -4.27 -6.05 -2.08
C GLY A 131 -3.50 -4.79 -1.75
N LEU A 132 -4.16 -3.86 -1.06
CA LEU A 132 -3.52 -2.60 -0.68
C LEU A 132 -2.28 -2.86 0.15
N ILE A 133 -2.35 -3.87 1.01
CA ILE A 133 -1.24 -4.24 1.86
C ILE A 133 -0.07 -4.76 1.02
N GLU A 134 -0.39 -5.49 -0.04
CA GLU A 134 0.62 -6.05 -0.91
C GLU A 134 1.17 -4.98 -1.84
N GLN A 135 0.29 -4.17 -2.42
CA GLN A 135 0.69 -3.11 -3.33
C GLN A 135 1.63 -2.14 -2.62
N LEU A 136 1.34 -1.87 -1.34
CA LEU A 136 2.17 -0.96 -0.55
C LEU A 136 3.53 -1.59 -0.27
N TYR A 137 3.54 -2.90 -0.05
CA TYR A 137 4.78 -3.61 0.23
C TYR A 137 5.66 -3.66 -1.02
N LYS A 138 5.03 -3.67 -2.18
CA LYS A 138 5.77 -3.72 -3.44
C LYS A 138 6.46 -2.38 -3.68
N LEU A 139 5.86 -1.30 -3.17
CA LEU A 139 6.42 0.02 -3.32
C LEU A 139 7.48 0.27 -2.25
N ILE A 140 7.25 -0.27 -1.06
CA ILE A 140 8.19 -0.11 0.05
C ILE A 140 9.46 -0.90 -0.21
N THR A 141 9.34 -1.98 -0.97
CA THR A 141 10.48 -2.82 -1.31
C THR A 141 11.29 -2.20 -2.44
N ALA A 142 10.59 -1.66 -3.43
CA ALA A 142 11.24 -1.02 -4.57
C ALA A 142 11.95 0.26 -4.13
N SER A 143 11.19 1.18 -3.54
CA SER A 143 11.74 2.44 -3.06
C SER A 143 12.90 2.20 -2.10
N ARG A 144 12.71 1.25 -1.18
CA ARG A 144 13.75 0.93 -0.21
C ARG A 144 15.02 0.47 -0.92
N ARG A 145 14.84 -0.29 -2.00
CA ARG A 145 15.97 -0.79 -2.77
C ARG A 145 16.77 0.38 -3.36
N ILE A 146 16.09 1.48 -3.63
CA ILE A 146 16.72 2.66 -4.19
C ILE A 146 17.59 3.35 -3.14
N LEU A 147 17.03 3.52 -1.95
CA LEU A 147 17.75 4.16 -0.85
C LEU A 147 18.98 3.35 -0.47
N GLU A 148 18.81 2.03 -0.41
CA GLU A 148 19.91 1.14 -0.07
C GLU A 148 21.08 1.31 -1.03
N SER A 149 20.76 1.57 -2.29
CA SER A 149 21.78 1.75 -3.32
C SER A 149 22.69 2.92 -2.97
N CYS A 150 22.08 4.06 -2.65
CA CYS A 150 22.84 5.25 -2.30
C CYS A 150 23.27 5.21 -0.84
N ALA A 151 22.58 4.41 -0.04
CA ALA A 151 22.90 4.27 1.38
C ALA A 151 24.36 3.89 1.58
N ASP A 152 24.73 3.60 2.82
CA ASP A 152 26.10 3.22 3.16
C ASP A 152 27.06 4.38 2.88
N SER A 153 26.56 5.60 3.01
CA SER A 153 27.37 6.80 2.77
C SER A 153 26.66 8.05 3.27
N ASN A 154 27.29 9.20 3.05
CA ASN A 154 26.72 10.47 3.47
C ASN A 154 26.37 11.34 2.26
N SER A 155 25.12 11.25 1.82
CA SER A 155 24.67 12.03 0.67
C SER A 155 23.37 12.77 1.00
N PRO A 156 23.31 14.08 0.71
CA PRO A 156 22.11 14.89 0.99
C PRO A 156 20.86 14.30 0.35
N TYR A 157 21.02 13.65 -0.79
CA TYR A 157 19.90 13.04 -1.49
C TYR A 157 19.20 12.01 -0.61
N ILE A 158 19.97 11.33 0.23
CA ILE A 158 19.43 10.32 1.13
C ILE A 158 18.62 10.96 2.25
N HIS A 159 19.02 12.17 2.64
CA HIS A 159 18.32 12.89 3.70
C HIS A 159 16.87 13.16 3.33
N HIS A 160 16.68 13.86 2.21
CA HIS A 160 15.33 14.19 1.74
C HIS A 160 14.52 12.93 1.50
N LEU A 161 15.19 11.87 1.05
CA LEU A 161 14.53 10.60 0.77
C LEU A 161 14.08 9.94 2.07
N ARG A 162 14.91 10.05 3.11
CA ARG A 162 14.60 9.46 4.40
C ARG A 162 13.37 10.13 5.03
N ASN A 163 13.14 11.38 4.64
CA ASN A 163 12.00 12.13 5.16
C ASN A 163 10.69 11.59 4.57
N ASP A 164 10.58 11.65 3.26
CA ASP A 164 9.38 11.16 2.58
C ASP A 164 9.25 9.65 2.73
N TYR A 165 10.37 8.99 3.02
CA TYR A 165 10.39 7.54 3.20
C TYR A 165 9.91 7.15 4.59
N GLN A 166 10.36 7.90 5.60
CA GLN A 166 9.97 7.62 6.98
C GLN A 166 8.46 7.75 7.15
N ASP A 167 7.84 8.60 6.34
CA ASP A 167 6.40 8.81 6.40
C ASP A 167 5.67 7.64 5.73
N LEU A 168 6.20 7.19 4.61
CA LEU A 168 5.62 6.08 3.87
C LEU A 168 5.67 4.80 4.71
N LEU A 169 6.72 4.69 5.53
CA LEU A 169 6.91 3.52 6.38
C LEU A 169 5.98 3.57 7.59
N GLN A 170 6.00 4.70 8.30
CA GLN A 170 5.17 4.86 9.49
C GLN A 170 3.69 4.69 9.12
N GLU A 171 3.26 5.39 8.07
CA GLU A 171 1.88 5.31 7.62
C GLU A 171 1.53 3.88 7.24
N PHE A 172 2.49 3.18 6.65
CA PHE A 172 2.29 1.80 6.25
C PHE A 172 2.04 0.94 7.48
N GLN A 173 2.72 1.28 8.57
CA GLN A 173 2.57 0.56 9.82
C GLN A 173 1.19 0.81 10.41
N ILE A 174 0.66 2.00 10.15
CA ILE A 174 -0.66 2.39 10.64
C ILE A 174 -1.73 1.45 10.10
N SER A 175 -1.71 1.22 8.78
CA SER A 175 -2.67 0.35 8.14
C SER A 175 -2.58 -1.07 8.70
N LEU A 176 -1.36 -1.59 8.80
CA LEU A 176 -1.13 -2.92 9.32
C LEU A 176 -1.54 -3.02 10.79
N LYS A 177 -1.40 -1.91 11.51
CA LYS A 177 -1.76 -1.86 12.92
C LYS A 177 -3.23 -2.19 13.13
N ILE A 178 -4.10 -1.35 12.58
CA ILE A 178 -5.54 -1.54 12.70
C ILE A 178 -5.99 -2.83 12.03
N LEU A 179 -5.18 -3.33 11.10
CA LEU A 179 -5.50 -4.55 10.37
C LEU A 179 -5.10 -5.78 11.18
N THR A 180 -3.91 -5.77 11.76
CA THR A 180 -3.42 -6.88 12.55
C THR A 180 -4.31 -7.11 13.77
N GLU A 181 -4.79 -6.03 14.37
CA GLU A 181 -5.65 -6.12 15.53
C GLU A 181 -6.97 -6.78 15.18
N LYS A 182 -7.65 -6.22 14.19
CA LYS A 182 -8.93 -6.75 13.74
C LYS A 182 -8.78 -8.19 13.23
N CYS A 183 -7.60 -8.49 12.69
CA CYS A 183 -7.33 -9.82 12.17
C CYS A 183 -7.00 -10.79 13.30
N LEU A 184 -6.38 -10.27 14.35
CA LEU A 184 -6.01 -11.08 15.50
C LEU A 184 -7.24 -11.65 16.19
N GLU A 185 -8.38 -11.00 16.00
CA GLU A 185 -9.63 -11.44 16.61
C GLU A 185 -10.26 -12.57 15.79
N ASN A 186 -10.12 -12.50 14.48
CA ASN A 186 -10.66 -13.52 13.59
C ASN A 186 -9.62 -13.99 12.59
N PRO A 187 -8.62 -14.76 13.05
CA PRO A 187 -7.56 -15.29 12.19
C PRO A 187 -8.07 -16.36 11.23
N SER A 188 -8.74 -17.36 11.78
CA SER A 188 -9.27 -18.46 10.98
C SER A 188 -10.27 -17.94 9.94
N SER A 189 -10.89 -16.80 10.24
CA SER A 189 -11.87 -16.20 9.33
C SER A 189 -11.28 -16.04 7.92
N LEU A 190 -9.99 -15.76 7.86
CA LEU A 190 -9.31 -15.57 6.58
C LEU A 190 -7.79 -15.61 6.76
N GLN A 191 -7.19 -16.71 6.32
CA GLN A 191 -5.74 -16.88 6.44
C GLN A 191 -5.01 -16.04 5.40
N ASN A 192 -5.68 -15.76 4.29
CA ASN A 192 -5.09 -14.96 3.22
C ASN A 192 -4.66 -13.59 3.73
N LEU A 193 -5.42 -13.05 4.68
CA LEU A 193 -5.12 -11.74 5.26
C LEU A 193 -3.83 -11.80 6.08
N SER A 194 -3.84 -12.63 7.12
CA SER A 194 -2.69 -12.78 7.99
C SER A 194 -1.45 -13.22 7.21
N LEU A 195 -1.65 -14.13 6.26
CA LEU A 195 -0.55 -14.64 5.44
C LEU A 195 0.18 -13.48 4.76
N THR A 196 -0.58 -12.54 4.21
CA THR A 196 0.00 -11.40 3.53
C THR A 196 0.74 -10.49 4.52
N LEU A 197 0.22 -10.43 5.74
CA LEU A 197 0.82 -9.60 6.78
C LEU A 197 2.17 -10.16 7.21
N VAL A 198 2.27 -11.48 7.27
CA VAL A 198 3.51 -12.14 7.67
C VAL A 198 4.55 -12.10 6.55
N SER A 199 4.09 -11.85 5.32
CA SER A 199 4.99 -11.79 4.18
C SER A 199 5.66 -10.43 4.09
N ILE A 200 4.88 -9.37 4.22
CA ILE A 200 5.39 -8.01 4.15
C ILE A 200 6.34 -7.74 5.31
N ILE A 201 6.03 -8.30 6.48
CA ILE A 201 6.85 -8.11 7.67
C ILE A 201 8.05 -9.06 7.66
N LYS A 202 9.21 -8.53 8.02
CA LYS A 202 10.43 -9.33 8.06
C LYS A 202 10.72 -9.80 9.49
N THR A 203 10.52 -8.92 10.45
CA THR A 203 10.77 -9.25 11.85
C THR A 203 12.24 -9.62 12.07
N ALA A 204 13.10 -8.62 12.13
CA ALA A 204 14.52 -8.84 12.34
C ALA A 204 14.84 -8.99 13.83
N LYS A 51 4.93 -7.86 -13.44
CA LYS A 51 4.22 -8.46 -12.27
C LYS A 51 3.60 -7.37 -11.39
N THR A 52 4.45 -6.49 -10.88
CA THR A 52 3.98 -5.40 -10.02
C THR A 52 3.07 -4.46 -10.79
N GLN A 53 3.50 -4.05 -11.98
CA GLN A 53 2.72 -3.14 -12.81
C GLN A 53 1.38 -3.78 -13.20
N SER A 54 1.44 -5.03 -13.66
CA SER A 54 0.24 -5.74 -14.07
C SER A 54 -0.74 -5.87 -12.91
N ASP A 55 -0.20 -6.13 -11.72
CA ASP A 55 -1.03 -6.27 -10.53
C ASP A 55 -1.80 -4.99 -10.23
N LEU A 56 -1.15 -3.86 -10.46
CA LEU A 56 -1.76 -2.56 -10.22
C LEU A 56 -3.02 -2.38 -11.08
N GLN A 57 -2.85 -2.54 -12.38
CA GLN A 57 -3.97 -2.40 -13.32
C GLN A 57 -5.05 -3.44 -13.04
N LYS A 58 -4.65 -4.71 -13.00
CA LYS A 58 -5.59 -5.80 -12.74
C LYS A 58 -6.32 -5.58 -11.43
N PHE A 59 -5.58 -5.27 -10.37
CA PHE A 59 -6.17 -5.04 -9.06
C PHE A 59 -7.21 -3.93 -9.12
N MET A 60 -7.03 -3.00 -10.05
CA MET A 60 -7.96 -1.89 -10.21
C MET A 60 -9.35 -2.39 -10.55
N THR A 61 -9.44 -3.10 -11.67
CA THR A 61 -10.72 -3.66 -12.10
C THR A 61 -11.26 -4.62 -11.06
N GLN A 62 -10.40 -5.01 -10.11
CA GLN A 62 -10.81 -5.92 -9.04
C GLN A 62 -11.60 -5.19 -7.98
N LEU A 63 -11.24 -3.94 -7.72
CA LEU A 63 -11.93 -3.13 -6.73
C LEU A 63 -13.35 -2.81 -7.19
N ASP A 64 -13.46 -2.19 -8.35
CA ASP A 64 -14.76 -1.82 -8.91
C ASP A 64 -15.67 -3.04 -9.05
N HIS A 65 -15.07 -4.21 -9.29
CA HIS A 65 -15.83 -5.44 -9.45
C HIS A 65 -16.10 -6.12 -8.11
N LEU A 66 -15.07 -6.18 -7.27
CA LEU A 66 -15.19 -6.82 -5.96
C LEU A 66 -16.28 -6.16 -5.12
N ILE A 67 -16.34 -4.84 -5.15
CA ILE A 67 -17.34 -4.10 -4.37
C ILE A 67 -18.71 -4.17 -5.03
N LYS A 68 -18.78 -3.84 -6.32
CA LYS A 68 -20.05 -3.86 -7.04
C LYS A 68 -20.83 -5.15 -6.78
N ASP A 69 -20.10 -6.22 -6.48
CA ASP A 69 -20.73 -7.51 -6.21
C ASP A 69 -20.94 -7.72 -4.71
N ASP A 70 -20.16 -7.00 -3.90
CA ASP A 70 -20.27 -7.12 -2.45
C ASP A 70 -21.02 -5.94 -1.85
N ILE A 71 -20.33 -4.81 -1.72
CA ILE A 71 -20.92 -3.61 -1.13
C ILE A 71 -21.17 -2.54 -2.21
N SER A 72 -21.42 -1.31 -1.77
CA SER A 72 -21.68 -0.21 -2.70
C SER A 72 -21.23 1.12 -2.10
N ASN A 73 -21.60 1.35 -0.85
CA ASN A 73 -21.25 2.59 -0.16
C ASN A 73 -19.74 2.78 -0.12
N THR A 74 -19.00 1.68 -0.09
CA THR A 74 -17.55 1.72 -0.05
C THR A 74 -16.96 2.02 -1.43
N GLN A 75 -17.82 2.09 -2.45
CA GLN A 75 -17.37 2.36 -3.81
C GLN A 75 -16.50 3.61 -3.86
N GLU A 76 -16.88 4.64 -3.10
CA GLU A 76 -16.13 5.88 -3.07
C GLU A 76 -14.72 5.65 -2.51
N ILE A 77 -14.62 4.76 -1.53
CA ILE A 77 -13.34 4.45 -0.92
C ILE A 77 -12.45 3.70 -1.90
N ILE A 78 -12.92 2.54 -2.36
CA ILE A 78 -12.16 1.76 -3.31
C ILE A 78 -11.83 2.58 -4.55
N LYS A 79 -12.72 3.53 -4.86
CA LYS A 79 -12.53 4.40 -6.01
C LYS A 79 -11.21 5.16 -5.90
N ASP A 80 -10.92 5.65 -4.69
CA ASP A 80 -9.68 6.39 -4.46
C ASP A 80 -8.48 5.44 -4.55
N VAL A 81 -8.70 4.18 -4.17
CA VAL A 81 -7.65 3.19 -4.23
C VAL A 81 -7.24 2.94 -5.67
N LEU A 82 -8.19 2.45 -6.47
CA LEU A 82 -7.93 2.19 -7.88
C LEU A 82 -7.29 3.40 -8.53
N GLU A 83 -7.86 4.56 -8.27
CA GLU A 83 -7.36 5.82 -8.82
C GLU A 83 -5.88 5.99 -8.48
N TYR A 84 -5.51 5.55 -7.28
CA TYR A 84 -4.13 5.64 -6.83
C TYR A 84 -3.28 4.61 -7.55
N LEU A 85 -3.80 3.39 -7.65
CA LEU A 85 -3.09 2.31 -8.33
C LEU A 85 -2.65 2.75 -9.71
N LYS A 86 -3.52 3.47 -10.40
CA LYS A 86 -3.23 3.98 -11.73
C LYS A 86 -2.05 4.94 -11.67
N LYS A 87 -2.08 5.81 -10.66
CA LYS A 87 -1.01 6.78 -10.45
C LYS A 87 0.30 6.06 -10.17
N LEU A 88 0.26 5.18 -9.15
CA LEU A 88 1.44 4.40 -8.80
C LEU A 88 1.87 3.52 -9.96
N ASP A 89 0.92 3.25 -10.87
CA ASP A 89 1.20 2.42 -12.03
C ASP A 89 2.26 3.08 -12.90
N GLU A 90 2.13 4.38 -13.12
CA GLU A 90 3.08 5.13 -13.92
C GLU A 90 4.43 5.26 -13.20
N ILE A 91 4.37 5.29 -11.87
CA ILE A 91 5.59 5.41 -11.06
C ILE A 91 6.39 4.11 -11.08
N TYR A 92 5.74 3.04 -10.67
CA TYR A 92 6.39 1.72 -10.63
C TYR A 92 7.06 1.41 -11.96
N GLY A 93 6.55 1.99 -13.04
CA GLY A 93 7.12 1.77 -14.36
C GLY A 93 8.44 2.48 -14.53
N SER A 94 8.51 3.71 -14.02
CA SER A 94 9.72 4.50 -14.10
C SER A 94 10.52 4.40 -12.80
N LEU A 95 10.04 5.08 -11.76
CA LEU A 95 10.69 5.05 -10.45
C LEU A 95 12.04 5.79 -10.49
N ARG A 96 12.95 5.33 -11.33
CA ARG A 96 14.27 5.94 -11.45
C ARG A 96 14.20 7.31 -12.15
N ASN A 97 13.01 7.71 -12.57
CA ASN A 97 12.81 8.99 -13.24
C ASN A 97 13.39 10.14 -12.41
N HIS A 98 13.20 11.37 -12.89
CA HIS A 98 13.70 12.54 -12.19
C HIS A 98 13.28 12.56 -10.72
N SER A 99 11.98 12.40 -10.48
CA SER A 99 11.47 12.39 -9.11
C SER A 99 10.18 11.58 -9.03
N GLN A 100 10.16 10.44 -9.70
CA GLN A 100 8.98 9.57 -9.70
C GLN A 100 8.92 8.75 -8.41
N LEU A 101 10.09 8.42 -7.87
CA LEU A 101 10.17 7.64 -6.63
C LEU A 101 9.59 8.41 -5.46
N THR A 102 9.86 9.72 -5.43
CA THR A 102 9.36 10.58 -4.36
C THR A 102 7.84 10.50 -4.25
N GLU A 103 7.17 10.64 -5.39
CA GLU A 103 5.72 10.58 -5.43
C GLU A 103 5.21 9.22 -4.95
N ALA A 104 6.05 8.20 -5.11
CA ALA A 104 5.70 6.85 -4.68
C ALA A 104 5.61 6.77 -3.16
N LEU A 105 6.42 7.58 -2.49
CA LEU A 105 6.45 7.61 -1.04
C LEU A 105 5.22 8.35 -0.51
N SER A 106 4.86 9.42 -1.20
CA SER A 106 3.72 10.23 -0.80
C SER A 106 2.45 9.38 -0.81
N LEU A 107 2.20 8.69 -1.92
CA LEU A 107 1.02 7.83 -2.04
C LEU A 107 1.01 6.79 -0.94
N GLY A 108 2.19 6.26 -0.61
CA GLY A 108 2.29 5.26 0.44
C GLY A 108 1.66 5.73 1.74
N LYS A 109 1.81 7.02 2.02
CA LYS A 109 1.25 7.61 3.25
C LYS A 109 -0.22 7.96 3.05
N ARG A 110 -0.49 8.79 2.04
CA ARG A 110 -1.86 9.21 1.75
C ARG A 110 -2.74 8.00 1.48
N LEU A 111 -2.28 7.11 0.60
CA LEU A 111 -3.03 5.91 0.26
C LEU A 111 -3.26 5.05 1.50
N SER A 112 -2.24 4.96 2.34
CA SER A 112 -2.34 4.17 3.58
C SER A 112 -3.47 4.70 4.45
N LYS A 113 -3.67 6.01 4.41
CA LYS A 113 -4.73 6.64 5.20
C LYS A 113 -6.10 6.11 4.78
N SER A 114 -6.30 5.99 3.47
CA SER A 114 -7.56 5.49 2.94
C SER A 114 -7.83 4.09 3.44
N LEU A 115 -6.77 3.31 3.61
CA LEU A 115 -6.89 1.93 4.09
C LEU A 115 -7.40 1.92 5.53
N HIS A 116 -6.90 2.85 6.34
CA HIS A 116 -7.31 2.95 7.73
C HIS A 116 -8.81 3.17 7.84
N GLU A 117 -9.37 3.87 6.87
CA GLU A 117 -10.80 4.15 6.84
C GLU A 117 -11.57 2.98 6.24
N MET A 118 -10.99 2.35 5.22
CA MET A 118 -11.62 1.22 4.55
C MET A 118 -11.99 0.14 5.55
N CYS A 119 -11.08 -0.14 6.48
CA CYS A 119 -11.30 -1.16 7.50
C CYS A 119 -12.10 -0.59 8.67
N GLY A 120 -11.90 0.70 8.94
CA GLY A 120 -12.59 1.35 10.03
C GLY A 120 -13.77 2.16 9.56
N ILE A 121 -14.63 1.55 8.75
CA ILE A 121 -15.82 2.22 8.23
C ILE A 121 -17.07 1.38 8.46
N GLU A 122 -17.30 0.38 7.62
CA GLU A 122 -18.46 -0.48 7.76
C GLU A 122 -18.20 -1.88 7.17
N PRO A 123 -18.03 -1.99 5.84
CA PRO A 123 -17.78 -3.27 5.19
C PRO A 123 -16.36 -3.78 5.42
N LEU A 124 -16.20 -5.10 5.36
CA LEU A 124 -14.90 -5.72 5.57
C LEU A 124 -14.46 -6.47 4.31
N GLU A 125 -13.54 -5.86 3.56
CA GLU A 125 -13.04 -6.47 2.33
C GLU A 125 -11.66 -7.07 2.54
N GLU A 126 -11.55 -8.38 2.35
CA GLU A 126 -10.29 -9.08 2.50
C GLU A 126 -9.45 -9.00 1.24
N GLU A 127 -10.11 -9.17 0.09
CA GLU A 127 -9.42 -9.11 -1.19
C GLU A 127 -8.74 -7.77 -1.38
N ILE A 128 -9.50 -6.70 -1.19
CA ILE A 128 -8.97 -5.35 -1.32
C ILE A 128 -7.89 -5.10 -0.26
N CYS A 129 -8.19 -5.47 0.98
CA CYS A 129 -7.25 -5.30 2.07
C CYS A 129 -5.98 -6.13 1.82
N SER A 130 -6.14 -7.21 1.05
CA SER A 130 -5.00 -8.07 0.73
C SER A 130 -4.17 -7.48 -0.39
N GLY A 131 -4.84 -6.91 -1.39
CA GLY A 131 -4.15 -6.30 -2.50
C GLY A 131 -3.47 -5.00 -2.12
N LEU A 132 -4.21 -4.13 -1.43
CA LEU A 132 -3.69 -2.85 -1.01
C LEU A 132 -2.42 -3.04 -0.17
N ILE A 133 -2.46 -3.97 0.77
CA ILE A 133 -1.33 -4.26 1.62
C ILE A 133 -0.17 -4.84 0.80
N GLU A 134 -0.51 -5.56 -0.27
CA GLU A 134 0.50 -6.16 -1.13
C GLU A 134 1.12 -5.11 -2.05
N GLN A 135 0.28 -4.22 -2.57
CA GLN A 135 0.75 -3.17 -3.46
C GLN A 135 1.70 -2.22 -2.72
N LEU A 136 1.29 -1.81 -1.52
CA LEU A 136 2.11 -0.91 -0.71
C LEU A 136 3.44 -1.58 -0.35
N TYR A 137 3.38 -2.89 -0.11
CA TYR A 137 4.57 -3.66 0.23
C TYR A 137 5.51 -3.76 -0.97
N LYS A 138 4.96 -3.59 -2.16
CA LYS A 138 5.76 -3.66 -3.38
C LYS A 138 6.51 -2.35 -3.59
N LEU A 139 5.85 -1.25 -3.28
CA LEU A 139 6.46 0.07 -3.43
C LEU A 139 7.44 0.33 -2.29
N ILE A 140 7.09 -0.17 -1.10
CA ILE A 140 7.94 -0.01 0.07
C ILE A 140 9.26 -0.74 -0.11
N THR A 141 9.23 -1.85 -0.85
CA THR A 141 10.42 -2.63 -1.11
C THR A 141 11.21 -2.06 -2.28
N ALA A 142 10.48 -1.57 -3.29
CA ALA A 142 11.11 -0.99 -4.47
C ALA A 142 11.75 0.34 -4.14
N SER A 143 10.94 1.27 -3.62
CA SER A 143 11.43 2.60 -3.26
C SER A 143 12.59 2.49 -2.27
N ARG A 144 12.41 1.68 -1.23
CA ARG A 144 13.43 1.49 -0.21
C ARG A 144 14.73 1.00 -0.84
N ARG A 145 14.61 0.22 -1.90
CA ARG A 145 15.77 -0.31 -2.60
C ARG A 145 16.51 0.79 -3.36
N ILE A 146 15.79 1.85 -3.69
CA ILE A 146 16.38 2.97 -4.42
C ILE A 146 17.26 3.81 -3.50
N LEU A 147 16.80 4.04 -2.28
CA LEU A 147 17.54 4.83 -1.31
C LEU A 147 18.90 4.20 -1.02
N GLU A 148 18.89 2.90 -0.71
CA GLU A 148 20.12 2.18 -0.42
C GLU A 148 21.02 2.13 -1.65
N SER A 149 20.41 2.05 -2.83
CA SER A 149 21.16 1.99 -4.08
C SER A 149 21.81 3.33 -4.38
N CYS A 150 21.09 4.41 -4.13
CA CYS A 150 21.61 5.76 -4.38
C CYS A 150 22.50 6.21 -3.23
N ALA A 151 22.17 5.75 -2.02
CA ALA A 151 22.94 6.12 -0.84
C ALA A 151 24.36 5.56 -0.90
N ASP A 152 25.29 6.25 -0.27
CA ASP A 152 26.69 5.82 -0.25
C ASP A 152 27.43 6.42 0.94
N SER A 153 27.24 7.71 1.16
CA SER A 153 27.89 8.41 2.27
C SER A 153 26.94 9.41 2.92
N ASN A 154 27.45 10.19 3.86
CA ASN A 154 26.66 11.18 4.56
C ASN A 154 26.32 12.35 3.64
N SER A 155 25.04 12.50 3.31
CA SER A 155 24.59 13.58 2.44
C SER A 155 23.13 13.93 2.72
N PRO A 156 22.76 15.21 2.52
CA PRO A 156 21.39 15.67 2.76
C PRO A 156 20.41 15.13 1.72
N TYR A 157 20.91 14.80 0.54
CA TYR A 157 20.09 14.28 -0.53
C TYR A 157 19.37 13.00 -0.09
N ILE A 158 20.14 12.04 0.40
CA ILE A 158 19.57 10.77 0.86
C ILE A 158 18.58 11.00 1.99
N HIS A 159 18.85 12.02 2.81
CA HIS A 159 17.98 12.35 3.93
C HIS A 159 16.60 12.75 3.43
N HIS A 160 16.56 13.46 2.32
CA HIS A 160 15.29 13.91 1.73
C HIS A 160 14.42 12.72 1.37
N LEU A 161 14.99 11.76 0.64
CA LEU A 161 14.26 10.57 0.24
C LEU A 161 13.84 9.76 1.46
N ARG A 162 14.67 9.79 2.49
CA ARG A 162 14.38 9.07 3.72
C ARG A 162 13.28 9.75 4.52
N ASN A 163 13.04 11.03 4.23
CA ASN A 163 12.02 11.79 4.92
C ASN A 163 10.63 11.33 4.49
N ASP A 164 10.37 11.44 3.18
CA ASP A 164 9.09 11.01 2.64
C ASP A 164 8.91 9.50 2.79
N TYR A 165 10.03 8.79 2.93
CA TYR A 165 9.99 7.35 3.10
C TYR A 165 9.62 6.97 4.53
N GLN A 166 10.26 7.62 5.50
CA GLN A 166 9.99 7.34 6.91
C GLN A 166 8.52 7.55 7.22
N ASP A 167 7.86 8.43 6.48
CA ASP A 167 6.44 8.71 6.68
C ASP A 167 5.58 7.65 6.01
N LEU A 168 6.07 7.12 4.89
CA LEU A 168 5.36 6.08 4.16
C LEU A 168 5.40 4.78 4.95
N LEU A 169 6.54 4.51 5.58
CA LEU A 169 6.72 3.31 6.38
C LEU A 169 5.87 3.35 7.64
N GLN A 170 5.95 4.47 8.37
CA GLN A 170 5.18 4.62 9.60
C GLN A 170 3.69 4.51 9.31
N GLU A 171 3.23 5.24 8.29
CA GLU A 171 1.83 5.21 7.89
C GLU A 171 1.42 3.79 7.53
N PHE A 172 2.30 3.10 6.81
CA PHE A 172 2.05 1.72 6.41
C PHE A 172 1.89 0.84 7.65
N GLN A 173 2.63 1.19 8.69
CA GLN A 173 2.58 0.46 9.95
C GLN A 173 1.26 0.74 10.66
N ILE A 174 0.74 1.95 10.46
CA ILE A 174 -0.51 2.35 11.07
C ILE A 174 -1.65 1.45 10.62
N SER A 175 -1.82 1.33 9.32
CA SER A 175 -2.88 0.49 8.76
C SER A 175 -2.69 -0.95 9.19
N LEU A 176 -1.45 -1.43 9.13
CA LEU A 176 -1.13 -2.80 9.52
C LEU A 176 -1.40 -3.02 11.01
N LYS A 177 -1.24 -1.96 11.79
CA LYS A 177 -1.47 -2.04 13.23
C LYS A 177 -2.94 -2.23 13.55
N ILE A 178 -3.78 -1.36 13.00
CA ILE A 178 -5.22 -1.44 13.22
C ILE A 178 -5.83 -2.66 12.54
N LEU A 179 -5.20 -3.11 11.46
CA LEU A 179 -5.68 -4.27 10.72
C LEU A 179 -5.36 -5.57 11.46
N THR A 180 -4.17 -5.64 12.03
CA THR A 180 -3.74 -6.83 12.76
C THR A 180 -4.63 -7.05 13.98
N GLU A 181 -5.13 -5.97 14.55
CA GLU A 181 -6.00 -6.04 15.71
C GLU A 181 -7.37 -6.61 15.31
N LYS A 182 -7.94 -6.05 14.27
CA LYS A 182 -9.24 -6.49 13.77
C LYS A 182 -9.13 -7.90 13.19
N CYS A 183 -8.02 -8.18 12.53
CA CYS A 183 -7.79 -9.49 11.93
C CYS A 183 -7.48 -10.53 13.00
N LEU A 184 -6.85 -10.10 14.08
CA LEU A 184 -6.50 -10.99 15.18
C LEU A 184 -7.74 -11.53 15.87
N GLU A 185 -8.89 -10.88 15.62
CA GLU A 185 -10.14 -11.29 16.22
C GLU A 185 -10.71 -12.50 15.49
N ASN A 186 -10.48 -12.53 14.17
CA ASN A 186 -10.97 -13.63 13.33
C ASN A 186 -9.83 -14.24 12.51
N PRO A 187 -8.94 -15.00 13.16
CA PRO A 187 -7.80 -15.64 12.48
C PRO A 187 -8.25 -16.77 11.56
N SER A 188 -9.01 -17.71 12.11
CA SER A 188 -9.50 -18.85 11.35
C SER A 188 -10.42 -18.39 10.21
N SER A 189 -11.25 -17.39 10.49
CA SER A 189 -12.18 -16.86 9.50
C SER A 189 -11.42 -16.37 8.27
N LEU A 190 -10.57 -15.37 8.45
CA LEU A 190 -9.79 -14.82 7.35
C LEU A 190 -8.29 -14.98 7.61
N GLN A 191 -7.76 -16.15 7.24
CA GLN A 191 -6.35 -16.44 7.43
C GLN A 191 -5.51 -15.80 6.33
N ASN A 192 -6.08 -15.71 5.14
CA ASN A 192 -5.39 -15.12 4.00
C ASN A 192 -5.01 -13.67 4.28
N LEU A 193 -5.85 -12.98 5.04
CA LEU A 193 -5.61 -11.59 5.39
C LEU A 193 -4.42 -11.47 6.33
N SER A 194 -4.54 -12.09 7.49
CA SER A 194 -3.46 -12.06 8.50
C SER A 194 -2.18 -12.68 7.94
N LEU A 195 -2.34 -13.65 7.04
CA LEU A 195 -1.19 -14.32 6.43
C LEU A 195 -0.31 -13.33 5.70
N THR A 196 -0.92 -12.49 4.86
CA THR A 196 -0.19 -11.50 4.09
C THR A 196 0.53 -10.53 5.02
N LEU A 197 -0.07 -10.26 6.18
CA LEU A 197 0.51 -9.35 7.15
C LEU A 197 1.83 -9.90 7.69
N VAL A 198 1.85 -11.18 8.01
CA VAL A 198 3.05 -11.84 8.51
C VAL A 198 4.12 -11.94 7.44
N SER A 199 3.72 -11.83 6.18
CA SER A 199 4.66 -11.91 5.08
C SER A 199 5.36 -10.57 4.86
N ILE A 200 4.56 -9.53 4.63
CA ILE A 200 5.10 -8.19 4.40
C ILE A 200 6.02 -7.77 5.54
N ILE A 201 5.77 -8.28 6.74
CA ILE A 201 6.58 -7.94 7.91
C ILE A 201 7.15 -9.21 8.56
N LYS A 202 8.42 -9.48 8.29
CA LYS A 202 9.08 -10.65 8.85
C LYS A 202 10.11 -10.25 9.90
N THR A 203 10.98 -11.19 10.25
CA THR A 203 12.02 -10.93 11.24
C THR A 203 13.25 -10.28 10.61
N ALA A 204 13.04 -9.14 9.95
CA ALA A 204 14.11 -8.42 9.29
C ALA A 204 14.74 -9.27 8.18
#